data_6XE9
#
_entry.id   6XE9
#
_cell.length_a   1.00
_cell.length_b   1.00
_cell.length_c   1.00
_cell.angle_alpha   90.00
_cell.angle_beta   90.00
_cell.angle_gamma   90.00
#
_symmetry.space_group_name_H-M   'P 1'
#
loop_
_entity.id
_entity.type
_entity.pdbx_description
1 polymer 'Myosin II heavy chain (smooth muscle)'
2 polymer 'Myosin light chain smooth muscle isoform'
3 polymer 'Myosin light chain 9'
#
loop_
_entity_poly.entity_id
_entity_poly.type
_entity_poly.pdbx_seq_one_letter_code
_entity_poly.pdbx_strand_id
1 'polypeptide(L)'
;MSQKPLSDDEKFLFVDKNFVNNPLAQADWSAKKLVWVPSEKHGFEAASIKEEKGDEVTVELQENGKKVTLSKDDIQKMNP
PKFSKVEDMAELTCLNEASVLHNLRERYFSGLIYTYSGLFCVVVNPYKQLPIYSEKIIDMYKGKKRHEMPPHIYAIADTA
YRSMLQDREDQSILCTGESGAGKTENTKKVIQYLAVVASSHKGKKDTSITQGPSFSYGELEKQLLQANPILEAFGNAKTV
KNDNSSRFGKFIRINFDVTGYIVGANIETYLLEKSRAIRQAKDERTFHIFYYLIAGASEQMRNDLLLEGFNNYTFLSNGH
VPIPAQQDDEMFQETLEAMRIMGFTEEEQTSILRVVSSVLQLGNIVFKKERNTDQASMPDNTAAQKVCHLMGINVTDFTR
SILTPRIKVGRDVVQKAQTKEQADFAIEALAKAKFERLFRWILTRVNKALDKTKRQGASFLGILDIAGFEIFEINSFEQL
CINYTNEKLQQLFNHTMFILEQEEYQREGIEWNFIDFGLDLQPCIELIERPTNPPGVLALLDEECWFPKATDTSFVEKLI
QEQGNHPKFQKSKQLKDKTEFCILHYAGKVSYNASAWLTKNMDPLNDNVTSLLNQSSDKFVADLWKDVDRIVGLDQMAKM
TESSLPSSSKTKKGMFRTVGQLYKEQLTKLMTTLRNTNPNFVRCIIPNHEKRAGKLDAHLVLEQLRCNGVLEGIRICRQG
FPNRIVFQEFRQRYEILAANAIPKGFMDGKQACILMIKALELDPNLYRIGQSKIFFRTGVLAHLEEERDLKITDVIIAFQ
AQCRGYLARKAFAKRQQQLTAMKVIQRNCAAYLKLRNWQWWRLFTKVKPLLQVTRQEEEMQAKDEELQRTKERQQKAEAE
LKELEQKHTQLCEEKNLLQEKLQAETELYAEAEEMRVRLAAKKQELEEILHEMEARIEEEEERSQQLQAEKKKMQQQMLD
LEEQLEEEEAARQKLQLEKVTADGKIKKMEDDILIMEDQNNKLTKERKLLEERVSDLTTNLAEEEEKAKNLTKLKNKHES
MISELEVRLKKEEKTRQELEKTKRKLEGESSDLHEQIAELQAQIAELKAQLAKKEEELQAALARLEDETSQKNNALKKIR
ELESHISDLQEDLESEKAARNKAEKQKRDLGEELEALKTELEDTLDTTATQQELRAKREQEVTVLKRALEEETRTHEAQV
QEMRQKHTQAVEELTEQLEQFKRAKANLDKTKQTLEKDNADLANEVRSLSQAKQDVEHKKKKLEVQLQDLQSKYTDGERV
RTELNEKVHKLQIEVENVTSLLNEAESKNIKLTKDVATLGSQLQDTQELLQEETRQKLNVTTKLRQLEDDKNSLQEQLDE
EVEAKQNLERHISTLTIQLSDSKKKLQEFTATIETMEEGKKKFQREIESLTQQFEEKAASYDKLEKTKNRLQQELDDLVV
DLDNQRQLVSNLEKKQKKFDQMLAEEKNISSKYADERDRAEAEAREKETKALSLARALEEALEAKEELERTNKMLKAEME
DLVSSKDDVGKNVHELEKSKRTLEQQVEEMKTQLEELEDELQAAEDAKLRLEVNMQAMKSQFERDLQARDEQNEEKRRQL
LKQLHEHETELEDERKQRALAAAAKKKLEVDVKDLESQVDSVNKAREEAIKQLRKLQAQMKDYQRDLDDARAAREEIFAT
ARENEKKAKNLEAELIQLQEDLAAAERARKQADLEKEEMAEELASATSGRTSLQDDKRRLEARIAQLEEELDEEHSNIEA
MSDRMRKAVQQAEQLNNELATERATAQKNENARQQLERQNKELRSKLQEMEGAVKSKFKSTIAALEAKIASLEEQLEQEA
REKQAAAKTLRQKDKKLKDALLQVEDEKKQAEQYKDQAEKGNLRLKQLKRQLEEAEEESQRINANRRKLQRELDEATESN
DALGREVAALKSKLRRGNEPVSFAPPRRSGGRRVIENATDGGEQEIDGRDGDLNGKASE
;
A,M
2 'polypeptide(L)'
;MCDFSEEQTAEFKEAFQLFDRTGDGKILYSQCGDVMRALGQNPTNAEVMKVLGNPKSDEMNLKTLNFEQFLPMMQTIAKN
KDQGCFEDYVEGLRVFDKEGNGTVMGAEIRHVLVTLGEKMTEEEVEQLVAGHEDSNGCINYEELVRMVLSG
;
B,N
3 'polypeptide(L)'
;MSSKRAKAKTTKKRPQRATSNVFAMFDQSQIQEFKEAFNMIDQNRDGFIDKEDLHDMLASMGKNPTDEYLEGMMSEAPGP
INFTMFLTMFGEKLNGTDPEDVIRNAFACFDEEASGFIHEDHLRELLTTMGDRFTDEEVDEMYREAPIDKKGNFNYVEFT
RILKHGAKDKDD
;
C,O
#
# COMPACT_ATOMS: atom_id res chain seq x y z
N LEU A 24 -27.63 -66.62 11.73
CA LEU A 24 -28.23 -66.90 13.03
C LEU A 24 -27.92 -65.79 14.03
N ALA A 25 -26.85 -65.04 13.77
CA ALA A 25 -26.52 -63.90 14.61
C ALA A 25 -27.60 -62.84 14.56
N GLN A 26 -28.30 -62.73 13.42
CA GLN A 26 -29.42 -61.80 13.31
C GLN A 26 -30.46 -62.10 14.39
N ALA A 27 -30.92 -63.34 14.46
CA ALA A 27 -31.86 -63.72 15.51
C ALA A 27 -31.21 -63.68 16.88
N ASP A 28 -29.89 -63.83 16.94
CA ASP A 28 -29.18 -63.76 18.22
C ASP A 28 -29.32 -62.38 18.84
N TRP A 29 -28.79 -61.36 18.18
CA TRP A 29 -28.87 -60.01 18.73
C TRP A 29 -30.19 -59.32 18.43
N SER A 30 -31.14 -60.00 17.77
CA SER A 30 -32.47 -59.42 17.61
C SER A 30 -33.14 -59.21 18.96
N ALA A 31 -32.92 -60.12 19.91
CA ALA A 31 -33.40 -59.92 21.26
C ALA A 31 -32.72 -58.73 21.89
N LYS A 32 -33.48 -57.93 22.64
CA LYS A 32 -32.95 -56.71 23.25
C LYS A 32 -32.15 -57.04 24.51
N LYS A 33 -31.16 -57.93 24.37
CA LYS A 33 -30.31 -58.31 25.48
C LYS A 33 -28.85 -58.45 25.05
N LEU A 34 -28.45 -57.80 23.96
CA LEU A 34 -27.11 -57.91 23.40
C LEU A 34 -26.61 -56.52 23.02
N VAL A 35 -26.71 -55.58 23.95
CA VAL A 35 -26.69 -54.16 23.59
C VAL A 35 -25.47 -53.47 24.15
N TRP A 36 -25.32 -52.18 23.84
CA TRP A 36 -24.19 -51.41 24.36
C TRP A 36 -24.33 -51.21 25.87
N VAL A 37 -23.28 -50.63 26.46
CA VAL A 37 -23.22 -50.36 27.88
C VAL A 37 -22.15 -49.32 28.16
N PRO A 38 -22.43 -48.30 28.96
CA PRO A 38 -21.39 -47.31 29.30
C PRO A 38 -20.33 -47.93 30.21
N SER A 39 -19.12 -47.39 30.09
CA SER A 39 -17.99 -47.87 30.88
C SER A 39 -16.90 -46.81 30.87
N GLU A 40 -15.71 -47.19 31.32
CA GLU A 40 -14.54 -46.34 31.28
C GLU A 40 -13.38 -46.94 30.51
N LYS A 41 -13.27 -48.27 30.46
CA LYS A 41 -12.18 -48.90 29.72
C LYS A 41 -12.23 -48.49 28.25
N HIS A 42 -13.43 -48.41 27.68
CA HIS A 42 -13.61 -47.89 26.33
C HIS A 42 -14.82 -46.97 26.25
N GLY A 43 -15.23 -46.37 27.36
CA GLY A 43 -16.37 -45.48 27.36
C GLY A 43 -17.68 -46.22 27.18
N PHE A 44 -17.79 -46.95 26.07
CA PHE A 44 -18.96 -47.77 25.79
C PHE A 44 -18.49 -49.09 25.20
N GLU A 45 -18.91 -50.19 25.80
CA GLU A 45 -18.63 -51.53 25.31
C GLU A 45 -19.94 -52.20 24.93
N ALA A 46 -19.85 -53.45 24.51
CA ALA A 46 -21.02 -54.26 24.20
C ALA A 46 -21.15 -55.35 25.25
N ALA A 47 -22.35 -55.51 25.79
CA ALA A 47 -22.62 -56.49 26.82
C ALA A 47 -23.93 -57.20 26.53
N SER A 48 -23.97 -58.49 26.82
CA SER A 48 -25.21 -59.25 26.73
C SER A 48 -25.95 -59.22 28.05
N ILE A 49 -27.22 -59.61 28.02
CA ILE A 49 -28.09 -59.59 29.18
C ILE A 49 -28.79 -60.93 29.28
N LYS A 50 -28.88 -61.46 30.50
CA LYS A 50 -29.54 -62.74 30.74
C LYS A 50 -31.05 -62.56 30.90
N GLU A 51 -31.46 -61.75 31.88
CA GLU A 51 -32.88 -61.54 32.14
C GLU A 51 -33.05 -60.10 32.63
N GLU A 52 -34.27 -59.78 33.07
CA GLU A 52 -34.60 -58.43 33.51
C GLU A 52 -35.44 -58.50 34.78
N LYS A 53 -35.15 -57.60 35.71
CA LYS A 53 -35.89 -57.46 36.96
C LYS A 53 -36.47 -56.06 37.04
N GLY A 54 -37.78 -55.93 36.87
CA GLY A 54 -38.43 -54.64 36.97
C GLY A 54 -37.88 -53.63 35.97
N ASP A 55 -37.11 -52.68 36.46
CA ASP A 55 -36.37 -51.74 35.60
C ASP A 55 -34.87 -51.93 35.75
N GLU A 56 -34.44 -53.09 36.22
CA GLU A 56 -33.02 -53.40 36.41
C GLU A 56 -32.64 -54.54 35.48
N VAL A 57 -31.67 -54.28 34.61
CA VAL A 57 -31.29 -55.23 33.56
C VAL A 57 -30.06 -56.00 34.01
N THR A 58 -30.12 -57.32 33.89
CA THR A 58 -29.03 -58.20 34.31
C THR A 58 -27.91 -58.10 33.28
N VAL A 59 -27.09 -57.06 33.43
CA VAL A 59 -26.00 -56.82 32.49
C VAL A 59 -24.82 -57.73 32.84
N GLU A 60 -24.33 -58.46 31.84
CA GLU A 60 -23.11 -59.24 31.98
C GLU A 60 -22.16 -58.88 30.86
N LEU A 61 -20.88 -58.77 31.19
CA LEU A 61 -19.87 -58.40 30.21
C LEU A 61 -19.53 -59.61 29.35
N GLN A 62 -20.06 -59.64 28.13
CA GLN A 62 -19.74 -60.72 27.22
C GLN A 62 -18.26 -60.75 26.88
N GLU A 63 -17.56 -59.62 27.02
CA GLU A 63 -16.13 -59.58 26.71
C GLU A 63 -15.33 -60.37 27.73
N ASN A 64 -15.55 -60.09 29.02
CA ASN A 64 -14.80 -60.73 30.09
C ASN A 64 -15.65 -61.70 30.89
N GLY A 65 -16.81 -61.26 31.37
CA GLY A 65 -17.64 -62.09 32.22
C GLY A 65 -18.18 -61.32 33.40
N LYS A 66 -17.90 -60.02 33.44
CA LYS A 66 -18.36 -59.17 34.53
C LYS A 66 -19.88 -59.05 34.46
N LYS A 67 -20.57 -59.75 35.35
CA LYS A 67 -22.04 -59.73 35.41
C LYS A 67 -22.47 -58.78 36.51
N VAL A 68 -23.14 -57.70 36.13
CA VAL A 68 -23.60 -56.71 37.10
C VAL A 68 -24.90 -56.06 36.60
N THR A 69 -25.95 -56.15 37.40
CA THR A 69 -27.21 -55.54 37.04
C THR A 69 -27.08 -54.01 37.02
N LEU A 70 -27.82 -53.37 36.13
CA LEU A 70 -27.78 -51.93 35.99
C LEU A 70 -29.19 -51.41 35.78
N SER A 71 -29.32 -50.08 35.73
CA SER A 71 -30.62 -49.44 35.62
C SER A 71 -31.22 -49.68 34.23
N LYS A 72 -32.39 -49.10 33.99
CA LYS A 72 -33.05 -49.22 32.71
C LYS A 72 -32.60 -48.15 31.72
N ASP A 73 -32.24 -46.96 32.21
CA ASP A 73 -31.93 -45.83 31.34
C ASP A 73 -30.74 -46.08 30.42
N ASP A 74 -30.04 -47.20 30.58
CA ASP A 74 -28.89 -47.54 29.75
C ASP A 74 -29.32 -48.31 28.50
N ILE A 75 -30.29 -47.78 27.76
CA ILE A 75 -30.81 -48.44 26.57
C ILE A 75 -30.03 -47.91 25.37
N GLN A 76 -29.04 -48.69 24.92
CA GLN A 76 -28.27 -48.36 23.72
C GLN A 76 -28.29 -49.59 22.83
N LYS A 77 -29.20 -49.60 21.86
CA LYS A 77 -29.37 -50.77 20.99
C LYS A 77 -28.14 -50.97 20.12
N MET A 78 -27.57 -52.17 20.16
CA MET A 78 -26.45 -52.52 19.31
C MET A 78 -26.96 -52.76 17.89
N ASN A 79 -26.68 -51.81 17.00
CA ASN A 79 -27.23 -51.86 15.65
C ASN A 79 -26.71 -53.09 14.91
N PRO A 80 -27.46 -53.57 13.91
CA PRO A 80 -27.05 -54.78 13.18
C PRO A 80 -25.66 -54.63 12.59
N PRO A 81 -24.74 -55.53 12.92
CA PRO A 81 -23.37 -55.42 12.42
C PRO A 81 -23.26 -55.48 10.91
N LYS A 82 -24.34 -55.80 10.20
CA LYS A 82 -24.32 -55.71 8.74
C LYS A 82 -24.14 -54.28 8.27
N PHE A 83 -24.42 -53.30 9.12
CA PHE A 83 -24.19 -51.90 8.82
C PHE A 83 -22.93 -51.36 9.47
N SER A 84 -21.92 -52.20 9.61
CA SER A 84 -20.68 -51.80 10.28
C SER A 84 -19.88 -50.86 9.38
N LYS A 85 -19.14 -49.95 10.03
CA LYS A 85 -18.25 -49.01 9.35
C LYS A 85 -18.98 -48.17 8.31
N VAL A 86 -20.29 -47.99 8.49
CA VAL A 86 -21.07 -47.17 7.57
C VAL A 86 -20.65 -45.71 7.73
N GLU A 87 -20.49 -45.02 6.61
CA GLU A 87 -20.05 -43.63 6.62
C GLU A 87 -21.21 -42.64 6.63
N ASP A 88 -22.45 -43.11 6.51
CA ASP A 88 -23.62 -42.25 6.47
C ASP A 88 -24.43 -42.51 7.73
N MET A 89 -24.13 -41.75 8.78
CA MET A 89 -24.87 -41.90 10.03
C MET A 89 -26.32 -41.46 9.92
N ALA A 90 -26.67 -40.73 8.87
CA ALA A 90 -28.05 -40.31 8.67
C ALA A 90 -28.96 -41.44 8.24
N GLU A 91 -28.49 -42.69 8.23
CA GLU A 91 -29.31 -43.82 7.84
C GLU A 91 -29.32 -44.92 8.90
N LEU A 92 -28.74 -44.68 10.07
CA LEU A 92 -28.72 -45.68 11.11
C LEU A 92 -30.12 -45.96 11.65
N THR A 93 -30.41 -47.23 11.89
CA THR A 93 -31.71 -47.60 12.43
C THR A 93 -31.87 -47.14 13.87
N CYS A 94 -30.78 -47.08 14.62
CA CYS A 94 -30.81 -46.67 16.02
C CYS A 94 -29.69 -45.67 16.26
N LEU A 95 -30.06 -44.43 16.54
CA LEU A 95 -29.09 -43.36 16.75
C LEU A 95 -28.70 -43.34 18.23
N ASN A 96 -27.85 -44.30 18.58
CA ASN A 96 -27.33 -44.41 19.93
C ASN A 96 -25.98 -43.72 20.03
N GLU A 97 -25.76 -43.02 21.14
CA GLU A 97 -24.45 -42.42 21.39
C GLU A 97 -23.35 -43.46 21.28
N ALA A 98 -23.56 -44.62 21.91
CA ALA A 98 -22.60 -45.71 21.79
C ALA A 98 -22.45 -46.16 20.35
N SER A 99 -23.55 -46.24 19.60
CA SER A 99 -23.47 -46.69 18.22
C SER A 99 -22.64 -45.75 17.37
N VAL A 100 -22.83 -44.44 17.54
CA VAL A 100 -22.09 -43.49 16.71
C VAL A 100 -20.62 -43.46 17.11
N LEU A 101 -20.33 -43.50 18.41
CA LEU A 101 -18.93 -43.61 18.83
C LEU A 101 -18.31 -44.86 18.23
N HIS A 102 -19.04 -45.97 18.25
CA HIS A 102 -18.57 -47.23 17.69
C HIS A 102 -18.20 -47.05 16.23
N ASN A 103 -19.19 -46.69 15.40
CA ASN A 103 -18.98 -46.54 13.98
C ASN A 103 -17.81 -45.60 13.68
N LEU A 104 -17.72 -44.51 14.44
CA LEU A 104 -16.60 -43.57 14.22
C LEU A 104 -15.27 -44.23 14.55
N ARG A 105 -15.23 -45.00 15.63
CA ARG A 105 -13.98 -45.67 15.99
C ARG A 105 -13.54 -46.65 14.89
N GLU A 106 -14.48 -47.43 14.35
CA GLU A 106 -14.07 -48.40 13.35
C GLU A 106 -13.69 -47.72 12.03
N ARG A 107 -14.40 -46.65 11.66
CA ARG A 107 -13.99 -45.91 10.47
C ARG A 107 -12.62 -45.29 10.66
N TYR A 108 -12.29 -44.90 11.90
CA TYR A 108 -10.95 -44.40 12.17
C TYR A 108 -9.91 -45.50 12.03
N PHE A 109 -10.13 -46.62 12.71
CA PHE A 109 -9.19 -47.73 12.66
C PHE A 109 -9.07 -48.31 11.26
N SER A 110 -10.11 -48.18 10.44
CA SER A 110 -10.04 -48.55 9.04
C SER A 110 -9.47 -47.43 8.18
N GLY A 111 -8.86 -46.42 8.79
CA GLY A 111 -8.25 -45.34 8.04
C GLY A 111 -9.22 -44.52 7.23
N LEU A 112 -10.45 -44.35 7.71
CA LEU A 112 -11.47 -43.54 7.04
C LEU A 112 -11.76 -42.35 7.95
N ILE A 113 -11.02 -41.27 7.76
CA ILE A 113 -11.13 -40.12 8.64
C ILE A 113 -12.42 -39.34 8.36
N TYR A 114 -12.62 -38.94 7.10
CA TYR A 114 -13.82 -38.21 6.75
C TYR A 114 -15.04 -39.12 6.84
N THR A 115 -16.09 -38.61 7.46
CA THR A 115 -17.33 -39.37 7.59
C THR A 115 -18.52 -38.44 7.50
N TYR A 116 -19.43 -38.74 6.58
CA TYR A 116 -20.62 -37.92 6.42
C TYR A 116 -21.57 -38.12 7.59
N SER A 117 -22.37 -37.09 7.87
CA SER A 117 -23.38 -37.17 8.91
C SER A 117 -24.41 -36.10 8.61
N GLY A 118 -25.59 -36.53 8.16
CA GLY A 118 -26.68 -35.61 7.89
C GLY A 118 -26.31 -34.49 6.94
N LEU A 119 -26.19 -33.28 7.48
CA LEU A 119 -25.90 -32.11 6.66
C LEU A 119 -24.42 -31.79 6.57
N PHE A 120 -23.59 -32.34 7.45
CA PHE A 120 -22.19 -31.96 7.49
C PHE A 120 -21.31 -33.20 7.53
N CYS A 121 -20.02 -32.98 7.82
CA CYS A 121 -19.05 -34.05 7.87
C CYS A 121 -18.20 -33.91 9.12
N VAL A 122 -17.60 -35.04 9.52
CA VAL A 122 -16.72 -35.09 10.68
C VAL A 122 -15.40 -35.68 10.25
N VAL A 123 -14.31 -35.08 10.73
CA VAL A 123 -12.95 -35.53 10.45
C VAL A 123 -12.21 -35.66 11.77
N VAL A 124 -11.33 -36.65 11.86
CA VAL A 124 -10.49 -36.87 13.04
C VAL A 124 -9.08 -37.08 12.53
N ASN A 125 -8.24 -36.05 12.64
CA ASN A 125 -6.89 -36.14 12.11
C ASN A 125 -6.09 -37.20 12.89
N PRO A 126 -5.57 -38.22 12.21
CA PRO A 126 -4.76 -39.25 12.89
C PRO A 126 -3.28 -38.92 13.00
N TYR A 127 -2.87 -37.68 12.71
CA TYR A 127 -1.50 -37.22 12.84
C TYR A 127 -0.54 -37.96 11.91
N LYS A 128 -1.05 -38.81 11.03
CA LYS A 128 -0.25 -39.51 10.04
C LYS A 128 -0.74 -39.13 8.66
N GLN A 129 0.19 -39.02 7.72
CA GLN A 129 -0.13 -38.55 6.36
C GLN A 129 -0.76 -39.71 5.59
N LEU A 130 -2.08 -39.82 5.68
CA LEU A 130 -2.80 -40.84 4.93
C LEU A 130 -2.79 -40.49 3.45
N PRO A 131 -2.33 -41.39 2.59
CA PRO A 131 -2.28 -41.07 1.15
C PRO A 131 -3.66 -40.98 0.53
N ILE A 132 -4.36 -39.87 0.80
CA ILE A 132 -5.69 -39.67 0.25
C ILE A 132 -5.70 -38.39 -0.57
N TYR A 133 -4.55 -38.06 -1.16
CA TYR A 133 -4.39 -36.83 -1.94
C TYR A 133 -3.73 -37.20 -3.27
N SER A 134 -4.53 -37.30 -4.33
CA SER A 134 -4.00 -37.71 -5.62
C SER A 134 -4.91 -37.16 -6.72
N GLU A 135 -4.33 -36.97 -7.90
CA GLU A 135 -5.11 -36.43 -9.02
C GLU A 135 -6.21 -37.38 -9.45
N LYS A 136 -5.94 -38.69 -9.42
CA LYS A 136 -7.01 -39.64 -9.71
C LYS A 136 -8.10 -39.55 -8.66
N ILE A 137 -7.73 -39.26 -7.41
CA ILE A 137 -8.72 -39.01 -6.38
C ILE A 137 -9.51 -37.75 -6.72
N ILE A 138 -8.81 -36.71 -7.17
CA ILE A 138 -9.49 -35.48 -7.59
C ILE A 138 -10.55 -35.79 -8.63
N ASP A 139 -10.17 -36.56 -9.65
CA ASP A 139 -11.08 -36.83 -10.76
C ASP A 139 -12.22 -37.72 -10.33
N MET A 140 -11.91 -38.86 -9.69
CA MET A 140 -12.94 -39.76 -9.18
C MET A 140 -13.79 -39.12 -8.09
N TYR A 141 -13.45 -37.91 -7.64
CA TYR A 141 -14.27 -37.21 -6.68
C TYR A 141 -14.86 -35.91 -7.21
N LYS A 142 -14.33 -35.38 -8.32
CA LYS A 142 -14.92 -34.19 -8.91
C LYS A 142 -16.15 -34.56 -9.73
N GLY A 143 -17.16 -33.71 -9.66
CA GLY A 143 -18.39 -33.92 -10.40
C GLY A 143 -19.47 -34.74 -9.72
N LYS A 144 -19.09 -35.85 -9.11
CA LYS A 144 -20.07 -36.75 -8.50
C LYS A 144 -20.75 -36.06 -7.32
N LYS A 145 -21.93 -36.55 -6.97
CA LYS A 145 -22.69 -35.99 -5.87
C LYS A 145 -22.12 -36.49 -4.54
N ARG A 146 -22.77 -36.07 -3.45
CA ARG A 146 -22.24 -36.35 -2.12
C ARG A 146 -22.15 -37.84 -1.85
N HIS A 147 -23.29 -38.52 -1.84
CA HIS A 147 -23.32 -39.95 -1.52
C HIS A 147 -22.89 -40.82 -2.70
N GLU A 148 -22.55 -40.22 -3.84
CA GLU A 148 -22.06 -41.01 -4.96
C GLU A 148 -20.65 -41.54 -4.72
N MET A 149 -19.94 -41.00 -3.74
CA MET A 149 -18.56 -41.35 -3.50
C MET A 149 -18.34 -41.48 -2.00
N PRO A 150 -17.29 -42.18 -1.59
CA PRO A 150 -16.96 -42.22 -0.16
C PRO A 150 -16.73 -40.81 0.37
N PRO A 151 -16.99 -40.60 1.66
CA PRO A 151 -16.88 -39.24 2.21
C PRO A 151 -15.45 -38.73 2.16
N HIS A 152 -15.24 -37.66 1.40
CA HIS A 152 -13.95 -37.00 1.34
C HIS A 152 -14.14 -35.50 1.37
N ILE A 153 -13.13 -34.81 1.91
CA ILE A 153 -13.17 -33.35 1.96
C ILE A 153 -13.20 -32.78 0.55
N TYR A 154 -12.57 -33.47 -0.41
CA TYR A 154 -12.70 -33.06 -1.81
C TYR A 154 -14.14 -33.12 -2.25
N ALA A 155 -14.89 -34.12 -1.77
CA ALA A 155 -16.28 -34.26 -2.19
C ALA A 155 -17.14 -33.12 -1.65
N ILE A 156 -16.94 -32.75 -0.38
CA ILE A 156 -17.73 -31.64 0.14
C ILE A 156 -17.33 -30.34 -0.53
N ALA A 157 -16.05 -30.19 -0.86
CA ALA A 157 -15.64 -29.01 -1.62
C ALA A 157 -16.31 -28.97 -2.99
N ASP A 158 -16.38 -30.12 -3.67
CA ASP A 158 -17.03 -30.18 -4.96
C ASP A 158 -18.51 -29.88 -4.85
N THR A 159 -19.15 -30.35 -3.79
CA THR A 159 -20.56 -30.03 -3.58
C THR A 159 -20.76 -28.55 -3.36
N ALA A 160 -19.86 -27.93 -2.58
CA ALA A 160 -19.91 -26.49 -2.42
C ALA A 160 -19.77 -25.78 -3.76
N TYR A 161 -18.88 -26.29 -4.62
CA TYR A 161 -18.68 -25.68 -5.93
C TYR A 161 -19.93 -25.82 -6.79
N ARG A 162 -20.52 -27.01 -6.82
CA ARG A 162 -21.73 -27.21 -7.60
C ARG A 162 -22.85 -26.33 -7.09
N SER A 163 -22.95 -26.17 -5.78
CA SER A 163 -24.00 -25.33 -5.22
C SER A 163 -23.78 -23.87 -5.60
N MET A 164 -22.54 -23.37 -5.47
CA MET A 164 -22.30 -21.96 -5.78
C MET A 164 -22.51 -21.68 -7.26
N LEU A 165 -22.21 -22.63 -8.14
CA LEU A 165 -22.51 -22.40 -9.55
C LEU A 165 -24.00 -22.60 -9.85
N GLN A 166 -24.72 -23.36 -9.04
CA GLN A 166 -26.13 -23.61 -9.29
C GLN A 166 -27.00 -22.45 -8.83
N ASP A 167 -26.79 -21.98 -7.61
CA ASP A 167 -27.64 -20.97 -7.02
C ASP A 167 -27.36 -19.56 -7.53
N ARG A 168 -26.26 -19.37 -8.27
CA ARG A 168 -25.80 -18.07 -8.73
C ARG A 168 -25.43 -17.13 -7.59
N GLU A 169 -25.29 -17.65 -6.37
CA GLU A 169 -24.92 -16.84 -5.22
C GLU A 169 -23.83 -17.55 -4.43
N ASP A 170 -23.18 -16.79 -3.55
CA ASP A 170 -21.97 -17.26 -2.88
C ASP A 170 -22.27 -18.41 -1.92
N GLN A 171 -21.20 -19.06 -1.49
CA GLN A 171 -21.28 -20.16 -0.53
C GLN A 171 -20.13 -20.02 0.47
N SER A 172 -20.23 -20.78 1.56
CA SER A 172 -19.24 -20.66 2.61
C SER A 172 -19.03 -22.01 3.28
N ILE A 173 -17.82 -22.20 3.81
CA ILE A 173 -17.45 -23.40 4.53
C ILE A 173 -16.62 -22.99 5.74
N LEU A 174 -16.75 -23.74 6.83
CA LEU A 174 -16.11 -23.40 8.09
C LEU A 174 -15.52 -24.64 8.73
N CYS A 175 -14.48 -24.43 9.53
CA CYS A 175 -13.87 -25.51 10.30
C CYS A 175 -13.71 -25.06 11.75
N THR A 176 -13.86 -26.01 12.67
CA THR A 176 -13.73 -25.74 14.09
C THR A 176 -12.70 -26.66 14.73
N GLY A 177 -12.59 -26.65 16.04
CA GLY A 177 -11.69 -27.55 16.73
C GLY A 177 -11.12 -26.90 17.98
N GLU A 178 -10.02 -27.46 18.44
CA GLU A 178 -9.41 -27.05 19.70
C GLU A 178 -7.93 -26.71 19.58
N SER A 179 -7.16 -27.45 18.77
CA SER A 179 -5.73 -27.17 18.63
C SER A 179 -5.37 -26.72 17.23
N GLY A 180 -5.67 -27.52 16.20
CA GLY A 180 -5.44 -27.06 14.84
C GLY A 180 -4.65 -28.00 13.94
N ALA A 181 -3.75 -28.79 14.52
CA ALA A 181 -2.91 -29.67 13.70
C ALA A 181 -3.75 -30.80 13.14
N GLY A 182 -4.66 -30.47 12.24
CA GLY A 182 -5.69 -31.37 11.77
C GLY A 182 -7.00 -30.62 11.72
N LYS A 183 -7.15 -29.66 12.62
CA LYS A 183 -8.24 -28.71 12.57
C LYS A 183 -7.89 -27.49 11.74
N THR A 184 -6.69 -27.45 11.16
CA THR A 184 -6.28 -26.39 10.25
C THR A 184 -5.75 -27.00 8.96
N GLU A 185 -5.15 -28.19 9.07
CA GLU A 185 -4.64 -28.87 7.88
C GLU A 185 -5.72 -29.12 6.85
N ASN A 186 -6.96 -29.34 7.31
CA ASN A 186 -8.05 -29.60 6.39
C ASN A 186 -8.29 -28.40 5.48
N THR A 187 -8.12 -27.19 6.01
CA THR A 187 -8.35 -26.00 5.20
C THR A 187 -7.36 -25.91 4.06
N LYS A 188 -6.08 -26.07 4.34
CA LYS A 188 -5.09 -26.04 3.26
C LYS A 188 -5.26 -27.23 2.33
N LYS A 189 -5.80 -28.34 2.81
CA LYS A 189 -6.11 -29.44 1.91
C LYS A 189 -7.21 -29.06 0.93
N VAL A 190 -8.27 -28.42 1.42
CA VAL A 190 -9.31 -27.91 0.53
C VAL A 190 -8.72 -26.91 -0.45
N ILE A 191 -7.78 -26.08 0.01
CA ILE A 191 -7.13 -25.12 -0.86
C ILE A 191 -6.39 -25.84 -1.98
N GLN A 192 -5.62 -26.87 -1.62
CA GLN A 192 -4.91 -27.66 -2.62
C GLN A 192 -5.88 -28.27 -3.62
N TYR A 193 -7.05 -28.71 -3.15
CA TYR A 193 -8.04 -29.28 -4.05
C TYR A 193 -8.57 -28.22 -5.02
N LEU A 194 -9.00 -27.08 -4.49
CA LEU A 194 -9.67 -26.09 -5.32
C LEU A 194 -8.69 -25.40 -6.26
N ALA A 195 -7.41 -25.36 -5.90
CA ALA A 195 -6.43 -24.73 -6.78
C ALA A 195 -6.30 -25.47 -8.12
N VAL A 196 -6.72 -26.73 -8.18
CA VAL A 196 -6.63 -27.50 -9.40
C VAL A 196 -7.98 -27.94 -9.94
N VAL A 197 -9.03 -28.01 -9.12
CA VAL A 197 -10.29 -28.54 -9.64
C VAL A 197 -10.96 -27.52 -10.56
N ALA A 198 -10.76 -26.23 -10.32
CA ALA A 198 -11.47 -25.19 -11.07
C ALA A 198 -10.52 -24.21 -11.74
N SER A 199 -9.27 -24.60 -11.96
CA SER A 199 -8.31 -23.73 -12.63
C SER A 199 -8.56 -23.71 -14.12
N SER A 200 -8.71 -22.52 -14.69
CA SER A 200 -8.94 -22.39 -16.11
C SER A 200 -7.65 -22.65 -16.88
N HIS A 201 -7.79 -22.78 -18.21
CA HIS A 201 -6.66 -23.05 -19.10
C HIS A 201 -6.57 -21.92 -20.10
N LYS A 202 -5.57 -21.05 -19.92
CA LYS A 202 -5.27 -19.97 -20.85
C LYS A 202 -4.04 -20.28 -21.70
N GLY A 203 -3.90 -21.54 -22.11
CA GLY A 203 -2.67 -22.01 -22.69
C GLY A 203 -1.89 -22.86 -21.71
N LYS A 204 -0.88 -22.28 -21.07
CA LYS A 204 -0.10 -22.94 -20.03
C LYS A 204 0.61 -24.18 -20.58
N GLN A 211 0.97 -38.16 -9.09
CA GLN A 211 -0.36 -37.93 -8.53
C GLN A 211 -0.41 -36.59 -7.80
N GLY A 212 -1.58 -36.30 -7.22
CA GLY A 212 -1.75 -35.10 -6.44
C GLY A 212 -2.35 -33.96 -7.23
N PRO A 213 -1.69 -32.80 -7.22
CA PRO A 213 -2.22 -31.64 -7.93
C PRO A 213 -1.75 -31.56 -9.38
N SER A 214 -1.25 -32.66 -9.92
CA SER A 214 -0.60 -32.66 -11.24
C SER A 214 -1.51 -32.04 -12.31
N PHE A 215 -1.09 -30.89 -12.83
CA PHE A 215 -1.85 -30.11 -13.80
C PHE A 215 -0.99 -28.95 -14.24
N SER A 216 -1.24 -28.45 -15.45
CA SER A 216 -0.51 -27.29 -15.95
C SER A 216 -0.97 -26.04 -15.22
N TYR A 217 -0.33 -25.74 -14.09
CA TYR A 217 -0.77 -24.67 -13.22
C TYR A 217 -0.63 -23.31 -13.89
N GLY A 218 -1.26 -22.30 -13.27
CA GLY A 218 -1.06 -20.92 -13.61
C GLY A 218 -0.34 -20.18 -12.49
N GLU A 219 -0.19 -18.87 -12.70
CA GLU A 219 0.49 -18.05 -11.72
C GLU A 219 -0.30 -17.98 -10.42
N LEU A 220 -1.54 -17.49 -10.50
CA LEU A 220 -2.34 -17.29 -9.29
C LEU A 220 -2.58 -18.60 -8.57
N GLU A 221 -2.65 -19.72 -9.29
CA GLU A 221 -2.87 -21.01 -8.65
C GLU A 221 -1.73 -21.35 -7.69
N LYS A 222 -0.50 -21.39 -8.20
CA LYS A 222 0.64 -21.67 -7.36
C LYS A 222 0.80 -20.61 -6.27
N GLN A 223 0.49 -19.36 -6.60
CA GLN A 223 0.65 -18.29 -5.61
C GLN A 223 -0.33 -18.47 -4.45
N LEU A 224 -1.58 -18.79 -4.74
CA LEU A 224 -2.54 -19.02 -3.66
C LEU A 224 -2.24 -20.31 -2.91
N LEU A 225 -1.67 -21.31 -3.59
CA LEU A 225 -1.24 -22.50 -2.88
C LEU A 225 -0.16 -22.17 -1.88
N GLN A 226 0.84 -21.38 -2.28
CA GLN A 226 1.90 -20.98 -1.38
C GLN A 226 1.45 -19.93 -0.36
N ALA A 227 0.30 -19.28 -0.60
CA ALA A 227 -0.19 -18.28 0.33
C ALA A 227 -0.35 -18.84 1.74
N ASN A 228 -0.76 -20.11 1.86
CA ASN A 228 -0.95 -20.67 3.19
C ASN A 228 0.36 -20.79 3.95
N PRO A 229 1.41 -21.44 3.44
CA PRO A 229 2.66 -21.49 4.20
C PRO A 229 3.36 -20.14 4.30
N ILE A 230 3.14 -19.24 3.35
CA ILE A 230 3.79 -17.93 3.40
C ILE A 230 3.40 -17.21 4.69
N LEU A 231 2.10 -17.07 4.92
CA LEU A 231 1.66 -16.43 6.16
C LEU A 231 1.84 -17.35 7.36
N GLU A 232 1.69 -18.66 7.16
CA GLU A 232 1.78 -19.59 8.28
C GLU A 232 3.20 -19.74 8.80
N ALA A 233 4.19 -19.21 8.08
CA ALA A 233 5.52 -19.06 8.68
C ALA A 233 5.43 -18.20 9.94
N PHE A 234 4.51 -17.26 9.97
CA PHE A 234 4.11 -16.56 11.17
C PHE A 234 2.79 -17.15 11.67
N GLY A 235 2.37 -16.69 12.86
CA GLY A 235 1.11 -17.13 13.42
C GLY A 235 1.01 -18.63 13.59
N ASN A 236 2.14 -19.30 13.80
CA ASN A 236 2.18 -20.75 14.01
C ASN A 236 3.21 -21.03 15.07
N ALA A 237 2.79 -21.63 16.18
CA ALA A 237 3.68 -21.82 17.32
C ALA A 237 3.30 -23.13 18.00
N LYS A 238 4.19 -23.60 18.86
CA LYS A 238 3.97 -24.83 19.60
C LYS A 238 3.35 -24.49 20.95
N THR A 239 2.19 -25.07 21.21
CA THR A 239 1.56 -24.99 22.52
C THR A 239 1.86 -26.26 23.31
N VAL A 240 1.42 -26.26 24.57
CA VAL A 240 1.57 -27.45 25.39
C VAL A 240 0.70 -28.58 24.86
N LYS A 241 -0.31 -28.27 24.05
CA LYS A 241 -1.19 -29.28 23.47
C LYS A 241 -0.84 -29.57 22.01
N ASN A 242 -0.59 -28.55 21.22
CA ASN A 242 -0.27 -28.70 19.81
C ASN A 242 1.05 -28.02 19.49
N ASP A 243 1.70 -28.50 18.44
CA ASP A 243 2.98 -27.95 18.01
C ASP A 243 2.84 -26.98 16.85
N ASN A 244 1.85 -27.14 15.98
CA ASN A 244 1.70 -26.24 14.84
C ASN A 244 0.22 -26.10 14.50
N SER A 245 -0.21 -24.85 14.35
CA SER A 245 -1.57 -24.53 13.94
C SER A 245 -1.73 -23.03 13.76
N SER A 246 -2.90 -22.61 13.30
CA SER A 246 -3.20 -21.19 13.21
C SER A 246 -3.27 -20.59 14.61
N ARG A 247 -2.36 -19.66 14.90
CA ARG A 247 -2.35 -18.95 16.17
C ARG A 247 -3.25 -17.72 16.14
N PHE A 248 -4.24 -17.70 15.27
CA PHE A 248 -5.11 -16.55 15.07
C PHE A 248 -6.33 -17.03 14.29
N GLY A 249 -7.16 -16.09 13.86
CA GLY A 249 -8.33 -16.39 13.03
C GLY A 249 -8.07 -15.99 11.59
N LYS A 250 -8.50 -16.84 10.67
CA LYS A 250 -8.28 -16.58 9.25
C LYS A 250 -9.54 -16.85 8.45
N PHE A 251 -9.76 -16.03 7.43
CA PHE A 251 -10.89 -16.16 6.53
C PHE A 251 -10.42 -15.87 5.12
N ILE A 252 -10.71 -16.78 4.20
CA ILE A 252 -10.27 -16.68 2.82
C ILE A 252 -11.49 -16.45 1.93
N ARG A 253 -11.35 -15.53 0.99
CA ARG A 253 -12.41 -15.21 0.04
C ARG A 253 -11.89 -15.46 -1.36
N ILE A 254 -12.60 -16.30 -2.11
CA ILE A 254 -12.21 -16.70 -3.46
C ILE A 254 -13.31 -16.24 -4.40
N ASN A 255 -13.10 -15.13 -5.08
CA ASN A 255 -14.07 -14.67 -6.06
C ASN A 255 -14.10 -15.61 -7.26
N PHE A 256 -15.17 -15.51 -8.04
CA PHE A 256 -15.34 -16.38 -9.20
C PHE A 256 -16.02 -15.61 -10.31
N ASP A 257 -15.87 -16.12 -11.54
CA ASP A 257 -16.53 -15.54 -12.70
C ASP A 257 -17.89 -16.19 -12.89
N VAL A 258 -18.55 -15.89 -14.02
CA VAL A 258 -19.83 -16.52 -14.32
C VAL A 258 -19.66 -17.86 -15.00
N THR A 259 -18.46 -18.19 -15.47
CA THR A 259 -18.17 -19.50 -16.02
C THR A 259 -17.43 -20.39 -15.02
N GLY A 260 -17.50 -20.06 -13.74
CA GLY A 260 -16.92 -20.88 -12.70
C GLY A 260 -15.41 -20.99 -12.77
N TYR A 261 -14.71 -19.87 -12.57
CA TYR A 261 -13.26 -19.87 -12.59
C TYR A 261 -12.75 -18.87 -11.56
N ILE A 262 -11.58 -19.17 -11.01
CA ILE A 262 -10.98 -18.31 -10.00
C ILE A 262 -10.61 -16.98 -10.63
N VAL A 263 -11.03 -15.87 -10.00
CA VAL A 263 -10.77 -14.54 -10.50
C VAL A 263 -10.18 -13.61 -9.46
N GLY A 264 -9.98 -14.07 -8.23
CA GLY A 264 -9.42 -13.22 -7.20
C GLY A 264 -9.38 -13.84 -5.82
N ALA A 265 -8.30 -13.57 -5.09
CA ALA A 265 -8.11 -14.11 -3.75
C ALA A 265 -8.00 -12.99 -2.74
N ASN A 266 -8.50 -13.24 -1.53
CA ASN A 266 -8.41 -12.26 -0.45
C ASN A 266 -8.26 -13.00 0.87
N ILE A 267 -7.41 -12.45 1.74
CA ILE A 267 -7.13 -13.05 3.04
C ILE A 267 -7.51 -12.05 4.12
N GLU A 268 -8.09 -12.56 5.21
CA GLU A 268 -8.50 -11.73 6.34
C GLU A 268 -8.03 -12.39 7.61
N THR A 269 -7.08 -11.76 8.29
CA THR A 269 -6.47 -12.31 9.50
C THR A 269 -6.79 -11.43 10.69
N TYR A 270 -6.59 -11.99 11.89
CA TYR A 270 -7.01 -11.33 13.11
C TYR A 270 -5.92 -11.38 14.18
N LEU A 271 -6.30 -11.04 15.42
CA LEU A 271 -5.34 -10.80 16.49
C LEU A 271 -4.26 -11.87 16.57
N LEU A 272 -3.05 -11.44 16.89
CA LEU A 272 -1.89 -12.32 16.99
C LEU A 272 -1.54 -12.59 18.45
N GLU A 273 -0.81 -13.68 18.67
CA GLU A 273 -0.38 -14.07 20.00
C GLU A 273 0.85 -13.23 20.37
N LYS A 274 0.58 -11.99 20.79
CA LYS A 274 1.67 -11.09 21.16
C LYS A 274 2.43 -11.61 22.37
N SER A 275 1.73 -12.23 23.31
CA SER A 275 2.38 -12.78 24.49
C SER A 275 3.45 -13.79 24.09
N ARG A 276 3.04 -14.85 23.38
CA ARG A 276 4.00 -15.82 22.88
C ARG A 276 5.06 -15.17 22.00
N ALA A 277 4.68 -14.11 21.28
CA ALA A 277 5.62 -13.43 20.39
C ALA A 277 6.75 -12.78 21.18
N ILE A 278 6.46 -12.25 22.36
CA ILE A 278 7.46 -11.58 23.16
C ILE A 278 7.89 -12.40 24.38
N ARG A 279 6.97 -13.12 25.02
CA ARG A 279 7.32 -13.95 26.17
C ARG A 279 6.64 -15.31 25.98
N GLN A 280 7.43 -16.29 25.56
CA GLN A 280 6.89 -17.63 25.31
C GLN A 280 6.33 -18.23 26.59
N ALA A 281 5.35 -19.11 26.42
CA ALA A 281 4.74 -19.78 27.56
C ALA A 281 5.64 -20.92 28.03
N LYS A 282 5.16 -21.68 29.02
CA LYS A 282 5.94 -22.75 29.61
C LYS A 282 6.33 -23.80 28.58
N ASP A 283 7.61 -23.89 28.28
CA ASP A 283 8.16 -24.86 27.34
C ASP A 283 7.37 -24.88 26.03
N GLU A 284 7.12 -23.69 25.51
CA GLU A 284 6.34 -23.51 24.30
C GLU A 284 7.20 -22.82 23.25
N ARG A 285 7.20 -23.36 22.03
CA ARG A 285 7.92 -22.75 20.93
C ARG A 285 7.07 -21.65 20.32
N THR A 286 7.65 -20.46 20.19
CA THR A 286 6.93 -19.31 19.65
C THR A 286 6.89 -19.37 18.13
N PHE A 287 6.54 -18.25 17.50
CA PHE A 287 6.41 -18.15 16.06
C PHE A 287 7.61 -18.79 15.36
N HIS A 288 7.33 -19.77 14.50
CA HIS A 288 8.39 -20.58 13.91
C HIS A 288 9.36 -19.77 13.06
N ILE A 289 8.98 -18.56 12.67
CA ILE A 289 9.84 -17.74 11.82
C ILE A 289 11.17 -17.46 12.51
N PHE A 290 11.15 -17.29 13.84
CA PHE A 290 12.39 -17.02 14.57
C PHE A 290 13.35 -18.20 14.48
N TYR A 291 12.88 -19.39 14.88
CA TYR A 291 13.71 -20.58 14.82
C TYR A 291 14.18 -20.86 13.40
N TYR A 292 13.32 -20.56 12.40
CA TYR A 292 13.74 -20.69 11.01
C TYR A 292 14.91 -19.76 10.71
N LEU A 293 14.80 -18.50 11.14
CA LEU A 293 15.87 -17.54 10.93
C LEU A 293 17.15 -17.95 11.64
N ILE A 294 17.03 -18.67 12.76
CA ILE A 294 18.20 -19.01 13.56
C ILE A 294 19.21 -19.80 12.72
N ALA A 295 18.76 -20.88 12.09
CA ALA A 295 19.64 -21.74 11.31
C ALA A 295 19.07 -21.98 9.93
N GLY A 296 18.46 -20.94 9.33
CA GLY A 296 17.97 -21.05 7.97
C GLY A 296 18.59 -20.02 7.05
N ALA A 297 19.00 -18.89 7.61
CA ALA A 297 19.55 -17.81 6.81
C ALA A 297 20.96 -18.16 6.32
N SER A 298 21.58 -17.21 5.64
CA SER A 298 22.96 -17.35 5.20
C SER A 298 23.90 -16.73 6.22
N GLU A 299 24.97 -17.46 6.54
CA GLU A 299 25.93 -16.96 7.51
C GLU A 299 26.41 -15.57 7.15
N GLN A 300 26.58 -15.31 5.85
CA GLN A 300 26.80 -13.95 5.37
C GLN A 300 25.73 -13.01 5.89
N MET A 301 24.47 -13.29 5.55
CA MET A 301 23.37 -12.44 6.01
C MET A 301 23.13 -12.58 7.51
N ARG A 302 23.53 -13.71 8.11
CA ARG A 302 23.47 -13.83 9.56
C ARG A 302 24.32 -12.77 10.22
N ASN A 303 25.57 -12.63 9.78
CA ASN A 303 26.43 -11.59 10.31
C ASN A 303 25.98 -10.21 9.87
N ASP A 304 25.42 -10.10 8.66
CA ASP A 304 24.97 -8.81 8.16
C ASP A 304 23.75 -8.29 8.90
N LEU A 305 22.98 -9.17 9.54
CA LEU A 305 21.87 -8.77 10.39
C LEU A 305 22.24 -8.78 11.86
N LEU A 306 23.49 -9.09 12.19
CA LEU A 306 23.98 -9.09 13.57
C LEU A 306 23.12 -9.97 14.46
N LEU A 307 23.13 -11.26 14.16
CA LEU A 307 22.28 -12.24 14.83
C LEU A 307 23.14 -13.16 15.69
N GLU A 308 22.46 -14.08 16.37
CA GLU A 308 23.11 -15.08 17.20
C GLU A 308 22.15 -16.23 17.41
N GLY A 309 22.72 -17.38 17.78
CA GLY A 309 21.93 -18.57 18.00
C GLY A 309 21.10 -18.50 19.27
N PHE A 310 20.64 -19.66 19.71
CA PHE A 310 19.87 -19.74 20.93
C PHE A 310 20.74 -19.38 22.14
N ASN A 311 20.10 -19.31 23.31
CA ASN A 311 20.77 -18.96 24.56
C ASN A 311 21.43 -17.59 24.48
N ASN A 312 20.87 -16.70 23.66
CA ASN A 312 21.47 -15.39 23.47
C ASN A 312 20.42 -14.29 23.43
N TYR A 313 19.20 -14.54 23.91
CA TYR A 313 18.13 -13.57 23.83
C TYR A 313 17.26 -13.66 25.06
N THR A 314 17.02 -12.53 25.70
CA THR A 314 16.08 -12.49 26.81
C THR A 314 14.68 -12.88 26.35
N PHE A 315 14.32 -12.53 25.12
CA PHE A 315 13.04 -12.95 24.56
C PHE A 315 12.97 -14.45 24.30
N LEU A 316 14.07 -15.17 24.46
CA LEU A 316 14.08 -16.62 24.29
C LEU A 316 13.74 -17.32 25.61
N SER A 317 12.58 -16.98 26.15
CA SER A 317 12.08 -17.68 27.32
C SER A 317 11.81 -19.13 26.96
N ASN A 318 12.09 -20.03 27.91
CA ASN A 318 12.04 -21.47 27.72
C ASN A 318 13.08 -21.96 26.72
N GLY A 319 13.99 -21.09 26.30
CA GLY A 319 15.06 -21.44 25.38
C GLY A 319 14.54 -21.98 24.07
N HIS A 320 15.34 -22.82 23.44
CA HIS A 320 14.99 -23.48 22.19
C HIS A 320 14.56 -24.91 22.44
N VAL A 321 13.59 -25.37 21.65
CA VAL A 321 13.07 -26.72 21.77
C VAL A 321 13.28 -27.46 20.45
N PRO A 322 13.67 -28.73 20.48
CA PRO A 322 13.71 -29.50 19.22
C PRO A 322 12.32 -29.81 18.72
N ILE A 323 11.92 -29.18 17.63
CA ILE A 323 10.58 -29.43 17.07
C ILE A 323 10.52 -30.87 16.58
N PRO A 324 9.49 -31.63 16.94
CA PRO A 324 9.46 -33.05 16.58
C PRO A 324 9.28 -33.24 15.07
N ALA A 325 10.12 -34.12 14.51
CA ALA A 325 10.01 -34.56 13.12
C ALA A 325 10.13 -33.41 12.12
N GLN A 326 10.67 -32.27 12.53
CA GLN A 326 10.80 -31.13 11.65
C GLN A 326 12.17 -30.49 11.82
N GLN A 327 12.64 -29.86 10.75
CA GLN A 327 13.87 -29.09 10.77
C GLN A 327 13.58 -27.65 10.40
N ASP A 328 14.47 -26.75 10.81
CA ASP A 328 14.20 -25.33 10.62
C ASP A 328 14.59 -24.86 9.22
N ASP A 329 15.81 -25.20 8.78
CA ASP A 329 16.31 -24.71 7.50
C ASP A 329 15.45 -25.16 6.34
N GLU A 330 14.90 -26.38 6.40
CA GLU A 330 14.10 -26.90 5.31
C GLU A 330 12.88 -26.02 5.07
N MET A 331 12.03 -25.86 6.09
CA MET A 331 10.87 -25.00 5.95
C MET A 331 11.25 -23.54 5.77
N PHE A 332 12.43 -23.15 6.25
CA PHE A 332 12.92 -21.80 5.98
C PHE A 332 13.05 -21.57 4.48
N GLN A 333 13.81 -22.43 3.81
CA GLN A 333 13.97 -22.29 2.36
C GLN A 333 12.63 -22.48 1.65
N GLU A 334 11.78 -23.36 2.18
CA GLU A 334 10.45 -23.54 1.61
C GLU A 334 9.68 -22.22 1.61
N THR A 335 9.63 -21.55 2.76
CA THR A 335 8.90 -20.29 2.87
C THR A 335 9.55 -19.21 2.02
N LEU A 336 10.87 -19.19 1.95
CA LEU A 336 11.55 -18.21 1.11
C LEU A 336 11.15 -18.38 -0.35
N GLU A 337 11.20 -19.61 -0.85
CA GLU A 337 10.80 -19.84 -2.24
C GLU A 337 9.31 -19.58 -2.43
N ALA A 338 8.49 -19.85 -1.42
CA ALA A 338 7.06 -19.58 -1.55
C ALA A 338 6.80 -18.09 -1.67
N MET A 339 7.45 -17.28 -0.83
CA MET A 339 7.29 -15.84 -0.93
C MET A 339 7.89 -15.30 -2.22
N ARG A 340 8.93 -15.96 -2.75
CA ARG A 340 9.44 -15.57 -4.05
C ARG A 340 8.40 -15.84 -5.14
N ILE A 341 7.73 -17.00 -5.08
CA ILE A 341 6.64 -17.28 -5.99
C ILE A 341 5.54 -16.24 -5.84
N MET A 342 5.30 -15.79 -4.60
CA MET A 342 4.36 -14.71 -4.37
C MET A 342 4.79 -13.42 -5.04
N GLY A 343 6.08 -13.29 -5.37
CA GLY A 343 6.57 -12.09 -6.02
C GLY A 343 7.18 -11.10 -5.05
N PHE A 344 8.07 -11.60 -4.19
CA PHE A 344 8.72 -10.77 -3.18
C PHE A 344 10.15 -10.51 -3.61
N THR A 345 10.49 -9.23 -3.81
CA THR A 345 11.84 -8.87 -4.23
C THR A 345 12.83 -9.17 -3.12
N GLU A 346 14.11 -9.25 -3.52
CA GLU A 346 15.14 -9.67 -2.57
C GLU A 346 15.41 -8.60 -1.51
N GLU A 347 15.37 -7.33 -1.91
CA GLU A 347 15.69 -6.27 -0.96
C GLU A 347 14.62 -6.16 0.13
N GLU A 348 13.35 -6.25 -0.25
CA GLU A 348 12.30 -6.22 0.76
C GLU A 348 12.35 -7.47 1.64
N GLN A 349 12.77 -8.60 1.08
CA GLN A 349 12.95 -9.79 1.89
C GLN A 349 14.04 -9.59 2.93
N THR A 350 15.17 -9.02 2.51
CA THR A 350 16.26 -8.77 3.46
C THR A 350 15.82 -7.76 4.51
N SER A 351 15.04 -6.75 4.12
CA SER A 351 14.55 -5.79 5.09
C SER A 351 13.59 -6.43 6.09
N ILE A 352 12.76 -7.36 5.61
CA ILE A 352 11.87 -8.10 6.51
C ILE A 352 12.67 -8.92 7.50
N LEU A 353 13.67 -9.65 7.00
CA LEU A 353 14.52 -10.44 7.88
C LEU A 353 15.24 -9.55 8.89
N ARG A 354 15.65 -8.34 8.47
CA ARG A 354 16.36 -7.46 9.39
C ARG A 354 15.43 -6.88 10.45
N VAL A 355 14.17 -6.61 10.12
CA VAL A 355 13.29 -6.10 11.16
C VAL A 355 12.87 -7.21 12.12
N VAL A 356 12.76 -8.45 11.62
CA VAL A 356 12.57 -9.57 12.53
C VAL A 356 13.80 -9.73 13.43
N SER A 357 14.98 -9.56 12.87
CA SER A 357 16.19 -9.53 13.68
C SER A 357 16.08 -8.47 14.76
N SER A 358 15.58 -7.29 14.40
CA SER A 358 15.44 -6.19 15.36
C SER A 358 14.52 -6.58 16.51
N VAL A 359 13.32 -7.09 16.18
CA VAL A 359 12.38 -7.42 17.23
C VAL A 359 12.89 -8.58 18.08
N LEU A 360 13.75 -9.42 17.51
CA LEU A 360 14.39 -10.46 18.33
C LEU A 360 15.40 -9.84 19.29
N GLN A 361 16.25 -8.95 18.78
CA GLN A 361 17.25 -8.33 19.63
C GLN A 361 16.65 -7.46 20.72
N LEU A 362 15.43 -6.96 20.50
CA LEU A 362 14.80 -6.06 21.47
C LEU A 362 14.72 -6.66 22.87
N GLY A 363 14.81 -7.99 22.99
CA GLY A 363 14.71 -8.61 24.31
C GLY A 363 15.92 -8.32 25.18
N ASN A 364 17.10 -8.30 24.59
CA ASN A 364 18.33 -8.17 25.36
C ASN A 364 18.51 -6.79 25.99
N ILE A 365 17.55 -5.89 25.91
CA ILE A 365 17.68 -4.59 26.56
C ILE A 365 17.54 -4.78 28.06
N VAL A 366 18.54 -4.33 28.82
CA VAL A 366 18.57 -4.47 30.26
C VAL A 366 18.62 -3.08 30.89
N PHE A 367 17.90 -2.90 32.00
CA PHE A 367 17.90 -1.66 32.73
C PHE A 367 18.43 -1.90 34.14
N LYS A 368 18.96 -0.85 34.76
CA LYS A 368 19.56 -0.93 36.08
C LYS A 368 18.87 0.05 37.03
N LYS A 369 18.64 -0.40 38.25
CA LYS A 369 18.07 0.42 39.31
C LYS A 369 19.17 0.95 40.22
N GLU A 370 18.97 2.17 40.70
CA GLU A 370 19.94 2.84 41.54
C GLU A 370 19.25 3.29 42.82
N ARG A 371 19.91 3.07 43.96
CA ARG A 371 19.30 3.36 45.25
C ARG A 371 18.93 4.84 45.41
N ASN A 372 19.46 5.72 44.56
CA ASN A 372 19.11 7.13 44.61
C ASN A 372 17.63 7.34 44.33
N THR A 373 17.19 7.02 43.11
CA THR A 373 15.81 7.20 42.69
C THR A 373 15.23 6.00 41.98
N ASP A 374 16.03 4.97 41.67
CA ASP A 374 15.58 3.76 40.99
C ASP A 374 14.94 4.07 39.64
N GLN A 375 15.41 5.14 38.99
CA GLN A 375 14.94 5.43 37.65
C GLN A 375 15.65 4.54 36.64
N ALA A 376 15.00 4.35 35.49
CA ALA A 376 15.55 3.48 34.45
C ALA A 376 16.92 3.98 34.01
N SER A 377 17.87 3.06 33.92
CA SER A 377 19.23 3.39 33.52
C SER A 377 19.76 2.30 32.59
N MET A 378 20.47 2.73 31.55
CA MET A 378 21.02 1.79 30.57
C MET A 378 22.45 1.45 30.94
N PRO A 379 22.73 0.25 31.43
CA PRO A 379 24.12 -0.06 31.80
C PRO A 379 25.02 -0.29 30.60
N ASP A 380 24.53 -1.00 29.58
CA ASP A 380 25.35 -1.33 28.41
C ASP A 380 24.41 -1.41 27.21
N ASN A 381 24.37 -0.34 26.42
CA ASN A 381 23.40 -0.20 25.33
C ASN A 381 23.87 -0.83 24.03
N THR A 382 24.85 -1.73 24.07
CA THR A 382 25.36 -2.32 22.83
C THR A 382 24.24 -3.07 22.09
N ALA A 383 23.34 -3.70 22.83
CA ALA A 383 22.19 -4.34 22.21
C ALA A 383 21.30 -3.31 21.53
N ALA A 384 20.89 -2.28 22.28
CA ALA A 384 20.12 -1.20 21.68
C ALA A 384 20.92 -0.49 20.59
N GLN A 385 22.25 -0.43 20.76
CA GLN A 385 23.10 0.13 19.71
C GLN A 385 22.88 -0.60 18.39
N LYS A 386 23.08 -1.92 18.41
CA LYS A 386 22.87 -2.71 17.20
C LYS A 386 21.44 -2.59 16.69
N VAL A 387 20.47 -2.56 17.61
CA VAL A 387 19.07 -2.48 17.23
C VAL A 387 18.82 -1.23 16.41
N CYS A 388 19.07 -0.07 17.01
CA CYS A 388 18.83 1.19 16.30
C CYS A 388 19.72 1.31 15.08
N HIS A 389 20.88 0.65 15.07
CA HIS A 389 21.72 0.65 13.89
C HIS A 389 21.01 -0.02 12.72
N LEU A 390 20.64 -1.29 12.88
CA LEU A 390 19.90 -1.98 11.83
C LEU A 390 18.45 -1.55 11.75
N MET A 391 18.03 -0.60 12.60
CA MET A 391 16.70 0.00 12.51
C MET A 391 16.70 1.31 11.75
N GLY A 392 17.85 1.98 11.67
CA GLY A 392 17.91 3.25 10.97
C GLY A 392 17.48 4.43 11.80
N ILE A 393 17.82 4.42 13.09
CA ILE A 393 17.52 5.51 14.01
C ILE A 393 18.73 5.72 14.91
N ASN A 394 18.92 6.95 15.34
CA ASN A 394 20.01 7.26 16.26
C ASN A 394 19.77 6.57 17.61
N VAL A 395 20.87 6.20 18.26
CA VAL A 395 20.76 5.49 19.54
C VAL A 395 20.51 6.46 20.69
N THR A 396 21.17 7.61 20.66
CA THR A 396 21.13 8.54 21.79
C THR A 396 19.71 9.05 22.02
N ASP A 397 19.12 9.66 20.99
CA ASP A 397 17.76 10.18 21.12
C ASP A 397 16.77 9.06 21.41
N PHE A 398 17.02 7.86 20.88
CA PHE A 398 16.12 6.74 21.12
C PHE A 398 16.10 6.37 22.60
N THR A 399 17.27 6.10 23.17
CA THR A 399 17.32 5.71 24.58
C THR A 399 16.90 6.87 25.47
N ARG A 400 17.09 8.11 25.01
CA ARG A 400 16.59 9.25 25.76
C ARG A 400 15.07 9.24 25.81
N SER A 401 14.43 9.12 24.65
CA SER A 401 12.97 9.04 24.60
C SER A 401 12.45 7.88 25.43
N ILE A 402 13.16 6.75 25.43
CA ILE A 402 12.71 5.60 26.19
C ILE A 402 12.82 5.86 27.69
N LEU A 403 14.04 6.14 28.16
CA LEU A 403 14.24 6.40 29.58
C LEU A 403 13.56 7.69 30.02
N THR A 404 13.36 8.64 29.10
CA THR A 404 12.72 9.92 29.40
C THR A 404 11.65 10.18 28.36
N PRO A 405 10.38 9.98 28.69
CA PRO A 405 9.32 10.19 27.69
C PRO A 405 8.86 11.64 27.60
N ARG A 406 8.87 12.20 26.41
CA ARG A 406 8.45 13.58 26.18
C ARG A 406 6.92 13.63 26.20
N ILE A 407 6.37 13.68 27.41
CA ILE A 407 4.92 13.70 27.58
C ILE A 407 4.44 15.13 27.35
N LYS A 408 3.13 15.32 27.24
CA LYS A 408 2.57 16.67 27.09
C LYS A 408 1.31 16.76 27.93
N VAL A 409 1.29 17.71 28.86
CA VAL A 409 0.12 17.99 29.68
C VAL A 409 -0.40 19.37 29.31
N GLY A 410 -1.72 19.50 29.24
CA GLY A 410 -2.31 20.73 28.75
C GLY A 410 -1.79 21.06 27.36
N ARG A 411 -0.97 22.10 27.28
CA ARG A 411 -0.26 22.42 26.05
C ARG A 411 1.25 22.47 26.23
N ASP A 412 1.74 22.25 27.44
CA ASP A 412 3.18 22.27 27.72
C ASP A 412 3.72 20.86 27.77
N VAL A 413 4.89 20.67 27.19
CA VAL A 413 5.57 19.38 27.23
C VAL A 413 6.29 19.23 28.56
N VAL A 414 6.34 18.00 29.05
CA VAL A 414 6.96 17.66 30.32
C VAL A 414 7.88 16.47 30.08
N GLN A 415 8.99 16.43 30.82
CA GLN A 415 9.95 15.33 30.71
C GLN A 415 10.10 14.69 32.08
N LYS A 416 9.55 13.49 32.24
CA LYS A 416 9.64 12.74 33.47
C LYS A 416 10.78 11.74 33.37
N ALA A 417 10.89 10.87 34.37
CA ALA A 417 11.89 9.80 34.39
C ALA A 417 11.20 8.47 34.51
N GLN A 418 11.73 7.47 33.81
CA GLN A 418 11.12 6.14 33.78
C GLN A 418 11.79 5.22 34.79
N THR A 419 11.06 4.16 35.14
CA THR A 419 11.53 3.13 36.04
C THR A 419 11.55 1.79 35.31
N LYS A 420 11.92 0.75 36.05
CA LYS A 420 12.08 -0.57 35.45
C LYS A 420 10.77 -1.06 34.85
N GLU A 421 9.69 -1.00 35.63
CA GLU A 421 8.42 -1.59 35.21
C GLU A 421 7.86 -0.89 33.98
N GLN A 422 7.74 0.44 34.05
CA GLN A 422 7.13 1.17 32.94
C GLN A 422 7.97 1.08 31.68
N ALA A 423 9.30 1.15 31.82
CA ALA A 423 10.16 1.07 30.64
C ALA A 423 10.11 -0.31 30.00
N ASP A 424 10.15 -1.37 30.82
CA ASP A 424 10.05 -2.71 30.28
C ASP A 424 8.70 -2.92 29.58
N PHE A 425 7.62 -2.46 30.22
CA PHE A 425 6.31 -2.56 29.59
C PHE A 425 6.27 -1.79 28.28
N ALA A 426 6.90 -0.62 28.24
CA ALA A 426 6.91 0.19 27.03
C ALA A 426 7.64 -0.51 25.91
N ILE A 427 8.81 -1.07 26.19
CA ILE A 427 9.57 -1.73 25.13
C ILE A 427 8.86 -3.00 24.67
N GLU A 428 8.19 -3.70 25.59
CA GLU A 428 7.47 -4.90 25.19
C GLU A 428 6.26 -4.55 24.34
N ALA A 429 5.54 -3.49 24.71
CA ALA A 429 4.43 -3.03 23.87
C ALA A 429 4.93 -2.57 22.51
N LEU A 430 6.12 -1.97 22.48
CA LEU A 430 6.72 -1.58 21.21
C LEU A 430 6.99 -2.81 20.35
N ALA A 431 7.52 -3.88 20.95
CA ALA A 431 7.74 -5.11 20.21
C ALA A 431 6.42 -5.66 19.68
N LYS A 432 5.39 -5.68 20.52
CA LYS A 432 4.07 -6.11 20.09
C LYS A 432 3.61 -5.33 18.87
N ALA A 433 3.68 -4.00 18.95
CA ALA A 433 3.17 -3.16 17.88
C ALA A 433 3.98 -3.36 16.60
N LYS A 434 5.30 -3.48 16.73
CA LYS A 434 6.13 -3.67 15.54
C LYS A 434 5.79 -4.99 14.85
N PHE A 435 5.64 -6.07 15.63
CA PHE A 435 5.30 -7.34 15.04
C PHE A 435 3.92 -7.30 14.37
N GLU A 436 2.96 -6.67 15.03
CA GLU A 436 1.62 -6.60 14.45
C GLU A 436 1.60 -5.77 13.18
N ARG A 437 2.35 -4.66 13.15
CA ARG A 437 2.42 -3.86 11.94
C ARG A 437 3.09 -4.63 10.81
N LEU A 438 4.15 -5.39 11.13
CA LEU A 438 4.76 -6.24 10.13
C LEU A 438 3.76 -7.23 9.57
N PHE A 439 2.99 -7.86 10.44
CA PHE A 439 2.01 -8.83 9.98
C PHE A 439 0.94 -8.17 9.11
N ARG A 440 0.51 -6.96 9.49
CA ARG A 440 -0.48 -6.25 8.70
C ARG A 440 0.08 -5.90 7.32
N TRP A 441 1.33 -5.47 7.26
CA TRP A 441 1.94 -5.16 5.98
C TRP A 441 2.07 -6.41 5.11
N ILE A 442 2.41 -7.54 5.73
CA ILE A 442 2.47 -8.80 4.98
C ILE A 442 1.09 -9.14 4.43
N LEU A 443 0.06 -8.96 5.25
CA LEU A 443 -1.30 -9.26 4.80
C LEU A 443 -1.70 -8.35 3.64
N THR A 444 -1.34 -7.07 3.72
CA THR A 444 -1.65 -6.16 2.62
C THR A 444 -0.91 -6.58 1.35
N ARG A 445 0.36 -6.95 1.48
CA ARG A 445 1.12 -7.36 0.31
C ARG A 445 0.55 -8.62 -0.32
N VAL A 446 0.07 -9.55 0.51
CA VAL A 446 -0.47 -10.79 -0.05
C VAL A 446 -1.86 -10.56 -0.63
N ASN A 447 -2.63 -9.62 -0.06
CA ASN A 447 -3.87 -9.20 -0.69
C ASN A 447 -3.62 -8.47 -1.99
N LYS A 448 -2.43 -7.90 -2.14
CA LYS A 448 -2.00 -7.32 -3.40
C LYS A 448 -1.66 -8.36 -4.44
N ALA A 449 -2.03 -9.63 -4.19
CA ALA A 449 -1.93 -10.65 -5.23
C ALA A 449 -2.61 -10.19 -6.51
N LEU A 450 -3.77 -9.56 -6.39
CA LEU A 450 -4.46 -8.97 -7.53
C LEU A 450 -5.56 -8.02 -7.05
N ASP A 451 -5.58 -6.81 -7.60
CA ASP A 451 -6.65 -5.85 -7.32
C ASP A 451 -7.41 -5.46 -8.57
N LYS A 452 -6.71 -4.99 -9.61
CA LYS A 452 -7.37 -4.71 -10.88
C LYS A 452 -7.76 -6.01 -11.57
N THR A 453 -6.86 -6.98 -11.59
CA THR A 453 -7.22 -8.32 -12.06
C THR A 453 -8.29 -8.95 -11.17
N LYS A 454 -8.46 -8.45 -9.95
CA LYS A 454 -9.52 -8.90 -9.06
C LYS A 454 -10.83 -8.17 -9.39
N ARG A 455 -11.27 -8.34 -10.64
CA ARG A 455 -12.57 -7.83 -11.04
C ARG A 455 -13.66 -8.49 -10.21
N GLN A 456 -14.53 -7.67 -9.63
CA GLN A 456 -15.55 -8.15 -8.69
C GLN A 456 -16.40 -9.24 -9.31
N GLY A 457 -16.30 -10.46 -8.77
CA GLY A 457 -17.07 -11.58 -9.24
C GLY A 457 -18.50 -11.53 -8.72
N ALA A 458 -19.18 -12.66 -8.81
CA ALA A 458 -20.57 -12.76 -8.40
C ALA A 458 -20.90 -13.97 -7.54
N SER A 459 -20.05 -14.98 -7.49
CA SER A 459 -20.32 -16.19 -6.72
C SER A 459 -19.08 -16.61 -5.93
N PHE A 460 -18.51 -15.66 -5.19
CA PHE A 460 -17.31 -15.95 -4.41
C PHE A 460 -17.59 -17.04 -3.38
N LEU A 461 -16.52 -17.51 -2.75
CA LEU A 461 -16.58 -18.55 -1.74
C LEU A 461 -15.84 -18.11 -0.49
N GLY A 462 -16.43 -18.37 0.66
CA GLY A 462 -15.84 -18.04 1.94
C GLY A 462 -15.34 -19.28 2.65
N ILE A 463 -14.19 -19.18 3.29
CA ILE A 463 -13.59 -20.27 4.04
C ILE A 463 -13.14 -19.74 5.38
N LEU A 464 -13.63 -20.32 6.47
CA LEU A 464 -13.32 -19.85 7.81
C LEU A 464 -12.53 -20.91 8.55
N ASP A 465 -11.35 -20.52 9.05
CA ASP A 465 -10.56 -21.37 9.93
C ASP A 465 -10.20 -20.54 11.16
N ILE A 466 -10.70 -20.95 12.31
CA ILE A 466 -10.58 -20.17 13.53
C ILE A 466 -9.58 -20.83 14.46
N ALA A 467 -9.07 -20.04 15.41
CA ALA A 467 -8.27 -20.58 16.48
C ALA A 467 -9.10 -21.56 17.31
N GLY A 468 -8.45 -22.62 17.78
CA GLY A 468 -9.14 -23.66 18.50
C GLY A 468 -9.32 -23.36 19.98
N PHE A 469 -10.34 -23.96 20.56
CA PHE A 469 -10.60 -23.83 21.99
C PHE A 469 -9.45 -24.41 22.79
N GLU A 470 -8.85 -23.58 23.64
CA GLU A 470 -7.67 -23.98 24.40
C GLU A 470 -7.86 -23.69 25.88
N ILE A 471 -7.30 -24.56 26.71
CA ILE A 471 -7.33 -24.44 28.15
C ILE A 471 -5.89 -24.43 28.63
N PHE A 472 -5.42 -23.29 29.11
CA PHE A 472 -4.06 -23.15 29.58
C PHE A 472 -4.04 -22.95 31.09
N GLU A 473 -2.87 -23.23 31.68
CA GLU A 473 -2.68 -22.91 33.09
C GLU A 473 -2.79 -21.41 33.32
N ILE A 474 -2.42 -20.61 32.33
CA ILE A 474 -2.57 -19.17 32.36
C ILE A 474 -3.22 -18.76 31.05
N ASN A 475 -4.50 -18.44 31.09
CA ASN A 475 -5.25 -17.98 29.92
C ASN A 475 -5.45 -16.49 30.07
N SER A 476 -4.66 -15.71 29.33
CA SER A 476 -4.70 -14.26 29.44
C SER A 476 -5.90 -13.71 28.66
N PHE A 477 -5.92 -12.39 28.48
CA PHE A 477 -7.05 -11.74 27.82
C PHE A 477 -7.25 -12.28 26.41
N GLU A 478 -6.16 -12.40 25.64
CA GLU A 478 -6.27 -12.87 24.27
C GLU A 478 -6.86 -14.28 24.21
N GLN A 479 -6.51 -15.12 25.18
CA GLN A 479 -7.12 -16.45 25.27
C GLN A 479 -8.62 -16.34 25.41
N LEU A 480 -9.07 -15.40 26.26
CA LEU A 480 -10.50 -15.18 26.41
C LEU A 480 -11.11 -14.72 25.09
N CYS A 481 -10.41 -13.85 24.36
CA CYS A 481 -10.93 -13.38 23.08
C CYS A 481 -11.12 -14.53 22.09
N ILE A 482 -10.11 -15.38 21.96
CA ILE A 482 -10.20 -16.44 20.96
C ILE A 482 -11.23 -17.49 21.37
N ASN A 483 -11.32 -17.78 22.68
CA ASN A 483 -12.32 -18.73 23.12
C ASN A 483 -13.73 -18.15 22.96
N TYR A 484 -13.89 -16.85 23.18
CA TYR A 484 -15.17 -16.21 22.94
C TYR A 484 -15.54 -16.28 21.47
N THR A 485 -14.56 -16.10 20.60
CA THR A 485 -14.83 -16.23 19.17
C THR A 485 -15.28 -17.66 18.84
N ASN A 486 -14.61 -18.65 19.42
CA ASN A 486 -15.04 -20.04 19.26
C ASN A 486 -16.48 -20.23 19.68
N GLU A 487 -16.82 -19.72 20.87
CA GLU A 487 -18.18 -19.87 21.38
C GLU A 487 -19.17 -19.15 20.48
N LYS A 488 -18.80 -17.98 19.97
CA LYS A 488 -19.71 -17.21 19.13
C LYS A 488 -19.99 -17.94 17.83
N LEU A 489 -18.96 -18.50 17.20
CA LEU A 489 -19.20 -19.22 15.95
C LEU A 489 -19.94 -20.54 16.21
N GLN A 490 -19.69 -21.18 17.36
CA GLN A 490 -20.46 -22.36 17.69
C GLN A 490 -21.94 -22.02 17.87
N GLN A 491 -22.22 -20.90 18.52
CA GLN A 491 -23.60 -20.45 18.66
C GLN A 491 -24.21 -20.11 17.31
N LEU A 492 -23.42 -19.51 16.43
CA LEU A 492 -23.88 -19.24 15.06
C LEU A 492 -24.28 -20.54 14.37
N PHE A 493 -23.43 -21.56 14.46
CA PHE A 493 -23.74 -22.84 13.86
C PHE A 493 -25.01 -23.43 14.46
N ASN A 494 -25.10 -23.44 15.79
CA ASN A 494 -26.26 -24.00 16.45
C ASN A 494 -27.54 -23.29 16.01
N HIS A 495 -27.49 -21.96 15.95
CA HIS A 495 -28.63 -21.19 15.46
C HIS A 495 -29.00 -21.61 14.05
N THR A 496 -28.07 -21.44 13.11
CA THR A 496 -28.33 -21.77 11.71
C THR A 496 -28.67 -23.24 11.51
N MET A 497 -28.40 -24.09 12.50
CA MET A 497 -28.57 -25.53 12.37
C MET A 497 -29.88 -26.02 12.94
N PHE A 498 -30.40 -25.36 13.97
CA PHE A 498 -31.66 -25.76 14.57
C PHE A 498 -32.73 -24.67 14.47
N ILE A 499 -32.41 -23.45 14.91
CA ILE A 499 -33.40 -22.40 14.97
C ILE A 499 -33.92 -22.09 13.57
N LEU A 500 -33.01 -21.61 12.70
CA LEU A 500 -33.36 -21.25 11.33
C LEU A 500 -34.31 -22.26 10.69
N GLU A 501 -34.00 -23.55 10.84
CA GLU A 501 -34.84 -24.58 10.25
C GLU A 501 -36.21 -24.63 10.93
N GLN A 502 -36.23 -24.67 12.27
CA GLN A 502 -37.51 -24.80 12.97
C GLN A 502 -38.42 -23.61 12.71
N GLU A 503 -37.85 -22.42 12.57
CA GLU A 503 -38.66 -21.24 12.30
C GLU A 503 -39.03 -21.12 10.83
N GLU A 504 -38.17 -21.59 9.92
CA GLU A 504 -38.56 -21.63 8.52
C GLU A 504 -39.71 -22.60 8.30
N TYR A 505 -39.76 -23.67 9.08
CA TYR A 505 -40.88 -24.62 8.98
C TYR A 505 -42.20 -23.92 9.21
N GLN A 506 -42.36 -23.30 10.38
CA GLN A 506 -43.62 -22.63 10.69
C GLN A 506 -43.85 -21.42 9.79
N ARG A 507 -42.78 -20.74 9.38
CA ARG A 507 -42.93 -19.56 8.54
C ARG A 507 -43.51 -19.90 7.18
N GLU A 508 -43.41 -21.15 6.75
CA GLU A 508 -44.03 -21.60 5.51
C GLU A 508 -45.32 -22.37 5.77
N GLY A 509 -45.82 -22.35 7.00
CA GLY A 509 -47.10 -22.94 7.29
C GLY A 509 -47.16 -24.44 7.23
N ILE A 510 -46.02 -25.12 7.17
CA ILE A 510 -46.02 -26.58 7.17
C ILE A 510 -46.34 -27.06 8.58
N GLU A 511 -47.00 -28.21 8.67
CA GLU A 511 -47.34 -28.77 9.98
C GLU A 511 -46.06 -29.23 10.65
N TRP A 512 -45.68 -28.55 11.73
CA TRP A 512 -44.46 -28.88 12.45
C TRP A 512 -44.52 -28.26 13.84
N ASN A 513 -44.52 -29.10 14.86
CA ASN A 513 -44.36 -28.62 16.22
C ASN A 513 -42.91 -28.21 16.45
N PHE A 514 -42.73 -27.07 17.10
CA PHE A 514 -41.39 -26.60 17.40
C PHE A 514 -40.74 -27.56 18.39
N ILE A 515 -39.82 -28.37 17.91
CA ILE A 515 -39.13 -29.36 18.73
C ILE A 515 -37.81 -28.72 19.14
N ASP A 516 -37.83 -28.08 20.31
CA ASP A 516 -36.60 -27.51 20.85
C ASP A 516 -35.66 -28.64 21.29
N PHE A 517 -34.36 -28.34 21.22
CA PHE A 517 -33.35 -29.32 21.60
C PHE A 517 -32.43 -28.80 22.72
N GLY A 518 -32.81 -27.71 23.37
CA GLY A 518 -32.08 -27.24 24.54
C GLY A 518 -30.63 -26.91 24.28
N LEU A 519 -30.33 -26.31 23.14
CA LEU A 519 -28.95 -25.97 22.77
C LEU A 519 -28.90 -24.49 22.41
N ASP A 520 -28.24 -23.71 23.25
CA ASP A 520 -28.11 -22.27 23.01
C ASP A 520 -27.04 -21.72 23.93
N LEU A 521 -26.20 -20.83 23.38
CA LEU A 521 -25.20 -20.11 24.16
C LEU A 521 -25.55 -18.63 24.29
N GLN A 522 -26.81 -18.28 24.07
CA GLN A 522 -27.24 -16.88 24.14
C GLN A 522 -26.85 -16.19 25.43
N PRO A 523 -27.05 -16.78 26.62
CA PRO A 523 -26.56 -16.09 27.83
C PRO A 523 -25.05 -16.09 27.92
N CYS A 524 -24.40 -17.20 27.56
CA CYS A 524 -22.95 -17.30 27.58
C CYS A 524 -22.29 -16.30 26.64
N ILE A 525 -23.04 -15.74 25.70
CA ILE A 525 -22.55 -14.70 24.82
C ILE A 525 -22.98 -13.31 25.27
N GLU A 526 -24.21 -13.20 25.78
CA GLU A 526 -24.69 -11.92 26.27
C GLU A 526 -23.84 -11.42 27.43
N LEU A 527 -23.39 -12.32 28.30
CA LEU A 527 -22.68 -11.92 29.50
C LEU A 527 -21.37 -11.18 29.19
N ILE A 528 -20.96 -11.12 27.93
CA ILE A 528 -19.67 -10.53 27.59
C ILE A 528 -19.78 -9.11 27.03
N GLU A 529 -20.93 -8.72 26.48
CA GLU A 529 -20.95 -7.52 25.66
C GLU A 529 -22.07 -6.55 25.99
N ARG A 530 -23.18 -7.05 26.55
CA ARG A 530 -24.43 -6.29 26.67
C ARG A 530 -24.21 -4.98 27.42
N PRO A 531 -24.26 -3.83 26.71
CA PRO A 531 -23.90 -2.55 27.35
C PRO A 531 -25.01 -1.90 28.16
N THR A 532 -26.26 -2.00 27.70
CA THR A 532 -27.33 -1.19 28.30
C THR A 532 -27.76 -1.72 29.67
N ASN A 533 -27.95 -3.02 29.79
CA ASN A 533 -28.18 -3.67 31.07
C ASN A 533 -26.83 -3.75 31.78
N PRO A 534 -26.76 -4.37 32.96
CA PRO A 534 -25.46 -4.62 33.59
C PRO A 534 -24.43 -5.04 32.57
N PRO A 535 -23.34 -4.28 32.44
CA PRO A 535 -22.47 -4.42 31.27
C PRO A 535 -21.82 -5.79 31.20
N GLY A 536 -21.64 -6.27 29.97
CA GLY A 536 -20.91 -7.48 29.75
C GLY A 536 -19.43 -7.29 30.04
N VAL A 537 -18.69 -8.39 29.89
CA VAL A 537 -17.26 -8.36 30.18
C VAL A 537 -16.55 -7.31 29.34
N LEU A 538 -16.97 -7.17 28.07
CA LEU A 538 -16.33 -6.20 27.20
C LEU A 538 -16.62 -4.78 27.64
N ALA A 539 -17.89 -4.46 27.88
CA ALA A 539 -18.25 -3.11 28.29
C ALA A 539 -17.69 -2.79 29.68
N LEU A 540 -17.75 -3.76 30.59
CA LEU A 540 -17.15 -3.56 31.90
C LEU A 540 -15.66 -3.28 31.79
N LEU A 541 -14.96 -4.03 30.94
CA LEU A 541 -13.53 -3.81 30.77
C LEU A 541 -13.26 -2.45 30.13
N ASP A 542 -14.12 -2.02 29.20
CA ASP A 542 -13.94 -0.72 28.58
C ASP A 542 -14.08 0.40 29.60
N GLU A 543 -15.14 0.35 30.41
CA GLU A 543 -15.31 1.39 31.42
C GLU A 543 -14.34 1.25 32.58
N GLU A 544 -13.69 0.10 32.74
CA GLU A 544 -12.66 -0.03 33.76
C GLU A 544 -11.33 0.54 33.28
N CYS A 545 -10.95 0.26 32.03
CA CYS A 545 -9.71 0.81 31.51
C CYS A 545 -9.82 2.30 31.25
N TRP A 546 -11.01 2.77 30.85
CA TRP A 546 -11.21 4.20 30.68
C TRP A 546 -11.32 4.94 32.01
N PHE A 547 -11.33 4.22 33.13
CA PHE A 547 -11.32 4.87 34.43
C PHE A 547 -9.98 5.60 34.61
N PRO A 548 -9.99 6.77 35.25
CA PRO A 548 -8.72 7.51 35.42
C PRO A 548 -7.69 6.75 36.24
N LYS A 549 -8.12 5.90 37.18
CA LYS A 549 -7.17 5.12 37.97
C LYS A 549 -7.90 3.89 38.51
N ALA A 550 -7.50 2.71 38.03
CA ALA A 550 -8.11 1.46 38.47
C ALA A 550 -7.02 0.41 38.56
N THR A 551 -7.42 -0.84 38.77
CA THR A 551 -6.48 -1.95 38.93
C THR A 551 -7.20 -3.24 38.52
N ASP A 552 -6.42 -4.21 38.05
CA ASP A 552 -6.98 -5.50 37.65
C ASP A 552 -7.85 -6.09 38.75
N THR A 553 -7.42 -5.96 40.01
CA THR A 553 -8.23 -6.42 41.12
C THR A 553 -9.54 -5.63 41.19
N SER A 554 -9.48 -4.32 40.94
CA SER A 554 -10.70 -3.53 40.91
C SER A 554 -11.62 -3.99 39.80
N PHE A 555 -11.05 -4.39 38.66
CA PHE A 555 -11.86 -4.91 37.57
C PHE A 555 -12.53 -6.21 37.95
N VAL A 556 -11.78 -7.11 38.59
CA VAL A 556 -12.36 -8.38 39.03
C VAL A 556 -13.47 -8.14 40.04
N GLU A 557 -13.28 -7.16 40.92
CA GLU A 557 -14.33 -6.81 41.88
C GLU A 557 -15.57 -6.29 41.16
N LYS A 558 -15.38 -5.37 40.21
CA LYS A 558 -16.51 -4.82 39.45
C LYS A 558 -17.25 -5.93 38.73
N LEU A 559 -16.52 -6.91 38.21
CA LEU A 559 -17.16 -8.04 37.55
C LEU A 559 -17.99 -8.85 38.54
N ILE A 560 -17.37 -9.30 39.63
CA ILE A 560 -18.06 -10.20 40.55
C ILE A 560 -19.25 -9.51 41.21
N GLN A 561 -19.20 -8.18 41.33
CA GLN A 561 -20.38 -7.48 41.81
C GLN A 561 -21.38 -7.21 40.70
N GLU A 562 -20.94 -7.17 39.46
CA GLU A 562 -21.84 -6.86 38.36
C GLU A 562 -22.74 -8.04 38.02
N GLN A 563 -22.13 -9.18 37.69
CA GLN A 563 -22.92 -10.36 37.37
C GLN A 563 -23.13 -11.23 38.61
N GLY A 564 -22.03 -11.75 39.17
CA GLY A 564 -22.11 -12.44 40.44
C GLY A 564 -22.80 -13.79 40.38
N ASN A 565 -24.06 -13.79 39.91
CA ASN A 565 -24.91 -14.96 39.99
C ASN A 565 -25.30 -15.50 38.61
N HIS A 566 -24.58 -15.11 37.56
CA HIS A 566 -24.91 -15.63 36.24
C HIS A 566 -24.63 -17.13 36.18
N PRO A 567 -25.53 -17.91 35.57
CA PRO A 567 -25.31 -19.37 35.55
C PRO A 567 -24.02 -19.78 34.89
N LYS A 568 -23.70 -19.20 33.74
CA LYS A 568 -22.45 -19.52 33.07
C LYS A 568 -21.23 -18.96 33.80
N PHE A 569 -21.43 -18.07 34.76
CA PHE A 569 -20.33 -17.45 35.49
C PHE A 569 -20.17 -18.12 36.86
N GLN A 570 -18.92 -18.23 37.30
CA GLN A 570 -18.60 -18.72 38.62
C GLN A 570 -17.40 -17.95 39.14
N LYS A 571 -17.55 -17.33 40.31
CA LYS A 571 -16.47 -16.53 40.86
C LYS A 571 -15.29 -17.43 41.24
N SER A 572 -14.21 -16.81 41.71
CA SER A 572 -12.98 -17.52 41.96
C SER A 572 -13.15 -18.54 43.09
N LYS A 573 -12.27 -19.53 43.09
CA LYS A 573 -12.26 -20.58 44.11
C LYS A 573 -11.58 -20.02 45.35
N GLN A 574 -12.36 -19.35 46.19
CA GLN A 574 -11.96 -18.77 47.46
C GLN A 574 -10.86 -17.73 47.34
N LEU A 575 -10.47 -17.38 46.12
CA LEU A 575 -9.36 -16.46 45.86
C LEU A 575 -9.82 -15.32 44.97
N LYS A 576 -10.97 -14.72 45.31
CA LYS A 576 -11.46 -13.58 44.55
C LYS A 576 -10.50 -12.39 44.65
N ASP A 577 -9.75 -12.30 45.74
CA ASP A 577 -8.73 -11.27 45.86
C ASP A 577 -7.53 -11.53 44.95
N LYS A 578 -7.44 -12.72 44.35
CA LYS A 578 -6.33 -13.08 43.48
C LYS A 578 -6.60 -12.71 42.03
N THR A 579 -7.46 -11.72 41.79
CA THR A 579 -7.77 -11.14 40.48
C THR A 579 -7.96 -12.19 39.38
N GLU A 580 -8.45 -13.37 39.75
CA GLU A 580 -8.70 -14.43 38.79
C GLU A 580 -10.15 -14.88 38.92
N PHE A 581 -10.66 -15.49 37.85
CA PHE A 581 -12.04 -15.93 37.83
C PHE A 581 -12.25 -16.90 36.67
N CYS A 582 -13.16 -17.84 36.85
CA CYS A 582 -13.43 -18.86 35.86
C CYS A 582 -14.81 -18.65 35.25
N ILE A 583 -14.96 -19.12 34.00
CA ILE A 583 -16.23 -19.06 33.30
C ILE A 583 -16.52 -20.41 32.67
N LEU A 584 -17.78 -20.80 32.69
CA LEU A 584 -18.25 -21.97 31.96
C LEU A 584 -18.42 -21.62 30.49
N HIS A 585 -18.24 -22.62 29.63
CA HIS A 585 -18.42 -22.44 28.20
C HIS A 585 -18.92 -23.73 27.58
N TYR A 586 -19.21 -23.67 26.29
CA TYR A 586 -19.67 -24.84 25.55
C TYR A 586 -18.60 -25.92 25.44
N ALA A 587 -17.41 -25.71 26.01
CA ALA A 587 -16.38 -26.73 26.03
C ALA A 587 -15.93 -27.06 27.45
N GLY A 588 -16.43 -26.36 28.45
CA GLY A 588 -16.07 -26.61 29.83
C GLY A 588 -15.86 -25.29 30.56
N LYS A 589 -15.30 -25.41 31.76
CA LYS A 589 -14.98 -24.26 32.58
C LYS A 589 -13.49 -23.96 32.47
N VAL A 590 -13.16 -22.69 32.22
CA VAL A 590 -11.78 -22.26 32.10
C VAL A 590 -11.57 -21.01 32.96
N SER A 591 -10.43 -20.94 33.62
CA SER A 591 -10.09 -19.81 34.45
C SER A 591 -9.35 -18.74 33.65
N TYR A 592 -9.23 -17.56 34.25
CA TYR A 592 -8.54 -16.44 33.64
C TYR A 592 -7.94 -15.58 34.74
N ASN A 593 -6.70 -15.19 34.55
CA ASN A 593 -6.03 -14.24 35.42
C ASN A 593 -6.08 -12.86 34.77
N ALA A 594 -6.59 -11.89 35.50
CA ALA A 594 -6.78 -10.54 34.99
C ALA A 594 -5.49 -9.72 35.00
N SER A 595 -4.33 -10.37 35.16
CA SER A 595 -3.07 -9.65 35.26
C SER A 595 -2.83 -8.78 34.04
N ALA A 596 -2.67 -7.47 34.28
CA ALA A 596 -2.36 -6.50 33.24
C ALA A 596 -3.39 -6.51 32.11
N TRP A 597 -4.64 -6.81 32.45
CA TRP A 597 -5.68 -6.85 31.42
C TRP A 597 -5.98 -5.45 30.89
N LEU A 598 -6.00 -4.46 31.78
CA LEU A 598 -6.23 -3.10 31.32
C LEU A 598 -5.08 -2.61 30.44
N THR A 599 -3.86 -3.03 30.75
CA THR A 599 -2.73 -2.70 29.88
C THR A 599 -2.82 -3.46 28.57
N LYS A 600 -3.15 -4.76 28.63
CA LYS A 600 -3.31 -5.57 27.44
C LYS A 600 -4.46 -5.11 26.57
N ASN A 601 -5.36 -4.28 27.09
CA ASN A 601 -6.43 -3.71 26.29
C ASN A 601 -6.05 -2.34 25.75
N MET A 602 -5.60 -1.44 26.62
CA MET A 602 -5.30 -0.08 26.21
C MET A 602 -4.08 -0.04 25.29
N ASP A 603 -3.01 -0.73 25.67
CA ASP A 603 -1.76 -0.81 24.91
C ASP A 603 -1.20 0.59 24.64
N PRO A 604 -0.71 1.30 25.65
CA PRO A 604 -0.09 2.59 25.40
C PRO A 604 1.33 2.44 24.88
N LEU A 605 1.72 3.41 24.05
CA LEU A 605 3.06 3.42 23.46
C LEU A 605 3.67 4.80 23.63
N ASN A 606 5.00 4.84 23.67
CA ASN A 606 5.72 6.11 23.70
C ASN A 606 5.51 6.82 22.36
N ASP A 607 4.78 7.93 22.39
CA ASP A 607 4.47 8.64 21.15
C ASP A 607 5.74 9.16 20.48
N ASN A 608 6.75 9.53 21.27
CA ASN A 608 7.95 10.11 20.70
C ASN A 608 8.72 9.10 19.86
N VAL A 609 8.90 7.88 20.36
CA VAL A 609 9.63 6.90 19.58
C VAL A 609 8.84 6.48 18.35
N THR A 610 7.51 6.45 18.44
CA THR A 610 6.72 6.11 17.26
C THR A 610 6.83 7.19 16.20
N SER A 611 6.80 8.46 16.61
CA SER A 611 7.00 9.55 15.65
C SER A 611 8.39 9.48 15.04
N LEU A 612 9.40 9.19 15.86
CA LEU A 612 10.77 9.11 15.36
C LEU A 612 10.91 7.99 14.34
N LEU A 613 10.43 6.80 14.68
CA LEU A 613 10.50 5.67 13.76
C LEU A 613 9.65 5.90 12.52
N ASN A 614 8.58 6.68 12.63
CA ASN A 614 7.84 7.08 11.45
C ASN A 614 8.73 7.84 10.48
N GLN A 615 9.74 8.54 11.00
CA GLN A 615 10.67 9.30 10.18
C GLN A 615 12.07 8.67 10.22
N SER A 616 12.13 7.35 10.28
CA SER A 616 13.42 6.68 10.24
C SER A 616 13.98 6.70 8.83
N SER A 617 15.27 6.36 8.72
CA SER A 617 15.95 6.43 7.43
C SER A 617 15.38 5.43 6.44
N ASP A 618 15.26 4.17 6.85
CA ASP A 618 14.76 3.14 5.95
C ASP A 618 13.33 3.41 5.55
N LYS A 619 12.99 3.06 4.30
CA LYS A 619 11.64 3.29 3.80
C LYS A 619 10.68 2.20 4.27
N PHE A 620 11.16 0.96 4.42
CA PHE A 620 10.28 -0.12 4.83
C PHE A 620 9.78 0.09 6.25
N VAL A 621 10.65 0.55 7.15
CA VAL A 621 10.19 0.82 8.51
C VAL A 621 9.22 1.99 8.52
N ALA A 622 9.40 2.95 7.60
CA ALA A 622 8.42 4.03 7.48
C ALA A 622 7.07 3.49 7.06
N ASP A 623 7.06 2.56 6.09
CA ASP A 623 5.81 1.90 5.71
C ASP A 623 5.21 1.17 6.90
N LEU A 624 6.07 0.54 7.72
CA LEU A 624 5.58 -0.15 8.90
C LEU A 624 4.99 0.81 9.92
N TRP A 625 5.42 2.07 9.90
CA TRP A 625 5.00 3.05 10.90
C TRP A 625 4.52 4.34 10.24
N LYS A 626 3.66 4.21 9.23
CA LYS A 626 3.09 5.37 8.56
C LYS A 626 1.62 5.56 8.88
N ASP A 627 1.14 5.01 9.99
CA ASP A 627 -0.26 5.14 10.39
C ASP A 627 -0.36 5.41 11.88
N VAL A 628 0.47 6.34 12.37
CA VAL A 628 0.46 6.70 13.79
C VAL A 628 -0.61 7.78 13.96
N ASP A 629 -1.84 7.33 14.19
CA ASP A 629 -2.99 8.23 14.31
C ASP A 629 -3.65 8.17 15.68
N ARG A 630 -4.01 6.99 16.16
CA ARG A 630 -4.75 6.83 17.40
C ARG A 630 -4.01 6.03 18.45
N ILE A 631 -2.72 5.80 18.27
CA ILE A 631 -1.93 5.05 19.25
C ILE A 631 -1.83 5.88 20.52
N VAL A 632 -2.43 5.39 21.60
CA VAL A 632 -2.52 6.17 22.83
C VAL A 632 -1.16 6.25 23.50
N GLY A 633 -0.87 7.40 24.10
CA GLY A 633 0.35 7.60 24.85
C GLY A 633 0.16 8.48 26.06
N LEU A 634 -1.09 8.81 26.36
CA LEU A 634 -1.41 9.70 27.48
C LEU A 634 -1.80 8.90 28.72
N PHE A 656 -7.32 6.29 20.81
CA PHE A 656 -8.42 6.60 21.72
C PHE A 656 -9.31 5.38 21.94
N ARG A 657 -9.69 4.73 20.84
CA ARG A 657 -10.53 3.55 20.90
C ARG A 657 -9.65 2.31 21.04
N THR A 658 -9.89 1.52 22.08
CA THR A 658 -9.00 0.39 22.38
C THR A 658 -9.39 -0.82 21.54
N VAL A 659 -8.82 -1.98 21.88
CA VAL A 659 -8.88 -3.14 21.01
C VAL A 659 -10.20 -3.89 21.14
N GLY A 660 -10.86 -3.82 22.30
CA GLY A 660 -12.06 -4.60 22.50
C GLY A 660 -13.18 -4.20 21.54
N GLN A 661 -13.44 -2.90 21.46
CA GLN A 661 -14.50 -2.42 20.58
C GLN A 661 -14.22 -2.74 19.13
N LEU A 662 -12.99 -2.47 18.67
CA LEU A 662 -12.63 -2.77 17.30
C LEU A 662 -12.80 -4.25 17.00
N TYR A 663 -12.30 -5.11 17.89
CA TYR A 663 -12.38 -6.54 17.68
C TYR A 663 -13.83 -7.01 17.58
N LYS A 664 -14.65 -6.63 18.56
CA LYS A 664 -16.03 -7.09 18.55
C LYS A 664 -16.80 -6.52 17.36
N GLU A 665 -16.51 -5.28 16.98
CA GLU A 665 -17.19 -4.67 15.85
C GLU A 665 -16.87 -5.39 14.55
N GLN A 666 -15.58 -5.61 14.28
CA GLN A 666 -15.23 -6.28 13.05
C GLN A 666 -15.67 -7.74 13.05
N LEU A 667 -15.72 -8.37 14.23
CA LEU A 667 -16.21 -9.74 14.29
C LEU A 667 -17.70 -9.79 13.98
N THR A 668 -18.47 -8.85 14.52
CA THR A 668 -19.88 -8.75 14.16
C THR A 668 -20.03 -8.48 12.68
N LYS A 669 -19.14 -7.68 12.10
CA LYS A 669 -19.17 -7.42 10.67
C LYS A 669 -18.98 -8.72 9.89
N LEU A 670 -17.98 -9.50 10.28
CA LEU A 670 -17.76 -10.80 9.63
C LEU A 670 -18.99 -11.68 9.74
N MET A 671 -19.58 -11.75 10.93
CA MET A 671 -20.73 -12.63 11.12
C MET A 671 -21.92 -12.16 10.29
N THR A 672 -22.11 -10.85 10.18
CA THR A 672 -23.18 -10.33 9.34
C THR A 672 -22.94 -10.70 7.88
N THR A 673 -21.71 -10.51 7.40
CA THR A 673 -21.39 -10.88 6.03
C THR A 673 -21.61 -12.38 5.80
N LEU A 674 -21.34 -13.19 6.82
CA LEU A 674 -21.45 -14.64 6.67
C LEU A 674 -22.90 -15.10 6.66
N ARG A 675 -23.72 -14.55 7.56
CA ARG A 675 -25.11 -14.98 7.67
C ARG A 675 -25.89 -14.69 6.40
N ASN A 676 -25.43 -13.75 5.58
CA ASN A 676 -26.03 -13.51 4.27
C ASN A 676 -25.61 -14.52 3.23
N THR A 677 -24.96 -15.60 3.65
CA THR A 677 -24.44 -16.63 2.74
C THR A 677 -24.92 -17.98 3.22
N ASN A 678 -25.42 -18.80 2.29
CA ASN A 678 -25.76 -20.17 2.60
C ASN A 678 -24.50 -20.89 3.09
N PRO A 679 -24.47 -21.31 4.34
CA PRO A 679 -23.22 -21.86 4.89
C PRO A 679 -23.07 -23.35 4.64
N ASN A 680 -21.97 -23.89 5.15
CA ASN A 680 -21.70 -25.32 5.10
C ASN A 680 -20.64 -25.61 6.14
N PHE A 681 -20.83 -26.65 6.94
CA PHE A 681 -19.97 -26.92 8.06
C PHE A 681 -19.30 -28.28 7.93
N VAL A 682 -18.12 -28.37 8.53
CA VAL A 682 -17.44 -29.63 8.76
C VAL A 682 -16.70 -29.48 10.07
N ARG A 683 -16.79 -30.48 10.94
CA ARG A 683 -16.20 -30.38 12.26
C ARG A 683 -15.13 -31.45 12.43
N CYS A 684 -14.15 -31.13 13.28
CA CYS A 684 -13.02 -32.02 13.50
C CYS A 684 -12.90 -32.29 14.98
N ILE A 685 -12.63 -33.54 15.33
CA ILE A 685 -12.53 -33.99 16.71
C ILE A 685 -11.18 -34.64 16.91
N ILE A 686 -10.56 -34.38 18.05
CA ILE A 686 -9.24 -34.93 18.37
C ILE A 686 -9.42 -36.35 18.88
N PRO A 687 -8.54 -37.29 18.53
CA PRO A 687 -8.60 -38.62 19.14
C PRO A 687 -8.25 -38.56 20.61
N ASN A 688 -7.21 -37.83 20.95
CA ASN A 688 -6.75 -37.69 22.32
C ASN A 688 -5.69 -36.60 22.37
N HIS A 689 -5.47 -36.04 23.55
CA HIS A 689 -4.40 -35.08 23.73
C HIS A 689 -3.03 -35.72 23.71
N GLU A 690 -3.00 -37.01 23.40
CA GLU A 690 -1.75 -37.75 23.30
C GLU A 690 -0.85 -37.23 22.19
N LYS A 691 -1.41 -36.50 21.23
CA LYS A 691 -0.68 -36.03 20.05
C LYS A 691 -0.07 -37.18 19.27
N ARG A 692 -0.60 -38.39 19.44
CA ARG A 692 -0.04 -39.58 18.82
C ARG A 692 -1.13 -40.29 18.02
N ALA A 693 -0.71 -40.92 16.93
CA ALA A 693 -1.61 -41.72 16.12
C ALA A 693 -2.03 -42.98 16.90
N GLY A 694 -2.95 -43.72 16.30
CA GLY A 694 -3.36 -44.99 16.85
C GLY A 694 -4.40 -44.88 17.95
N LYS A 695 -3.98 -44.48 19.14
CA LYS A 695 -4.88 -44.45 20.28
C LYS A 695 -5.94 -43.36 20.10
N LEU A 696 -7.05 -43.52 20.81
CA LEU A 696 -8.18 -42.60 20.70
C LEU A 696 -9.00 -42.71 21.97
N ASP A 697 -9.09 -41.62 22.72
CA ASP A 697 -9.84 -41.64 23.96
C ASP A 697 -11.33 -41.84 23.69
N ALA A 698 -12.02 -42.39 24.69
CA ALA A 698 -13.45 -42.62 24.59
C ALA A 698 -14.26 -41.46 25.17
N HIS A 699 -14.07 -41.18 26.46
CA HIS A 699 -14.83 -40.12 27.10
C HIS A 699 -14.53 -38.76 26.48
N LEU A 700 -13.31 -38.56 25.99
CA LEU A 700 -12.95 -37.30 25.37
C LEU A 700 -13.83 -37.03 24.15
N VAL A 701 -13.79 -37.94 23.16
CA VAL A 701 -14.62 -37.75 21.98
C VAL A 701 -16.09 -37.77 22.35
N LEU A 702 -16.45 -38.54 23.38
CA LEU A 702 -17.83 -38.53 23.87
C LEU A 702 -18.29 -37.12 24.18
N GLU A 703 -17.64 -36.51 25.17
CA GLU A 703 -18.04 -35.16 25.58
C GLU A 703 -17.84 -34.16 24.46
N GLN A 704 -16.86 -34.39 23.58
CA GLN A 704 -16.63 -33.48 22.47
C GLN A 704 -17.83 -33.43 21.54
N LEU A 705 -18.21 -34.57 21.00
CA LEU A 705 -19.37 -34.61 20.12
C LEU A 705 -20.65 -34.26 20.88
N ARG A 706 -20.68 -34.46 22.19
CA ARG A 706 -21.82 -34.01 22.97
C ARG A 706 -21.95 -32.49 22.93
N CYS A 707 -20.92 -31.80 23.40
CA CYS A 707 -20.98 -30.34 23.47
C CYS A 707 -21.06 -29.72 22.09
N ASN A 708 -20.60 -30.44 21.07
CA ASN A 708 -20.80 -29.97 19.70
C ASN A 708 -22.24 -30.15 19.23
N GLY A 709 -23.05 -30.90 19.97
CA GLY A 709 -24.45 -31.08 19.61
C GLY A 709 -24.64 -31.80 18.30
N VAL A 710 -23.85 -32.84 18.04
CA VAL A 710 -23.90 -33.49 16.75
C VAL A 710 -25.04 -34.51 16.68
N LEU A 711 -25.37 -35.15 17.79
CA LEU A 711 -26.43 -36.15 17.77
C LEU A 711 -27.78 -35.53 17.44
N GLU A 712 -28.09 -34.40 18.07
CA GLU A 712 -29.31 -33.69 17.71
C GLU A 712 -29.24 -33.12 16.29
N GLY A 713 -28.03 -32.81 15.82
CA GLY A 713 -27.88 -32.43 14.43
C GLY A 713 -28.32 -33.54 13.49
N ILE A 714 -27.87 -34.77 13.76
CA ILE A 714 -28.33 -35.92 12.99
C ILE A 714 -29.83 -36.10 13.15
N ARG A 715 -30.33 -35.92 14.36
CA ARG A 715 -31.77 -36.06 14.61
C ARG A 715 -32.58 -35.09 13.78
N ILE A 716 -32.03 -33.91 13.52
CA ILE A 716 -32.75 -32.92 12.70
C ILE A 716 -33.10 -33.50 11.34
N CYS A 717 -32.07 -33.88 10.57
CA CYS A 717 -32.33 -34.47 9.27
C CYS A 717 -33.06 -35.79 9.37
N ARG A 718 -32.89 -36.51 10.49
CA ARG A 718 -33.64 -37.73 10.71
C ARG A 718 -35.12 -37.45 10.89
N GLN A 719 -35.48 -36.25 11.31
CA GLN A 719 -36.86 -35.88 11.57
C GLN A 719 -37.34 -34.70 10.74
N GLY A 720 -36.46 -33.79 10.34
CA GLY A 720 -36.83 -32.63 9.56
C GLY A 720 -36.77 -32.88 8.07
N PHE A 721 -36.81 -31.79 7.33
CA PHE A 721 -36.81 -31.83 5.86
C PHE A 721 -35.75 -30.86 5.37
N PRO A 722 -34.54 -31.34 5.12
CA PRO A 722 -33.40 -30.44 4.89
C PRO A 722 -33.31 -29.90 3.47
N ASN A 723 -34.39 -30.00 2.70
CA ASN A 723 -34.39 -29.53 1.33
C ASN A 723 -35.44 -28.44 1.14
N ARG A 724 -35.13 -27.51 0.24
CA ARG A 724 -35.99 -26.37 -0.05
C ARG A 724 -36.07 -26.18 -1.56
N ILE A 725 -37.27 -25.92 -2.06
CA ILE A 725 -37.46 -25.70 -3.49
C ILE A 725 -38.80 -24.99 -3.70
N VAL A 726 -38.80 -24.04 -4.63
CA VAL A 726 -40.01 -23.30 -4.98
C VAL A 726 -40.78 -24.10 -6.02
N PHE A 727 -42.07 -23.76 -6.17
CA PHE A 727 -42.96 -24.49 -7.06
C PHE A 727 -42.43 -24.52 -8.48
N GLN A 728 -42.35 -23.35 -9.12
CA GLN A 728 -42.09 -23.31 -10.56
C GLN A 728 -40.76 -23.96 -10.92
N GLU A 729 -39.73 -23.72 -10.11
CA GLU A 729 -38.43 -24.31 -10.39
C GLU A 729 -38.53 -25.82 -10.48
N PHE A 730 -38.99 -26.47 -9.40
CA PHE A 730 -39.12 -27.91 -9.40
C PHE A 730 -40.04 -28.40 -10.51
N ARG A 731 -41.12 -27.67 -10.76
CA ARG A 731 -42.08 -28.09 -11.79
C ARG A 731 -41.40 -28.15 -13.15
N GLN A 732 -40.90 -27.01 -13.63
CA GLN A 732 -40.24 -27.01 -14.93
C GLN A 732 -38.99 -27.88 -14.96
N ARG A 733 -38.44 -28.22 -13.79
CA ARG A 733 -37.23 -29.00 -13.74
C ARG A 733 -37.48 -30.50 -13.76
N TYR A 734 -38.64 -30.94 -13.28
CA TYR A 734 -38.88 -32.38 -13.12
C TYR A 734 -40.16 -32.87 -13.75
N GLU A 735 -40.93 -32.01 -14.43
CA GLU A 735 -42.15 -32.50 -15.08
C GLU A 735 -41.86 -33.44 -16.25
N ILE A 736 -40.58 -33.63 -16.60
CA ILE A 736 -40.23 -34.52 -17.69
C ILE A 736 -40.64 -35.96 -17.38
N LEU A 737 -40.68 -36.32 -16.09
CA LEU A 737 -40.97 -37.69 -15.72
C LEU A 737 -42.38 -38.09 -16.14
N ALA A 738 -43.36 -37.25 -15.84
CA ALA A 738 -44.75 -37.54 -16.23
C ALA A 738 -45.46 -36.20 -16.43
N ALA A 739 -45.54 -35.78 -17.69
CA ALA A 739 -46.29 -34.57 -18.08
C ALA A 739 -47.46 -34.95 -18.99
N ASN A 740 -48.06 -36.11 -18.73
CA ASN A 740 -49.04 -36.68 -19.64
C ASN A 740 -50.27 -35.78 -19.76
N ALA A 741 -51.01 -35.60 -18.67
CA ALA A 741 -52.29 -34.92 -18.70
C ALA A 741 -52.26 -33.57 -18.00
N ILE A 742 -51.09 -33.04 -17.72
CA ILE A 742 -51.02 -31.72 -17.09
C ILE A 742 -51.53 -30.67 -18.07
N PRO A 743 -52.47 -29.81 -17.68
CA PRO A 743 -52.95 -28.77 -18.59
C PRO A 743 -51.83 -27.80 -18.93
N LYS A 744 -51.60 -27.61 -20.23
CA LYS A 744 -50.50 -26.75 -20.67
C LYS A 744 -50.68 -25.32 -20.19
N GLY A 745 -51.92 -24.86 -20.03
CA GLY A 745 -52.16 -23.60 -19.37
C GLY A 745 -51.78 -23.73 -17.91
N PHE A 746 -50.66 -23.10 -17.53
CA PHE A 746 -50.11 -23.29 -16.20
C PHE A 746 -51.02 -22.65 -15.17
N MET A 747 -51.60 -23.48 -14.31
CA MET A 747 -52.43 -23.00 -13.21
C MET A 747 -51.54 -22.51 -12.09
N ASP A 748 -52.12 -22.31 -10.90
CA ASP A 748 -51.35 -21.91 -9.73
C ASP A 748 -50.14 -22.79 -9.54
N GLY A 749 -48.95 -22.16 -9.54
CA GLY A 749 -47.72 -22.91 -9.44
C GLY A 749 -47.71 -23.87 -8.27
N LYS A 750 -48.21 -23.42 -7.12
CA LYS A 750 -48.38 -24.32 -5.98
C LYS A 750 -49.35 -25.45 -6.33
N GLN A 751 -50.54 -25.10 -6.80
CA GLN A 751 -51.49 -26.13 -7.22
C GLN A 751 -50.93 -26.99 -8.35
N ALA A 752 -50.15 -26.39 -9.24
CA ALA A 752 -49.57 -27.14 -10.33
C ALA A 752 -48.59 -28.20 -9.82
N CYS A 753 -47.73 -27.84 -8.87
CA CYS A 753 -46.81 -28.85 -8.35
C CYS A 753 -47.55 -29.87 -7.49
N ILE A 754 -48.62 -29.45 -6.79
CA ILE A 754 -49.43 -30.42 -6.06
C ILE A 754 -49.97 -31.49 -7.00
N LEU A 755 -50.60 -31.06 -8.10
CA LEU A 755 -51.15 -32.05 -9.03
C LEU A 755 -50.05 -32.86 -9.71
N MET A 756 -48.89 -32.24 -9.98
CA MET A 756 -47.83 -32.97 -10.65
C MET A 756 -47.23 -34.02 -9.74
N ILE A 757 -47.14 -33.76 -8.43
CA ILE A 757 -46.62 -34.78 -7.54
C ILE A 757 -47.69 -35.82 -7.24
N LYS A 758 -48.96 -35.41 -7.24
CA LYS A 758 -50.04 -36.39 -7.18
C LYS A 758 -49.91 -37.40 -8.32
N ALA A 759 -49.68 -36.89 -9.53
CA ALA A 759 -49.40 -37.79 -10.65
C ALA A 759 -48.09 -38.53 -10.44
N LEU A 760 -47.14 -37.93 -9.71
CA LEU A 760 -45.88 -38.60 -9.44
C LEU A 760 -46.03 -39.73 -8.43
N GLU A 761 -47.17 -39.79 -7.72
CA GLU A 761 -47.47 -40.86 -6.78
C GLU A 761 -46.39 -40.96 -5.70
N LEU A 762 -46.29 -39.90 -4.90
CA LEU A 762 -45.36 -39.84 -3.79
C LEU A 762 -46.13 -39.75 -2.48
N ASP A 763 -45.59 -40.36 -1.44
CA ASP A 763 -46.24 -40.32 -0.14
C ASP A 763 -46.13 -38.92 0.47
N PRO A 764 -47.21 -38.40 1.05
CA PRO A 764 -47.15 -37.05 1.62
C PRO A 764 -46.06 -36.86 2.65
N ASN A 765 -45.86 -37.84 3.53
CA ASN A 765 -44.90 -37.67 4.62
C ASN A 765 -43.48 -37.54 4.11
N LEU A 766 -43.17 -38.05 2.92
CA LEU A 766 -41.82 -37.96 2.39
C LEU A 766 -41.42 -36.53 2.06
N TYR A 767 -42.37 -35.59 2.01
CA TYR A 767 -42.07 -34.22 1.66
C TYR A 767 -42.82 -33.31 2.62
N ARG A 768 -42.78 -32.00 2.33
CA ARG A 768 -43.52 -31.00 3.08
C ARG A 768 -44.04 -29.96 2.11
N ILE A 769 -45.33 -30.03 1.81
CA ILE A 769 -45.95 -29.00 0.99
C ILE A 769 -45.92 -27.67 1.71
N GLY A 770 -45.62 -26.60 0.98
CA GLY A 770 -45.48 -25.29 1.57
C GLY A 770 -46.19 -24.23 0.76
N GLN A 771 -46.44 -23.09 1.42
CA GLN A 771 -47.16 -22.01 0.77
C GLN A 771 -46.30 -21.27 -0.24
N SER A 772 -45.00 -21.29 -0.07
CA SER A 772 -44.09 -20.61 -1.00
C SER A 772 -43.03 -21.55 -1.57
N LYS A 773 -42.48 -22.44 -0.75
CA LYS A 773 -41.49 -23.40 -1.19
C LYS A 773 -41.93 -24.80 -0.82
N ILE A 774 -41.18 -25.80 -1.27
CA ILE A 774 -41.46 -27.19 -0.96
C ILE A 774 -40.25 -27.77 -0.24
N PHE A 775 -40.52 -28.70 0.68
CA PHE A 775 -39.49 -29.28 1.51
C PHE A 775 -39.55 -30.79 1.41
N PHE A 776 -38.39 -31.43 1.44
CA PHE A 776 -38.30 -32.85 1.18
C PHE A 776 -37.40 -33.52 2.20
N ARG A 777 -37.53 -34.84 2.27
CA ARG A 777 -36.73 -35.67 3.16
C ARG A 777 -35.32 -35.79 2.60
N THR A 778 -34.51 -36.64 3.23
CA THR A 778 -33.17 -36.92 2.74
C THR A 778 -33.21 -38.08 1.75
N GLY A 779 -32.27 -38.05 0.80
CA GLY A 779 -32.15 -39.09 -0.20
C GLY A 779 -33.28 -39.16 -1.21
N VAL A 780 -34.38 -38.44 -0.99
CA VAL A 780 -35.48 -38.47 -1.95
C VAL A 780 -35.08 -37.79 -3.25
N LEU A 781 -34.33 -36.68 -3.15
CA LEU A 781 -33.87 -36.01 -4.35
C LEU A 781 -32.97 -36.91 -5.18
N ALA A 782 -32.19 -37.77 -4.53
CA ALA A 782 -31.37 -38.74 -5.25
C ALA A 782 -32.24 -39.66 -6.08
N HIS A 783 -33.32 -40.18 -5.50
CA HIS A 783 -34.28 -40.97 -6.26
C HIS A 783 -34.85 -40.16 -7.42
N LEU A 784 -35.25 -38.92 -7.14
CA LEU A 784 -35.80 -38.07 -8.19
C LEU A 784 -34.73 -37.71 -9.22
N GLU A 785 -33.50 -37.49 -8.77
CA GLU A 785 -32.42 -37.19 -9.72
C GLU A 785 -32.20 -38.36 -10.66
N GLU A 786 -32.13 -39.58 -10.11
CA GLU A 786 -31.92 -40.75 -10.96
C GLU A 786 -33.10 -40.95 -11.91
N GLU A 787 -34.33 -40.84 -11.40
CA GLU A 787 -35.49 -40.96 -12.28
C GLU A 787 -35.44 -39.92 -13.39
N ARG A 788 -34.97 -38.71 -13.08
CA ARG A 788 -34.77 -37.70 -14.10
C ARG A 788 -33.66 -38.12 -15.06
N ASP A 789 -32.54 -38.60 -14.50
CA ASP A 789 -31.38 -38.91 -15.32
C ASP A 789 -31.67 -40.04 -16.29
N LEU A 790 -32.48 -41.02 -15.87
CA LEU A 790 -32.73 -42.16 -16.74
C LEU A 790 -33.64 -41.83 -17.92
N LYS A 791 -34.16 -40.61 -18.00
CA LYS A 791 -34.97 -40.20 -19.14
C LYS A 791 -34.22 -39.29 -20.10
N ILE A 792 -33.14 -38.65 -19.65
CA ILE A 792 -32.43 -37.69 -20.48
C ILE A 792 -31.34 -38.34 -21.32
N THR A 793 -30.90 -39.55 -20.95
CA THR A 793 -29.79 -40.20 -21.65
C THR A 793 -30.00 -40.23 -23.16
N ASP A 794 -31.24 -40.46 -23.60
CA ASP A 794 -31.52 -40.47 -25.03
C ASP A 794 -31.12 -39.14 -25.66
N VAL A 795 -31.65 -38.05 -25.13
CA VAL A 795 -31.25 -36.72 -25.60
C VAL A 795 -29.75 -36.54 -25.42
N ILE A 796 -29.20 -37.03 -24.30
CA ILE A 796 -27.77 -36.91 -24.04
C ILE A 796 -26.97 -37.50 -25.19
N ILE A 797 -27.17 -38.79 -25.47
CA ILE A 797 -26.36 -39.46 -26.48
C ILE A 797 -26.65 -38.90 -27.87
N ALA A 798 -27.92 -38.57 -28.14
CA ALA A 798 -28.26 -38.03 -29.45
C ALA A 798 -27.51 -36.74 -29.72
N PHE A 799 -27.66 -35.75 -28.83
CA PHE A 799 -26.95 -34.49 -29.03
C PHE A 799 -25.44 -34.67 -28.94
N GLN A 800 -24.97 -35.64 -28.15
CA GLN A 800 -23.53 -35.87 -28.07
C GLN A 800 -22.98 -36.31 -29.43
N ALA A 801 -23.64 -37.30 -30.04
CA ALA A 801 -23.21 -37.74 -31.37
C ALA A 801 -23.30 -36.60 -32.38
N GLN A 802 -24.38 -35.83 -32.32
CA GLN A 802 -24.55 -34.75 -33.30
C GLN A 802 -23.46 -33.69 -33.16
N CYS A 803 -23.21 -33.24 -31.92
CA CYS A 803 -22.20 -32.21 -31.71
C CYS A 803 -20.80 -32.75 -31.99
N ARG A 804 -20.54 -34.01 -31.68
CA ARG A 804 -19.25 -34.59 -32.00
C ARG A 804 -19.03 -34.63 -33.50
N GLY A 805 -20.06 -35.00 -34.27
CA GLY A 805 -19.94 -34.99 -35.71
C GLY A 805 -19.77 -33.59 -36.27
N TYR A 806 -20.46 -32.62 -35.67
CA TYR A 806 -20.30 -31.23 -36.11
C TYR A 806 -18.88 -30.75 -35.89
N LEU A 807 -18.36 -30.95 -34.67
CA LEU A 807 -16.97 -30.62 -34.38
C LEU A 807 -16.03 -31.37 -35.32
N ALA A 808 -16.37 -32.62 -35.63
CA ALA A 808 -15.52 -33.41 -36.53
C ALA A 808 -15.44 -32.79 -37.90
N ARG A 809 -16.58 -32.43 -38.48
CA ARG A 809 -16.55 -31.87 -39.83
C ARG A 809 -15.94 -30.47 -39.83
N LYS A 810 -16.13 -29.70 -38.76
CA LYS A 810 -15.50 -28.38 -38.67
C LYS A 810 -13.99 -28.52 -38.63
N ALA A 811 -13.48 -29.36 -37.73
CA ALA A 811 -12.05 -29.60 -37.67
C ALA A 811 -11.53 -30.23 -38.95
N PHE A 812 -12.37 -30.98 -39.65
CA PHE A 812 -11.97 -31.57 -40.91
C PHE A 812 -11.73 -30.50 -41.96
N ALA A 813 -12.68 -29.57 -42.11
CA ALA A 813 -12.49 -28.46 -43.03
C ALA A 813 -11.27 -27.65 -42.64
N LYS A 814 -11.10 -27.39 -41.34
CA LYS A 814 -9.94 -26.61 -40.89
C LYS A 814 -8.64 -27.31 -41.25
N ARG A 815 -8.56 -28.61 -40.98
CA ARG A 815 -7.34 -29.36 -41.24
C ARG A 815 -7.08 -29.50 -42.73
N GLN A 816 -8.12 -29.61 -43.55
CA GLN A 816 -7.89 -29.73 -44.99
C GLN A 816 -7.43 -28.41 -45.58
N GLN A 817 -7.96 -27.28 -45.08
CA GLN A 817 -7.43 -25.99 -45.50
C GLN A 817 -5.98 -25.82 -45.07
N GLN A 818 -5.69 -26.20 -43.82
CA GLN A 818 -4.32 -26.17 -43.35
C GLN A 818 -3.42 -27.08 -44.19
N LEU A 819 -3.97 -28.20 -44.67
CA LEU A 819 -3.19 -29.11 -45.49
C LEU A 819 -2.95 -28.54 -46.88
N THR A 820 -3.91 -27.78 -47.42
CA THR A 820 -3.67 -27.09 -48.68
C THR A 820 -2.55 -26.07 -48.54
N ALA A 821 -2.65 -25.22 -47.51
CA ALA A 821 -1.56 -24.28 -47.23
C ALA A 821 -0.25 -25.01 -47.02
N MET A 822 -0.31 -26.16 -46.34
CA MET A 822 0.88 -26.95 -46.09
C MET A 822 1.47 -27.48 -47.38
N LYS A 823 0.61 -27.90 -48.31
CA LYS A 823 1.10 -28.41 -49.59
C LYS A 823 1.76 -27.30 -50.40
N VAL A 824 1.24 -26.09 -50.30
CA VAL A 824 1.91 -24.95 -50.93
C VAL A 824 3.30 -24.76 -50.33
N ILE A 825 3.37 -24.65 -49.00
CA ILE A 825 4.66 -24.49 -48.33
C ILE A 825 5.57 -25.67 -48.65
N GLN A 826 4.99 -26.86 -48.82
CA GLN A 826 5.74 -28.07 -49.09
C GLN A 826 6.38 -28.03 -50.46
N ARG A 827 5.60 -27.69 -51.48
CA ARG A 827 6.17 -27.52 -52.82
C ARG A 827 7.27 -26.47 -52.79
N ASN A 828 7.06 -25.37 -52.08
CA ASN A 828 8.06 -24.32 -52.05
C ASN A 828 9.36 -24.80 -51.42
N CYS A 829 9.28 -25.44 -50.26
CA CYS A 829 10.51 -25.86 -49.58
C CYS A 829 11.17 -27.02 -50.30
N ALA A 830 10.40 -27.86 -50.99
CA ALA A 830 10.99 -28.93 -51.78
C ALA A 830 11.74 -28.36 -52.98
N ALA A 831 11.18 -27.34 -53.62
CA ALA A 831 11.91 -26.66 -54.67
C ALA A 831 13.18 -26.02 -54.13
N TYR A 832 13.09 -25.40 -52.95
CA TYR A 832 14.29 -24.87 -52.30
C TYR A 832 15.33 -25.94 -52.09
N LEU A 833 14.91 -27.10 -51.59
CA LEU A 833 15.80 -28.24 -51.41
C LEU A 833 16.50 -28.59 -52.73
N LYS A 834 15.72 -28.75 -53.80
CA LYS A 834 16.28 -28.99 -55.12
C LYS A 834 17.23 -27.89 -55.54
N LEU A 835 17.08 -26.68 -55.00
CA LEU A 835 17.82 -25.53 -55.48
C LEU A 835 18.81 -24.95 -54.48
N ARG A 836 18.72 -25.34 -53.20
CA ARG A 836 19.64 -24.80 -52.20
C ARG A 836 21.08 -25.24 -52.43
N ASN A 837 21.30 -26.25 -53.26
CA ASN A 837 22.62 -26.82 -53.45
C ASN A 837 23.19 -26.61 -54.85
N TRP A 838 22.39 -26.11 -55.80
CA TRP A 838 22.90 -25.85 -57.13
C TRP A 838 23.95 -24.75 -57.08
N GLN A 839 25.06 -24.97 -57.78
CA GLN A 839 26.22 -24.10 -57.65
C GLN A 839 25.90 -22.67 -58.09
N TRP A 840 25.06 -22.52 -59.12
CA TRP A 840 24.71 -21.19 -59.61
C TRP A 840 24.11 -20.30 -58.54
N TRP A 841 23.61 -20.88 -57.45
CA TRP A 841 22.80 -20.12 -56.51
C TRP A 841 23.65 -19.14 -55.70
N ARG A 842 24.74 -19.61 -55.09
CA ARG A 842 25.64 -18.70 -54.41
C ARG A 842 26.10 -17.59 -55.35
N LEU A 843 26.44 -17.95 -56.58
CA LEU A 843 26.90 -16.99 -57.56
C LEU A 843 25.88 -15.88 -57.78
N PHE A 844 24.68 -16.24 -58.23
CA PHE A 844 23.71 -15.21 -58.57
C PHE A 844 23.02 -14.63 -57.35
N THR A 845 23.29 -15.15 -56.15
CA THR A 845 22.75 -14.51 -54.95
C THR A 845 23.74 -13.52 -54.36
N LYS A 846 25.04 -13.66 -54.66
CA LYS A 846 25.99 -12.65 -54.25
C LYS A 846 25.70 -11.30 -54.91
N VAL A 847 25.09 -11.30 -56.08
CA VAL A 847 24.94 -10.09 -56.88
C VAL A 847 23.63 -9.37 -56.60
N LYS A 848 22.57 -10.10 -56.24
CA LYS A 848 21.26 -9.48 -56.01
C LYS A 848 21.29 -8.31 -55.05
N PRO A 849 21.93 -8.38 -53.88
CA PRO A 849 21.89 -7.24 -52.95
C PRO A 849 22.51 -5.98 -53.51
N LEU A 850 23.25 -6.06 -54.61
CA LEU A 850 23.86 -4.87 -55.19
C LEU A 850 22.81 -3.97 -55.82
N LEU A 851 22.10 -4.47 -56.83
CA LEU A 851 21.13 -3.67 -57.55
C LEU A 851 19.80 -3.67 -56.81
N GLN A 852 19.35 -2.48 -56.41
CA GLN A 852 18.15 -2.35 -55.59
C GLN A 852 17.30 -1.16 -56.00
N VAL A 853 17.37 -0.74 -57.26
CA VAL A 853 16.62 0.45 -57.68
C VAL A 853 15.12 0.23 -57.50
N THR A 854 14.62 -0.92 -57.95
CA THR A 854 13.24 -1.26 -57.67
C THR A 854 13.02 -1.43 -56.18
N ARG A 855 13.97 -2.05 -55.49
CA ARG A 855 13.89 -2.17 -54.04
C ARG A 855 13.91 -0.79 -53.38
N GLN A 856 14.79 0.09 -53.85
CA GLN A 856 14.86 1.44 -53.32
C GLN A 856 13.51 2.15 -53.45
N GLU A 857 12.92 2.09 -54.65
CA GLU A 857 11.65 2.78 -54.86
C GLU A 857 10.53 2.18 -54.04
N GLU A 858 10.41 0.85 -54.04
CA GLU A 858 9.33 0.21 -53.29
C GLU A 858 9.47 0.46 -51.81
N GLU A 859 10.72 0.49 -51.30
CA GLU A 859 10.91 0.82 -49.90
C GLU A 859 10.60 2.27 -49.63
N MET A 860 10.86 3.16 -50.58
CA MET A 860 10.45 4.55 -50.42
C MET A 860 8.95 4.65 -50.21
N GLN A 861 8.16 3.98 -51.07
CA GLN A 861 6.71 4.09 -50.91
C GLN A 861 6.23 3.35 -49.67
N ALA A 862 6.86 2.23 -49.33
CA ALA A 862 6.49 1.51 -48.13
C ALA A 862 6.74 2.33 -46.88
N LYS A 863 7.89 3.00 -46.82
CA LYS A 863 8.17 3.89 -45.70
C LYS A 863 7.25 5.10 -45.71
N ASP A 864 6.83 5.56 -46.89
CA ASP A 864 5.86 6.64 -46.95
C ASP A 864 4.55 6.25 -46.27
N GLU A 865 3.99 5.10 -46.65
CA GLU A 865 2.74 4.68 -46.03
C GLU A 865 2.94 4.32 -44.56
N GLU A 866 4.10 3.79 -44.20
CA GLU A 866 4.37 3.48 -42.79
C GLU A 866 4.43 4.74 -41.96
N LEU A 867 5.11 5.77 -42.46
CA LEU A 867 5.20 7.04 -41.74
C LEU A 867 3.83 7.70 -41.65
N GLN A 868 3.01 7.56 -42.69
CA GLN A 868 1.67 8.11 -42.63
C GLN A 868 0.83 7.39 -41.57
N ARG A 869 0.94 6.06 -41.51
CA ARG A 869 0.20 5.30 -40.51
C ARG A 869 0.66 5.66 -39.10
N THR A 870 1.98 5.78 -38.90
CA THR A 870 2.49 6.18 -37.59
C THR A 870 2.01 7.59 -37.23
N LYS A 871 2.03 8.50 -38.20
CA LYS A 871 1.53 9.85 -37.95
C LYS A 871 0.07 9.80 -37.52
N GLU A 872 -0.75 9.02 -38.21
CA GLU A 872 -2.17 8.93 -37.84
C GLU A 872 -2.34 8.39 -36.42
N ARG A 873 -1.72 7.24 -36.13
CA ARG A 873 -1.94 6.61 -34.83
C ARG A 873 -1.42 7.49 -33.69
N GLN A 874 -0.21 8.04 -33.83
CA GLN A 874 0.31 8.85 -32.75
C GLN A 874 -0.27 10.26 -32.73
N GLN A 875 -0.92 10.70 -33.80
CA GLN A 875 -1.70 11.94 -33.71
C GLN A 875 -2.97 11.72 -32.92
N LYS A 876 -3.62 10.57 -33.13
CA LYS A 876 -4.73 10.19 -32.27
C LYS A 876 -4.27 10.09 -30.81
N ALA A 877 -3.10 9.48 -30.59
CA ALA A 877 -2.55 9.39 -29.24
C ALA A 877 -2.25 10.77 -28.67
N GLU A 878 -1.74 11.68 -29.52
CA GLU A 878 -1.46 13.05 -29.09
C GLU A 878 -2.73 13.76 -28.66
N ALA A 879 -3.81 13.63 -29.45
CA ALA A 879 -5.07 14.23 -29.08
C ALA A 879 -5.59 13.66 -27.78
N GLU A 880 -5.46 12.34 -27.59
CA GLU A 880 -5.92 11.72 -26.35
C GLU A 880 -5.11 12.23 -25.15
N LEU A 881 -3.79 12.33 -25.30
CA LEU A 881 -2.97 12.82 -24.21
C LEU A 881 -3.24 14.29 -23.91
N LYS A 882 -3.54 15.08 -24.93
CA LYS A 882 -3.90 16.48 -24.68
C LYS A 882 -5.24 16.58 -23.95
N GLU A 883 -6.21 15.74 -24.32
CA GLU A 883 -7.47 15.71 -23.59
C GLU A 883 -7.26 15.30 -22.15
N LEU A 884 -6.37 14.33 -21.91
CA LEU A 884 -6.02 13.97 -20.55
C LEU A 884 -5.34 15.12 -19.82
N GLU A 885 -4.57 15.93 -20.55
CA GLU A 885 -3.95 17.11 -19.95
C GLU A 885 -5.01 18.12 -19.50
N GLN A 886 -6.00 18.36 -20.37
CA GLN A 886 -7.08 19.27 -19.97
C GLN A 886 -7.90 18.69 -18.83
N LYS A 887 -8.06 17.37 -18.78
CA LYS A 887 -8.71 16.75 -17.63
C LYS A 887 -7.90 16.97 -16.36
N HIS A 888 -6.58 16.89 -16.46
CA HIS A 888 -5.72 17.17 -15.31
C HIS A 888 -5.87 18.62 -14.87
N THR A 889 -6.00 19.53 -15.82
CA THR A 889 -6.19 20.94 -15.46
C THR A 889 -7.54 21.16 -14.78
N GLN A 890 -8.58 20.47 -15.25
CA GLN A 890 -9.89 20.60 -14.60
C GLN A 890 -9.86 20.01 -13.19
N LEU A 891 -9.17 18.88 -13.02
CA LEU A 891 -9.03 18.32 -11.68
C LEU A 891 -8.15 19.20 -10.81
N CYS A 892 -7.23 19.95 -11.41
CA CYS A 892 -6.46 20.93 -10.65
C CYS A 892 -7.33 22.10 -10.20
N GLU A 893 -8.28 22.50 -11.04
CA GLU A 893 -9.25 23.52 -10.62
C GLU A 893 -10.11 23.01 -9.47
N GLU A 894 -10.55 21.75 -9.56
CA GLU A 894 -11.28 21.15 -8.45
C GLU A 894 -10.40 21.05 -7.20
N LYS A 895 -9.10 20.83 -7.38
CA LYS A 895 -8.18 20.82 -6.24
C LYS A 895 -8.05 22.20 -5.63
N ASN A 896 -8.05 23.24 -6.46
CA ASN A 896 -8.05 24.61 -5.96
C ASN A 896 -9.31 24.89 -5.15
N LEU A 897 -10.46 24.40 -5.62
CA LEU A 897 -11.67 24.47 -4.82
C LEU A 897 -11.51 23.71 -3.51
N LEU A 898 -10.80 22.58 -3.56
CA LEU A 898 -10.55 21.80 -2.35
C LEU A 898 -9.69 22.57 -1.36
N GLN A 899 -8.73 23.34 -1.86
CA GLN A 899 -7.93 24.19 -0.97
C GLN A 899 -8.73 25.37 -0.44
N GLU A 900 -9.66 25.90 -1.24
CA GLU A 900 -10.61 26.87 -0.72
C GLU A 900 -11.39 26.28 0.45
N LYS A 901 -11.83 25.04 0.30
CA LYS A 901 -12.44 24.33 1.43
C LYS A 901 -11.48 24.21 2.61
N LEU A 902 -10.21 23.93 2.33
CA LEU A 902 -9.20 23.88 3.38
C LEU A 902 -9.18 25.16 4.20
N GLN A 903 -9.09 26.30 3.52
CA GLN A 903 -8.99 27.57 4.22
C GLN A 903 -10.28 27.92 4.94
N ALA A 904 -11.43 27.68 4.31
CA ALA A 904 -12.70 27.91 5.00
C ALA A 904 -12.80 27.06 6.25
N GLU A 905 -12.40 25.80 6.16
CA GLU A 905 -12.49 24.90 7.31
C GLU A 905 -11.51 25.30 8.40
N THR A 906 -10.33 25.79 8.05
CA THR A 906 -9.39 26.19 9.09
C THR A 906 -9.83 27.48 9.77
N GLU A 907 -10.49 28.39 9.03
CA GLU A 907 -11.07 29.56 9.67
C GLU A 907 -12.19 29.16 10.62
N LEU A 908 -13.06 28.25 10.16
CA LEU A 908 -14.13 27.74 11.01
C LEU A 908 -13.57 26.97 12.20
N TYR A 909 -12.41 26.34 12.05
CA TYR A 909 -11.77 25.65 13.15
C TYR A 909 -11.23 26.62 14.17
N ALA A 910 -10.62 27.72 13.71
CA ALA A 910 -10.19 28.77 14.63
C ALA A 910 -11.38 29.31 15.41
N GLU A 911 -12.48 29.60 14.71
CA GLU A 911 -13.68 30.08 15.39
C GLU A 911 -14.22 29.05 16.38
N ALA A 912 -14.17 27.77 16.00
CA ALA A 912 -14.68 26.72 16.87
C ALA A 912 -13.85 26.59 18.13
N GLU A 913 -12.52 26.61 17.99
CA GLU A 913 -11.65 26.56 19.16
C GLU A 913 -11.84 27.79 20.04
N GLU A 914 -12.06 28.95 19.42
CA GLU A 914 -12.31 30.16 20.20
C GLU A 914 -13.59 30.04 21.02
N MET A 915 -14.68 29.60 20.38
CA MET A 915 -15.94 29.42 21.11
C MET A 915 -15.79 28.36 22.19
N ARG A 916 -15.02 27.31 21.93
CA ARG A 916 -14.83 26.25 22.91
C ARG A 916 -14.07 26.75 24.12
N VAL A 917 -13.00 27.52 23.92
CA VAL A 917 -12.25 28.00 25.07
C VAL A 917 -13.04 29.08 25.81
N ARG A 918 -13.86 29.85 25.09
CA ARG A 918 -14.77 30.78 25.75
C ARG A 918 -15.71 30.02 26.69
N LEU A 919 -16.37 28.98 26.17
CA LEU A 919 -17.28 28.20 26.99
C LEU A 919 -16.53 27.50 28.13
N ALA A 920 -15.28 27.10 27.91
CA ALA A 920 -14.51 26.47 28.98
C ALA A 920 -14.21 27.45 30.10
N ALA A 921 -13.81 28.67 29.77
CA ALA A 921 -13.58 29.68 30.80
C ALA A 921 -14.88 30.01 31.53
N LYS A 922 -15.99 30.06 30.78
CA LYS A 922 -17.28 30.27 31.43
C LYS A 922 -17.62 29.13 32.38
N LYS A 923 -17.29 27.90 31.99
CA LYS A 923 -17.51 26.76 32.87
C LYS A 923 -16.67 26.87 34.13
N GLN A 924 -15.43 27.32 33.99
CA GLN A 924 -14.58 27.52 35.16
C GLN A 924 -15.16 28.56 36.10
N GLU A 925 -15.65 29.67 35.55
CA GLU A 925 -16.26 30.71 36.39
C GLU A 925 -17.52 30.19 37.07
N LEU A 926 -18.35 29.44 36.34
CA LEU A 926 -19.55 28.86 36.93
C LEU A 926 -19.21 27.88 38.03
N GLU A 927 -18.16 27.08 37.84
CA GLU A 927 -17.72 26.17 38.90
C GLU A 927 -17.26 26.94 40.12
N GLU A 928 -16.53 28.03 39.92
CA GLU A 928 -16.10 28.87 41.03
C GLU A 928 -17.30 29.36 41.84
N ILE A 929 -18.28 29.95 41.16
CA ILE A 929 -19.42 30.49 41.90
C ILE A 929 -20.32 29.38 42.44
N LEU A 930 -20.30 28.19 41.85
CA LEU A 930 -21.06 27.07 42.40
C LEU A 930 -20.41 26.55 43.68
N HIS A 931 -19.08 26.55 43.73
CA HIS A 931 -18.41 26.24 44.98
C HIS A 931 -18.67 27.32 46.03
N GLU A 932 -18.74 28.58 45.59
CA GLU A 932 -19.18 29.66 46.47
C GLU A 932 -20.56 29.34 47.06
N MET A 933 -21.49 28.92 46.21
CA MET A 933 -22.84 28.59 46.67
C MET A 933 -22.84 27.37 47.57
N GLU A 934 -21.93 26.43 47.35
CA GLU A 934 -21.82 25.27 48.24
C GLU A 934 -21.36 25.69 49.63
N ALA A 935 -20.36 26.57 49.69
CA ALA A 935 -19.95 27.12 50.98
C ALA A 935 -21.09 27.91 51.61
N ARG A 936 -21.89 28.60 50.78
CA ARG A 936 -23.03 29.34 51.29
C ARG A 936 -24.08 28.40 51.87
N ILE A 937 -24.28 27.24 51.25
CA ILE A 937 -25.23 26.26 51.78
C ILE A 937 -24.71 25.66 53.08
N GLU A 938 -23.39 25.47 53.18
CA GLU A 938 -22.80 25.03 54.44
C GLU A 938 -23.06 26.05 55.55
N GLU A 939 -22.81 27.33 55.26
CA GLU A 939 -23.10 28.38 56.22
C GLU A 939 -24.60 28.46 56.51
N GLU A 940 -25.43 28.11 55.54
CA GLU A 940 -26.88 28.06 55.74
C GLU A 940 -27.25 26.99 56.77
N GLU A 941 -26.66 25.80 56.63
CA GLU A 941 -26.92 24.74 57.60
C GLU A 941 -26.40 25.13 58.97
N GLU A 942 -25.25 25.81 59.03
CA GLU A 942 -24.73 26.27 60.32
C GLU A 942 -25.65 27.33 60.93
N ARG A 943 -26.22 28.20 60.10
CA ARG A 943 -27.17 29.18 60.59
C ARG A 943 -28.44 28.52 61.09
N SER A 944 -28.87 27.44 60.44
CA SER A 944 -30.03 26.69 60.93
C SER A 944 -29.72 26.03 62.27
N GLN A 945 -28.49 25.54 62.43
CA GLN A 945 -28.07 25.01 63.72
C GLN A 945 -28.11 26.10 64.80
N GLN A 946 -27.62 27.29 64.48
CA GLN A 946 -27.69 28.40 65.42
C GLN A 946 -29.13 28.76 65.73
N LEU A 947 -30.01 28.70 64.72
CA LEU A 947 -31.42 29.00 64.92
C LEU A 947 -32.05 28.03 65.90
N GLN A 948 -31.86 26.72 65.67
CA GLN A 948 -32.44 25.74 66.57
C GLN A 948 -31.81 25.82 67.96
N ALA A 949 -30.54 26.20 68.04
CA ALA A 949 -29.91 26.39 69.35
C ALA A 949 -30.56 27.54 70.11
N GLU A 950 -30.75 28.68 69.43
CA GLU A 950 -31.44 29.80 70.05
C GLU A 950 -32.86 29.42 70.46
N LYS A 951 -33.52 28.59 69.64
CA LYS A 951 -34.88 28.17 69.97
C LYS A 951 -34.91 27.29 71.22
N LYS A 952 -33.98 26.35 71.32
CA LYS A 952 -33.92 25.46 72.47
C LYS A 952 -33.25 26.10 73.69
N LYS A 953 -32.71 27.31 73.56
CA LYS A 953 -31.99 27.93 74.66
C LYS A 953 -32.94 28.41 75.76
N MET A 954 -33.60 27.47 76.43
CA MET A 954 -34.48 27.79 77.56
C MET A 954 -34.80 26.53 78.34
N GLU A 1397 -41.19 -12.63 77.20
CA GLU A 1397 -42.06 -13.74 76.79
C GLU A 1397 -41.75 -14.19 75.37
N GLU A 1398 -40.87 -15.20 75.26
CA GLU A 1398 -40.49 -15.71 73.95
C GLU A 1398 -40.39 -17.22 73.91
N GLY A 1399 -40.87 -17.94 74.93
CA GLY A 1399 -40.85 -19.39 74.89
C GLY A 1399 -41.75 -19.95 73.80
N LYS A 1400 -42.96 -19.39 73.67
CA LYS A 1400 -43.84 -19.79 72.59
C LYS A 1400 -43.24 -19.46 71.24
N LYS A 1401 -42.53 -18.32 71.15
CA LYS A 1401 -41.86 -17.96 69.90
C LYS A 1401 -40.78 -18.99 69.55
N LYS A 1402 -40.00 -19.42 70.55
CA LYS A 1402 -38.96 -20.41 70.29
C LYS A 1402 -39.57 -21.76 69.89
N PHE A 1403 -40.66 -22.16 70.55
CA PHE A 1403 -41.33 -23.40 70.19
C PHE A 1403 -41.86 -23.34 68.77
N GLN A 1404 -42.48 -22.23 68.39
CA GLN A 1404 -42.98 -22.07 67.03
C GLN A 1404 -41.85 -22.07 66.01
N ARG A 1405 -40.71 -21.46 66.36
CA ARG A 1405 -39.56 -21.46 65.46
C ARG A 1405 -39.01 -22.87 65.28
N GLU A 1406 -38.95 -23.65 66.35
CA GLU A 1406 -38.49 -25.03 66.23
C GLU A 1406 -39.46 -25.85 65.39
N ILE A 1407 -40.77 -25.66 65.59
CA ILE A 1407 -41.76 -26.38 64.78
C ILE A 1407 -41.63 -25.99 63.32
N GLU A 1408 -41.41 -24.70 63.06
CA GLU A 1408 -41.25 -24.24 61.68
C GLU A 1408 -39.99 -24.82 61.05
N SER A 1409 -38.90 -24.92 61.82
CA SER A 1409 -37.68 -25.51 61.29
C SER A 1409 -37.86 -26.98 60.98
N LEU A 1410 -38.55 -27.71 61.86
CA LEU A 1410 -38.81 -29.13 61.61
C LEU A 1410 -39.68 -29.31 60.37
N THR A 1411 -40.72 -28.48 60.24
CA THR A 1411 -41.59 -28.56 59.06
C THR A 1411 -40.83 -28.21 57.80
N GLN A 1412 -39.92 -27.24 57.88
CA GLN A 1412 -39.12 -26.87 56.72
C GLN A 1412 -38.19 -28.02 56.32
N GLN A 1413 -37.61 -28.69 57.31
CA GLN A 1413 -36.76 -29.85 57.01
C GLN A 1413 -37.57 -30.96 56.35
N PHE A 1414 -38.77 -31.22 56.86
CA PHE A 1414 -39.62 -32.26 56.28
C PHE A 1414 -40.03 -31.90 54.85
N GLU A 1415 -40.40 -30.64 54.62
CA GLU A 1415 -40.77 -30.21 53.28
C GLU A 1415 -39.58 -30.26 52.33
N GLU A 1416 -38.38 -29.94 52.82
CA GLU A 1416 -37.20 -30.02 51.99
C GLU A 1416 -36.89 -31.47 51.62
N LYS A 1417 -37.06 -32.39 52.57
CA LYS A 1417 -36.87 -33.81 52.26
C LYS A 1417 -37.87 -34.28 51.22
N ALA A 1418 -39.14 -33.89 51.39
CA ALA A 1418 -40.16 -34.27 50.41
C ALA A 1418 -39.86 -33.69 49.04
N ALA A 1419 -39.44 -32.42 48.99
CA ALA A 1419 -39.12 -31.79 47.71
C ALA A 1419 -37.92 -32.46 47.06
N SER A 1420 -36.91 -32.85 47.85
CA SER A 1420 -35.75 -33.51 47.30
C SER A 1420 -36.12 -34.88 46.74
N TYR A 1421 -36.94 -35.65 47.47
CA TYR A 1421 -37.37 -36.94 46.96
C TYR A 1421 -38.19 -36.80 45.69
N ASP A 1422 -39.11 -35.82 45.67
CA ASP A 1422 -39.91 -35.58 44.47
C ASP A 1422 -39.04 -35.15 43.30
N LYS A 1423 -38.02 -34.34 43.56
CA LYS A 1423 -37.13 -33.89 42.48
C LYS A 1423 -36.30 -35.04 41.95
N LEU A 1424 -35.84 -35.94 42.83
CA LEU A 1424 -35.09 -37.10 42.37
C LEU A 1424 -35.96 -38.02 41.52
N GLU A 1425 -37.19 -38.29 41.98
CA GLU A 1425 -38.09 -39.12 41.19
C GLU A 1425 -38.43 -38.46 39.86
N LYS A 1426 -38.60 -37.14 39.87
CA LYS A 1426 -38.93 -36.42 38.64
C LYS A 1426 -37.76 -36.43 37.67
N THR A 1427 -36.53 -36.33 38.19
CA THR A 1427 -35.36 -36.40 37.31
C THR A 1427 -35.22 -37.79 36.71
N LYS A 1428 -35.45 -38.83 37.51
CA LYS A 1428 -35.43 -40.19 36.98
C LYS A 1428 -36.48 -40.36 35.88
N ASN A 1429 -37.71 -39.91 36.16
CA ASN A 1429 -38.77 -40.00 35.16
C ASN A 1429 -38.45 -39.18 33.92
N ARG A 1430 -37.78 -38.04 34.08
CA ARG A 1430 -37.43 -37.21 32.93
C ARG A 1430 -36.39 -37.89 32.07
N LEU A 1431 -35.37 -38.48 32.69
CA LEU A 1431 -34.39 -39.23 31.91
C LEU A 1431 -35.05 -40.39 31.18
N GLN A 1432 -35.93 -41.13 31.87
CA GLN A 1432 -36.63 -42.23 31.23
C GLN A 1432 -37.48 -41.75 30.06
N GLN A 1433 -38.16 -40.61 30.23
CA GLN A 1433 -39.02 -40.09 29.18
C GLN A 1433 -38.20 -39.61 27.99
N GLU A 1434 -37.04 -39.00 28.25
CA GLU A 1434 -36.17 -38.57 27.17
C GLU A 1434 -35.68 -39.77 26.37
N LEU A 1435 -35.23 -40.81 27.07
CA LEU A 1435 -34.80 -42.02 26.37
C LEU A 1435 -35.94 -42.64 25.56
N ASP A 1436 -37.14 -42.68 26.16
CA ASP A 1436 -38.28 -43.27 25.46
C ASP A 1436 -38.66 -42.44 24.24
N ASP A 1437 -38.60 -41.12 24.34
CA ASP A 1437 -38.93 -40.27 23.21
C ASP A 1437 -37.92 -40.42 22.09
N LEU A 1438 -36.64 -40.49 22.43
CA LEU A 1438 -35.61 -40.71 21.41
C LEU A 1438 -35.85 -42.04 20.71
N VAL A 1439 -36.08 -43.10 21.47
CA VAL A 1439 -36.28 -44.41 20.89
C VAL A 1439 -37.52 -44.43 20.01
N VAL A 1440 -38.60 -43.77 20.47
CA VAL A 1440 -39.85 -43.77 19.71
C VAL A 1440 -39.67 -43.02 18.40
N ASP A 1441 -39.02 -41.85 18.44
CA ASP A 1441 -38.78 -41.10 17.22
C ASP A 1441 -37.93 -41.90 16.24
N LEU A 1442 -36.87 -42.55 16.74
CA LEU A 1442 -36.01 -43.33 15.86
C LEU A 1442 -36.77 -44.48 15.22
N ASP A 1443 -37.52 -45.23 16.03
CA ASP A 1443 -38.28 -46.36 15.50
C ASP A 1443 -39.32 -45.91 14.49
N ASN A 1444 -40.03 -44.81 14.80
CA ASN A 1444 -41.05 -44.31 13.88
C ASN A 1444 -40.43 -43.90 12.54
N GLN A 1445 -39.33 -43.14 12.59
CA GLN A 1445 -38.69 -42.70 11.35
C GLN A 1445 -38.18 -43.89 10.54
N ARG A 1446 -37.55 -44.86 11.21
CA ARG A 1446 -37.01 -46.01 10.48
C ARG A 1446 -38.13 -46.83 9.85
N GLN A 1447 -39.20 -47.10 10.61
CA GLN A 1447 -40.31 -47.86 10.05
C GLN A 1447 -40.96 -47.11 8.90
N LEU A 1448 -41.06 -45.78 9.01
CA LEU A 1448 -41.62 -45.00 7.93
C LEU A 1448 -40.79 -45.11 6.67
N VAL A 1449 -39.46 -44.97 6.81
CA VAL A 1449 -38.60 -45.08 5.64
C VAL A 1449 -38.69 -46.46 5.01
N SER A 1450 -38.69 -47.50 5.84
CA SER A 1450 -38.78 -48.86 5.32
C SER A 1450 -40.09 -49.09 4.58
N ASN A 1451 -41.21 -48.66 5.19
CA ASN A 1451 -42.50 -48.84 4.56
C ASN A 1451 -42.61 -48.04 3.27
N LEU A 1452 -42.04 -46.84 3.24
CA LEU A 1452 -42.07 -46.04 2.02
C LEU A 1452 -41.30 -46.72 0.91
N GLU A 1453 -40.10 -47.22 1.22
CA GLU A 1453 -39.31 -47.93 0.22
C GLU A 1453 -40.06 -49.15 -0.30
N LYS A 1454 -40.67 -49.92 0.62
CA LYS A 1454 -41.37 -51.13 0.21
C LYS A 1454 -42.57 -50.80 -0.67
N LYS A 1455 -43.36 -49.79 -0.28
CA LYS A 1455 -44.52 -49.42 -1.08
C LYS A 1455 -44.11 -48.89 -2.43
N GLN A 1456 -43.01 -48.13 -2.50
CA GLN A 1456 -42.52 -47.65 -3.78
C GLN A 1456 -42.12 -48.82 -4.68
N LYS A 1457 -41.39 -49.79 -4.12
CA LYS A 1457 -41.00 -50.95 -4.90
C LYS A 1457 -42.21 -51.72 -5.40
N LYS A 1458 -43.23 -51.89 -4.54
CA LYS A 1458 -44.41 -52.65 -4.94
C LYS A 1458 -45.18 -51.93 -6.04
N PHE A 1459 -45.42 -50.62 -5.87
CA PHE A 1459 -46.13 -49.86 -6.88
C PHE A 1459 -45.36 -49.81 -8.19
N ASP A 1460 -44.03 -49.84 -8.12
CA ASP A 1460 -43.24 -49.90 -9.33
C ASP A 1460 -43.40 -51.25 -10.03
N GLN A 1461 -43.24 -52.34 -9.29
CA GLN A 1461 -43.33 -53.67 -9.89
C GLN A 1461 -44.71 -53.95 -10.45
N MET A 1462 -45.76 -53.36 -9.84
CA MET A 1462 -47.12 -53.57 -10.33
C MET A 1462 -47.24 -53.28 -11.82
N LEU A 1463 -46.72 -52.14 -12.26
CA LEU A 1463 -46.70 -51.82 -13.69
C LEU A 1463 -45.48 -52.38 -14.41
N ALA A 1464 -44.39 -52.64 -13.67
CA ALA A 1464 -43.19 -53.18 -14.30
C ALA A 1464 -43.43 -54.58 -14.84
N GLU A 1465 -44.39 -55.31 -14.29
CA GLU A 1465 -44.76 -56.61 -14.86
C GLU A 1465 -45.15 -56.47 -16.33
N GLU A 1466 -46.17 -55.65 -16.61
CA GLU A 1466 -46.60 -55.43 -17.98
C GLU A 1466 -45.51 -54.73 -18.79
N LYS A 1467 -44.73 -53.85 -18.16
CA LYS A 1467 -43.64 -53.19 -18.86
C LYS A 1467 -42.65 -54.22 -19.40
N ASN A 1468 -42.25 -55.17 -18.56
CA ASN A 1468 -41.32 -56.21 -18.98
C ASN A 1468 -41.95 -57.15 -19.99
N ILE A 1469 -43.25 -57.42 -19.86
CA ILE A 1469 -43.93 -58.22 -20.88
C ILE A 1469 -43.82 -57.56 -22.24
N SER A 1470 -44.16 -56.27 -22.31
CA SER A 1470 -44.07 -55.54 -23.58
C SER A 1470 -42.63 -55.45 -24.06
N SER A 1471 -41.68 -55.32 -23.13
CA SER A 1471 -40.28 -55.25 -23.51
C SER A 1471 -39.80 -56.55 -24.14
N LYS A 1472 -40.17 -57.69 -23.55
CA LYS A 1472 -39.82 -58.98 -24.14
C LYS A 1472 -40.48 -59.15 -25.50
N TYR A 1473 -41.73 -58.69 -25.63
CA TYR A 1473 -42.42 -58.77 -26.92
C TYR A 1473 -41.68 -57.97 -27.98
N ALA A 1474 -41.32 -56.72 -27.65
CA ALA A 1474 -40.62 -55.87 -28.61
C ALA A 1474 -39.23 -56.42 -28.92
N ASP A 1475 -38.57 -57.03 -27.94
CA ASP A 1475 -37.26 -57.61 -28.17
C ASP A 1475 -37.35 -58.80 -29.11
N GLU A 1476 -38.36 -59.64 -28.93
CA GLU A 1476 -38.57 -60.75 -29.85
C GLU A 1476 -38.88 -60.25 -31.26
N ARG A 1477 -39.70 -59.19 -31.36
CA ARG A 1477 -40.00 -58.61 -32.67
C ARG A 1477 -38.75 -58.09 -33.33
N ASP A 1478 -37.91 -57.38 -32.59
CA ASP A 1478 -36.67 -56.83 -33.15
C ASP A 1478 -35.72 -57.95 -33.55
N ARG A 1479 -35.65 -59.03 -32.77
CA ARG A 1479 -34.79 -60.15 -33.12
C ARG A 1479 -35.26 -60.83 -34.39
N ALA A 1480 -36.58 -61.01 -34.54
CA ALA A 1480 -37.11 -61.60 -35.76
C ALA A 1480 -36.86 -60.69 -36.96
N GLU A 1481 -37.00 -59.38 -36.78
CA GLU A 1481 -36.74 -58.45 -37.86
C GLU A 1481 -35.27 -58.48 -38.27
N ALA A 1482 -34.36 -58.56 -37.29
CA ALA A 1482 -32.94 -58.66 -37.59
C ALA A 1482 -32.63 -59.97 -38.32
N GLU A 1483 -33.27 -61.06 -37.92
CA GLU A 1483 -33.07 -62.33 -38.61
C GLU A 1483 -33.54 -62.25 -40.06
N ALA A 1484 -34.70 -61.62 -40.28
CA ALA A 1484 -35.21 -61.48 -41.64
C ALA A 1484 -34.30 -60.59 -42.49
N ARG A 1485 -33.81 -59.50 -41.90
CA ARG A 1485 -32.87 -58.64 -42.62
C ARG A 1485 -31.58 -59.38 -42.94
N GLU A 1486 -31.11 -60.21 -42.02
CA GLU A 1486 -29.92 -61.01 -42.28
C GLU A 1486 -30.16 -62.00 -43.41
N LYS A 1487 -31.34 -62.62 -43.44
CA LYS A 1487 -31.66 -63.55 -44.51
C LYS A 1487 -31.71 -62.84 -45.86
N GLU A 1488 -32.33 -61.66 -45.91
CA GLU A 1488 -32.38 -60.91 -47.16
C GLU A 1488 -30.98 -60.48 -47.60
N THR A 1489 -30.15 -60.05 -46.66
CA THR A 1489 -28.79 -59.65 -46.99
C THR A 1489 -27.99 -60.84 -47.49
N LYS A 1490 -28.21 -62.02 -46.91
CA LYS A 1490 -27.51 -63.21 -47.38
C LYS A 1490 -27.97 -63.63 -48.77
N ALA A 1491 -29.26 -63.46 -49.06
CA ALA A 1491 -29.76 -63.73 -50.40
C ALA A 1491 -29.12 -62.79 -51.42
N LEU A 1492 -29.08 -61.50 -51.10
CA LEU A 1492 -28.41 -60.54 -51.97
C LEU A 1492 -26.93 -60.86 -52.10
N SER A 1493 -26.31 -61.36 -51.03
CA SER A 1493 -24.91 -61.74 -51.07
C SER A 1493 -24.68 -62.91 -52.01
N LEU A 1494 -25.54 -63.92 -51.94
CA LEU A 1494 -25.41 -65.05 -52.84
C LEU A 1494 -25.60 -64.63 -54.29
N ALA A 1495 -26.61 -63.78 -54.55
CA ALA A 1495 -26.82 -63.27 -55.90
C ALA A 1495 -25.59 -62.52 -56.40
N ARG A 1496 -25.04 -61.63 -55.57
CA ARG A 1496 -23.89 -60.84 -55.97
C ARG A 1496 -22.66 -61.71 -56.18
N ALA A 1497 -22.48 -62.74 -55.35
CA ALA A 1497 -21.33 -63.62 -55.51
C ALA A 1497 -21.44 -64.45 -56.79
N LEU A 1498 -22.64 -64.94 -57.10
CA LEU A 1498 -22.85 -65.64 -58.36
C LEU A 1498 -22.57 -64.73 -59.54
N GLU A 1499 -23.08 -63.50 -59.49
CA GLU A 1499 -22.83 -62.54 -60.56
C GLU A 1499 -21.34 -62.23 -60.68
N GLU A 1500 -20.64 -62.14 -59.55
CA GLU A 1500 -19.21 -61.85 -59.57
C GLU A 1500 -18.42 -62.99 -60.20
N ALA A 1501 -18.75 -64.23 -59.84
CA ALA A 1501 -18.08 -65.37 -60.44
C ALA A 1501 -18.36 -65.43 -61.93
N LEU A 1502 -19.60 -65.18 -62.35
CA LEU A 1502 -19.93 -65.18 -63.76
C LEU A 1502 -19.17 -64.08 -64.51
N GLU A 1503 -19.06 -62.90 -63.89
CA GLU A 1503 -18.35 -61.80 -64.54
C GLU A 1503 -16.86 -62.09 -64.62
N ALA A 1504 -16.30 -62.73 -63.61
CA ALA A 1504 -14.88 -63.10 -63.65
C ALA A 1504 -14.63 -64.13 -64.74
N LYS A 1505 -15.51 -65.13 -64.86
CA LYS A 1505 -15.37 -66.11 -65.93
C LYS A 1505 -15.49 -65.45 -67.30
N GLU A 1506 -16.44 -64.53 -67.44
CA GLU A 1506 -16.60 -63.82 -68.71
C GLU A 1506 -15.38 -62.97 -69.02
N GLU A 1507 -14.79 -62.35 -68.00
CA GLU A 1507 -13.59 -61.56 -68.21
C GLU A 1507 -12.41 -62.43 -68.64
N LEU A 1508 -12.29 -63.61 -68.02
CA LEU A 1508 -11.22 -64.52 -68.43
C LEU A 1508 -11.41 -65.00 -69.87
N GLU A 1509 -12.65 -65.33 -70.23
CA GLU A 1509 -12.93 -65.73 -71.61
C GLU A 1509 -12.65 -64.59 -72.58
N ARG A 1510 -13.00 -63.35 -72.19
CA ARG A 1510 -12.75 -62.21 -73.05
C ARG A 1510 -11.25 -61.95 -73.20
N THR A 1511 -10.48 -62.18 -72.13
CA THR A 1511 -9.03 -62.01 -72.23
C THR A 1511 -8.41 -63.07 -73.13
N ASN A 1512 -8.89 -64.31 -73.02
CA ASN A 1512 -8.40 -65.36 -73.93
C ASN A 1512 -8.75 -65.03 -75.37
N LYS A 1513 -9.98 -64.56 -75.61
CA LYS A 1513 -10.38 -64.18 -76.96
C LYS A 1513 -9.57 -63.00 -77.47
N MET A 1514 -9.24 -62.06 -76.58
CA MET A 1514 -8.42 -60.92 -76.98
C MET A 1514 -7.01 -61.37 -77.35
N LEU A 1515 -6.44 -62.30 -76.59
CA LEU A 1515 -5.12 -62.83 -76.94
C LEU A 1515 -5.16 -63.54 -78.29
N LYS A 1516 -6.19 -64.36 -78.52
CA LYS A 1516 -6.32 -65.07 -79.79
C LYS A 1516 -6.49 -64.08 -80.93
N ALA A 1517 -7.31 -63.04 -80.75
CA ALA A 1517 -7.53 -62.07 -81.80
C ALA A 1517 -6.27 -61.25 -82.06
N GLU A 1518 -5.49 -60.96 -81.02
CA GLU A 1518 -4.23 -60.24 -81.22
C GLU A 1518 -3.24 -61.09 -82.00
N MET A 1519 -3.15 -62.38 -81.67
CA MET A 1519 -2.28 -63.28 -82.42
C MET A 1519 -2.73 -63.35 -83.88
N GLU A 1520 -4.04 -63.46 -84.12
CA GLU A 1520 -4.55 -63.54 -85.49
C GLU A 1520 -4.28 -62.24 -86.25
N ASP A 1521 -4.43 -61.10 -85.57
CA ASP A 1521 -4.16 -59.82 -86.21
C ASP A 1521 -2.69 -59.67 -86.56
N LEU A 1522 -1.81 -60.11 -85.66
CA LEU A 1522 -0.37 -60.08 -85.95
C LEU A 1522 -0.04 -60.97 -87.13
N VAL A 1523 -0.66 -62.16 -87.19
CA VAL A 1523 -0.41 -63.07 -88.31
C VAL A 1523 -0.91 -62.47 -89.61
N SER A 1524 -2.09 -61.84 -89.59
CA SER A 1524 -2.63 -61.23 -90.79
C SER A 1524 -1.78 -60.06 -91.24
N SER A 1525 -1.29 -59.25 -90.30
CA SER A 1525 -0.40 -58.15 -90.66
C SER A 1525 0.91 -58.67 -91.23
N LYS A 1526 1.44 -59.76 -90.68
CA LYS A 1526 2.65 -60.35 -91.22
C LYS A 1526 2.43 -60.88 -92.63
N ASP A 1527 1.27 -61.50 -92.88
CA ASP A 1527 0.96 -61.98 -94.22
C ASP A 1527 0.81 -60.82 -95.21
N ASP A 1528 0.13 -59.76 -94.79
CA ASP A 1528 -0.01 -58.58 -95.65
C ASP A 1528 1.32 -57.91 -95.92
N VAL A 1529 2.24 -57.93 -94.94
CA VAL A 1529 3.55 -57.33 -95.15
C VAL A 1529 4.39 -58.19 -96.09
N GLY A 1530 4.31 -59.52 -95.93
CA GLY A 1530 5.01 -60.41 -96.84
C GLY A 1530 4.50 -60.29 -98.27
N LYS A 1531 3.19 -60.07 -98.42
CA LYS A 1531 2.63 -59.79 -99.74
C LYS A 1531 2.92 -58.37 -100.20
N ASN A 1532 3.28 -57.48 -99.28
CA ASN A 1532 3.61 -56.09 -99.61
C ASN A 1532 5.10 -55.83 -99.68
N VAL A 1533 5.93 -56.74 -99.17
CA VAL A 1533 7.37 -56.61 -99.36
C VAL A 1533 7.70 -56.58 -100.85
N HIS A 1534 7.24 -57.59 -101.58
CA HIS A 1534 7.21 -57.49 -103.03
C HIS A 1534 6.24 -56.39 -103.43
N GLU A 1535 6.59 -55.66 -104.49
CA GLU A 1535 5.86 -54.45 -104.89
C GLU A 1535 5.83 -53.45 -103.73
N LEU A 1536 7.03 -52.95 -103.42
CA LEU A 1536 7.26 -52.10 -102.25
C LEU A 1536 6.26 -50.96 -102.14
N GLU A 1537 5.63 -50.56 -103.25
CA GLU A 1537 4.56 -49.57 -103.18
C GLU A 1537 3.44 -50.03 -102.26
N LYS A 1538 3.18 -51.34 -102.21
CA LYS A 1538 2.14 -51.85 -101.32
C LYS A 1538 2.53 -51.64 -99.85
N SER A 1539 3.79 -51.95 -99.51
CA SER A 1539 4.24 -51.71 -98.14
C SER A 1539 4.25 -50.22 -97.81
N LYS A 1540 4.58 -49.38 -98.80
CA LYS A 1540 4.55 -47.94 -98.59
C LYS A 1540 3.12 -47.46 -98.32
N ARG A 1541 2.15 -47.97 -99.07
CA ARG A 1541 0.76 -47.60 -98.83
C ARG A 1541 0.27 -48.11 -97.49
N THR A 1542 0.73 -49.29 -97.08
CA THR A 1542 0.36 -49.80 -95.75
C THR A 1542 0.93 -48.92 -94.65
N LEU A 1543 2.19 -48.53 -94.77
CA LEU A 1543 2.78 -47.62 -93.78
C LEU A 1543 2.07 -46.27 -93.78
N GLU A 1544 1.66 -45.80 -94.97
CA GLU A 1544 0.93 -44.54 -95.04
C GLU A 1544 -0.42 -44.63 -94.36
N GLN A 1545 -1.12 -45.76 -94.54
CA GLN A 1545 -2.40 -45.95 -93.86
C GLN A 1545 -2.21 -46.02 -92.35
N GLN A 1546 -1.16 -46.71 -91.90
CA GLN A 1546 -0.88 -46.76 -90.47
C GLN A 1546 -0.57 -45.38 -89.91
N VAL A 1547 0.22 -44.60 -90.65
CA VAL A 1547 0.55 -43.24 -90.20
C VAL A 1547 -0.70 -42.37 -90.19
N GLU A 1548 -1.60 -42.57 -91.15
CA GLU A 1548 -2.84 -41.79 -91.18
C GLU A 1548 -3.73 -42.15 -90.00
N GLU A 1549 -3.82 -43.44 -89.66
CA GLU A 1549 -4.59 -43.84 -88.49
C GLU A 1549 -3.99 -43.27 -87.21
N MET A 1550 -2.66 -43.29 -87.10
CA MET A 1550 -2.00 -42.73 -85.93
C MET A 1550 -2.24 -41.23 -85.84
N LYS A 1551 -2.17 -40.53 -86.97
CA LYS A 1551 -2.40 -39.09 -86.98
C LYS A 1551 -3.85 -38.76 -86.61
N THR A 1552 -4.80 -39.58 -87.09
CA THR A 1552 -6.19 -39.36 -86.72
C THR A 1552 -6.40 -39.58 -85.23
N GLN A 1553 -5.81 -40.64 -84.67
CA GLN A 1553 -5.90 -40.87 -83.24
C GLN A 1553 -5.29 -39.71 -82.45
N LEU A 1554 -4.13 -39.23 -82.90
CA LEU A 1554 -3.48 -38.12 -82.22
C LEU A 1554 -4.31 -36.85 -82.30
N GLU A 1555 -4.96 -36.61 -83.45
CA GLU A 1555 -5.79 -35.42 -83.60
C GLU A 1555 -7.03 -35.51 -82.72
N GLU A 1556 -7.64 -36.69 -82.63
CA GLU A 1556 -8.79 -36.86 -81.75
C GLU A 1556 -8.40 -36.65 -80.29
N LEU A 1557 -7.27 -37.24 -79.88
CA LEU A 1557 -6.78 -37.04 -78.52
C LEU A 1557 -6.48 -35.57 -78.25
N GLU A 1558 -5.90 -34.89 -79.23
CA GLU A 1558 -5.58 -33.48 -79.06
C GLU A 1558 -6.84 -32.64 -78.92
N ASP A 1559 -7.86 -32.91 -79.75
CA ASP A 1559 -9.11 -32.17 -79.64
C ASP A 1559 -9.78 -32.41 -78.29
N GLU A 1560 -9.82 -33.66 -77.84
CA GLU A 1560 -10.44 -33.97 -76.56
C GLU A 1560 -9.68 -33.30 -75.42
N LEU A 1561 -8.35 -33.42 -75.42
CA LEU A 1561 -7.55 -32.79 -74.36
C LEU A 1561 -7.66 -31.28 -74.40
N GLN A 1562 -7.79 -30.70 -75.59
CA GLN A 1562 -7.93 -29.25 -75.69
C GLN A 1562 -9.27 -28.79 -75.14
N ALA A 1563 -10.34 -29.51 -75.46
CA ALA A 1563 -11.65 -29.18 -74.87
C ALA A 1563 -11.60 -29.31 -73.35
N ALA A 1564 -11.00 -30.39 -72.85
CA ALA A 1564 -10.92 -30.57 -71.40
C ALA A 1564 -10.09 -29.48 -70.75
N GLU A 1565 -8.97 -29.11 -71.37
CA GLU A 1565 -8.11 -28.08 -70.79
C GLU A 1565 -8.77 -26.71 -70.85
N ASP A 1566 -9.53 -26.44 -71.91
CA ASP A 1566 -10.28 -25.19 -71.97
C ASP A 1566 -11.34 -25.12 -70.87
N ALA A 1567 -12.06 -26.22 -70.66
CA ALA A 1567 -13.04 -26.27 -69.58
C ALA A 1567 -12.36 -26.06 -68.22
N LYS A 1568 -11.22 -26.73 -68.01
CA LYS A 1568 -10.52 -26.61 -66.74
C LYS A 1568 -10.00 -25.20 -66.53
N LEU A 1569 -9.46 -24.57 -67.58
CA LEU A 1569 -8.96 -23.21 -67.45
C LEU A 1569 -10.09 -22.22 -67.20
N ARG A 1570 -11.24 -22.42 -67.85
CA ARG A 1570 -12.39 -21.56 -67.58
C ARG A 1570 -12.84 -21.71 -66.13
N LEU A 1571 -12.94 -22.96 -65.65
CA LEU A 1571 -13.35 -23.18 -64.27
C LEU A 1571 -12.36 -22.56 -63.30
N GLU A 1572 -11.06 -22.66 -63.60
CA GLU A 1572 -10.05 -22.13 -62.69
C GLU A 1572 -10.06 -20.61 -62.68
N VAL A 1573 -10.25 -19.99 -63.84
CA VAL A 1573 -10.34 -18.53 -63.89
C VAL A 1573 -11.57 -18.06 -63.14
N ASN A 1574 -12.69 -18.76 -63.30
CA ASN A 1574 -13.90 -18.40 -62.57
C ASN A 1574 -13.70 -18.55 -61.06
N MET A 1575 -13.03 -19.63 -60.64
CA MET A 1575 -12.78 -19.83 -59.23
C MET A 1575 -11.84 -18.77 -58.67
N GLN A 1576 -10.83 -18.37 -59.45
CA GLN A 1576 -9.92 -17.32 -59.00
C GLN A 1576 -10.65 -15.98 -58.89
N ALA A 1577 -11.52 -15.67 -59.85
CA ALA A 1577 -12.31 -14.45 -59.77
C ALA A 1577 -13.23 -14.47 -58.56
N MET A 1578 -13.89 -15.61 -58.31
CA MET A 1578 -14.76 -15.73 -57.16
C MET A 1578 -13.98 -15.60 -55.85
N LYS A 1579 -12.76 -16.14 -55.82
CA LYS A 1579 -11.94 -16.03 -54.62
C LYS A 1579 -11.49 -14.59 -54.39
N SER A 1580 -11.13 -13.88 -55.45
CA SER A 1580 -10.76 -12.47 -55.30
C SER A 1580 -11.96 -11.64 -54.84
N GLN A 1581 -13.14 -11.91 -55.39
CA GLN A 1581 -14.33 -11.19 -54.96
C GLN A 1581 -14.66 -11.49 -53.50
N PHE A 1582 -14.54 -12.76 -53.09
CA PHE A 1582 -14.79 -13.13 -51.71
C PHE A 1582 -13.76 -12.50 -50.78
N GLU A 1583 -12.51 -12.38 -51.22
CA GLU A 1583 -11.49 -11.74 -50.39
C GLU A 1583 -11.77 -10.25 -50.23
N ARG A 1584 -12.17 -9.59 -51.32
CA ARG A 1584 -12.55 -8.19 -51.21
C ARG A 1584 -13.76 -8.02 -50.29
N ASP A 1585 -14.74 -8.91 -50.40
CA ASP A 1585 -15.90 -8.85 -49.53
C ASP A 1585 -15.52 -9.10 -48.08
N LEU A 1586 -14.58 -10.01 -47.83
CA LEU A 1586 -14.13 -10.27 -46.48
C LEU A 1586 -13.38 -9.07 -45.91
N GLN A 1587 -12.59 -8.38 -46.74
CA GLN A 1587 -11.92 -7.18 -46.28
C GLN A 1587 -12.92 -6.08 -45.94
N ALA A 1588 -13.92 -5.88 -46.79
CA ALA A 1588 -14.95 -4.89 -46.50
C ALA A 1588 -15.72 -5.26 -45.24
N ARG A 1589 -16.01 -6.55 -45.05
CA ARG A 1589 -16.73 -7.00 -43.86
C ARG A 1589 -15.87 -6.82 -42.62
N ASP A 1590 -14.56 -7.02 -42.74
CA ASP A 1590 -13.67 -6.79 -41.60
C ASP A 1590 -13.60 -5.31 -41.25
N GLU A 1591 -13.59 -4.44 -42.25
CA GLU A 1591 -13.63 -3.00 -41.97
C GLU A 1591 -14.93 -2.62 -41.30
N GLN A 1592 -16.06 -3.16 -41.78
CA GLN A 1592 -17.34 -2.88 -41.16
C GLN A 1592 -17.39 -3.41 -39.72
N ASN A 1593 -16.78 -4.57 -39.49
CA ASN A 1593 -16.76 -5.14 -38.13
C ASN A 1593 -15.88 -4.30 -37.21
N GLU A 1594 -14.77 -3.77 -37.72
CA GLU A 1594 -13.95 -2.88 -36.91
C GLU A 1594 -14.71 -1.61 -36.57
N GLU A 1595 -15.44 -1.05 -37.54
CA GLU A 1595 -16.28 0.11 -37.25
C GLU A 1595 -17.33 -0.21 -36.21
N LYS A 1596 -17.96 -1.38 -36.31
CA LYS A 1596 -19.00 -1.76 -35.36
C LYS A 1596 -18.42 -1.98 -33.97
N ARG A 1597 -17.23 -2.56 -33.88
CA ARG A 1597 -16.59 -2.76 -32.58
C ARG A 1597 -16.19 -1.43 -31.96
N ARG A 1598 -15.73 -0.48 -32.79
CA ARG A 1598 -15.43 0.86 -32.29
C ARG A 1598 -16.70 1.54 -31.78
N GLN A 1599 -17.80 1.38 -32.51
CA GLN A 1599 -19.07 1.96 -32.06
C GLN A 1599 -19.52 1.33 -30.74
N LEU A 1600 -19.35 0.01 -30.60
CA LEU A 1600 -19.72 -0.65 -29.36
C LEU A 1600 -18.85 -0.18 -28.20
N LEU A 1601 -17.54 0.00 -28.45
CA LEU A 1601 -16.66 0.49 -27.41
C LEU A 1601 -17.03 1.91 -27.01
N LYS A 1602 -17.39 2.75 -27.98
CA LYS A 1602 -17.83 4.11 -27.67
C LYS A 1602 -19.11 4.11 -26.87
N GLN A 1603 -20.06 3.24 -27.23
CA GLN A 1603 -21.30 3.14 -26.47
C GLN A 1603 -21.03 2.68 -25.05
N LEU A 1604 -20.13 1.71 -24.87
CA LEU A 1604 -19.76 1.26 -23.53
C LEU A 1604 -19.11 2.37 -22.74
N HIS A 1605 -18.25 3.16 -23.37
CA HIS A 1605 -17.60 4.27 -22.68
C HIS A 1605 -18.62 5.32 -22.26
N GLU A 1606 -19.58 5.62 -23.13
CA GLU A 1606 -20.62 6.60 -22.79
C GLU A 1606 -21.50 6.09 -21.65
N HIS A 1607 -21.89 4.82 -21.70
CA HIS A 1607 -22.70 4.26 -20.62
C HIS A 1607 -21.93 4.26 -19.31
N GLU A 1608 -20.63 3.94 -19.35
CA GLU A 1608 -19.83 3.95 -18.14
C GLU A 1608 -19.68 5.36 -17.59
N THR A 1609 -19.50 6.35 -18.47
CA THR A 1609 -19.42 7.73 -18.01
C THR A 1609 -20.71 8.18 -17.35
N GLU A 1610 -21.86 7.83 -17.96
CA GLU A 1610 -23.14 8.19 -17.38
C GLU A 1610 -23.35 7.51 -16.03
N LEU A 1611 -23.00 6.22 -15.94
CA LEU A 1611 -23.13 5.50 -14.68
C LEU A 1611 -22.25 6.10 -13.61
N GLU A 1612 -21.02 6.47 -13.97
CA GLU A 1612 -20.11 7.08 -13.00
C GLU A 1612 -20.62 8.44 -12.55
N ASP A 1613 -21.20 9.21 -13.46
CA ASP A 1613 -21.76 10.51 -13.09
C ASP A 1613 -22.93 10.34 -12.11
N GLU A 1614 -23.85 9.45 -12.43
CA GLU A 1614 -24.98 9.18 -11.54
C GLU A 1614 -24.49 8.65 -10.19
N ARG A 1615 -23.45 7.81 -10.21
CA ARG A 1615 -22.91 7.25 -8.97
C ARG A 1615 -22.30 8.35 -8.11
N LYS A 1616 -21.51 9.24 -8.72
CA LYS A 1616 -20.92 10.34 -7.97
C LYS A 1616 -21.99 11.25 -7.40
N GLN A 1617 -23.05 11.52 -8.18
CA GLN A 1617 -24.14 12.37 -7.68
C GLN A 1617 -24.82 11.71 -6.48
N ARG A 1618 -25.16 10.43 -6.59
CA ARG A 1618 -25.83 9.74 -5.50
C ARG A 1618 -24.93 9.67 -4.26
N ALA A 1619 -23.63 9.45 -4.46
CA ALA A 1619 -22.72 9.38 -3.33
C ALA A 1619 -22.59 10.73 -2.63
N LEU A 1620 -22.45 11.81 -3.41
CA LEU A 1620 -22.40 13.13 -2.82
C LEU A 1620 -23.67 13.46 -2.05
N ALA A 1621 -24.83 13.08 -2.62
CA ALA A 1621 -26.09 13.33 -1.93
C ALA A 1621 -26.15 12.57 -0.61
N ALA A 1622 -25.91 11.25 -0.66
CA ALA A 1622 -26.00 10.43 0.55
C ALA A 1622 -24.93 10.78 1.57
N ALA A 1623 -23.83 11.42 1.15
CA ALA A 1623 -22.82 11.82 2.10
C ALA A 1623 -23.15 13.16 2.75
N ALA A 1624 -23.44 14.17 1.94
CA ALA A 1624 -23.74 15.49 2.47
C ALA A 1624 -25.12 15.58 3.13
N LYS A 1625 -25.97 14.57 2.96
CA LYS A 1625 -27.32 14.59 3.51
C LYS A 1625 -27.49 13.63 4.68
N LYS A 1626 -27.11 12.37 4.52
CA LYS A 1626 -27.42 11.37 5.54
C LYS A 1626 -26.42 11.36 6.68
N LYS A 1627 -25.16 11.73 6.43
CA LYS A 1627 -24.14 11.63 7.47
C LYS A 1627 -24.15 12.84 8.39
N LEU A 1628 -23.90 14.03 7.84
CA LEU A 1628 -23.69 15.20 8.68
C LEU A 1628 -24.97 15.66 9.37
N GLU A 1629 -26.10 15.60 8.66
CA GLU A 1629 -27.37 16.02 9.26
C GLU A 1629 -27.75 15.10 10.41
N VAL A 1630 -27.60 13.79 10.21
CA VAL A 1630 -27.92 12.85 11.29
C VAL A 1630 -26.95 13.01 12.45
N ASP A 1631 -25.68 13.31 12.16
CA ASP A 1631 -24.73 13.54 13.24
C ASP A 1631 -25.10 14.76 14.06
N VAL A 1632 -25.49 15.85 13.38
CA VAL A 1632 -25.89 17.06 14.10
C VAL A 1632 -27.16 16.81 14.91
N LYS A 1633 -28.10 16.04 14.34
CA LYS A 1633 -29.32 15.71 15.07
C LYS A 1633 -29.02 14.89 16.31
N ASP A 1634 -28.12 13.91 16.18
CA ASP A 1634 -27.75 13.09 17.32
C ASP A 1634 -27.04 13.90 18.39
N LEU A 1635 -26.20 14.86 17.97
CA LEU A 1635 -25.52 15.71 18.94
C LEU A 1635 -26.52 16.62 19.67
N GLU A 1636 -27.48 17.18 18.92
CA GLU A 1636 -28.50 18.02 19.56
C GLU A 1636 -29.37 17.21 20.52
N SER A 1637 -29.65 15.95 20.17
CA SER A 1637 -30.44 15.10 21.05
C SER A 1637 -29.63 14.72 22.29
N GLN A 1638 -28.33 14.48 22.13
CA GLN A 1638 -27.48 14.25 23.30
C GLN A 1638 -27.44 15.47 24.21
N VAL A 1639 -27.44 16.67 23.60
CA VAL A 1639 -27.54 17.88 24.40
C VAL A 1639 -28.85 17.90 25.17
N ASP A 1640 -29.97 17.72 24.47
CA ASP A 1640 -31.27 17.75 25.12
C ASP A 1640 -31.38 16.67 26.20
N SER A 1641 -30.63 15.58 26.08
CA SER A 1641 -30.60 14.56 27.12
C SER A 1641 -29.60 14.89 28.22
N VAL A 1642 -28.68 15.83 27.99
CA VAL A 1642 -27.68 16.23 28.97
C VAL A 1642 -27.87 17.68 29.40
N ASN A 1643 -27.93 18.60 28.43
CA ASN A 1643 -28.10 20.01 28.75
C ASN A 1643 -29.47 20.28 29.37
N LYS A 1644 -30.54 19.85 28.69
CA LYS A 1644 -31.88 20.04 29.24
C LYS A 1644 -32.11 19.21 30.50
N ALA A 1645 -31.28 18.18 30.73
CA ALA A 1645 -31.37 17.43 31.98
C ALA A 1645 -30.91 18.26 33.17
N ARG A 1646 -30.13 19.31 32.94
CA ARG A 1646 -29.74 20.20 34.03
C ARG A 1646 -30.95 20.89 34.64
N GLU A 1647 -31.97 21.17 33.83
CA GLU A 1647 -33.21 21.74 34.36
C GLU A 1647 -33.88 20.77 35.32
N GLU A 1648 -33.96 19.49 34.95
CA GLU A 1648 -34.53 18.49 35.84
C GLU A 1648 -33.69 18.33 37.10
N ALA A 1649 -32.37 18.41 36.96
CA ALA A 1649 -31.49 18.31 38.12
C ALA A 1649 -31.72 19.48 39.08
N ILE A 1650 -31.84 20.71 38.55
CA ILE A 1650 -32.09 21.87 39.39
C ILE A 1650 -33.45 21.78 40.04
N LYS A 1651 -34.46 21.28 39.31
CA LYS A 1651 -35.79 21.13 39.89
C LYS A 1651 -35.79 20.10 41.01
N GLN A 1652 -35.08 18.99 40.82
CA GLN A 1652 -34.98 17.98 41.88
C GLN A 1652 -34.23 18.54 43.10
N LEU A 1653 -33.18 19.32 42.85
CA LEU A 1653 -32.45 19.93 43.96
C LEU A 1653 -33.35 20.89 44.74
N ARG A 1654 -34.14 21.70 44.03
CA ARG A 1654 -35.05 22.63 44.71
C ARG A 1654 -36.11 21.87 45.50
N LYS A 1655 -36.64 20.79 44.92
CA LYS A 1655 -37.63 19.99 45.62
C LYS A 1655 -37.05 19.38 46.90
N LEU A 1656 -35.84 18.82 46.80
CA LEU A 1656 -35.21 18.20 47.97
C LEU A 1656 -34.82 19.24 49.01
N GLN A 1657 -34.51 20.46 48.58
CA GLN A 1657 -34.16 21.51 49.53
C GLN A 1657 -35.39 22.11 50.21
N ALA A 1658 -36.53 22.13 49.51
CA ALA A 1658 -37.75 22.69 50.08
C ALA A 1658 -38.55 21.69 50.90
N GLN A 1659 -38.43 20.39 50.62
CA GLN A 1659 -39.21 19.40 51.34
C GLN A 1659 -38.81 19.36 52.81
N MET A 1660 -37.52 19.55 53.11
CA MET A 1660 -37.07 19.54 54.50
C MET A 1660 -37.76 20.65 55.30
N LYS A 1661 -37.75 21.87 54.76
CA LYS A 1661 -38.42 22.98 55.45
C LYS A 1661 -39.92 22.76 55.52
N ASP A 1662 -40.51 22.21 54.45
CA ASP A 1662 -41.94 21.95 54.44
C ASP A 1662 -42.34 20.97 55.54
N TYR A 1663 -41.49 19.98 55.79
CA TYR A 1663 -41.78 19.00 56.84
C TYR A 1663 -41.45 19.54 58.23
N GLN A 1664 -40.45 20.41 58.34
CA GLN A 1664 -40.03 20.89 59.66
C GLN A 1664 -40.95 21.99 60.17
N ARG A 1665 -41.46 22.84 59.28
CA ARG A 1665 -42.29 23.96 59.72
C ARG A 1665 -43.62 23.49 60.31
N ASP A 1666 -44.11 22.32 59.92
CA ASP A 1666 -45.32 21.78 60.54
C ASP A 1666 -45.11 21.50 62.03
N LEU A 1667 -44.03 20.78 62.35
CA LEU A 1667 -43.71 20.52 63.75
C LEU A 1667 -43.37 21.81 64.48
N ASP A 1668 -42.75 22.77 63.78
CA ASP A 1668 -42.48 24.07 64.39
C ASP A 1668 -43.77 24.76 64.80
N ASP A 1669 -44.76 24.77 63.89
CA ASP A 1669 -46.05 25.36 64.21
C ASP A 1669 -46.74 24.62 65.35
N ALA A 1670 -46.63 23.29 65.36
CA ALA A 1670 -47.23 22.51 66.44
C ALA A 1670 -46.62 22.90 67.79
N ARG A 1671 -45.30 22.94 67.87
CA ARG A 1671 -44.63 23.30 69.12
C ARG A 1671 -44.90 24.74 69.52
N ALA A 1672 -45.05 25.64 68.54
CA ALA A 1672 -45.30 27.04 68.86
C ALA A 1672 -46.72 27.24 69.40
N ALA A 1673 -47.71 26.66 68.72
CA ALA A 1673 -49.10 26.75 69.17
C ALA A 1673 -49.41 25.83 70.34
N ARG A 1674 -48.47 24.98 70.75
CA ARG A 1674 -48.68 24.14 71.92
C ARG A 1674 -48.95 24.97 73.16
N GLU A 1675 -48.25 26.10 73.30
CA GLU A 1675 -48.44 26.99 74.44
C GLU A 1675 -49.75 27.76 74.30
N PHE B 4 -23.68 -48.25 -51.99
CA PHE B 4 -24.52 -47.29 -52.71
C PHE B 4 -24.01 -47.07 -54.13
N SER B 5 -23.67 -45.82 -54.44
CA SER B 5 -23.33 -45.42 -55.79
C SER B 5 -21.94 -44.80 -55.85
N GLU B 6 -21.33 -44.90 -57.03
CA GLU B 6 -20.09 -44.20 -57.30
C GLU B 6 -20.28 -42.70 -57.45
N GLU B 7 -21.51 -42.20 -57.32
CA GLU B 7 -21.77 -40.79 -57.57
C GLU B 7 -20.96 -39.92 -56.62
N GLN B 8 -21.01 -40.22 -55.33
CA GLN B 8 -20.25 -39.50 -54.32
C GLN B 8 -19.02 -40.26 -53.85
N THR B 9 -18.78 -41.46 -54.39
CA THR B 9 -17.64 -42.25 -53.98
C THR B 9 -16.31 -41.59 -54.33
N ALA B 10 -16.30 -40.66 -55.28
CA ALA B 10 -15.07 -39.91 -55.56
C ALA B 10 -14.70 -39.02 -54.39
N GLU B 11 -15.65 -38.23 -53.90
CA GLU B 11 -15.43 -37.43 -52.70
C GLU B 11 -15.12 -38.34 -51.52
N PHE B 12 -15.81 -39.48 -51.44
CA PHE B 12 -15.52 -40.44 -50.38
C PHE B 12 -14.06 -40.90 -50.42
N LYS B 13 -13.56 -41.20 -51.61
CA LYS B 13 -12.18 -41.67 -51.76
C LYS B 13 -11.20 -40.57 -51.38
N GLU B 14 -11.41 -39.35 -51.88
CA GLU B 14 -10.46 -38.29 -51.58
C GLU B 14 -10.46 -37.96 -50.11
N ALA B 15 -11.62 -38.02 -49.45
CA ALA B 15 -11.65 -37.79 -48.01
C ALA B 15 -10.98 -38.94 -47.26
N PHE B 16 -11.19 -40.17 -47.71
CA PHE B 16 -10.60 -41.32 -47.04
C PHE B 16 -9.08 -41.27 -47.10
N GLN B 17 -8.54 -41.03 -48.29
CA GLN B 17 -7.09 -40.92 -48.43
C GLN B 17 -6.56 -39.60 -47.89
N LEU B 18 -7.43 -38.62 -47.64
CA LEU B 18 -6.97 -37.34 -47.13
C LEU B 18 -6.43 -37.45 -45.72
N PHE B 19 -7.02 -38.31 -44.90
CA PHE B 19 -6.64 -38.44 -43.50
C PHE B 19 -5.93 -39.76 -43.24
N ASP B 20 -5.08 -40.19 -44.18
CA ASP B 20 -4.28 -41.39 -44.02
C ASP B 20 -2.89 -41.01 -43.54
N ARG B 21 -2.46 -41.61 -42.44
CA ARG B 21 -1.12 -41.37 -41.93
C ARG B 21 -0.06 -42.16 -42.69
N THR B 22 -0.47 -43.16 -43.48
CA THR B 22 0.44 -43.90 -44.33
C THR B 22 0.26 -43.58 -45.81
N GLY B 23 -0.84 -42.94 -46.18
CA GLY B 23 -1.03 -42.51 -47.56
C GLY B 23 -1.32 -43.62 -48.54
N ASP B 24 -1.98 -44.69 -48.10
CA ASP B 24 -2.31 -45.80 -48.99
C ASP B 24 -3.76 -46.23 -48.94
N GLY B 25 -4.49 -45.94 -47.87
CA GLY B 25 -5.86 -46.40 -47.75
C GLY B 25 -6.12 -47.16 -46.46
N LYS B 26 -5.23 -46.97 -45.49
CA LYS B 26 -5.36 -47.61 -44.17
C LYS B 26 -5.42 -46.51 -43.12
N ILE B 27 -6.59 -46.34 -42.51
CA ILE B 27 -6.85 -45.26 -41.56
C ILE B 27 -7.39 -45.87 -40.28
N LEU B 28 -6.87 -45.40 -39.14
CA LEU B 28 -7.18 -45.98 -37.85
C LEU B 28 -8.70 -45.95 -37.58
N TYR B 29 -9.12 -46.86 -36.70
CA TYR B 29 -10.55 -47.02 -36.43
C TYR B 29 -11.15 -45.77 -35.82
N SER B 30 -10.48 -45.20 -34.81
CA SER B 30 -10.90 -43.90 -34.28
C SER B 30 -10.94 -42.86 -35.38
N GLN B 31 -9.90 -42.82 -36.21
CA GLN B 31 -9.82 -41.82 -37.27
C GLN B 31 -10.91 -42.04 -38.31
N CYS B 32 -11.20 -43.30 -38.66
CA CYS B 32 -12.21 -43.51 -39.69
C CYS B 32 -13.61 -43.22 -39.16
N GLY B 33 -13.85 -43.49 -37.88
CA GLY B 33 -15.09 -43.04 -37.27
C GLY B 33 -15.20 -41.52 -37.26
N ASP B 34 -14.09 -40.84 -36.99
CA ASP B 34 -14.09 -39.38 -37.03
C ASP B 34 -14.40 -38.88 -38.44
N VAL B 35 -13.84 -39.52 -39.46
CA VAL B 35 -14.15 -39.16 -40.83
C VAL B 35 -15.63 -39.39 -41.13
N MET B 36 -16.16 -40.54 -40.70
CA MET B 36 -17.58 -40.82 -40.88
C MET B 36 -18.43 -39.71 -40.29
N ARG B 37 -18.12 -39.32 -39.04
CA ARG B 37 -18.86 -38.22 -38.42
C ARG B 37 -18.70 -36.93 -39.21
N ALA B 38 -17.50 -36.67 -39.73
CA ALA B 38 -17.28 -35.50 -40.56
C ALA B 38 -18.05 -35.58 -41.87
N LEU B 39 -18.50 -36.76 -42.27
CA LEU B 39 -19.26 -36.96 -43.49
C LEU B 39 -20.76 -36.82 -43.26
N GLY B 40 -21.18 -36.08 -42.25
CA GLY B 40 -22.59 -35.95 -41.93
C GLY B 40 -23.11 -37.11 -41.10
N GLN B 41 -22.68 -38.32 -41.43
CA GLN B 41 -23.11 -39.51 -40.71
C GLN B 41 -22.38 -39.61 -39.38
N ASN B 42 -22.97 -39.05 -38.33
CA ASN B 42 -22.36 -38.96 -37.00
C ASN B 42 -23.16 -39.76 -35.98
N PRO B 43 -22.93 -41.07 -35.91
CA PRO B 43 -23.60 -41.89 -34.91
C PRO B 43 -22.76 -41.97 -33.64
N THR B 44 -23.37 -42.51 -32.59
CA THR B 44 -22.67 -42.72 -31.34
C THR B 44 -21.65 -43.83 -31.50
N ASN B 45 -20.53 -43.71 -30.78
CA ASN B 45 -19.47 -44.70 -30.86
C ASN B 45 -19.96 -46.10 -30.48
N ALA B 46 -21.09 -46.19 -29.79
CA ALA B 46 -21.66 -47.49 -29.45
C ALA B 46 -21.94 -48.32 -30.70
N GLU B 47 -22.83 -47.81 -31.56
CA GLU B 47 -23.13 -48.54 -32.80
C GLU B 47 -21.91 -48.61 -33.71
N VAL B 48 -20.98 -47.66 -33.59
CA VAL B 48 -19.74 -47.73 -34.34
C VAL B 48 -18.99 -49.01 -33.99
N MET B 49 -18.70 -49.21 -32.70
CA MET B 49 -18.06 -50.45 -32.28
C MET B 49 -18.92 -51.65 -32.61
N LYS B 50 -20.24 -51.52 -32.51
CA LYS B 50 -21.13 -52.62 -32.87
C LYS B 50 -20.90 -53.07 -34.30
N VAL B 51 -20.76 -52.12 -35.24
CA VAL B 51 -20.45 -52.47 -36.62
C VAL B 51 -18.95 -52.54 -36.88
N LEU B 52 -18.11 -52.19 -35.90
CA LEU B 52 -16.67 -52.36 -35.99
C LEU B 52 -16.23 -53.75 -35.54
N GLY B 53 -17.12 -54.73 -35.56
CA GLY B 53 -16.78 -56.04 -35.07
C GLY B 53 -16.65 -56.13 -33.57
N ASN B 54 -17.15 -55.12 -32.85
CA ASN B 54 -17.04 -55.05 -31.39
C ASN B 54 -15.59 -55.21 -30.93
N PRO B 55 -14.70 -54.29 -31.31
CA PRO B 55 -13.31 -54.41 -30.88
C PRO B 55 -13.10 -53.79 -29.52
N LYS B 56 -11.87 -53.78 -29.03
CA LYS B 56 -11.53 -53.09 -27.81
C LYS B 56 -10.67 -51.87 -28.14
N SER B 57 -10.48 -51.01 -27.13
CA SER B 57 -9.77 -49.75 -27.35
C SER B 57 -8.39 -49.98 -27.96
N ASP B 58 -7.70 -51.03 -27.51
CA ASP B 58 -6.39 -51.33 -28.08
C ASP B 58 -6.50 -51.61 -29.58
N GLU B 59 -7.45 -52.46 -29.97
CA GLU B 59 -7.63 -52.76 -31.38
C GLU B 59 -8.06 -51.51 -32.14
N MET B 60 -8.86 -50.65 -31.52
CA MET B 60 -9.27 -49.42 -32.19
C MET B 60 -8.08 -48.49 -32.45
N ASN B 61 -7.10 -48.47 -31.55
CA ASN B 61 -5.96 -47.59 -31.74
C ASN B 61 -4.79 -48.26 -32.46
N LEU B 62 -4.85 -49.58 -32.69
CA LEU B 62 -3.81 -50.26 -33.46
C LEU B 62 -4.25 -50.68 -34.85
N LYS B 63 -5.51 -51.05 -35.03
CA LYS B 63 -5.99 -51.62 -36.28
C LYS B 63 -6.67 -50.54 -37.11
N THR B 64 -6.23 -50.40 -38.36
CA THR B 64 -6.80 -49.46 -39.31
C THR B 64 -7.78 -50.20 -40.22
N LEU B 65 -8.27 -49.52 -41.25
CA LEU B 65 -9.26 -50.09 -42.16
C LEU B 65 -8.94 -49.69 -43.60
N ASN B 66 -9.18 -50.61 -44.52
CA ASN B 66 -9.08 -50.31 -45.94
C ASN B 66 -10.32 -49.56 -46.40
N PHE B 67 -10.25 -49.05 -47.63
CA PHE B 67 -11.41 -48.39 -48.22
C PHE B 67 -12.45 -49.38 -48.70
N GLU B 68 -12.07 -50.64 -48.94
CA GLU B 68 -13.03 -51.64 -49.38
C GLU B 68 -14.10 -51.89 -48.31
N GLN B 69 -13.67 -52.26 -47.11
CA GLN B 69 -14.61 -52.46 -46.01
C GLN B 69 -15.24 -51.17 -45.54
N PHE B 70 -14.73 -50.02 -45.97
CA PHE B 70 -15.32 -48.75 -45.56
C PHE B 70 -16.68 -48.55 -46.21
N LEU B 71 -16.91 -49.14 -47.39
CA LEU B 71 -18.21 -48.98 -48.05
C LEU B 71 -19.31 -49.69 -47.28
N PRO B 72 -19.22 -51.00 -46.98
CA PRO B 72 -20.26 -51.60 -46.13
C PRO B 72 -20.37 -50.94 -44.78
N MET B 73 -19.32 -50.29 -44.31
CA MET B 73 -19.36 -49.68 -42.99
C MET B 73 -20.29 -48.48 -42.99
N MET B 74 -20.09 -47.55 -43.93
CA MET B 74 -21.03 -46.46 -44.10
C MET B 74 -22.39 -46.96 -44.58
N GLN B 75 -22.45 -48.15 -45.18
CA GLN B 75 -23.75 -48.74 -45.50
C GLN B 75 -24.53 -49.04 -44.23
N THR B 76 -23.90 -49.73 -43.29
CA THR B 76 -24.53 -49.98 -41.99
C THR B 76 -24.85 -48.67 -41.28
N ILE B 77 -23.98 -47.67 -41.43
CA ILE B 77 -24.27 -46.37 -40.82
C ILE B 77 -25.52 -45.76 -41.41
N ALA B 78 -25.69 -45.89 -42.73
CA ALA B 78 -26.88 -45.39 -43.41
C ALA B 78 -28.13 -46.16 -43.04
N LYS B 79 -27.98 -47.35 -42.43
CA LYS B 79 -29.14 -48.10 -41.99
C LYS B 79 -29.83 -47.47 -40.80
N ASN B 80 -29.16 -46.55 -40.10
CA ASN B 80 -29.83 -45.78 -39.05
C ASN B 80 -30.94 -44.94 -39.65
N LYS B 81 -30.66 -44.30 -40.79
CA LYS B 81 -31.62 -43.57 -41.61
C LYS B 81 -32.17 -42.33 -40.90
N ASP B 82 -31.76 -42.08 -39.66
CA ASP B 82 -32.21 -40.93 -38.90
C ASP B 82 -31.44 -40.88 -37.58
N GLN B 83 -31.43 -39.70 -36.97
CA GLN B 83 -30.79 -39.50 -35.67
C GLN B 83 -31.74 -38.70 -34.79
N GLY B 84 -31.24 -38.22 -33.66
CA GLY B 84 -32.06 -37.41 -32.78
C GLY B 84 -32.53 -36.13 -33.46
N CYS B 85 -33.80 -35.82 -33.27
CA CYS B 85 -34.43 -34.73 -33.99
C CYS B 85 -34.11 -33.38 -33.35
N PHE B 86 -34.41 -32.32 -34.09
CA PHE B 86 -34.14 -30.97 -33.61
C PHE B 86 -35.06 -30.56 -32.49
N GLU B 87 -36.35 -30.93 -32.60
CA GLU B 87 -37.30 -30.59 -31.55
C GLU B 87 -36.93 -31.27 -30.24
N ASP B 88 -36.40 -32.49 -30.31
CA ASP B 88 -35.82 -33.14 -29.14
C ASP B 88 -34.86 -32.21 -28.42
N TYR B 89 -33.83 -31.76 -29.14
CA TYR B 89 -32.78 -30.98 -28.50
C TYR B 89 -33.30 -29.67 -27.97
N VAL B 90 -34.14 -28.97 -28.74
CA VAL B 90 -34.60 -27.68 -28.27
C VAL B 90 -35.48 -27.84 -27.02
N GLU B 91 -36.40 -28.81 -27.02
CA GLU B 91 -37.28 -28.96 -25.87
C GLU B 91 -36.52 -29.48 -24.66
N GLY B 92 -35.57 -30.39 -24.87
CA GLY B 92 -34.80 -30.91 -23.75
C GLY B 92 -33.92 -29.87 -23.11
N LEU B 93 -33.30 -29.01 -23.94
CA LEU B 93 -32.50 -27.92 -23.39
C LEU B 93 -33.38 -26.87 -22.73
N ARG B 94 -34.57 -26.62 -23.29
CA ARG B 94 -35.48 -25.66 -22.70
C ARG B 94 -35.94 -26.13 -21.32
N VAL B 95 -36.29 -27.42 -21.19
CA VAL B 95 -36.70 -27.97 -19.91
C VAL B 95 -35.52 -28.28 -19.01
N PHE B 96 -34.29 -28.21 -19.54
CA PHE B 96 -33.11 -28.44 -18.73
C PHE B 96 -32.71 -27.19 -17.94
N ASP B 97 -33.07 -26.00 -18.41
CA ASP B 97 -32.76 -24.78 -17.69
C ASP B 97 -33.57 -24.72 -16.40
N LYS B 98 -33.20 -23.78 -15.53
CA LYS B 98 -33.82 -23.67 -14.22
C LYS B 98 -35.07 -22.82 -14.20
N GLU B 99 -35.17 -21.83 -15.09
CA GLU B 99 -36.28 -20.89 -15.04
C GLU B 99 -36.94 -20.60 -16.38
N GLY B 100 -36.50 -21.24 -17.46
CA GLY B 100 -37.10 -20.97 -18.76
C GLY B 100 -36.91 -19.54 -19.22
N ASN B 101 -35.67 -19.06 -19.21
CA ASN B 101 -35.36 -17.67 -19.52
C ASN B 101 -34.75 -17.55 -20.93
N GLY B 102 -35.30 -18.31 -21.89
CA GLY B 102 -34.82 -18.27 -23.25
C GLY B 102 -33.41 -18.78 -23.46
N THR B 103 -32.69 -19.13 -22.39
CA THR B 103 -31.30 -19.52 -22.47
C THR B 103 -31.05 -20.66 -21.49
N VAL B 104 -29.80 -21.13 -21.46
CA VAL B 104 -29.38 -22.19 -20.57
C VAL B 104 -28.01 -21.84 -20.01
N MET B 105 -27.83 -22.05 -18.71
CA MET B 105 -26.56 -21.72 -18.07
C MET B 105 -25.43 -22.55 -18.68
N GLY B 106 -24.23 -21.98 -18.66
CA GLY B 106 -23.11 -22.59 -19.35
C GLY B 106 -22.41 -23.70 -18.59
N ALA B 107 -22.02 -23.42 -17.33
CA ALA B 107 -21.24 -24.39 -16.57
C ALA B 107 -22.01 -25.69 -16.38
N GLU B 108 -23.32 -25.59 -16.11
CA GLU B 108 -24.13 -26.79 -15.99
C GLU B 108 -24.12 -27.58 -17.29
N ILE B 109 -24.18 -26.89 -18.43
CA ILE B 109 -24.16 -27.58 -19.71
C ILE B 109 -22.84 -28.31 -19.90
N ARG B 110 -21.73 -27.61 -19.63
CA ARG B 110 -20.41 -28.24 -19.76
C ARG B 110 -20.34 -29.49 -18.89
N HIS B 111 -20.80 -29.38 -17.63
CA HIS B 111 -20.70 -30.51 -16.72
C HIS B 111 -21.55 -31.68 -17.19
N VAL B 112 -22.81 -31.43 -17.52
CA VAL B 112 -23.74 -32.50 -17.88
C VAL B 112 -23.43 -33.00 -19.28
N LEU B 113 -22.51 -32.34 -19.98
CA LEU B 113 -22.07 -32.87 -21.26
C LEU B 113 -20.85 -33.75 -21.12
N VAL B 114 -19.88 -33.34 -20.29
CA VAL B 114 -18.68 -34.17 -20.10
C VAL B 114 -18.90 -35.31 -19.12
N THR B 115 -19.99 -35.27 -18.35
CA THR B 115 -20.21 -36.24 -17.28
C THR B 115 -21.56 -36.93 -17.44
N LEU B 116 -21.98 -37.19 -18.67
CA LEU B 116 -23.24 -37.88 -18.89
C LEU B 116 -23.17 -38.70 -20.17
N GLY B 117 -23.66 -39.93 -20.11
CA GLY B 117 -23.75 -40.80 -21.27
C GLY B 117 -22.43 -40.97 -21.99
N GLU B 118 -22.35 -40.46 -23.21
CA GLU B 118 -21.09 -40.46 -23.94
C GLU B 118 -20.16 -39.43 -23.33
N LYS B 119 -18.93 -39.86 -23.03
CA LYS B 119 -17.97 -38.99 -22.37
C LYS B 119 -17.13 -38.25 -23.39
N MET B 120 -16.96 -36.95 -23.17
CA MET B 120 -16.10 -36.13 -24.00
C MET B 120 -15.19 -35.30 -23.10
N THR B 121 -14.05 -34.90 -23.64
CA THR B 121 -13.12 -34.09 -22.87
C THR B 121 -13.70 -32.69 -22.67
N GLU B 122 -13.07 -31.95 -21.74
CA GLU B 122 -13.59 -30.64 -21.40
C GLU B 122 -13.39 -29.64 -22.53
N GLU B 123 -12.25 -29.70 -23.20
CA GLU B 123 -11.99 -28.77 -24.29
C GLU B 123 -12.92 -29.01 -25.47
N GLU B 124 -13.40 -30.24 -25.65
CA GLU B 124 -14.38 -30.52 -26.71
C GLU B 124 -15.59 -29.62 -26.54
N VAL B 125 -16.31 -29.76 -25.42
CA VAL B 125 -17.47 -28.92 -25.19
C VAL B 125 -17.07 -27.47 -25.00
N GLU B 126 -15.81 -27.21 -24.63
CA GLU B 126 -15.36 -25.83 -24.45
C GLU B 126 -15.34 -25.09 -25.78
N GLN B 127 -14.58 -25.60 -26.75
CA GLN B 127 -14.60 -25.02 -28.08
C GLN B 127 -15.95 -25.19 -28.76
N LEU B 128 -16.79 -26.11 -28.27
CA LEU B 128 -18.16 -26.15 -28.75
C LEU B 128 -18.90 -24.88 -28.34
N VAL B 129 -18.89 -24.56 -27.05
CA VAL B 129 -19.59 -23.38 -26.55
C VAL B 129 -18.78 -22.10 -26.77
N ALA B 130 -17.50 -22.23 -27.09
CA ALA B 130 -16.65 -21.06 -27.26
C ALA B 130 -17.23 -20.11 -28.30
N GLY B 131 -17.09 -18.81 -28.03
CA GLY B 131 -17.62 -17.76 -28.89
C GLY B 131 -19.02 -17.32 -28.55
N HIS B 132 -19.85 -18.25 -28.08
CA HIS B 132 -21.23 -17.94 -27.73
C HIS B 132 -21.41 -17.51 -26.28
N GLU B 133 -20.32 -17.39 -25.53
CA GLU B 133 -20.41 -17.07 -24.11
C GLU B 133 -20.99 -15.68 -23.91
N ASP B 134 -21.52 -15.45 -22.71
CA ASP B 134 -22.08 -14.16 -22.34
C ASP B 134 -21.83 -13.91 -20.86
N SER B 135 -21.96 -12.64 -20.46
CA SER B 135 -21.76 -12.29 -19.06
C SER B 135 -22.78 -12.96 -18.16
N ASN B 136 -23.98 -13.22 -18.67
CA ASN B 136 -25.00 -13.92 -17.89
C ASN B 136 -24.68 -15.40 -17.74
N GLY B 137 -23.74 -15.94 -18.51
CA GLY B 137 -23.48 -17.36 -18.52
C GLY B 137 -24.59 -18.21 -19.09
N CYS B 138 -25.67 -17.59 -19.58
CA CYS B 138 -26.82 -18.30 -20.12
C CYS B 138 -26.82 -18.10 -21.64
N ILE B 139 -26.43 -19.13 -22.36
CA ILE B 139 -26.33 -19.11 -23.81
C ILE B 139 -27.68 -19.46 -24.40
N ASN B 140 -28.01 -18.83 -25.53
CA ASN B 140 -29.20 -19.19 -26.28
C ASN B 140 -28.98 -20.56 -26.90
N TYR B 141 -29.62 -21.58 -26.33
CA TYR B 141 -29.44 -22.95 -26.82
C TYR B 141 -29.92 -23.09 -28.25
N GLU B 142 -30.89 -22.27 -28.67
CA GLU B 142 -31.50 -22.44 -29.98
C GLU B 142 -30.50 -22.22 -31.11
N GLU B 143 -29.78 -21.09 -31.06
CA GLU B 143 -28.85 -20.78 -32.14
C GLU B 143 -27.74 -21.83 -32.23
N LEU B 144 -27.20 -22.26 -31.07
CA LEU B 144 -26.11 -23.23 -31.11
C LEU B 144 -26.61 -24.58 -31.57
N VAL B 145 -27.81 -24.99 -31.15
CA VAL B 145 -28.29 -26.31 -31.55
C VAL B 145 -28.63 -26.33 -33.03
N ARG B 146 -29.17 -25.23 -33.57
CA ARG B 146 -29.44 -25.21 -35.00
C ARG B 146 -28.15 -25.09 -35.80
N MET B 147 -27.14 -24.43 -35.26
CA MET B 147 -25.84 -24.40 -35.93
C MET B 147 -25.21 -25.79 -35.96
N VAL B 148 -25.32 -26.54 -34.86
CA VAL B 148 -24.76 -27.89 -34.83
C VAL B 148 -25.53 -28.81 -35.76
N LEU B 149 -26.86 -28.71 -35.76
CA LEU B 149 -27.68 -29.56 -36.62
C LEU B 149 -27.40 -29.28 -38.09
N SER B 150 -27.49 -28.00 -38.48
CA SER B 150 -27.22 -27.64 -39.86
C SER B 150 -25.75 -27.79 -40.21
N GLY B 151 -24.87 -27.63 -39.23
CA GLY B 151 -23.44 -27.75 -39.46
C GLY B 151 -22.87 -29.08 -39.02
N PHE C 26 7.20 -17.52 -65.10
CA PHE C 26 7.30 -16.17 -65.64
C PHE C 26 6.70 -15.14 -64.67
N ASP C 27 7.50 -14.13 -64.33
CA ASP C 27 7.04 -13.06 -63.46
C ASP C 27 7.80 -11.78 -63.83
N GLN C 28 7.07 -10.67 -63.91
CA GLN C 28 7.69 -9.42 -64.34
C GLN C 28 8.87 -9.05 -63.45
N SER C 29 8.65 -9.02 -62.14
CA SER C 29 9.72 -8.65 -61.22
C SER C 29 10.90 -9.60 -61.37
N GLN C 30 10.63 -10.91 -61.44
CA GLN C 30 11.73 -11.87 -61.53
C GLN C 30 12.51 -11.71 -62.82
N ILE C 31 11.82 -11.57 -63.95
CA ILE C 31 12.53 -11.48 -65.22
C ILE C 31 13.31 -10.17 -65.30
N GLN C 32 12.74 -9.09 -64.77
CA GLN C 32 13.41 -7.81 -64.84
C GLN C 32 14.67 -7.81 -63.97
N GLU C 33 14.59 -8.40 -62.77
CA GLU C 33 15.79 -8.43 -61.93
C GLU C 33 16.82 -9.40 -62.48
N PHE C 34 16.40 -10.50 -63.10
CA PHE C 34 17.36 -11.42 -63.70
C PHE C 34 18.12 -10.75 -64.83
N LYS C 35 17.40 -10.10 -65.74
CA LYS C 35 18.08 -9.42 -66.84
C LYS C 35 18.90 -8.25 -66.35
N GLU C 36 18.46 -7.58 -65.28
CA GLU C 36 19.26 -6.52 -64.68
C GLU C 36 20.60 -7.06 -64.21
N ALA C 37 20.57 -8.11 -63.37
CA ALA C 37 21.80 -8.69 -62.86
C ALA C 37 22.67 -9.23 -63.99
N PHE C 38 22.04 -9.71 -65.07
CA PHE C 38 22.80 -10.24 -66.20
C PHE C 38 23.54 -9.14 -66.94
N ASN C 39 22.83 -8.07 -67.32
CA ASN C 39 23.49 -6.99 -68.02
C ASN C 39 24.49 -6.27 -67.12
N MET C 40 24.34 -6.37 -65.80
CA MET C 40 25.37 -5.88 -64.91
C MET C 40 26.59 -6.80 -64.87
N ILE C 41 26.38 -8.12 -64.98
CA ILE C 41 27.51 -9.04 -64.94
C ILE C 41 28.11 -9.27 -66.33
N ASP C 42 27.36 -9.02 -67.40
CA ASP C 42 27.89 -9.15 -68.75
C ASP C 42 28.79 -7.95 -69.02
N GLN C 43 30.01 -8.03 -68.46
CA GLN C 43 30.96 -6.93 -68.56
C GLN C 43 31.38 -6.63 -70.00
N ASN C 44 31.04 -7.50 -70.95
CA ASN C 44 31.28 -7.23 -72.36
C ASN C 44 30.03 -6.70 -73.07
N ARG C 45 28.87 -6.72 -72.41
CA ARG C 45 27.62 -6.22 -72.96
C ARG C 45 27.27 -6.86 -74.31
N ASP C 46 27.80 -8.05 -74.57
CA ASP C 46 27.52 -8.76 -75.81
C ASP C 46 26.33 -9.71 -75.69
N GLY C 47 25.71 -9.79 -74.52
CA GLY C 47 24.69 -10.78 -74.29
C GLY C 47 25.20 -12.19 -74.14
N PHE C 48 26.51 -12.40 -74.27
CA PHE C 48 27.12 -13.72 -74.16
C PHE C 48 27.94 -13.77 -72.88
N ILE C 49 27.53 -14.61 -71.95
CA ILE C 49 28.25 -14.79 -70.70
C ILE C 49 29.43 -15.72 -70.95
N ASP C 50 30.63 -15.25 -70.65
CA ASP C 50 31.84 -16.04 -70.85
C ASP C 50 32.61 -16.10 -69.54
N LYS C 51 33.71 -16.87 -69.54
CA LYS C 51 34.50 -17.06 -68.33
C LYS C 51 34.98 -15.73 -67.78
N GLU C 52 35.25 -14.76 -68.65
CA GLU C 52 35.75 -13.46 -68.21
C GLU C 52 34.82 -12.81 -67.18
N ASP C 53 33.51 -12.81 -67.47
CA ASP C 53 32.57 -12.04 -66.65
C ASP C 53 32.52 -12.57 -65.23
N LEU C 54 32.07 -13.81 -65.05
CA LEU C 54 31.99 -14.35 -63.69
C LEU C 54 33.36 -14.48 -63.05
N HIS C 55 34.40 -14.73 -63.86
CA HIS C 55 35.74 -14.86 -63.30
C HIS C 55 36.18 -13.56 -62.62
N ASP C 56 36.14 -12.45 -63.36
CA ASP C 56 36.58 -11.19 -62.76
C ASP C 56 35.60 -10.71 -61.69
N MET C 57 34.32 -11.08 -61.82
CA MET C 57 33.36 -10.70 -60.78
C MET C 57 33.70 -11.39 -59.45
N LEU C 58 33.95 -12.69 -59.48
CA LEU C 58 34.32 -13.38 -58.24
C LEU C 58 35.72 -12.98 -57.78
N ALA C 59 36.60 -12.59 -58.71
CA ALA C 59 37.90 -12.09 -58.31
C ALA C 59 37.77 -10.79 -57.52
N SER C 60 36.92 -9.87 -58.01
CA SER C 60 36.62 -8.66 -57.24
C SER C 60 35.92 -9.00 -55.93
N MET C 61 35.11 -10.07 -55.93
CA MET C 61 34.46 -10.52 -54.70
C MET C 61 35.46 -11.21 -53.78
N GLY C 62 36.32 -12.06 -54.32
CA GLY C 62 37.28 -12.78 -53.51
C GLY C 62 38.11 -13.77 -54.32
N LYS C 63 38.23 -14.99 -53.80
CA LYS C 63 39.00 -16.02 -54.49
C LYS C 63 38.42 -16.28 -55.87
N ASN C 64 39.29 -16.30 -56.88
CA ASN C 64 38.84 -16.55 -58.24
C ASN C 64 38.27 -17.97 -58.35
N PRO C 65 37.26 -18.16 -59.19
CA PRO C 65 36.66 -19.50 -59.33
C PRO C 65 37.51 -20.38 -60.24
N THR C 66 37.64 -21.64 -59.83
CA THR C 66 38.37 -22.61 -60.63
C THR C 66 37.65 -22.83 -61.96
N ASP C 67 38.41 -22.79 -63.05
CA ASP C 67 37.81 -22.78 -64.38
C ASP C 67 36.96 -24.01 -64.66
N GLU C 68 37.17 -25.10 -63.93
CA GLU C 68 36.28 -26.26 -64.07
C GLU C 68 34.86 -25.93 -63.59
N TYR C 69 34.75 -25.14 -62.52
CA TYR C 69 33.45 -24.66 -62.09
C TYR C 69 32.79 -23.83 -63.17
N LEU C 70 33.58 -22.94 -63.80
CA LEU C 70 33.04 -22.12 -64.88
C LEU C 70 32.56 -22.96 -66.04
N GLU C 71 33.34 -23.98 -66.42
CA GLU C 71 32.93 -24.85 -67.51
C GLU C 71 31.68 -25.63 -67.17
N GLY C 72 31.59 -26.14 -65.93
CA GLY C 72 30.38 -26.83 -65.51
C GLY C 72 29.17 -25.91 -65.50
N MET C 73 29.36 -24.63 -65.19
CA MET C 73 28.26 -23.69 -65.25
C MET C 73 27.91 -23.33 -66.68
N MET C 74 28.87 -23.44 -67.60
CA MET C 74 28.61 -23.29 -69.03
C MET C 74 28.16 -24.58 -69.68
N SER C 75 28.10 -25.68 -68.92
CA SER C 75 27.68 -26.96 -69.49
C SER C 75 26.17 -27.07 -69.64
N GLU C 76 25.40 -26.30 -68.87
CA GLU C 76 23.95 -26.37 -68.98
C GLU C 76 23.46 -25.66 -70.24
N ALA C 77 23.97 -24.47 -70.52
CA ALA C 77 23.59 -23.75 -71.71
C ALA C 77 24.21 -24.41 -72.94
N PRO C 78 23.62 -24.21 -74.12
CA PRO C 78 24.18 -24.79 -75.35
C PRO C 78 25.41 -24.06 -75.87
N GLY C 79 26.01 -23.17 -75.09
CA GLY C 79 27.20 -22.45 -75.48
C GLY C 79 27.49 -21.33 -74.51
N PRO C 80 28.07 -20.24 -75.01
CA PRO C 80 28.18 -19.03 -74.18
C PRO C 80 26.79 -18.59 -73.72
N ILE C 81 26.61 -18.54 -72.41
CA ILE C 81 25.28 -18.33 -71.86
C ILE C 81 24.71 -17.03 -72.39
N ASN C 82 23.66 -17.14 -73.20
CA ASN C 82 22.99 -15.96 -73.72
C ASN C 82 21.87 -15.55 -72.77
N PHE C 83 21.16 -14.48 -73.13
CA PHE C 83 20.12 -13.94 -72.28
C PHE C 83 19.00 -14.96 -72.07
N THR C 84 18.29 -15.30 -73.16
CA THR C 84 17.23 -16.28 -73.07
C THR C 84 17.72 -17.64 -72.60
N MET C 85 19.02 -17.94 -72.78
CA MET C 85 19.55 -19.22 -72.30
C MET C 85 19.36 -19.36 -70.80
N PHE C 86 19.99 -18.47 -70.02
CA PHE C 86 19.83 -18.56 -68.57
C PHE C 86 18.42 -18.21 -68.15
N LEU C 87 17.72 -17.38 -68.94
CA LEU C 87 16.29 -17.15 -68.68
C LEU C 87 15.55 -18.48 -68.58
N THR C 88 15.64 -19.28 -69.65
CA THR C 88 14.95 -20.57 -69.67
C THR C 88 15.50 -21.53 -68.62
N MET C 89 16.81 -21.48 -68.36
CA MET C 89 17.36 -22.43 -67.40
C MET C 89 16.89 -22.11 -65.98
N PHE C 90 16.88 -20.84 -65.60
CA PHE C 90 16.37 -20.48 -64.28
C PHE C 90 14.86 -20.61 -64.21
N GLY C 91 14.18 -20.50 -65.34
CA GLY C 91 12.76 -20.80 -65.36
C GLY C 91 12.48 -22.26 -65.05
N GLU C 92 13.09 -23.16 -65.83
CA GLU C 92 12.88 -24.59 -65.61
C GLU C 92 13.41 -25.05 -64.26
N LYS C 93 14.39 -24.33 -63.69
CA LYS C 93 14.85 -24.66 -62.35
C LYS C 93 14.03 -24.00 -61.26
N LEU C 94 13.21 -23.00 -61.60
CA LEU C 94 12.51 -22.20 -60.60
C LEU C 94 11.00 -22.19 -60.76
N ASN C 95 10.48 -22.31 -61.98
CA ASN C 95 9.04 -22.23 -62.19
C ASN C 95 8.34 -23.33 -61.40
N GLY C 96 7.52 -22.92 -60.43
CA GLY C 96 6.83 -23.87 -59.57
C GLY C 96 6.81 -23.41 -58.13
N THR C 97 7.69 -22.46 -57.79
CA THR C 97 7.74 -21.93 -56.44
C THR C 97 6.66 -20.87 -56.25
N ASP C 98 6.73 -20.12 -55.15
CA ASP C 98 5.76 -19.08 -54.84
C ASP C 98 6.46 -18.00 -54.04
N PRO C 99 6.09 -16.74 -54.23
CA PRO C 99 6.75 -15.65 -53.50
C PRO C 99 6.47 -15.74 -52.01
N GLU C 100 7.29 -15.01 -51.24
CA GLU C 100 7.20 -15.05 -49.79
C GLU C 100 5.85 -14.58 -49.27
N ASP C 101 5.13 -13.78 -50.04
CA ASP C 101 3.83 -13.28 -49.60
C ASP C 101 2.88 -14.43 -49.29
N VAL C 102 2.60 -15.27 -50.30
CA VAL C 102 1.70 -16.40 -50.08
C VAL C 102 2.34 -17.44 -49.15
N ILE C 103 3.67 -17.48 -49.09
CA ILE C 103 4.33 -18.39 -48.13
C ILE C 103 3.93 -18.02 -46.72
N ARG C 104 4.18 -16.78 -46.32
CA ARG C 104 3.79 -16.33 -44.99
C ARG C 104 2.28 -16.27 -44.83
N ASN C 105 1.52 -16.21 -45.93
CA ASN C 105 0.07 -16.31 -45.84
C ASN C 105 -0.34 -17.70 -45.38
N ALA C 106 0.16 -18.73 -46.06
CA ALA C 106 -0.06 -20.10 -45.62
C ALA C 106 0.49 -20.34 -44.22
N PHE C 107 1.57 -19.62 -43.86
CA PHE C 107 2.13 -19.74 -42.52
C PHE C 107 1.27 -19.05 -41.47
N ALA C 108 0.46 -18.08 -41.85
CA ALA C 108 -0.30 -17.30 -40.88
C ALA C 108 -1.36 -18.14 -40.19
N CYS C 109 -2.33 -18.63 -40.96
CA CYS C 109 -3.36 -19.51 -40.37
C CYS C 109 -2.76 -20.78 -39.80
N PHE C 110 -1.54 -21.14 -40.21
CA PHE C 110 -0.85 -22.30 -39.63
C PHE C 110 -0.58 -22.13 -38.14
N ASP C 111 -0.52 -20.90 -37.66
CA ASP C 111 -0.29 -20.62 -36.24
C ASP C 111 -1.42 -19.74 -35.71
N GLU C 112 -1.87 -20.04 -34.49
CA GLU C 112 -2.95 -19.26 -33.90
C GLU C 112 -2.44 -17.95 -33.31
N GLU C 113 -1.18 -17.92 -32.87
CA GLU C 113 -0.62 -16.71 -32.29
C GLU C 113 -0.34 -15.65 -33.34
N ALA C 114 -0.22 -16.04 -34.61
CA ALA C 114 -0.04 -15.13 -35.75
C ALA C 114 1.19 -14.24 -35.60
N SER C 115 2.12 -14.61 -34.72
CA SER C 115 3.36 -13.86 -34.56
C SER C 115 4.52 -14.48 -35.34
N GLY C 116 4.33 -15.66 -35.92
CA GLY C 116 5.38 -16.29 -36.68
C GLY C 116 6.47 -16.88 -35.84
N PHE C 117 6.11 -17.60 -34.77
CA PHE C 117 7.09 -18.15 -33.85
C PHE C 117 6.72 -19.59 -33.49
N ILE C 118 6.43 -20.39 -34.51
CA ILE C 118 6.15 -21.81 -34.29
C ILE C 118 7.44 -22.54 -33.93
N HIS C 119 7.29 -23.70 -33.32
CA HIS C 119 8.42 -24.49 -32.87
C HIS C 119 8.92 -25.41 -33.98
N GLU C 120 10.24 -25.56 -34.06
CA GLU C 120 10.83 -26.38 -35.12
C GLU C 120 10.58 -27.87 -34.90
N ASP C 121 10.59 -28.33 -33.65
CA ASP C 121 10.26 -29.72 -33.41
C ASP C 121 8.78 -29.99 -33.69
N HIS C 122 7.94 -28.97 -33.51
CA HIS C 122 6.57 -29.06 -34.02
C HIS C 122 6.58 -29.22 -35.53
N LEU C 123 7.44 -28.45 -36.22
CA LEU C 123 7.58 -28.60 -37.66
C LEU C 123 8.02 -30.01 -38.02
N ARG C 124 8.87 -30.62 -37.18
CA ARG C 124 9.31 -31.98 -37.42
C ARG C 124 8.16 -32.96 -37.27
N GLU C 125 7.45 -32.89 -36.14
CA GLU C 125 6.36 -33.81 -35.90
C GLU C 125 5.24 -33.65 -36.91
N LEU C 126 5.11 -32.49 -37.55
CA LEU C 126 4.10 -32.35 -38.60
C LEU C 126 4.62 -32.74 -39.98
N LEU C 127 5.90 -32.51 -40.27
CA LEU C 127 6.41 -32.78 -41.60
C LEU C 127 6.45 -34.27 -41.91
N THR C 128 6.59 -35.11 -40.90
CA THR C 128 6.75 -36.55 -41.13
C THR C 128 5.56 -37.14 -41.87
N THR C 129 4.38 -36.55 -41.72
CA THR C 129 3.17 -37.12 -42.30
C THR C 129 2.25 -36.08 -42.94
N MET C 130 2.69 -34.82 -43.06
CA MET C 130 1.84 -33.81 -43.68
C MET C 130 1.67 -34.13 -45.16
N GLY C 131 0.46 -34.46 -45.56
CA GLY C 131 0.22 -34.94 -46.91
C GLY C 131 0.99 -36.20 -47.18
N ASP C 132 2.03 -36.10 -48.02
CA ASP C 132 2.92 -37.23 -48.23
C ASP C 132 3.95 -37.30 -47.10
N ARG C 133 4.47 -38.50 -46.88
CA ARG C 133 5.42 -38.73 -45.80
C ARG C 133 6.76 -38.09 -46.14
N PHE C 134 7.38 -37.47 -45.14
CA PHE C 134 8.70 -36.87 -45.30
C PHE C 134 9.71 -37.55 -44.40
N THR C 135 10.96 -37.52 -44.82
CA THR C 135 12.04 -38.21 -44.14
C THR C 135 12.74 -37.27 -43.16
N ASP C 136 13.91 -37.69 -42.69
CA ASP C 136 14.70 -37.00 -41.67
C ASP C 136 15.71 -36.02 -42.26
N GLU C 137 16.14 -36.22 -43.51
CA GLU C 137 17.10 -35.30 -44.10
C GLU C 137 16.50 -33.90 -44.21
N GLU C 138 15.22 -33.81 -44.55
CA GLU C 138 14.56 -32.51 -44.64
C GLU C 138 14.67 -31.75 -43.32
N VAL C 139 14.28 -32.39 -42.22
CA VAL C 139 14.22 -31.68 -40.95
C VAL C 139 15.62 -31.36 -40.45
N ASP C 140 16.58 -32.27 -40.64
CA ASP C 140 17.93 -31.96 -40.15
C ASP C 140 18.54 -30.82 -40.95
N GLU C 141 18.34 -30.80 -42.27
CA GLU C 141 18.85 -29.69 -43.07
C GLU C 141 18.17 -28.38 -42.71
N MET C 142 16.86 -28.43 -42.46
CA MET C 142 16.14 -27.22 -42.05
C MET C 142 16.70 -26.68 -40.74
N TYR C 143 16.83 -27.53 -39.73
CA TYR C 143 17.33 -27.06 -38.44
C TYR C 143 18.75 -26.54 -38.56
N ARG C 144 19.61 -27.23 -39.32
CA ARG C 144 20.98 -26.78 -39.48
C ARG C 144 21.08 -25.52 -40.35
N GLU C 145 20.03 -25.16 -41.07
CA GLU C 145 20.03 -23.98 -41.91
C GLU C 145 18.80 -23.11 -41.63
N ALA C 146 18.53 -22.85 -40.36
CA ALA C 146 17.46 -21.95 -39.98
C ALA C 146 17.75 -21.33 -38.62
N PRO C 147 17.44 -20.05 -38.42
CA PRO C 147 17.67 -19.41 -37.12
C PRO C 147 16.65 -19.84 -36.07
N ILE C 148 16.81 -21.05 -35.58
CA ILE C 148 15.95 -21.59 -34.53
C ILE C 148 16.47 -21.10 -33.18
N ASP C 149 15.56 -20.94 -32.24
CA ASP C 149 15.92 -20.51 -30.90
C ASP C 149 16.51 -21.70 -30.15
N LYS C 150 16.71 -21.54 -28.84
CA LYS C 150 17.38 -22.55 -28.03
C LYS C 150 16.42 -23.54 -27.38
N LYS C 151 15.15 -23.56 -27.79
CA LYS C 151 14.22 -24.59 -27.33
C LYS C 151 13.39 -25.20 -28.44
N GLY C 152 13.38 -24.61 -29.64
CA GLY C 152 12.63 -25.18 -30.73
C GLY C 152 11.86 -24.15 -31.54
N ASN C 153 11.52 -23.02 -30.91
CA ASN C 153 10.76 -21.98 -31.58
C ASN C 153 11.49 -21.50 -32.82
N PHE C 154 10.73 -21.33 -33.91
CA PHE C 154 11.28 -20.96 -35.20
C PHE C 154 10.51 -19.75 -35.73
N ASN C 155 11.24 -18.77 -36.26
CA ASN C 155 10.65 -17.58 -36.83
C ASN C 155 10.81 -17.59 -38.34
N TYR C 156 9.72 -17.30 -39.05
CA TYR C 156 9.73 -17.33 -40.50
C TYR C 156 9.53 -15.96 -41.13
N VAL C 157 9.26 -14.92 -40.34
CA VAL C 157 9.06 -13.58 -40.88
C VAL C 157 10.26 -13.16 -41.71
N GLU C 158 11.47 -13.54 -41.29
CA GLU C 158 12.68 -13.29 -42.06
C GLU C 158 13.24 -14.54 -42.72
N PHE C 159 12.96 -15.73 -42.17
CA PHE C 159 13.50 -16.95 -42.76
C PHE C 159 12.84 -17.23 -44.09
N THR C 160 11.54 -17.00 -44.21
CA THR C 160 10.86 -17.21 -45.49
C THR C 160 11.34 -16.22 -46.53
N ARG C 161 11.62 -14.98 -46.10
CA ARG C 161 12.19 -14.00 -47.02
C ARG C 161 13.59 -14.42 -47.44
N ILE C 162 14.35 -15.03 -46.54
CA ILE C 162 15.63 -15.64 -46.92
C ILE C 162 15.41 -16.72 -47.96
N LEU C 163 14.35 -17.52 -47.79
CA LEU C 163 14.01 -18.53 -48.79
C LEU C 163 13.72 -17.88 -50.15
N LYS C 164 13.14 -16.68 -50.14
CA LYS C 164 12.98 -15.89 -51.34
C LYS C 164 14.13 -14.90 -51.52
N HIS C 165 15.26 -15.17 -50.88
CA HIS C 165 16.46 -14.33 -50.96
C HIS C 165 16.18 -12.90 -50.51
N GLY C 166 15.83 -12.77 -49.23
CA GLY C 166 15.76 -11.46 -48.62
C GLY C 166 17.10 -11.06 -48.05
N ALA C 167 17.77 -12.01 -47.39
CA ALA C 167 19.11 -11.81 -46.87
C ALA C 167 20.11 -12.83 -47.36
N LYS C 168 19.68 -14.02 -47.77
CA LYS C 168 20.58 -15.05 -48.28
C LYS C 168 19.97 -15.75 -49.49
N LEU D 24 53.97 36.36 34.27
CA LEU D 24 54.49 37.59 34.84
C LEU D 24 55.64 37.29 35.80
N ALA D 25 55.69 36.06 36.28
CA ALA D 25 56.74 35.67 37.22
C ALA D 25 58.11 35.73 36.55
N GLN D 26 58.29 34.96 35.47
CA GLN D 26 59.61 34.79 34.86
C GLN D 26 60.21 36.10 34.37
N ALA D 27 59.41 37.15 34.20
CA ALA D 27 59.91 38.45 33.77
C ALA D 27 59.98 39.46 34.91
N ASP D 28 58.90 39.61 35.68
CA ASP D 28 58.81 40.58 36.77
C ASP D 28 58.95 39.91 38.13
N TRP D 29 59.87 38.95 38.25
CA TRP D 29 60.30 38.42 39.54
C TRP D 29 60.40 39.51 40.61
N SER D 30 60.85 40.71 40.23
CA SER D 30 60.85 41.84 41.15
C SER D 30 59.46 42.15 41.69
N ALA D 31 58.41 41.65 41.05
CA ALA D 31 57.03 41.78 41.50
C ALA D 31 56.33 40.42 41.44
N LYS D 32 57.01 39.40 42.00
CA LYS D 32 56.50 38.03 41.95
C LYS D 32 55.09 37.92 42.52
N LYS D 33 54.78 38.72 43.55
CA LYS D 33 53.44 38.75 44.12
C LYS D 33 52.86 40.15 43.98
N LEU D 34 52.98 40.74 42.78
CA LEU D 34 52.47 42.07 42.47
C LEU D 34 51.04 42.23 42.98
N VAL D 35 50.85 43.08 43.99
CA VAL D 35 49.58 43.12 44.69
C VAL D 35 48.59 44.00 43.94
N TRP D 36 47.32 43.85 44.30
CA TRP D 36 46.24 44.67 43.76
C TRP D 36 45.60 45.43 44.92
N VAL D 37 45.81 46.73 44.93
CA VAL D 37 45.41 47.59 46.04
C VAL D 37 44.13 48.32 45.67
N PRO D 38 43.12 48.37 46.53
CA PRO D 38 41.88 49.08 46.19
C PRO D 38 42.12 50.57 46.04
N SER D 39 41.92 51.07 44.83
CA SER D 39 42.06 52.49 44.53
C SER D 39 40.68 53.14 44.55
N GLU D 40 40.57 54.24 45.28
CA GLU D 40 39.28 54.89 45.44
C GLU D 40 38.82 55.66 44.20
N LYS D 41 39.55 55.59 43.09
CA LYS D 41 39.13 56.23 41.85
C LYS D 41 38.90 55.22 40.73
N HIS D 42 39.84 54.30 40.53
CA HIS D 42 39.73 53.30 39.46
C HIS D 42 39.65 51.89 40.02
N GLY D 43 39.08 51.74 41.21
CA GLY D 43 38.90 50.43 41.81
C GLY D 43 40.13 49.90 42.50
N PHE D 44 41.12 49.46 41.73
CA PHE D 44 42.33 48.85 42.28
C PHE D 44 43.53 49.39 41.51
N GLU D 45 44.69 48.76 41.74
CA GLU D 45 45.94 49.18 41.12
C GLU D 45 46.99 48.11 41.37
N ALA D 46 47.83 47.88 40.36
CA ALA D 46 48.93 46.92 40.48
C ALA D 46 50.11 47.60 41.17
N ALA D 47 50.43 47.16 42.38
CA ALA D 47 51.50 47.74 43.18
C ALA D 47 52.63 46.73 43.37
N SER D 48 53.86 47.21 43.26
CA SER D 48 55.04 46.37 43.35
C SER D 48 55.50 46.21 44.79
N ILE D 49 56.27 45.15 45.03
CA ILE D 49 56.76 44.79 46.36
C ILE D 49 58.24 44.45 46.25
N LYS D 50 59.05 45.01 47.15
CA LYS D 50 60.45 44.67 47.24
C LYS D 50 60.79 43.97 48.55
N GLU D 51 60.34 44.52 49.68
CA GLU D 51 60.57 43.93 50.99
C GLU D 51 59.29 44.06 51.81
N GLU D 52 59.32 43.48 53.01
CA GLU D 52 58.17 43.47 53.89
C GLU D 52 58.61 43.80 55.31
N LYS D 53 57.79 44.57 56.02
CA LYS D 53 58.07 44.96 57.40
C LYS D 53 56.96 44.40 58.29
N GLY D 54 57.23 43.28 58.94
CA GLY D 54 56.25 42.65 59.80
C GLY D 54 55.04 42.13 59.05
N ASP D 55 53.90 42.77 59.23
CA ASP D 55 52.67 42.40 58.54
C ASP D 55 52.29 43.37 57.43
N GLU D 56 52.70 44.63 57.54
CA GLU D 56 52.32 45.65 56.58
C GLU D 56 53.39 45.77 55.50
N VAL D 57 52.96 45.74 54.24
CA VAL D 57 53.86 45.75 53.10
C VAL D 57 53.94 47.17 52.54
N THR D 58 55.15 47.58 52.16
CA THR D 58 55.35 48.88 51.54
C THR D 58 54.73 48.88 50.14
N VAL D 59 53.81 49.81 49.91
CA VAL D 59 53.05 49.88 48.67
C VAL D 59 53.56 51.06 47.84
N GLU D 60 53.39 50.97 46.53
CA GLU D 60 53.73 52.05 45.62
C GLU D 60 52.65 52.16 44.56
N LEU D 61 52.38 53.39 44.13
CA LEU D 61 51.37 53.65 43.12
C LEU D 61 52.00 53.62 41.74
N GLN D 62 51.23 53.12 40.77
CA GLN D 62 51.75 53.02 39.40
C GLN D 62 52.10 54.40 38.85
N GLU D 63 51.33 55.41 39.22
CA GLU D 63 51.56 56.78 38.76
C GLU D 63 52.34 57.61 39.76
N ASN D 64 52.64 57.07 40.92
CA ASN D 64 53.43 57.80 41.91
C ASN D 64 54.68 57.05 42.34
N GLY D 65 54.61 55.74 42.49
CA GLY D 65 55.72 55.03 43.11
C GLY D 65 55.98 55.47 44.53
N LYS D 66 54.99 56.08 45.18
CA LYS D 66 55.17 56.61 46.52
C LYS D 66 55.40 55.48 47.52
N LYS D 67 56.39 55.65 48.40
CA LYS D 67 56.72 54.65 49.41
C LYS D 67 55.68 54.71 50.52
N VAL D 68 54.50 54.18 50.23
CA VAL D 68 53.45 54.03 51.21
C VAL D 68 53.41 52.58 51.68
N THR D 69 52.65 52.32 52.75
CA THR D 69 52.63 51.00 53.35
C THR D 69 51.20 50.62 53.70
N LEU D 70 50.84 49.37 53.43
CA LEU D 70 49.53 48.85 53.76
C LEU D 70 49.67 47.42 54.24
N SER D 71 48.61 46.93 54.89
CA SER D 71 48.63 45.63 55.53
C SER D 71 48.72 44.52 54.49
N LYS D 72 48.86 43.29 54.98
CA LYS D 72 48.96 42.12 54.11
C LYS D 72 47.64 41.76 53.46
N ASP D 73 46.52 42.29 53.94
CA ASP D 73 45.21 41.93 53.43
C ASP D 73 44.98 42.38 51.99
N ASP D 74 45.84 43.25 51.46
CA ASP D 74 45.68 43.80 50.12
C ASP D 74 46.56 43.08 49.10
N ILE D 75 46.74 41.78 49.26
CA ILE D 75 47.58 40.98 48.36
C ILE D 75 46.70 40.32 47.31
N GLN D 76 47.14 40.37 46.06
CA GLN D 76 46.46 39.68 44.96
C GLN D 76 47.52 39.37 43.90
N LYS D 77 48.00 38.12 43.90
CA LYS D 77 49.04 37.71 42.97
C LYS D 77 48.60 37.94 41.54
N MET D 78 49.26 38.85 40.85
CA MET D 78 48.86 39.25 39.49
C MET D 78 49.23 38.18 38.47
N ASN D 79 48.38 38.06 37.46
CA ASN D 79 48.54 37.09 36.39
C ASN D 79 49.51 37.60 35.32
N PRO D 80 50.00 36.72 34.46
CA PRO D 80 50.83 37.16 33.34
C PRO D 80 50.06 38.10 32.42
N PRO D 81 50.68 39.20 32.00
CA PRO D 81 49.99 40.14 31.11
C PRO D 81 49.63 39.57 29.75
N LYS D 82 50.12 38.38 29.41
CA LYS D 82 49.74 37.76 28.15
C LYS D 82 48.25 37.47 28.10
N PHE D 83 47.63 37.21 29.24
CA PHE D 83 46.20 36.94 29.31
C PHE D 83 45.36 38.21 29.35
N SER D 84 45.98 39.38 29.22
CA SER D 84 45.21 40.62 29.18
C SER D 84 44.30 40.63 27.97
N LYS D 85 43.07 41.11 28.16
CA LYS D 85 42.04 41.12 27.12
C LYS D 85 41.82 39.71 26.58
N VAL D 86 41.41 38.82 27.48
CA VAL D 86 41.18 37.43 27.15
C VAL D 86 39.70 37.23 26.82
N GLU D 87 39.43 36.21 26.01
CA GLU D 87 38.04 35.90 25.66
C GLU D 87 37.27 35.45 26.90
N ASP D 88 37.81 34.50 27.65
CA ASP D 88 37.19 34.03 28.88
C ASP D 88 38.18 34.17 30.01
N MET D 89 37.77 34.88 31.07
CA MET D 89 38.65 35.07 32.21
C MET D 89 38.76 33.81 33.05
N ALA D 90 37.79 32.90 32.96
CA ALA D 90 37.82 31.71 33.82
C ALA D 90 38.98 30.79 33.48
N GLU D 91 39.45 30.82 32.23
CA GLU D 91 40.59 29.98 31.85
C GLU D 91 41.86 30.36 32.61
N LEU D 92 41.94 31.58 33.11
CA LEU D 92 43.13 32.06 33.80
C LEU D 92 43.19 31.44 35.19
N THR D 93 44.28 30.76 35.51
CA THR D 93 44.44 30.13 36.82
C THR D 93 44.79 31.16 37.88
N CYS D 94 45.81 31.98 37.62
CA CYS D 94 46.24 32.99 38.59
C CYS D 94 45.20 34.10 38.61
N LEU D 95 44.26 34.02 39.56
CA LEU D 95 43.06 34.85 39.56
C LEU D 95 43.18 35.98 40.58
N ASN D 96 42.68 37.15 40.18
CA ASN D 96 42.39 38.25 41.09
C ASN D 96 41.12 38.92 40.63
N GLU D 97 40.17 39.10 41.55
CA GLU D 97 38.98 39.87 41.22
C GLU D 97 39.34 41.26 40.73
N ALA D 98 40.37 41.86 41.35
CA ALA D 98 40.88 43.14 40.86
C ALA D 98 41.47 42.98 39.47
N SER D 99 42.14 41.86 39.20
CA SER D 99 42.62 41.61 37.85
C SER D 99 41.45 41.44 36.88
N VAL D 100 40.35 40.85 37.36
CA VAL D 100 39.16 40.73 36.52
C VAL D 100 38.65 42.12 36.15
N LEU D 101 38.53 42.99 37.14
CA LEU D 101 38.07 44.36 36.88
C LEU D 101 39.02 45.08 35.93
N HIS D 102 40.33 44.90 36.12
CA HIS D 102 41.29 45.56 35.25
C HIS D 102 41.19 45.06 33.82
N ASN D 103 41.01 43.75 33.65
CA ASN D 103 40.84 43.20 32.32
C ASN D 103 39.57 43.75 31.67
N LEU D 104 38.49 43.84 32.45
CA LEU D 104 37.25 44.40 31.91
C LEU D 104 37.45 45.85 31.49
N ARG D 105 38.21 46.60 32.28
CA ARG D 105 38.52 47.99 31.91
C ARG D 105 39.33 48.02 30.61
N GLU D 106 40.35 47.19 30.52
CA GLU D 106 41.18 47.14 29.32
C GLU D 106 40.34 46.83 28.09
N ARG D 107 39.38 45.91 28.23
CA ARG D 107 38.58 45.51 27.08
C ARG D 107 37.56 46.57 26.71
N TYR D 108 36.72 46.97 27.66
CA TYR D 108 35.67 47.95 27.38
C TYR D 108 36.27 49.27 26.91
N PHE D 109 37.31 49.73 27.59
CA PHE D 109 37.98 50.96 27.17
C PHE D 109 38.55 50.82 25.76
N SER D 110 38.97 49.63 25.38
CA SER D 110 39.38 49.35 24.01
C SER D 110 38.20 49.05 23.10
N GLY D 111 36.98 49.28 23.56
CA GLY D 111 35.82 48.97 22.76
C GLY D 111 35.48 47.50 22.67
N LEU D 112 35.89 46.70 23.65
CA LEU D 112 35.61 45.27 23.67
C LEU D 112 34.70 44.99 24.86
N ILE D 113 33.43 44.74 24.58
CA ILE D 113 32.42 44.62 25.64
C ILE D 113 32.18 43.15 25.96
N TYR D 114 32.39 42.28 24.99
CA TYR D 114 32.13 40.85 25.16
C TYR D 114 33.39 40.15 25.65
N THR D 115 33.26 39.45 26.77
CA THR D 115 34.32 38.58 27.26
C THR D 115 33.69 37.53 28.16
N TYR D 116 34.02 36.26 27.92
CA TYR D 116 33.32 35.18 28.59
C TYR D 116 33.81 35.03 30.03
N SER D 117 32.96 34.40 30.83
CA SER D 117 33.28 34.10 32.23
C SER D 117 32.74 32.71 32.52
N GLY D 118 33.57 31.69 32.28
CA GLY D 118 33.14 30.32 32.45
C GLY D 118 31.97 29.98 31.55
N LEU D 119 30.78 29.81 32.15
CA LEU D 119 29.57 29.53 31.40
C LEU D 119 28.76 30.78 31.11
N PHE D 120 28.64 31.67 32.09
CA PHE D 120 27.83 32.87 31.94
C PHE D 120 28.67 34.00 31.39
N CYS D 121 28.19 34.63 30.32
CA CYS D 121 28.88 35.77 29.75
C CYS D 121 28.46 37.06 30.46
N VAL D 122 29.22 38.12 30.21
CA VAL D 122 28.99 39.42 30.84
C VAL D 122 29.06 40.49 29.76
N VAL D 123 28.23 41.52 29.90
CA VAL D 123 28.17 42.61 28.94
C VAL D 123 28.14 43.93 29.71
N VAL D 124 29.01 44.86 29.31
CA VAL D 124 28.95 46.23 29.81
C VAL D 124 27.83 46.92 29.06
N ASN D 125 27.44 48.11 29.50
CA ASN D 125 26.21 48.72 29.01
C ASN D 125 26.28 48.99 27.51
N PRO D 126 25.22 48.68 26.78
CA PRO D 126 25.07 49.17 25.41
C PRO D 126 24.71 50.64 25.40
N TYR D 127 24.16 51.13 24.28
CA TYR D 127 23.84 52.53 24.04
C TYR D 127 25.07 53.34 23.64
N LYS D 128 26.13 52.64 23.24
CA LYS D 128 27.27 53.23 22.56
C LYS D 128 27.36 52.58 21.19
N GLN D 129 27.22 53.38 20.13
CA GLN D 129 27.06 52.83 18.79
C GLN D 129 28.29 52.06 18.33
N LEU D 130 28.19 50.74 18.30
CA LEU D 130 29.25 49.88 17.80
C LEU D 130 28.65 48.94 16.76
N PRO D 131 29.26 48.84 15.58
CA PRO D 131 28.72 48.01 14.50
C PRO D 131 28.98 46.52 14.69
N ILE D 132 28.72 46.04 15.90
CA ILE D 132 28.96 44.62 16.18
C ILE D 132 27.85 43.73 15.65
N TYR D 133 26.71 44.31 15.28
CA TYR D 133 25.62 43.55 14.68
C TYR D 133 25.67 43.68 13.15
N SER D 134 26.81 43.29 12.59
CA SER D 134 27.04 43.41 11.16
C SER D 134 26.64 42.13 10.44
N GLU D 135 26.37 42.28 9.15
CA GLU D 135 26.00 41.14 8.30
C GLU D 135 27.12 40.11 8.29
N LYS D 136 28.35 40.54 8.02
CA LYS D 136 29.48 39.61 8.03
C LYS D 136 29.70 39.07 9.44
N ILE D 137 29.44 39.88 10.47
CA ILE D 137 29.57 39.38 11.83
C ILE D 137 28.51 38.31 12.09
N ILE D 138 27.26 38.61 11.73
CA ILE D 138 26.17 37.67 11.96
C ILE D 138 26.32 36.42 11.13
N ASP D 139 27.12 36.46 10.06
CA ASP D 139 27.42 35.26 9.29
C ASP D 139 28.60 34.49 9.86
N MET D 140 29.63 35.22 10.32
CA MET D 140 30.77 34.60 10.96
C MET D 140 30.42 33.99 12.31
N TYR D 141 29.26 34.32 12.85
CA TYR D 141 28.77 33.68 14.08
C TYR D 141 27.54 32.82 13.81
N LYS D 142 27.40 32.32 12.58
CA LYS D 142 26.20 31.57 12.21
C LYS D 142 26.20 30.18 12.85
N GLY D 143 27.21 29.37 12.54
CA GLY D 143 27.26 28.02 13.07
C GLY D 143 28.62 27.66 13.65
N LYS D 144 29.44 28.67 13.89
CA LYS D 144 30.79 28.44 14.38
C LYS D 144 30.80 28.27 15.90
N LYS D 145 31.74 27.48 16.38
CA LYS D 145 31.80 27.16 17.80
C LYS D 145 32.38 28.31 18.60
N ARG D 146 32.14 28.26 19.91
CA ARG D 146 32.51 29.37 20.79
C ARG D 146 34.02 29.55 20.85
N HIS D 147 34.75 28.45 21.05
CA HIS D 147 36.20 28.55 21.19
C HIS D 147 36.86 29.13 19.94
N GLU D 148 36.24 28.92 18.78
CA GLU D 148 36.79 29.48 17.55
C GLU D 148 36.61 30.99 17.52
N MET D 149 35.37 31.45 17.60
CA MET D 149 35.05 32.85 17.42
C MET D 149 35.40 33.66 18.66
N PRO D 150 35.70 34.95 18.50
CA PRO D 150 35.83 35.84 19.64
C PRO D 150 34.50 35.97 20.36
N PRO D 151 34.51 36.40 21.62
CA PRO D 151 33.25 36.43 22.38
C PRO D 151 32.25 37.42 21.81
N HIS D 152 30.99 37.00 21.78
CA HIS D 152 29.88 37.81 21.29
C HIS D 152 28.58 37.10 21.62
N ILE D 153 27.50 37.87 21.72
CA ILE D 153 26.21 37.30 22.08
C ILE D 153 25.68 36.42 20.96
N TYR D 154 26.07 36.70 19.71
CA TYR D 154 25.68 35.84 18.61
C TYR D 154 26.23 34.43 18.81
N ALA D 155 27.47 34.33 19.28
CA ALA D 155 28.04 33.02 19.60
C ALA D 155 27.26 32.36 20.73
N ILE D 156 26.78 33.15 21.69
CA ILE D 156 25.99 32.59 22.78
C ILE D 156 24.71 31.97 22.24
N ALA D 157 24.00 32.73 21.41
CA ALA D 157 22.77 32.21 20.83
C ALA D 157 23.03 30.99 19.96
N ASP D 158 24.12 31.03 19.19
CA ASP D 158 24.47 29.88 18.35
C ASP D 158 24.71 28.64 19.19
N THR D 159 25.48 28.79 20.27
CA THR D 159 25.75 27.67 21.15
C THR D 159 24.47 27.14 21.78
N ALA D 160 23.60 28.04 22.23
CA ALA D 160 22.34 27.61 22.81
C ALA D 160 21.50 26.81 21.82
N TYR D 161 21.38 27.34 20.60
CA TYR D 161 20.59 26.66 19.58
C TYR D 161 21.18 25.31 19.21
N ARG D 162 22.50 25.25 19.04
CA ARG D 162 23.13 23.98 18.66
C ARG D 162 23.02 22.97 19.79
N SER D 163 23.10 23.41 21.04
CA SER D 163 22.91 22.50 22.16
C SER D 163 21.49 21.97 22.20
N MET D 164 20.50 22.85 21.99
CA MET D 164 19.12 22.39 21.94
C MET D 164 18.92 21.39 20.83
N LEU D 165 19.54 21.63 19.67
CA LEU D 165 19.40 20.71 18.55
C LEU D 165 20.05 19.36 18.86
N GLN D 166 21.23 19.38 19.46
CA GLN D 166 21.98 18.15 19.68
C GLN D 166 21.39 17.34 20.82
N ASP D 167 21.39 17.89 22.03
CA ASP D 167 20.95 17.13 23.20
C ASP D 167 19.44 17.01 23.29
N ARG D 168 18.69 17.72 22.44
CA ARG D 168 17.23 17.68 22.42
C ARG D 168 16.65 18.33 23.67
N GLU D 169 17.51 18.72 24.61
CA GLU D 169 17.05 19.43 25.78
C GLU D 169 16.77 20.89 25.43
N ASP D 170 15.58 21.37 25.80
CA ASP D 170 15.22 22.74 25.52
C ASP D 170 16.18 23.69 26.22
N GLN D 171 16.82 24.56 25.45
CA GLN D 171 17.69 25.55 26.05
C GLN D 171 16.88 26.78 26.45
N SER D 172 17.50 27.65 27.25
CA SER D 172 16.86 28.88 27.68
C SER D 172 17.92 29.95 27.87
N ILE D 173 17.45 31.20 27.85
CA ILE D 173 18.34 32.36 27.93
C ILE D 173 17.75 33.34 28.93
N LEU D 174 18.57 33.80 29.86
CA LEU D 174 18.14 34.72 30.90
C LEU D 174 19.09 35.91 30.93
N CYS D 175 18.61 37.06 30.46
CA CYS D 175 19.35 38.30 30.55
C CYS D 175 19.01 39.01 31.84
N THR D 176 20.04 39.51 32.54
CA THR D 176 19.84 40.13 33.83
C THR D 176 20.74 41.36 33.95
N GLY D 177 20.41 42.20 34.91
CA GLY D 177 21.11 43.45 35.16
C GLY D 177 20.11 44.51 35.56
N GLU D 178 20.58 45.46 36.35
CA GLU D 178 19.71 46.53 36.82
C GLU D 178 19.22 47.37 35.65
N SER D 179 18.06 48.00 35.83
CA SER D 179 17.46 48.81 34.78
C SER D 179 18.39 49.97 34.43
N GLY D 180 18.67 50.12 33.14
CA GLY D 180 19.61 51.10 32.65
C GLY D 180 20.94 50.51 32.19
N ALA D 181 21.20 49.25 32.51
CA ALA D 181 22.39 48.56 32.03
C ALA D 181 22.22 47.97 30.64
N GLY D 182 21.08 48.22 30.00
CA GLY D 182 20.86 47.75 28.65
C GLY D 182 20.43 46.31 28.56
N LYS D 183 19.41 45.95 29.33
CA LYS D 183 18.83 44.62 29.26
C LYS D 183 18.04 44.39 27.99
N THR D 184 17.85 45.43 27.18
CA THR D 184 16.92 45.40 26.07
C THR D 184 17.58 45.14 24.72
N GLU D 185 18.62 45.91 24.38
CA GLU D 185 19.22 45.82 23.06
C GLU D 185 19.74 44.42 22.77
N ASN D 186 20.46 43.84 23.73
CA ASN D 186 20.97 42.48 23.57
C ASN D 186 19.87 41.50 23.20
N THR D 187 18.70 41.66 23.83
CA THR D 187 17.62 40.71 23.61
C THR D 187 17.10 40.78 22.18
N LYS D 188 16.80 41.99 21.70
CA LYS D 188 16.29 42.11 20.34
C LYS D 188 17.36 41.75 19.30
N LYS D 189 18.63 42.00 19.62
CA LYS D 189 19.69 41.58 18.72
C LYS D 189 19.76 40.06 18.62
N VAL D 190 19.65 39.38 19.75
CA VAL D 190 19.57 37.92 19.74
C VAL D 190 18.34 37.47 18.96
N ILE D 191 17.24 38.21 19.09
CA ILE D 191 16.00 37.86 18.40
C ILE D 191 16.22 37.89 16.89
N GLN D 192 16.77 38.99 16.39
CA GLN D 192 16.99 39.06 14.95
C GLN D 192 18.05 38.08 14.49
N TYR D 193 19.05 37.79 15.34
CA TYR D 193 20.05 36.79 15.01
C TYR D 193 19.41 35.43 14.79
N LEU D 194 18.64 34.96 15.77
CA LEU D 194 17.97 33.68 15.62
C LEU D 194 16.95 33.71 14.50
N ALA D 195 16.36 34.88 14.24
CA ALA D 195 15.40 35.01 13.16
C ALA D 195 16.06 34.73 11.81
N VAL D 196 17.23 35.32 11.58
CA VAL D 196 17.88 35.10 10.30
C VAL D 196 18.51 33.71 10.24
N VAL D 197 19.04 33.22 11.36
CA VAL D 197 19.76 31.95 11.34
C VAL D 197 18.79 30.78 11.24
N ALA D 198 17.91 30.64 12.24
CA ALA D 198 17.03 29.49 12.33
C ALA D 198 15.84 29.57 11.40
N SER D 199 15.83 30.50 10.45
CA SER D 199 14.71 30.62 9.52
C SER D 199 14.75 29.50 8.48
N SER D 200 13.57 29.06 8.06
CA SER D 200 13.44 28.09 7.00
C SER D 200 13.55 28.79 5.65
N HIS D 201 14.48 28.35 4.81
CA HIS D 201 14.71 28.98 3.52
C HIS D 201 13.64 28.52 2.55
N LYS D 202 12.49 29.21 2.56
CA LYS D 202 11.43 28.96 1.59
C LYS D 202 11.62 29.77 0.32
N GLY D 203 12.83 30.24 0.05
CA GLY D 203 13.14 31.07 -1.11
C GLY D 203 13.73 32.37 -0.64
N LYS D 204 14.93 32.68 -1.15
CA LYS D 204 15.69 33.88 -0.81
C LYS D 204 15.68 34.21 0.69
N GLN D 211 23.49 37.20 7.33
CA GLN D 211 23.49 38.26 6.33
C GLN D 211 22.50 39.36 6.72
N GLY D 212 22.52 39.74 8.00
CA GLY D 212 21.59 40.72 8.50
C GLY D 212 20.18 40.18 8.54
N PRO D 213 19.20 41.03 8.21
CA PRO D 213 17.81 40.57 8.12
C PRO D 213 17.37 40.09 6.75
N SER D 214 18.29 39.88 5.82
CA SER D 214 17.95 39.50 4.44
C SER D 214 17.83 37.99 4.35
N PHE D 215 16.61 37.50 4.18
CA PHE D 215 16.32 36.08 4.04
C PHE D 215 14.89 35.95 3.51
N SER D 216 14.36 34.73 3.54
CA SER D 216 12.98 34.50 3.13
C SER D 216 12.03 35.40 3.91
N TYR D 217 11.28 36.20 3.18
CA TYR D 217 10.45 37.26 3.76
C TYR D 217 9.00 36.79 3.80
N GLY D 218 8.66 36.04 4.84
CA GLY D 218 7.27 35.75 5.17
C GLY D 218 6.77 36.69 6.25
N GLU D 219 5.50 36.50 6.61
CA GLU D 219 4.94 37.29 7.71
C GLU D 219 5.64 36.99 9.02
N LEU D 220 6.17 35.78 9.17
CA LEU D 220 6.79 35.34 10.41
C LEU D 220 7.95 36.24 10.80
N GLU D 221 9.01 36.25 9.99
CA GLU D 221 10.24 36.95 10.37
C GLU D 221 10.00 38.45 10.49
N LYS D 222 9.19 39.01 9.59
CA LYS D 222 8.88 40.43 9.67
C LYS D 222 8.15 40.77 10.95
N GLN D 223 7.18 39.92 11.35
CA GLN D 223 6.48 40.15 12.59
C GLN D 223 7.41 40.01 13.79
N LEU D 224 8.34 39.06 13.73
CA LEU D 224 9.33 38.95 14.79
C LEU D 224 10.15 40.22 14.92
N LEU D 225 10.61 40.75 13.79
CA LEU D 225 11.42 41.96 13.83
C LEU D 225 10.62 43.17 14.30
N GLN D 226 9.34 43.22 13.98
CA GLN D 226 8.50 44.36 14.34
C GLN D 226 7.87 44.23 15.72
N ALA D 227 7.95 43.07 16.35
CA ALA D 227 7.37 42.90 17.67
C ALA D 227 8.01 43.83 18.70
N ASN D 228 9.33 43.99 18.63
CA ASN D 228 10.02 44.80 19.62
C ASN D 228 9.62 46.27 19.58
N PRO D 229 9.52 46.93 18.43
CA PRO D 229 9.04 48.32 18.44
C PRO D 229 7.61 48.45 18.94
N ILE D 230 6.77 47.44 18.72
CA ILE D 230 5.42 47.45 19.29
C ILE D 230 5.49 47.63 20.79
N LEU D 231 6.45 46.97 21.43
CA LEU D 231 6.65 47.15 22.87
C LEU D 231 7.42 48.41 23.19
N GLU D 232 8.17 48.95 22.23
CA GLU D 232 8.79 50.25 22.43
C GLU D 232 7.74 51.33 22.60
N ALA D 233 6.69 51.28 21.78
CA ALA D 233 5.57 52.20 21.96
C ALA D 233 4.84 51.91 23.27
N PHE D 234 4.47 50.66 23.49
CA PHE D 234 3.75 50.23 24.68
C PHE D 234 4.68 49.38 25.52
N GLY D 235 5.34 50.00 26.51
CA GLY D 235 6.19 49.25 27.41
C GLY D 235 7.60 49.76 27.55
N ASN D 236 7.84 51.02 27.17
CA ASN D 236 9.14 51.65 27.37
C ASN D 236 8.90 53.10 27.77
N ALA D 237 9.33 53.46 28.98
CA ALA D 237 9.20 54.81 29.49
C ALA D 237 10.58 55.45 29.62
N LYS D 238 10.58 56.71 30.04
CA LYS D 238 11.81 57.48 30.19
C LYS D 238 12.19 57.54 31.66
N THR D 239 13.40 57.08 31.99
CA THR D 239 13.93 57.12 33.34
C THR D 239 15.32 57.72 33.31
N VAL D 240 15.78 58.16 34.49
CA VAL D 240 17.11 58.75 34.59
C VAL D 240 18.18 57.70 34.29
N LYS D 241 17.90 56.44 34.63
CA LYS D 241 18.85 55.37 34.34
C LYS D 241 18.71 54.87 32.91
N ASN D 242 17.53 55.02 32.31
CA ASN D 242 17.31 54.58 30.93
C ASN D 242 16.11 55.34 30.38
N ASP D 243 16.35 56.20 29.39
CA ASP D 243 15.25 56.90 28.75
C ASP D 243 14.36 55.97 27.94
N ASN D 244 14.85 54.77 27.62
CA ASN D 244 14.06 53.72 26.98
C ASN D 244 14.30 52.46 27.80
N SER D 245 13.50 52.28 28.84
CA SER D 245 13.65 51.17 29.77
C SER D 245 12.46 50.23 29.63
N SER D 246 12.73 48.94 29.59
CA SER D 246 11.64 47.97 29.55
C SER D 246 10.82 48.05 30.82
N ARG D 247 9.50 47.94 30.68
CA ARG D 247 8.57 48.14 31.78
C ARG D 247 7.97 46.85 32.30
N PHE D 248 8.50 45.70 31.91
CA PHE D 248 8.08 44.41 32.42
C PHE D 248 9.09 43.37 31.94
N GLY D 249 8.81 42.11 32.25
CA GLY D 249 9.65 41.02 31.80
C GLY D 249 9.16 40.36 30.53
N LYS D 250 9.81 40.64 29.41
CA LYS D 250 9.47 39.99 28.16
C LYS D 250 9.77 38.50 28.25
N PHE D 251 8.80 37.67 27.86
CA PHE D 251 9.05 36.24 27.72
C PHE D 251 8.74 35.84 26.29
N ILE D 252 9.79 35.61 25.51
CA ILE D 252 9.67 35.22 24.11
C ILE D 252 9.87 33.72 24.06
N ARG D 253 8.77 32.99 23.87
CA ARG D 253 8.80 31.54 23.71
C ARG D 253 8.72 31.25 22.22
N ILE D 254 9.88 31.08 21.59
CA ILE D 254 9.96 30.81 20.16
C ILE D 254 9.88 29.30 19.97
N ASN D 255 8.70 28.82 19.59
CA ASN D 255 8.47 27.38 19.44
C ASN D 255 9.13 26.90 18.15
N PHE D 256 10.32 26.32 18.27
CA PHE D 256 11.00 25.79 17.09
C PHE D 256 10.33 24.53 16.61
N ASP D 257 10.57 24.21 15.34
CA ASP D 257 10.11 22.95 14.77
C ASP D 257 11.09 21.86 15.18
N VAL D 258 10.98 20.67 14.55
CA VAL D 258 11.92 19.59 14.81
C VAL D 258 13.20 19.72 14.01
N THR D 259 13.30 20.72 13.13
CA THR D 259 14.47 20.93 12.29
C THR D 259 15.08 22.31 12.49
N GLY D 260 14.88 22.90 13.67
CA GLY D 260 15.47 24.19 13.96
C GLY D 260 14.89 25.35 13.19
N TYR D 261 13.61 25.29 12.85
CA TYR D 261 12.91 26.37 12.17
C TYR D 261 11.77 26.87 13.05
N ILE D 262 11.19 27.99 12.64
CA ILE D 262 10.18 28.69 13.43
C ILE D 262 8.79 28.28 12.97
N VAL D 263 7.93 27.92 13.92
CA VAL D 263 6.55 27.60 13.61
C VAL D 263 5.63 28.38 14.56
N GLY D 264 6.17 29.39 15.21
CA GLY D 264 5.40 30.22 16.12
C GLY D 264 6.28 30.86 17.18
N ALA D 265 5.83 32.00 17.69
CA ALA D 265 6.60 32.74 18.68
C ALA D 265 5.60 33.43 19.62
N ASN D 266 5.40 32.85 20.80
CA ASN D 266 4.52 33.43 21.77
C ASN D 266 5.24 34.49 22.61
N ILE D 267 4.49 35.49 23.04
CA ILE D 267 5.02 36.59 23.84
C ILE D 267 4.22 36.66 25.13
N GLU D 268 4.93 36.77 26.25
CA GLU D 268 4.33 36.88 27.57
C GLU D 268 4.77 38.17 28.23
N THR D 269 3.80 38.96 28.67
CA THR D 269 4.01 40.22 29.36
C THR D 269 3.75 40.07 30.84
N TYR D 270 4.08 41.11 31.59
CA TYR D 270 3.86 41.13 33.03
C TYR D 270 3.55 42.56 33.45
N LEU D 271 3.69 42.82 34.75
CA LEU D 271 3.20 44.05 35.37
C LEU D 271 3.70 45.31 34.66
N LEU D 272 2.82 46.31 34.58
CA LEU D 272 3.10 47.59 33.96
C LEU D 272 2.97 48.70 35.00
N GLU D 273 3.67 49.82 34.76
CA GLU D 273 3.66 50.94 35.71
C GLU D 273 2.51 51.88 35.37
N LYS D 274 1.32 51.49 35.84
CA LYS D 274 0.14 52.34 35.71
C LYS D 274 0.30 53.64 36.47
N SER D 275 1.08 53.62 37.57
CA SER D 275 1.26 54.81 38.38
C SER D 275 2.00 55.89 37.61
N ARG D 276 3.01 55.50 36.83
CA ARG D 276 3.66 56.48 35.97
C ARG D 276 2.71 57.01 34.91
N ALA D 277 1.77 56.17 34.46
CA ALA D 277 0.83 56.59 33.43
C ALA D 277 -0.11 57.67 33.98
N ILE D 278 -0.67 57.43 35.17
CA ILE D 278 -1.65 58.39 35.71
C ILE D 278 -0.96 59.70 36.10
N ARG D 279 0.06 59.61 36.93
CA ARG D 279 0.76 60.80 37.41
C ARG D 279 2.25 60.64 37.14
N GLN D 280 2.93 61.78 36.98
CA GLN D 280 4.33 61.78 36.63
C GLN D 280 5.12 62.73 37.52
N ALA D 281 6.40 62.91 37.22
CA ALA D 281 7.27 63.78 38.00
C ALA D 281 8.46 64.17 37.13
N LYS D 282 9.43 64.87 37.72
CA LYS D 282 10.65 65.19 37.00
C LYS D 282 11.39 63.91 36.62
N ASP D 283 11.86 63.86 35.39
CA ASP D 283 12.47 62.70 34.75
C ASP D 283 11.45 61.59 34.50
N GLU D 284 10.22 61.75 34.98
CA GLU D 284 9.17 60.76 34.80
C GLU D 284 8.30 61.23 33.64
N ARG D 285 8.66 60.79 32.44
CA ARG D 285 7.88 61.10 31.25
C ARG D 285 6.86 60.01 31.00
N THR D 286 5.74 60.39 30.39
CA THR D 286 4.69 59.43 30.06
C THR D 286 5.21 58.42 29.03
N PHE D 287 4.38 57.43 28.70
CA PHE D 287 4.82 56.35 27.84
C PHE D 287 5.17 56.87 26.45
N HIS D 288 5.97 56.08 25.74
CA HIS D 288 6.46 56.49 24.43
C HIS D 288 5.32 56.68 23.44
N ILE D 289 4.36 55.75 23.44
CA ILE D 289 3.27 55.82 22.47
C ILE D 289 2.47 57.09 22.63
N PHE D 290 2.41 57.65 23.85
CA PHE D 290 1.71 58.90 24.05
C PHE D 290 2.36 60.03 23.26
N TYR D 291 3.68 60.15 23.37
CA TYR D 291 4.39 61.16 22.59
C TYR D 291 4.31 60.85 21.10
N TYR D 292 4.36 59.57 20.74
CA TYR D 292 4.22 59.19 19.34
C TYR D 292 2.90 59.68 18.77
N LEU D 293 1.84 59.58 19.55
CA LEU D 293 0.51 59.95 19.07
C LEU D 293 0.33 61.46 19.07
N ILE D 294 0.90 62.16 20.06
CA ILE D 294 0.80 63.62 20.04
C ILE D 294 1.72 64.23 18.98
N ALA D 295 2.69 63.47 18.47
CA ALA D 295 3.56 63.97 17.43
C ALA D 295 3.03 63.64 16.03
N GLY D 296 2.83 62.35 15.75
CA GLY D 296 2.43 61.93 14.43
C GLY D 296 0.93 62.06 14.17
N ALA D 297 0.35 63.16 14.64
CA ALA D 297 -1.07 63.45 14.44
C ALA D 297 -1.17 64.60 13.43
N SER D 298 -1.18 64.25 12.15
CA SER D 298 -1.32 65.25 11.11
C SER D 298 -2.70 65.91 11.19
N GLU D 299 -2.87 66.97 10.39
CA GLU D 299 -4.10 67.75 10.47
C GLU D 299 -5.33 66.90 10.19
N GLN D 300 -5.22 65.97 9.24
CA GLN D 300 -6.34 65.08 8.96
C GLN D 300 -6.65 64.16 10.14
N MET D 301 -5.68 63.96 11.04
CA MET D 301 -5.89 63.14 12.22
C MET D 301 -5.62 63.91 13.51
N ARG D 302 -5.75 65.23 13.48
CA ARG D 302 -5.54 66.07 14.65
C ARG D 302 -6.85 66.42 15.34
N ASN D 303 -7.79 67.01 14.60
CA ASN D 303 -9.10 67.31 15.17
C ASN D 303 -9.86 66.03 15.51
N ASP D 304 -9.55 64.92 14.83
CA ASP D 304 -10.11 63.64 15.25
C ASP D 304 -9.67 63.31 16.66
N LEU D 305 -8.51 63.80 17.08
CA LEU D 305 -8.05 63.67 18.45
C LEU D 305 -8.24 64.93 19.26
N LEU D 306 -8.30 66.09 18.61
CA LEU D 306 -8.48 67.37 19.28
C LEU D 306 -7.44 67.59 20.38
N LEU D 307 -6.18 67.50 19.98
CA LEU D 307 -5.06 67.68 20.90
C LEU D 307 -4.71 69.15 20.96
N GLU D 308 -4.86 69.76 22.13
CA GLU D 308 -4.58 71.19 22.28
C GLU D 308 -3.12 71.41 22.65
N GLY D 309 -2.78 72.64 23.04
CA GLY D 309 -1.39 72.99 23.27
C GLY D 309 -0.75 72.13 24.34
N PHE D 310 0.56 71.92 24.18
CA PHE D 310 1.31 71.13 25.14
C PHE D 310 1.35 71.83 26.49
N ASN D 311 1.73 71.06 27.51
CA ASN D 311 1.96 71.56 28.86
C ASN D 311 0.72 72.27 29.40
N ASN D 312 -0.44 71.70 29.08
CA ASN D 312 -1.70 72.16 29.65
C ASN D 312 -2.57 71.04 30.19
N TYR D 313 -2.17 69.78 30.03
CA TYR D 313 -2.90 68.64 30.57
C TYR D 313 -2.40 68.35 31.99
N THR D 314 -3.05 67.38 32.66
CA THR D 314 -2.54 66.89 33.93
C THR D 314 -1.79 65.58 33.78
N PHE D 315 -2.13 64.76 32.78
CA PHE D 315 -1.32 63.60 32.45
C PHE D 315 0.04 64.00 31.90
N LEU D 316 0.19 65.25 31.46
CA LEU D 316 1.51 65.82 31.19
C LEU D 316 1.95 66.58 32.45
N SER D 317 2.18 65.80 33.50
CA SER D 317 2.58 66.36 34.79
C SER D 317 4.09 66.46 34.86
N ASN D 318 4.59 67.64 35.23
CA ASN D 318 6.01 67.91 35.40
C ASN D 318 6.79 67.69 34.09
N GLY D 319 6.40 68.47 33.08
CA GLY D 319 7.22 68.62 31.89
C GLY D 319 6.88 67.74 30.71
N HIS D 320 6.82 68.36 29.52
CA HIS D 320 6.74 67.63 28.26
C HIS D 320 8.17 67.38 27.79
N VAL D 321 8.80 66.40 28.43
CA VAL D 321 10.25 66.20 28.24
C VAL D 321 10.50 65.63 26.84
N PRO D 322 11.46 66.17 26.09
CA PRO D 322 11.84 65.53 24.83
C PRO D 322 12.75 64.34 25.07
N ILE D 323 13.26 63.75 24.00
CA ILE D 323 14.18 62.63 24.08
C ILE D 323 15.53 63.08 23.53
N PRO D 324 16.61 62.98 24.30
CA PRO D 324 17.91 63.45 23.82
C PRO D 324 18.41 62.62 22.65
N ALA D 325 18.87 63.31 21.61
CA ALA D 325 19.45 62.71 20.41
C ALA D 325 18.48 61.81 19.66
N GLN D 326 17.20 61.84 20.00
CA GLN D 326 16.19 61.00 19.34
C GLN D 326 14.91 61.81 19.23
N GLN D 327 14.67 62.39 18.05
CA GLN D 327 13.44 63.10 17.81
C GLN D 327 12.27 62.11 17.72
N ASP D 328 11.06 62.64 17.70
CA ASP D 328 9.86 61.83 17.67
C ASP D 328 9.08 61.98 16.36
N ASP D 329 9.63 62.70 15.39
CA ASP D 329 8.96 62.88 14.11
C ASP D 329 9.05 61.66 13.21
N GLU D 330 9.59 60.54 13.70
CA GLU D 330 9.82 59.38 12.86
C GLU D 330 9.28 58.11 13.53
N MET D 331 9.20 58.12 14.85
CA MET D 331 8.80 56.92 15.57
C MET D 331 7.37 56.53 15.24
N PHE D 332 6.47 57.51 15.15
CA PHE D 332 5.08 57.22 14.84
C PHE D 332 4.95 56.48 13.52
N GLN D 333 5.60 57.00 12.48
CA GLN D 333 5.50 56.39 11.15
C GLN D 333 6.03 54.97 11.16
N GLU D 334 7.18 54.75 11.79
CA GLU D 334 7.78 53.43 11.75
C GLU D 334 6.96 52.42 12.56
N THR D 335 6.45 52.81 13.72
CA THR D 335 5.64 51.87 14.46
C THR D 335 4.32 51.60 13.76
N LEU D 336 3.77 52.61 13.07
CA LEU D 336 2.52 52.40 12.35
C LEU D 336 2.72 51.43 11.19
N GLU D 337 3.77 51.64 10.40
CA GLU D 337 4.03 50.71 9.31
C GLU D 337 4.41 49.33 9.83
N ALA D 338 5.04 49.25 11.00
CA ALA D 338 5.38 47.96 11.57
C ALA D 338 4.13 47.20 11.98
N MET D 339 3.21 47.87 12.68
CA MET D 339 1.95 47.23 13.03
C MET D 339 1.13 46.90 11.79
N ARG D 340 1.30 47.66 10.72
CA ARG D 340 0.71 47.28 9.45
C ARG D 340 1.32 45.98 8.95
N ILE D 341 2.65 45.83 9.09
CA ILE D 341 3.29 44.57 8.75
C ILE D 341 2.79 43.46 9.67
N MET D 342 2.46 43.79 10.91
CA MET D 342 1.82 42.84 11.81
C MET D 342 0.47 42.36 11.29
N GLY D 343 -0.09 43.03 10.28
CA GLY D 343 -1.37 42.64 9.74
C GLY D 343 -2.51 43.41 10.37
N PHE D 344 -2.40 44.73 10.37
CA PHE D 344 -3.39 45.59 11.02
C PHE D 344 -4.31 46.22 9.97
N THR D 345 -5.59 46.35 10.32
CA THR D 345 -6.59 46.92 9.43
C THR D 345 -6.83 48.38 9.80
N GLU D 346 -6.93 49.24 8.78
CA GLU D 346 -6.99 50.67 9.00
C GLU D 346 -8.11 51.06 9.97
N GLU D 347 -9.27 50.41 9.84
CA GLU D 347 -10.39 50.75 10.72
C GLU D 347 -10.07 50.43 12.17
N GLU D 348 -9.64 49.20 12.44
CA GLU D 348 -9.25 48.86 13.79
C GLU D 348 -7.98 49.59 14.21
N GLN D 349 -7.14 49.96 13.24
CA GLN D 349 -5.99 50.80 13.55
C GLN D 349 -6.43 52.10 14.20
N THR D 350 -7.21 52.91 13.47
CA THR D 350 -7.64 54.20 14.01
C THR D 350 -8.53 54.02 15.24
N SER D 351 -9.29 52.93 15.31
CA SER D 351 -10.07 52.67 16.51
C SER D 351 -9.15 52.51 17.73
N ILE D 352 -8.11 51.69 17.59
CA ILE D 352 -7.16 51.50 18.68
C ILE D 352 -6.51 52.82 19.05
N LEU D 353 -6.08 53.59 18.04
CA LEU D 353 -5.37 54.83 18.32
C LEU D 353 -6.27 55.83 19.04
N ARG D 354 -7.53 55.94 18.63
CA ARG D 354 -8.43 56.86 19.32
C ARG D 354 -8.78 56.35 20.71
N VAL D 355 -8.83 55.04 20.91
CA VAL D 355 -9.05 54.52 22.25
C VAL D 355 -7.87 54.88 23.16
N VAL D 356 -6.65 54.77 22.64
CA VAL D 356 -5.47 55.19 23.41
C VAL D 356 -5.55 56.66 23.74
N SER D 357 -5.82 57.50 22.74
CA SER D 357 -5.92 58.93 23.00
C SER D 357 -7.08 59.27 23.92
N SER D 358 -8.03 58.34 24.09
CA SER D 358 -9.14 58.58 24.99
C SER D 358 -8.71 58.33 26.43
N VAL D 359 -7.59 58.96 26.81
CA VAL D 359 -7.18 59.05 28.21
C VAL D 359 -6.82 60.46 28.62
N LEU D 360 -6.59 61.37 27.66
CA LEU D 360 -6.21 62.73 27.97
C LEU D 360 -7.32 63.44 28.75
N GLN D 361 -8.52 63.50 28.18
CA GLN D 361 -9.65 64.08 28.90
C GLN D 361 -10.01 63.24 30.12
N LEU D 362 -9.86 61.91 30.02
CA LEU D 362 -10.12 61.05 31.16
C LEU D 362 -9.25 61.42 32.35
N GLY D 363 -8.08 62.01 32.10
CA GLY D 363 -7.25 62.54 33.17
C GLY D 363 -7.51 64.00 33.43
N ASN D 364 -7.69 64.78 32.35
CA ASN D 364 -7.81 66.23 32.47
C ASN D 364 -9.16 66.68 32.97
N ILE D 365 -10.03 65.78 33.41
CA ILE D 365 -11.31 66.19 33.96
C ILE D 365 -11.07 66.97 35.25
N VAL D 366 -11.85 68.03 35.45
CA VAL D 366 -11.80 68.82 36.66
C VAL D 366 -13.17 68.80 37.32
N PHE D 367 -13.20 69.20 38.58
CA PHE D 367 -14.42 69.13 39.37
C PHE D 367 -14.47 70.28 40.35
N LYS D 368 -15.65 70.51 40.92
CA LYS D 368 -15.86 71.57 41.90
C LYS D 368 -15.52 71.01 43.27
N LYS D 369 -14.43 71.49 43.86
CA LYS D 369 -14.03 71.09 45.20
C LYS D 369 -14.87 71.85 46.21
N GLU D 370 -16.04 71.28 46.52
CA GLU D 370 -16.98 71.90 47.45
C GLU D 370 -16.80 71.30 48.84
N ARG D 371 -16.94 72.15 49.86
CA ARG D 371 -16.89 71.71 51.24
C ARG D 371 -18.26 71.67 51.92
N ASN D 372 -19.21 72.46 51.44
CA ASN D 372 -20.54 72.45 52.04
C ASN D 372 -21.23 71.11 51.88
N THR D 373 -21.19 70.55 50.67
CA THR D 373 -21.81 69.27 50.40
C THR D 373 -20.83 68.20 49.91
N ASP D 374 -19.60 68.58 49.57
CA ASP D 374 -18.59 67.67 49.05
C ASP D 374 -19.08 66.97 47.78
N GLN D 375 -19.35 67.78 46.76
CA GLN D 375 -19.89 67.30 45.50
C GLN D 375 -19.03 67.82 44.35
N ALA D 376 -18.64 66.92 43.45
CA ALA D 376 -17.84 67.28 42.29
C ALA D 376 -18.74 67.80 41.17
N SER D 377 -18.20 68.70 40.36
CA SER D 377 -18.95 69.31 39.27
C SER D 377 -18.00 69.83 38.21
N MET D 378 -18.24 69.47 36.94
CA MET D 378 -17.42 69.88 35.81
C MET D 378 -18.01 71.13 35.16
N PRO D 379 -17.22 72.19 34.98
CA PRO D 379 -17.75 73.40 34.37
C PRO D 379 -17.86 73.32 32.86
N ASP D 380 -16.93 72.62 32.22
CA ASP D 380 -16.92 72.55 30.77
C ASP D 380 -18.04 71.65 30.26
N ASN D 381 -18.52 71.97 29.06
CA ASN D 381 -19.65 71.27 28.45
C ASN D 381 -19.23 70.46 27.22
N THR D 382 -17.95 70.11 27.10
CA THR D 382 -17.47 69.39 25.95
C THR D 382 -16.91 68.02 26.25
N ALA D 383 -16.78 67.65 27.52
CA ALA D 383 -16.22 66.35 27.89
C ALA D 383 -16.90 65.22 27.12
N ALA D 384 -18.21 65.35 26.89
CA ALA D 384 -18.89 64.44 26.00
C ALA D 384 -18.28 64.48 24.61
N GLN D 385 -18.34 65.65 23.97
CA GLN D 385 -17.66 65.85 22.70
C GLN D 385 -16.16 65.67 22.80
N LYS D 386 -15.63 65.57 24.02
CA LYS D 386 -14.22 65.24 24.21
C LYS D 386 -14.06 63.73 24.03
N VAL D 387 -12.90 63.20 24.45
CA VAL D 387 -12.39 61.90 24.04
C VAL D 387 -13.45 60.80 24.06
N CYS D 388 -14.47 60.94 24.92
CA CYS D 388 -15.52 59.94 24.92
C CYS D 388 -16.42 60.07 23.69
N HIS D 389 -16.39 61.22 23.01
CA HIS D 389 -17.14 61.38 21.77
C HIS D 389 -16.80 60.29 20.77
N LEU D 390 -15.59 59.75 20.85
CA LEU D 390 -15.16 58.66 19.98
C LEU D 390 -15.46 57.28 20.56
N MET D 391 -16.03 57.22 21.77
CA MET D 391 -16.25 55.94 22.43
C MET D 391 -17.63 55.37 22.14
N GLY D 392 -18.68 56.19 22.27
CA GLY D 392 -20.03 55.77 22.00
C GLY D 392 -20.89 55.53 23.22
N ILE D 393 -20.68 56.28 24.29
CA ILE D 393 -21.52 56.19 25.49
C ILE D 393 -21.85 57.61 25.94
N ASN D 394 -23.08 57.82 26.40
CA ASN D 394 -23.51 59.16 26.78
C ASN D 394 -22.82 59.63 28.05
N VAL D 395 -21.95 60.65 27.91
CA VAL D 395 -21.24 61.19 29.07
C VAL D 395 -22.21 61.74 30.10
N THR D 396 -23.28 62.40 29.64
CA THR D 396 -24.32 62.84 30.56
C THR D 396 -24.79 61.68 31.43
N ASP D 397 -25.27 60.61 30.80
CA ASP D 397 -25.60 59.40 31.55
C ASP D 397 -24.40 58.90 32.33
N PHE D 398 -23.23 58.88 31.69
CA PHE D 398 -22.00 58.46 32.35
C PHE D 398 -21.72 59.33 33.57
N THR D 399 -21.90 60.64 33.44
CA THR D 399 -21.64 61.55 34.55
C THR D 399 -22.61 61.31 35.71
N ARG D 400 -23.91 61.24 35.40
CA ARG D 400 -24.90 60.98 36.43
C ARG D 400 -24.63 59.65 37.13
N SER D 401 -24.15 58.66 36.37
CA SER D 401 -23.90 57.35 36.94
C SER D 401 -22.68 57.34 37.85
N ILE D 402 -21.56 57.92 37.38
CA ILE D 402 -20.34 57.87 38.16
C ILE D 402 -20.33 58.87 39.31
N LEU D 403 -21.11 59.94 39.22
CA LEU D 403 -21.22 60.89 40.32
C LEU D 403 -22.28 60.45 41.33
N THR D 404 -23.43 59.97 40.85
CA THR D 404 -24.50 59.45 41.69
C THR D 404 -24.62 57.96 41.41
N PRO D 405 -23.83 57.15 42.11
CA PRO D 405 -23.89 55.69 41.88
C PRO D 405 -25.18 55.10 42.39
N ARG D 406 -26.09 54.76 41.47
CA ARG D 406 -27.37 54.15 41.78
C ARG D 406 -27.28 52.62 41.78
N ILE D 407 -26.06 52.09 41.64
CA ILE D 407 -25.90 50.64 41.51
C ILE D 407 -26.31 49.94 42.79
N LYS D 408 -26.63 48.65 42.66
CA LYS D 408 -26.94 47.79 43.80
C LYS D 408 -25.66 47.06 44.24
N VAL D 409 -24.71 47.86 44.75
CA VAL D 409 -23.43 47.30 45.15
C VAL D 409 -23.64 46.37 46.34
N GLY D 410 -22.93 45.24 46.33
CA GLY D 410 -23.06 44.26 47.38
C GLY D 410 -24.41 43.56 47.36
N ARG D 411 -25.25 43.84 48.35
CA ARG D 411 -26.57 43.25 48.44
C ARG D 411 -27.61 44.30 48.80
N ASP D 412 -27.42 45.53 48.31
CA ASP D 412 -28.35 46.61 48.55
C ASP D 412 -28.06 47.73 47.56
N VAL D 413 -29.12 48.40 47.10
CA VAL D 413 -28.95 49.51 46.18
C VAL D 413 -28.38 50.70 46.92
N VAL D 414 -27.50 51.46 46.25
CA VAL D 414 -26.76 52.53 46.90
C VAL D 414 -26.98 53.82 46.14
N GLN D 415 -26.65 54.92 46.80
CA GLN D 415 -26.70 56.26 46.20
C GLN D 415 -25.95 57.22 47.12
N LYS D 416 -25.11 58.06 46.51
CA LYS D 416 -24.34 59.02 47.27
C LYS D 416 -23.82 60.11 46.33
N ALA D 417 -23.49 61.25 46.91
CA ALA D 417 -22.83 62.32 46.18
C ALA D 417 -21.35 61.94 45.99
N GLN D 418 -20.57 62.86 45.44
CA GLN D 418 -19.15 62.56 45.21
C GLN D 418 -18.36 63.85 45.10
N THR D 419 -17.32 63.98 45.92
CA THR D 419 -16.35 65.06 45.81
C THR D 419 -15.38 64.72 44.68
N LYS D 420 -14.25 65.43 44.63
CA LYS D 420 -13.28 65.19 43.58
C LYS D 420 -12.24 64.14 43.95
N GLU D 421 -11.92 63.99 45.24
CA GLU D 421 -10.77 63.21 45.67
C GLU D 421 -10.86 61.76 45.26
N GLN D 422 -11.81 61.02 45.83
CA GLN D 422 -11.96 59.63 45.44
C GLN D 422 -12.56 59.50 44.05
N ALA D 423 -13.24 60.54 43.56
CA ALA D 423 -13.63 60.54 42.15
C ALA D 423 -12.41 60.58 41.25
N ASP D 424 -11.43 61.42 41.58
CA ASP D 424 -10.18 61.44 40.83
C ASP D 424 -9.48 60.08 40.93
N PHE D 425 -9.47 59.50 42.14
CA PHE D 425 -8.86 58.18 42.30
C PHE D 425 -9.54 57.14 41.41
N ALA D 426 -10.87 57.16 41.37
CA ALA D 426 -11.60 56.18 40.59
C ALA D 426 -11.40 56.38 39.10
N ILE D 427 -11.36 57.64 38.64
CA ILE D 427 -11.16 57.87 37.22
C ILE D 427 -9.74 57.53 36.81
N GLU D 428 -8.77 57.73 37.71
CA GLU D 428 -7.41 57.30 37.41
C GLU D 428 -7.32 55.78 37.34
N ALA D 429 -8.01 55.08 38.25
CA ALA D 429 -8.06 53.63 38.18
C ALA D 429 -8.74 53.17 36.89
N LEU D 430 -9.75 53.91 36.45
CA LEU D 430 -10.41 53.58 35.18
C LEU D 430 -9.43 53.71 34.03
N ALA D 431 -8.68 54.81 33.99
CA ALA D 431 -7.67 54.97 32.95
C ALA D 431 -6.66 53.83 33.00
N LYS D 432 -6.22 53.45 34.20
CA LYS D 432 -5.27 52.37 34.36
C LYS D 432 -5.81 51.06 33.77
N ALA D 433 -7.00 50.66 34.22
CA ALA D 433 -7.57 49.40 33.76
C ALA D 433 -7.82 49.42 32.27
N LYS D 434 -8.32 50.55 31.75
CA LYS D 434 -8.57 50.68 30.32
C LYS D 434 -7.29 50.48 29.52
N PHE D 435 -6.24 51.21 29.89
CA PHE D 435 -4.99 51.11 29.14
C PHE D 435 -4.38 49.71 29.27
N GLU D 436 -4.49 49.09 30.44
CA GLU D 436 -3.85 47.80 30.62
C GLU D 436 -4.59 46.69 29.88
N ARG D 437 -5.92 46.72 29.88
CA ARG D 437 -6.66 45.78 29.05
C ARG D 437 -6.44 46.06 27.58
N LEU D 438 -6.23 47.33 27.20
CA LEU D 438 -5.89 47.64 25.82
C LEU D 438 -4.54 47.04 25.45
N PHE D 439 -3.57 47.12 26.35
CA PHE D 439 -2.26 46.55 26.10
C PHE D 439 -2.32 45.03 26.00
N ARG D 440 -3.13 44.41 26.86
CA ARG D 440 -3.30 42.96 26.78
C ARG D 440 -4.00 42.58 25.48
N TRP D 441 -4.94 43.41 25.01
CA TRP D 441 -5.55 43.16 23.71
C TRP D 441 -4.50 43.28 22.61
N ILE D 442 -3.63 44.28 22.70
CA ILE D 442 -2.58 44.47 21.71
C ILE D 442 -1.72 43.21 21.61
N LEU D 443 -1.24 42.73 22.75
CA LEU D 443 -0.34 41.58 22.72
C LEU D 443 -1.06 40.30 22.34
N THR D 444 -2.34 40.16 22.71
CA THR D 444 -3.09 38.99 22.26
C THR D 444 -3.26 39.02 20.75
N ARG D 445 -3.53 40.20 20.18
CA ARG D 445 -3.60 40.33 18.73
C ARG D 445 -2.26 39.98 18.09
N VAL D 446 -1.16 40.43 18.69
CA VAL D 446 0.16 40.13 18.17
C VAL D 446 0.38 38.63 18.15
N ASN D 447 0.05 37.96 19.25
CA ASN D 447 0.23 36.51 19.32
C ASN D 447 -0.65 35.79 18.31
N LYS D 448 -1.91 36.21 18.19
CA LYS D 448 -2.84 35.53 17.29
C LYS D 448 -2.40 35.68 15.84
N ALA D 449 -2.03 36.90 15.43
CA ALA D 449 -1.55 37.12 14.08
C ALA D 449 -0.12 36.67 13.87
N LEU D 450 0.57 36.23 14.93
CA LEU D 450 1.94 35.77 14.85
C LEU D 450 2.07 34.26 15.03
N ASP D 451 1.45 33.71 16.08
CA ASP D 451 1.54 32.28 16.35
C ASP D 451 0.75 31.52 15.31
N LYS D 452 1.45 30.98 14.31
CA LYS D 452 0.77 30.18 13.29
C LYS D 452 0.32 28.84 13.86
N THR D 453 1.14 28.24 14.72
CA THR D 453 0.84 26.96 15.37
C THR D 453 0.53 25.89 14.32
N LYS D 454 1.38 25.84 13.29
CA LYS D 454 1.19 24.85 12.24
C LYS D 454 1.48 23.44 12.75
N ARG D 455 2.66 23.24 13.35
CA ARG D 455 3.05 21.95 13.92
C ARG D 455 2.94 21.93 15.43
N GLN D 456 2.20 22.87 16.02
CA GLN D 456 2.03 22.98 17.47
C GLN D 456 3.35 23.12 18.20
N GLY D 457 4.41 23.55 17.51
CA GLY D 457 5.71 23.71 18.11
C GLY D 457 6.50 22.43 18.21
N ALA D 458 6.15 21.57 19.17
CA ALA D 458 6.85 20.32 19.49
C ALA D 458 8.27 20.55 19.96
N SER D 459 8.69 21.81 20.11
CA SER D 459 10.01 22.22 20.57
C SER D 459 9.97 23.72 20.74
N PHE D 460 10.82 24.24 21.64
CA PHE D 460 10.75 25.67 21.93
C PHE D 460 12.05 26.14 22.56
N LEU D 461 12.31 27.43 22.39
CA LEU D 461 13.40 28.14 23.05
C LEU D 461 12.83 29.31 23.84
N GLY D 462 13.42 29.57 25.01
CA GLY D 462 12.93 30.63 25.86
C GLY D 462 13.90 31.79 26.02
N ILE D 463 13.41 33.00 25.78
CA ILE D 463 14.21 34.21 25.95
C ILE D 463 13.50 35.08 26.97
N LEU D 464 14.11 35.25 28.14
CA LEU D 464 13.54 36.06 29.20
C LEU D 464 14.36 37.34 29.36
N ASP D 465 13.67 38.48 29.31
CA ASP D 465 14.26 39.78 29.58
C ASP D 465 13.42 40.42 30.68
N ILE D 466 13.76 40.13 31.93
CA ILE D 466 12.99 40.64 33.04
C ILE D 466 13.18 42.14 33.17
N ALA D 467 12.22 42.81 33.79
CA ALA D 467 12.37 44.21 34.13
C ALA D 467 13.56 44.35 35.08
N GLY D 468 14.58 45.09 34.62
CA GLY D 468 15.80 45.27 35.39
C GLY D 468 15.54 45.84 36.77
N PHE D 469 16.20 45.28 37.78
CA PHE D 469 16.00 45.74 39.15
C PHE D 469 16.35 47.21 39.28
N GLU D 470 15.37 48.02 39.62
CA GLU D 470 15.59 49.44 39.84
C GLU D 470 15.78 49.71 41.33
N ILE D 471 16.65 50.65 41.65
CA ILE D 471 16.83 51.14 43.00
C ILE D 471 16.38 52.60 43.03
N PHE D 472 15.46 52.91 43.94
CA PHE D 472 14.86 54.23 43.97
C PHE D 472 14.17 54.43 45.32
N GLU D 473 13.86 55.70 45.60
CA GLU D 473 13.27 56.09 46.88
C GLU D 473 11.74 56.03 46.83
N ILE D 474 11.13 56.75 45.91
CA ILE D 474 9.68 56.77 45.78
C ILE D 474 9.25 55.53 45.02
N ASN D 475 8.98 54.46 45.75
CA ASN D 475 8.61 53.17 45.17
C ASN D 475 7.21 52.79 45.65
N SER D 476 6.76 51.62 45.21
CA SER D 476 5.40 51.17 45.49
C SER D 476 5.36 49.66 45.36
N PHE D 477 4.13 49.12 45.32
CA PHE D 477 3.93 47.68 45.26
C PHE D 477 4.59 47.08 44.03
N GLU D 478 4.41 47.72 42.88
CA GLU D 478 5.01 47.22 41.63
C GLU D 478 6.52 47.17 41.72
N GLN D 479 7.12 48.18 42.35
CA GLN D 479 8.57 48.16 42.54
C GLN D 479 8.99 46.98 43.40
N LEU D 480 8.22 46.66 44.44
CA LEU D 480 8.47 45.46 45.20
C LEU D 480 8.39 44.21 44.35
N CYS D 481 7.38 44.12 43.48
CA CYS D 481 7.24 42.93 42.64
C CYS D 481 8.43 42.77 41.72
N ILE D 482 8.86 43.85 41.06
CA ILE D 482 9.96 43.74 40.11
C ILE D 482 11.27 43.45 40.83
N ASN D 483 11.47 44.07 42.00
CA ASN D 483 12.69 43.80 42.75
C ASN D 483 12.74 42.37 43.25
N TYR D 484 11.60 41.85 43.73
CA TYR D 484 11.54 40.47 44.15
C TYR D 484 11.73 39.52 42.98
N THR D 485 11.25 39.89 41.80
CA THR D 485 11.48 39.05 40.63
C THR D 485 12.96 38.99 40.28
N ASN D 486 13.63 40.15 40.27
CA ASN D 486 15.07 40.15 40.02
C ASN D 486 15.81 39.35 41.10
N GLU D 487 15.38 39.48 42.36
CA GLU D 487 16.02 38.74 43.43
C GLU D 487 15.84 37.23 43.27
N LYS D 488 14.63 36.79 42.92
CA LYS D 488 14.41 35.37 42.73
C LYS D 488 15.17 34.86 41.51
N LEU D 489 15.38 35.69 40.50
CA LEU D 489 16.20 35.28 39.38
C LEU D 489 17.66 35.13 39.79
N GLN D 490 18.16 36.06 40.61
CA GLN D 490 19.51 35.91 41.14
C GLN D 490 19.62 34.64 41.97
N GLN D 491 18.59 34.34 42.77
CA GLN D 491 18.62 33.14 43.58
C GLN D 491 18.58 31.89 42.72
N LEU D 492 17.83 31.92 41.62
CA LEU D 492 17.84 30.78 40.69
C LEU D 492 19.21 30.61 40.07
N PHE D 493 19.81 31.71 39.64
CA PHE D 493 21.20 31.69 39.17
C PHE D 493 22.09 30.97 40.18
N ASN D 494 22.12 31.45 41.41
CA ASN D 494 22.97 30.85 42.44
C ASN D 494 22.65 29.38 42.64
N HIS D 495 21.39 29.10 42.98
CA HIS D 495 20.96 27.73 43.26
C HIS D 495 21.35 26.78 42.15
N THR D 496 20.89 27.03 40.93
CA THR D 496 21.25 26.17 39.82
C THR D 496 22.76 26.08 39.67
N MET D 497 23.38 27.19 39.28
CA MET D 497 24.78 27.19 38.83
C MET D 497 25.76 26.82 39.95
N PHE D 498 25.30 26.60 41.17
CA PHE D 498 26.18 25.97 42.15
C PHE D 498 25.69 24.60 42.60
N ILE D 499 24.51 24.54 43.20
CA ILE D 499 24.05 23.33 43.84
C ILE D 499 23.67 22.27 42.82
N LEU D 500 23.12 22.66 41.67
CA LEU D 500 22.72 21.67 40.68
C LEU D 500 23.90 20.78 40.28
N GLU D 501 25.05 21.39 39.98
CA GLU D 501 26.20 20.57 39.62
C GLU D 501 26.85 19.95 40.85
N GLN D 502 26.85 20.66 41.99
CA GLN D 502 27.45 20.08 43.19
C GLN D 502 26.70 18.83 43.62
N GLU D 503 25.45 18.70 43.23
CA GLU D 503 24.68 17.49 43.52
C GLU D 503 24.63 16.51 42.36
N GLU D 504 24.75 16.98 41.12
CA GLU D 504 24.85 16.07 39.99
C GLU D 504 26.15 15.27 40.05
N TYR D 505 27.21 15.87 40.62
CA TYR D 505 28.44 15.11 40.83
C TYR D 505 28.16 13.87 41.69
N GLN D 506 27.48 14.05 42.81
CA GLN D 506 27.13 12.91 43.65
C GLN D 506 26.16 11.98 42.92
N ARG D 507 25.21 12.55 42.18
CA ARG D 507 24.25 11.74 41.44
C ARG D 507 24.91 10.89 40.38
N GLU D 508 26.11 11.26 39.94
CA GLU D 508 26.87 10.46 38.99
C GLU D 508 27.85 9.53 39.68
N GLY D 509 27.77 9.39 41.00
CA GLY D 509 28.62 8.49 41.74
C GLY D 509 30.08 8.90 41.83
N ILE D 510 30.48 10.00 41.20
CA ILE D 510 31.87 10.41 41.28
C ILE D 510 32.16 10.99 42.66
N GLU D 511 33.45 11.04 43.00
CA GLU D 511 33.86 11.66 44.25
C GLU D 511 33.60 13.15 44.18
N TRP D 512 33.02 13.71 45.23
CA TRP D 512 32.76 15.13 45.30
C TRP D 512 32.39 15.50 46.72
N ASN D 513 32.54 16.79 47.02
CA ASN D 513 32.14 17.36 48.29
C ASN D 513 31.39 18.66 48.05
N PHE D 514 30.35 18.90 48.84
CA PHE D 514 29.49 20.05 48.67
C PHE D 514 30.10 21.25 49.40
N ILE D 515 30.30 22.36 48.68
CA ILE D 515 30.80 23.59 49.26
C ILE D 515 30.02 24.74 48.66
N ASP D 516 29.42 25.56 49.51
CA ASP D 516 28.85 26.84 49.12
C ASP D 516 29.71 27.97 49.68
N PHE D 517 29.52 29.16 49.13
CA PHE D 517 30.27 30.33 49.53
C PHE D 517 29.36 31.47 49.95
N GLY D 518 28.24 31.15 50.58
CA GLY D 518 27.31 32.15 51.02
C GLY D 518 26.58 32.83 49.88
N LEU D 519 26.03 32.04 48.96
CA LEU D 519 25.30 32.55 47.81
C LEU D 519 23.81 32.26 47.90
N ASP D 520 23.33 31.79 49.06
CA ASP D 520 21.92 31.50 49.23
C ASP D 520 21.15 32.79 49.45
N LEU D 521 20.13 33.02 48.63
CA LEU D 521 19.29 34.22 48.72
C LEU D 521 17.88 33.89 49.19
N GLN D 522 17.74 32.86 50.02
CA GLN D 522 16.43 32.45 50.52
C GLN D 522 15.77 33.49 51.41
N PRO D 523 16.47 34.12 52.35
CA PRO D 523 15.80 35.11 53.22
C PRO D 523 15.02 36.17 52.46
N CYS D 524 15.62 36.74 51.40
CA CYS D 524 14.90 37.72 50.60
C CYS D 524 13.66 37.13 49.96
N ILE D 525 13.67 35.82 49.67
CA ILE D 525 12.46 35.16 49.20
C ILE D 525 11.42 35.14 50.31
N GLU D 526 11.83 34.71 51.51
CA GLU D 526 10.87 34.56 52.60
C GLU D 526 10.36 35.89 53.14
N LEU D 527 10.91 37.02 52.70
CA LEU D 527 10.27 38.29 52.98
C LEU D 527 8.90 38.36 52.30
N ILE D 528 8.75 37.69 51.17
CA ILE D 528 7.46 37.49 50.53
C ILE D 528 7.03 36.03 50.57
N GLU D 529 7.85 35.15 51.14
CA GLU D 529 7.52 33.73 51.22
C GLU D 529 7.72 33.19 52.63
N ARG D 530 7.48 34.03 53.64
CA ARG D 530 7.50 33.55 55.02
C ARG D 530 6.42 32.49 55.19
N PRO D 531 6.78 31.24 55.41
CA PRO D 531 5.82 30.13 55.37
C PRO D 531 5.15 29.79 56.70
N THR D 532 5.43 30.53 57.77
CA THR D 532 4.92 30.11 59.08
C THR D 532 3.40 30.11 59.12
N ASN D 533 2.79 31.29 59.13
CA ASN D 533 1.35 31.36 58.91
C ASN D 533 1.01 31.39 57.42
N PRO D 534 1.46 32.39 56.67
CA PRO D 534 1.03 32.52 55.28
C PRO D 534 2.04 31.87 54.35
N PRO D 535 1.82 31.94 53.03
CA PRO D 535 2.94 31.79 52.11
C PRO D 535 3.65 33.10 51.87
N GLY D 536 3.90 33.86 52.92
CA GLY D 536 4.64 35.11 52.82
C GLY D 536 3.77 36.33 53.03
N VAL D 537 4.39 37.50 52.79
CA VAL D 537 3.74 38.77 53.07
C VAL D 537 2.60 39.06 52.10
N LEU D 538 2.59 38.42 50.93
CA LEU D 538 1.51 38.65 49.98
C LEU D 538 0.18 38.20 50.55
N ALA D 539 0.14 36.99 51.13
CA ALA D 539 -1.07 36.53 51.78
C ALA D 539 -1.42 37.40 52.98
N LEU D 540 -0.42 37.98 53.63
CA LEU D 540 -0.69 38.94 54.70
C LEU D 540 -1.36 40.19 54.14
N LEU D 541 -0.86 40.69 53.01
CA LEU D 541 -1.51 41.83 52.35
C LEU D 541 -2.93 41.49 51.94
N ASP D 542 -3.18 40.23 51.55
CA ASP D 542 -4.53 39.84 51.16
C ASP D 542 -5.44 39.75 52.38
N GLU D 543 -4.94 39.21 53.49
CA GLU D 543 -5.71 39.19 54.73
C GLU D 543 -6.03 40.60 55.20
N GLU D 544 -5.10 41.54 54.98
CA GLU D 544 -5.40 42.93 55.23
C GLU D 544 -6.49 43.42 54.28
N CYS D 545 -6.40 43.03 53.01
CA CYS D 545 -7.47 43.33 52.06
C CYS D 545 -8.79 42.69 52.48
N TRP D 546 -8.73 41.54 53.14
CA TRP D 546 -9.93 40.92 53.69
C TRP D 546 -10.57 41.76 54.78
N PHE D 547 -9.88 42.79 55.28
CA PHE D 547 -10.43 43.72 56.25
C PHE D 547 -10.20 45.13 55.72
N PRO D 548 -11.11 45.63 54.87
CA PRO D 548 -10.89 46.94 54.25
C PRO D 548 -11.02 48.11 55.22
N LYS D 549 -11.51 47.89 56.43
CA LYS D 549 -11.68 48.97 57.40
C LYS D 549 -10.38 49.24 58.18
N ALA D 550 -9.29 49.40 57.43
CA ALA D 550 -7.98 49.66 58.02
C ALA D 550 -7.07 50.22 56.95
N THR D 551 -6.32 51.26 57.29
CA THR D 551 -5.43 51.90 56.34
C THR D 551 -4.21 51.02 56.09
N ASP D 552 -3.29 51.55 55.26
CA ASP D 552 -2.09 50.80 54.92
C ASP D 552 -1.08 50.80 56.06
N THR D 553 -1.09 51.84 56.90
CA THR D 553 -0.22 51.86 58.08
C THR D 553 -0.52 50.67 58.99
N SER D 554 -1.78 50.24 59.04
CA SER D 554 -2.14 49.07 59.82
C SER D 554 -1.38 47.85 59.35
N PHE D 555 -1.41 47.57 58.05
CA PHE D 555 -0.68 46.43 57.52
C PHE D 555 0.82 46.61 57.69
N VAL D 556 1.31 47.85 57.56
CA VAL D 556 2.73 48.12 57.75
C VAL D 556 3.16 47.69 59.15
N GLU D 557 2.49 48.21 60.17
CA GLU D 557 2.85 47.86 61.54
C GLU D 557 2.59 46.40 61.84
N LYS D 558 1.56 45.81 61.21
CA LYS D 558 1.27 44.40 61.43
C LYS D 558 2.41 43.52 60.94
N LEU D 559 2.88 43.75 59.72
CA LEU D 559 4.01 42.99 59.21
C LEU D 559 5.28 43.30 59.97
N ILE D 560 5.43 44.53 60.47
CA ILE D 560 6.59 44.85 61.30
C ILE D 560 6.60 44.00 62.56
N GLN D 561 5.47 43.95 63.26
CA GLN D 561 5.39 43.15 64.48
C GLN D 561 5.53 41.67 64.16
N GLU D 562 5.02 41.23 63.02
CA GLU D 562 5.10 39.82 62.66
C GLU D 562 6.53 39.39 62.40
N GLN D 563 7.23 40.11 61.52
CA GLN D 563 8.64 39.82 61.29
C GLN D 563 9.48 40.16 62.51
N GLY D 564 9.51 41.45 62.88
CA GLY D 564 10.12 41.86 64.12
C GLY D 564 11.64 41.75 64.13
N ASN D 565 12.14 40.54 63.90
CA ASN D 565 13.57 40.27 64.03
C ASN D 565 14.13 39.61 62.76
N HIS D 566 13.49 39.84 61.63
CA HIS D 566 14.01 39.30 60.38
C HIS D 566 15.31 40.02 60.02
N PRO D 567 16.40 39.30 59.81
CA PRO D 567 17.69 39.98 59.54
C PRO D 567 17.65 40.85 58.30
N LYS D 568 17.06 40.36 57.21
CA LYS D 568 16.96 41.14 55.98
C LYS D 568 15.99 42.30 56.10
N PHE D 569 15.15 42.32 57.13
CA PHE D 569 14.18 43.40 57.33
C PHE D 569 14.74 44.41 58.32
N GLN D 570 14.54 45.70 58.02
CA GLN D 570 15.04 46.77 58.87
C GLN D 570 14.09 47.97 58.75
N LYS D 571 13.54 48.39 59.88
CA LYS D 571 12.58 49.49 59.88
C LYS D 571 13.27 50.81 59.57
N SER D 572 12.47 51.76 59.06
CA SER D 572 13.01 53.05 58.67
C SER D 572 13.18 53.95 59.89
N LYS D 573 13.61 55.19 59.64
CA LYS D 573 13.87 56.16 60.69
C LYS D 573 12.56 56.88 61.03
N GLN D 574 11.74 56.21 61.83
CA GLN D 574 10.44 56.73 62.27
C GLN D 574 9.54 57.09 61.08
N LEU D 575 9.48 56.18 60.11
CA LEU D 575 8.57 56.29 58.98
C LEU D 575 7.49 55.22 59.03
N LYS D 576 7.24 54.64 60.21
CA LYS D 576 6.20 53.62 60.35
C LYS D 576 4.82 54.22 60.12
N ASP D 577 4.54 55.35 60.76
CA ASP D 577 3.29 56.07 60.53
C ASP D 577 3.23 56.67 59.14
N LYS D 578 4.32 56.62 58.37
CA LYS D 578 4.35 57.12 57.01
C LYS D 578 4.37 56.01 55.97
N THR D 579 4.17 54.76 56.40
CA THR D 579 4.11 53.59 55.53
C THR D 579 5.39 53.42 54.70
N GLU D 580 6.48 54.03 55.10
CA GLU D 580 7.75 53.95 54.39
C GLU D 580 8.66 53.02 55.17
N PHE D 581 8.70 51.76 54.76
CA PHE D 581 9.54 50.75 55.40
C PHE D 581 10.69 50.39 54.49
N CYS D 582 11.81 49.99 55.11
CA CYS D 582 13.03 49.69 54.38
C CYS D 582 13.27 48.19 54.34
N ILE D 583 13.85 47.73 53.23
CA ILE D 583 14.20 46.33 53.03
C ILE D 583 15.62 46.25 52.50
N LEU D 584 16.30 45.16 52.84
CA LEU D 584 17.65 44.90 52.37
C LEU D 584 17.62 43.85 51.26
N HIS D 585 18.57 43.96 50.34
CA HIS D 585 18.68 43.04 49.22
C HIS D 585 20.15 42.93 48.82
N TYR D 586 20.39 42.37 47.63
CA TYR D 586 21.73 42.37 47.07
C TYR D 586 22.22 43.80 46.87
N ALA D 587 21.33 44.71 46.49
CA ALA D 587 21.65 46.13 46.51
C ALA D 587 21.55 46.71 47.90
N GLY D 588 20.69 46.14 48.74
CA GLY D 588 20.65 46.49 50.15
C GLY D 588 19.51 47.43 50.48
N LYS D 589 19.83 48.54 51.14
CA LYS D 589 18.83 49.47 51.66
C LYS D 589 17.96 50.02 50.54
N VAL D 590 16.65 49.77 50.62
CA VAL D 590 15.70 50.33 49.68
C VAL D 590 14.40 50.63 50.44
N SER D 591 13.86 51.83 50.23
CA SER D 591 12.66 52.27 50.91
C SER D 591 11.43 51.97 50.07
N TYR D 592 10.28 51.86 50.75
CA TYR D 592 9.02 51.56 50.08
C TYR D 592 7.88 52.21 50.82
N ASN D 593 7.07 52.98 50.09
CA ASN D 593 5.88 53.61 50.63
C ASN D 593 4.66 52.79 50.26
N ALA D 594 3.74 52.65 51.21
CA ALA D 594 2.54 51.85 51.02
C ALA D 594 1.31 52.69 50.71
N SER D 595 1.49 53.81 50.02
CA SER D 595 0.38 54.69 49.70
C SER D 595 -0.64 53.98 48.80
N ALA D 596 -1.89 53.95 49.24
CA ALA D 596 -2.99 53.32 48.52
C ALA D 596 -2.71 51.86 48.19
N TRP D 597 -1.84 51.21 48.97
CA TRP D 597 -1.48 49.83 48.69
C TRP D 597 -2.65 48.88 48.86
N LEU D 598 -3.63 49.22 49.69
CA LEU D 598 -4.87 48.45 49.71
C LEU D 598 -5.54 48.49 48.34
N THR D 599 -5.75 49.69 47.81
CA THR D 599 -6.26 49.82 46.45
C THR D 599 -5.28 49.24 45.44
N LYS D 600 -3.98 49.54 45.60
CA LYS D 600 -2.97 49.02 44.69
C LYS D 600 -2.87 47.50 44.74
N ASN D 601 -3.53 46.85 45.70
CA ASN D 601 -3.55 45.41 45.82
C ASN D 601 -4.86 44.81 45.30
N MET D 602 -6.00 45.33 45.74
CA MET D 602 -7.27 44.83 45.25
C MET D 602 -7.59 45.39 43.87
N ASP D 603 -7.35 46.68 43.65
CA ASP D 603 -7.56 47.36 42.38
C ASP D 603 -8.97 47.16 41.86
N PRO D 604 -9.98 47.75 42.52
CA PRO D 604 -11.34 47.66 41.99
C PRO D 604 -11.65 48.79 41.04
N LEU D 605 -12.90 48.87 40.57
CA LEU D 605 -13.30 49.95 39.69
C LEU D 605 -14.79 50.19 39.84
N ASN D 606 -15.24 51.32 39.33
CA ASN D 606 -16.66 51.63 39.32
C ASN D 606 -17.43 50.63 38.47
N ASP D 607 -18.69 50.39 38.84
CA ASP D 607 -19.59 49.59 38.03
C ASP D 607 -20.42 50.43 37.08
N ASN D 608 -20.70 51.69 37.44
CA ASN D 608 -21.36 52.61 36.53
C ASN D 608 -20.56 52.82 35.25
N VAL D 609 -19.28 52.44 35.23
CA VAL D 609 -18.46 52.51 34.05
C VAL D 609 -18.40 51.17 33.32
N THR D 610 -19.37 50.29 33.58
CA THR D 610 -19.39 48.96 32.99
C THR D 610 -20.66 48.66 32.22
N SER D 611 -21.81 49.12 32.70
CA SER D 611 -23.08 48.75 32.09
C SER D 611 -23.16 49.20 30.63
N LEU D 612 -23.14 50.51 30.41
CA LEU D 612 -23.17 51.00 29.03
C LEU D 612 -21.87 50.71 28.30
N LEU D 613 -20.77 50.52 29.02
CA LEU D 613 -19.52 50.17 28.38
C LEU D 613 -19.58 48.77 27.78
N ASN D 614 -20.45 47.91 28.28
CA ASN D 614 -20.65 46.60 27.66
C ASN D 614 -21.31 46.70 26.29
N GLN D 615 -21.82 47.88 25.91
CA GLN D 615 -22.43 48.06 24.60
C GLN D 615 -22.18 49.51 24.16
N SER D 616 -21.18 49.71 23.32
CA SER D 616 -20.87 51.04 22.84
C SER D 616 -20.82 51.08 21.32
N SER D 617 -20.39 52.21 20.76
CA SER D 617 -20.39 52.37 19.30
C SER D 617 -19.49 51.34 18.64
N ASP D 618 -18.19 51.40 18.91
CA ASP D 618 -17.23 50.48 18.32
C ASP D 618 -17.21 49.19 19.14
N LYS D 619 -17.42 48.06 18.47
CA LYS D 619 -17.38 46.76 19.14
C LYS D 619 -16.01 46.45 19.73
N PHE D 620 -14.97 47.19 19.32
CA PHE D 620 -13.65 47.00 19.90
C PHE D 620 -13.66 47.21 21.41
N VAL D 621 -14.53 48.09 21.90
CA VAL D 621 -14.59 48.34 23.34
C VAL D 621 -15.14 47.12 24.07
N ALA D 622 -15.96 46.31 23.40
CA ALA D 622 -16.41 45.06 24.02
C ALA D 622 -15.22 44.14 24.29
N ASP D 623 -14.34 43.99 23.32
CA ASP D 623 -13.10 43.26 23.54
C ASP D 623 -12.26 43.93 24.62
N LEU D 624 -12.29 45.27 24.68
CA LEU D 624 -11.56 45.99 25.71
C LEU D 624 -12.15 45.79 27.09
N TRP D 625 -13.40 45.30 27.18
CA TRP D 625 -14.04 45.11 28.47
C TRP D 625 -14.82 43.81 28.52
N LYS D 626 -14.35 42.77 27.82
CA LYS D 626 -15.03 41.49 27.84
C LYS D 626 -14.92 40.82 29.20
N ASP D 627 -13.70 40.53 29.64
CA ASP D 627 -13.48 39.83 30.90
C ASP D 627 -13.37 40.83 32.05
N VAL D 628 -14.50 41.46 32.34
CA VAL D 628 -14.60 42.42 33.44
C VAL D 628 -15.31 41.81 34.64
N ASP D 629 -15.29 40.49 34.77
CA ASP D 629 -16.05 39.77 35.79
C ASP D 629 -15.32 39.68 37.12
N ARG D 630 -14.35 40.57 37.36
CA ARG D 630 -13.64 40.61 38.64
C ARG D 630 -13.69 41.97 39.31
N ILE D 631 -14.09 43.02 38.60
CA ILE D 631 -14.22 44.34 39.21
C ILE D 631 -15.35 44.31 40.23
N VAL D 632 -15.05 44.75 41.45
CA VAL D 632 -16.01 44.76 42.55
C VAL D 632 -16.25 46.21 42.97
N GLY D 633 -17.52 46.54 43.24
CA GLY D 633 -17.83 47.87 43.71
C GLY D 633 -17.58 48.06 45.20
N LEU D 634 -17.76 47.01 45.99
CA LEU D 634 -17.52 47.08 47.42
C LEU D 634 -16.04 47.00 47.73
N PHE D 656 -12.18 40.19 43.16
CA PHE D 656 -12.40 38.99 43.95
C PHE D 656 -11.08 38.28 44.27
N ARG D 657 -10.05 38.59 43.48
CA ARG D 657 -8.74 38.00 43.64
C ARG D 657 -7.69 39.05 43.30
N THR D 658 -6.85 39.38 44.27
CA THR D 658 -5.93 40.50 44.11
C THR D 658 -4.92 40.24 42.99
N VAL D 659 -4.49 41.32 42.33
CA VAL D 659 -3.59 41.20 41.20
C VAL D 659 -2.22 40.73 41.66
N GLY D 660 -1.84 41.06 42.90
CA GLY D 660 -0.56 40.59 43.40
C GLY D 660 -0.48 39.08 43.47
N GLN D 661 -1.59 38.43 43.86
CA GLN D 661 -1.61 36.98 43.92
C GLN D 661 -1.52 36.37 42.53
N LEU D 662 -2.21 36.98 41.55
CA LEU D 662 -2.09 36.52 40.17
C LEU D 662 -0.64 36.63 39.68
N TYR D 663 -0.01 37.76 39.98
CA TYR D 663 1.38 37.95 39.59
C TYR D 663 2.28 36.91 40.23
N LYS D 664 2.06 36.61 41.51
CA LYS D 664 2.86 35.61 42.18
C LYS D 664 2.65 34.22 41.57
N GLU D 665 1.41 33.88 41.24
CA GLU D 665 1.13 32.56 40.66
C GLU D 665 1.77 32.43 39.29
N GLN D 666 1.60 33.45 38.43
CA GLN D 666 2.26 33.43 37.14
C GLN D 666 3.77 33.41 37.26
N LEU D 667 4.33 34.10 38.26
CA LEU D 667 5.77 34.09 38.48
C LEU D 667 6.25 32.71 38.89
N THR D 668 5.48 32.01 39.72
CA THR D 668 5.84 30.64 40.09
C THR D 668 5.78 29.72 38.88
N LYS D 669 4.74 29.87 38.06
CA LYS D 669 4.67 29.08 36.84
C LYS D 669 5.89 29.33 35.95
N LEU D 670 6.27 30.59 35.80
CA LEU D 670 7.43 30.95 34.99
C LEU D 670 8.71 30.34 35.56
N MET D 671 8.89 30.43 36.88
CA MET D 671 10.11 29.92 37.49
C MET D 671 10.20 28.41 37.36
N THR D 672 9.06 27.73 37.46
CA THR D 672 9.04 26.29 37.26
C THR D 672 9.40 25.95 35.81
N THR D 673 8.76 26.63 34.86
CA THR D 673 9.04 26.36 33.45
C THR D 673 10.50 26.57 33.12
N LEU D 674 11.11 27.63 33.65
CA LEU D 674 12.52 27.85 33.38
C LEU D 674 13.42 26.87 34.12
N ARG D 675 13.01 26.41 35.30
CA ARG D 675 13.73 25.33 35.95
C ARG D 675 13.63 24.02 35.19
N ASN D 676 12.64 23.90 34.31
CA ASN D 676 12.50 22.72 33.47
C ASN D 676 13.32 22.80 32.19
N THR D 677 14.33 23.69 32.14
CA THR D 677 15.17 23.82 30.96
C THR D 677 16.55 24.29 31.35
N ASN D 678 17.49 24.16 30.43
CA ASN D 678 18.87 24.53 30.68
C ASN D 678 19.07 26.03 30.44
N PRO D 679 19.48 26.81 31.43
CA PRO D 679 19.65 28.24 31.26
C PRO D 679 21.07 28.63 30.88
N ASN D 680 21.20 29.83 30.31
CA ASN D 680 22.49 30.44 30.01
C ASN D 680 22.34 31.93 30.31
N PHE D 681 23.02 32.40 31.34
CA PHE D 681 22.81 33.75 31.83
C PHE D 681 23.85 34.71 31.26
N VAL D 682 23.42 35.96 31.08
CA VAL D 682 24.31 37.05 30.69
C VAL D 682 23.90 38.28 31.49
N ARG D 683 24.86 38.89 32.18
CA ARG D 683 24.58 40.00 33.07
C ARG D 683 24.98 41.31 32.41
N CYS D 684 24.08 42.30 32.47
CA CYS D 684 24.37 43.63 32.00
C CYS D 684 24.95 44.48 33.12
N ILE D 685 25.82 45.41 32.75
CA ILE D 685 26.56 46.22 33.71
C ILE D 685 26.35 47.70 33.39
N ILE D 686 26.41 48.53 34.42
CA ILE D 686 26.39 49.98 34.29
C ILE D 686 27.79 50.49 34.58
N PRO D 687 28.49 51.05 33.61
CA PRO D 687 29.81 51.65 33.89
C PRO D 687 29.70 52.89 34.75
N ASN D 688 28.83 53.82 34.34
CA ASN D 688 28.55 55.02 35.09
C ASN D 688 27.06 55.31 35.00
N HIS D 689 26.55 56.08 35.97
CA HIS D 689 25.12 56.30 36.05
C HIS D 689 24.58 57.21 34.98
N GLU D 690 25.38 57.54 33.97
CA GLU D 690 24.92 58.36 32.86
C GLU D 690 24.98 57.64 31.53
N LYS D 691 25.41 56.37 31.51
CA LYS D 691 25.64 55.61 30.28
C LYS D 691 26.60 56.33 29.34
N ARG D 692 27.45 57.19 29.89
CA ARG D 692 28.40 57.93 29.08
C ARG D 692 29.45 57.01 28.50
N ALA D 693 29.77 57.24 27.23
CA ALA D 693 30.74 56.38 26.54
C ALA D 693 32.10 56.47 27.20
N GLY D 694 32.58 55.35 27.73
CA GLY D 694 33.87 55.26 28.37
C GLY D 694 33.84 55.46 29.88
N LYS D 695 33.00 56.37 30.36
CA LYS D 695 32.92 56.65 31.79
C LYS D 695 32.48 55.40 32.56
N LEU D 696 33.37 54.87 33.39
CA LEU D 696 33.11 53.64 34.13
C LEU D 696 33.61 53.81 35.55
N ASP D 697 32.69 53.79 36.52
CA ASP D 697 33.08 53.76 37.92
C ASP D 697 33.41 52.33 38.31
N ALA D 698 34.68 52.08 38.65
CA ALA D 698 35.09 50.72 38.98
C ALA D 698 34.43 50.22 40.25
N HIS D 699 34.10 51.11 41.17
CA HIS D 699 33.46 50.68 42.41
C HIS D 699 32.02 50.26 42.17
N LEU D 700 31.32 50.97 41.28
CA LEU D 700 29.96 50.60 40.94
C LEU D 700 29.92 49.21 40.31
N VAL D 701 30.75 48.99 39.28
CA VAL D 701 30.78 47.68 38.64
C VAL D 701 31.29 46.63 39.61
N LEU D 702 32.14 47.02 40.55
CA LEU D 702 32.66 46.07 41.53
C LEU D 702 31.56 45.58 42.46
N GLU D 703 30.81 46.50 43.05
CA GLU D 703 29.69 46.11 43.89
C GLU D 703 28.60 45.42 43.09
N GLN D 704 28.49 45.72 41.79
CA GLN D 704 27.55 45.01 40.94
C GLN D 704 27.96 43.55 40.79
N LEU D 705 29.24 43.31 40.51
CA LEU D 705 29.74 41.94 40.47
C LEU D 705 29.53 41.25 41.81
N ARG D 706 29.71 41.98 42.91
CA ARG D 706 29.46 41.43 44.23
C ARG D 706 28.02 40.95 44.35
N CYS D 707 27.06 41.84 44.11
CA CYS D 707 25.64 41.50 44.19
C CYS D 707 25.23 40.50 43.11
N ASN D 708 26.10 40.23 42.14
CA ASN D 708 25.80 39.26 41.10
C ASN D 708 26.32 37.86 41.41
N GLY D 709 27.25 37.75 42.36
CA GLY D 709 27.81 36.45 42.71
C GLY D 709 28.46 35.78 41.52
N VAL D 710 29.36 36.49 40.86
CA VAL D 710 29.94 35.98 39.62
C VAL D 710 31.34 35.39 39.84
N LEU D 711 32.13 35.97 40.73
CA LEU D 711 33.50 35.50 40.91
C LEU D 711 33.55 34.06 41.40
N GLU D 712 32.70 33.72 42.36
CA GLU D 712 32.67 32.34 42.82
C GLU D 712 32.22 31.39 41.72
N GLY D 713 31.42 31.88 40.77
CA GLY D 713 31.16 31.09 39.58
C GLY D 713 32.43 30.73 38.85
N ILE D 714 33.32 31.70 38.68
CA ILE D 714 34.62 31.43 38.07
C ILE D 714 35.41 30.46 38.92
N ARG D 715 35.27 30.56 40.24
CA ARG D 715 35.91 29.59 41.11
C ARG D 715 35.43 28.18 40.82
N ILE D 716 34.12 28.02 40.62
CA ILE D 716 33.58 26.71 40.27
C ILE D 716 34.14 26.25 38.93
N CYS D 717 34.15 27.14 37.94
CA CYS D 717 34.65 26.77 36.62
C CYS D 717 36.10 26.28 36.70
N ARG D 718 36.95 27.03 37.39
CA ARG D 718 38.36 26.65 37.46
C ARG D 718 38.57 25.41 38.30
N GLN D 719 37.76 25.22 39.35
CA GLN D 719 37.94 24.07 40.22
C GLN D 719 37.04 22.91 39.82
N GLY D 720 35.74 23.15 39.73
CA GLY D 720 34.82 22.12 39.34
C GLY D 720 34.98 21.74 37.89
N PHE D 721 34.10 20.84 37.45
CA PHE D 721 34.15 20.26 36.11
C PHE D 721 32.87 20.69 35.38
N PRO D 722 32.83 21.93 34.88
CA PRO D 722 31.60 22.42 34.26
C PRO D 722 31.30 21.80 32.91
N ASN D 723 32.26 21.17 32.27
CA ASN D 723 32.01 20.55 30.98
C ASN D 723 31.68 19.07 31.16
N ARG D 724 30.78 18.57 30.32
CA ARG D 724 30.40 17.17 30.41
C ARG D 724 29.79 16.75 29.07
N ILE D 725 29.62 15.45 28.92
CA ILE D 725 29.10 14.87 27.69
C ILE D 725 28.52 13.50 28.02
N VAL D 726 27.61 13.03 27.17
CA VAL D 726 27.03 11.70 27.35
C VAL D 726 27.97 10.67 26.73
N PHE D 727 27.80 9.41 27.14
CA PHE D 727 28.69 8.33 26.72
C PHE D 727 28.77 8.23 25.20
N GLN D 728 27.61 8.06 24.56
CA GLN D 728 27.61 7.73 23.13
C GLN D 728 28.10 8.89 22.28
N GLU D 729 27.71 10.12 22.63
CA GLU D 729 28.08 11.26 21.79
C GLU D 729 29.58 11.49 21.75
N PHE D 730 30.26 11.22 22.86
CA PHE D 730 31.70 11.49 22.92
C PHE D 730 32.47 10.65 21.90
N ARG D 731 32.23 9.34 21.88
CA ARG D 731 33.00 8.48 20.99
C ARG D 731 32.69 8.79 19.54
N GLN D 732 31.40 8.94 19.19
CA GLN D 732 31.07 9.24 17.81
C GLN D 732 31.60 10.60 17.38
N ARG D 733 31.76 11.52 18.34
CA ARG D 733 32.32 12.82 18.00
C ARG D 733 33.84 12.78 17.90
N TYR D 734 34.49 11.84 18.59
CA TYR D 734 35.94 11.86 18.68
C TYR D 734 36.60 10.53 18.35
N GLU D 735 35.86 9.58 17.78
CA GLU D 735 36.51 8.39 17.23
C GLU D 735 37.41 8.75 16.05
N ILE D 736 37.04 9.80 15.31
CA ILE D 736 37.85 10.25 14.18
C ILE D 736 39.25 10.63 14.64
N LEU D 737 39.40 11.08 15.88
CA LEU D 737 40.72 11.43 16.39
C LEU D 737 41.59 10.19 16.56
N ALA D 738 41.16 9.25 17.41
CA ALA D 738 41.84 7.98 17.59
C ALA D 738 41.03 6.91 16.86
N ALA D 739 41.29 6.79 15.55
CA ALA D 739 40.51 5.86 14.73
C ALA D 739 40.88 4.42 15.05
N ASN D 740 42.17 4.14 15.27
CA ASN D 740 42.61 2.79 15.57
C ASN D 740 42.24 2.34 16.97
N ALA D 741 41.74 3.25 17.81
CA ALA D 741 41.50 2.93 19.21
C ALA D 741 40.45 1.82 19.36
N ILE D 742 39.22 2.10 18.92
CA ILE D 742 38.11 1.19 19.18
C ILE D 742 38.22 -0.04 18.29
N PRO D 743 37.77 -1.20 18.75
CA PRO D 743 37.57 -2.33 17.85
C PRO D 743 36.39 -2.05 16.93
N LYS D 744 36.45 -2.66 15.74
CA LYS D 744 35.42 -2.39 14.74
C LYS D 744 34.06 -2.97 15.12
N GLY D 745 33.99 -3.84 16.13
CA GLY D 745 32.72 -4.35 16.57
C GLY D 745 31.90 -3.29 17.28
N PHE D 746 30.60 -3.54 17.37
CA PHE D 746 29.67 -2.61 18.01
C PHE D 746 29.83 -2.72 19.51
N MET D 747 30.63 -1.83 20.09
CA MET D 747 30.86 -1.79 21.53
C MET D 747 30.11 -0.63 22.15
N ASP D 748 29.68 -0.81 23.39
CA ASP D 748 28.95 0.24 24.10
C ASP D 748 29.80 1.49 24.25
N GLY D 749 29.13 2.64 24.33
CA GLY D 749 29.83 3.90 24.40
C GLY D 749 30.70 4.04 25.64
N LYS D 750 30.33 3.37 26.73
CA LYS D 750 31.10 3.48 27.97
C LYS D 750 32.51 2.94 27.77
N GLN D 751 32.63 1.65 27.44
CA GLN D 751 33.95 1.06 27.29
C GLN D 751 34.70 1.64 26.09
N ALA D 752 33.98 2.00 25.03
CA ALA D 752 34.63 2.64 23.89
C ALA D 752 35.28 3.95 24.31
N CYS D 753 34.55 4.76 25.09
CA CYS D 753 35.11 6.01 25.59
C CYS D 753 36.28 5.74 26.52
N ILE D 754 36.16 4.73 27.38
CA ILE D 754 37.26 4.36 28.26
C ILE D 754 38.52 4.09 27.44
N LEU D 755 38.41 3.20 26.46
CA LEU D 755 39.58 2.79 25.69
C LEU D 755 40.13 3.95 24.86
N MET D 756 39.26 4.77 24.27
CA MET D 756 39.76 5.86 23.45
C MET D 756 40.47 6.91 24.30
N ILE D 757 39.94 7.20 25.48
CA ILE D 757 40.60 8.17 26.35
C ILE D 757 41.91 7.62 26.87
N LYS D 758 41.96 6.33 27.16
CA LYS D 758 43.23 5.69 27.50
C LYS D 758 44.21 5.82 26.34
N ALA D 759 43.72 5.64 25.11
CA ALA D 759 44.56 5.81 23.93
C ALA D 759 44.95 7.25 23.70
N LEU D 760 44.28 8.20 24.36
CA LEU D 760 44.72 9.58 24.31
C LEU D 760 45.82 9.86 25.33
N GLU D 761 45.94 9.03 26.37
CA GLU D 761 46.97 9.17 27.40
C GLU D 761 46.97 10.57 27.99
N LEU D 762 45.84 10.91 28.62
CA LEU D 762 45.69 12.19 29.29
C LEU D 762 45.71 12.00 30.80
N ASP D 763 46.06 13.07 31.50
CA ASP D 763 46.18 13.00 32.94
C ASP D 763 44.83 12.63 33.56
N PRO D 764 44.81 11.77 34.57
CA PRO D 764 43.52 11.37 35.16
C PRO D 764 42.79 12.50 35.84
N ASN D 765 43.49 13.52 36.30
CA ASN D 765 42.84 14.57 37.08
C ASN D 765 42.10 15.58 36.19
N LEU D 766 42.53 15.75 34.95
CA LEU D 766 41.88 16.75 34.09
C LEU D 766 40.48 16.35 33.67
N TYR D 767 40.05 15.13 33.98
CA TYR D 767 38.76 14.63 33.53
C TYR D 767 38.26 13.59 34.51
N ARG D 768 36.99 13.22 34.36
CA ARG D 768 36.37 12.21 35.20
C ARG D 768 35.43 11.36 34.36
N ILE D 769 35.32 10.09 34.75
CA ILE D 769 34.33 9.17 34.19
C ILE D 769 33.17 9.08 35.15
N GLY D 770 31.98 9.43 34.68
CA GLY D 770 30.77 9.28 35.45
C GLY D 770 30.06 7.98 35.09
N GLN D 771 29.06 7.65 35.91
CA GLN D 771 28.25 6.47 35.63
C GLN D 771 27.33 6.67 34.45
N SER D 772 27.10 7.91 34.04
CA SER D 772 26.30 8.19 32.86
C SER D 772 26.91 9.25 31.95
N LYS D 773 27.95 9.95 32.38
CA LYS D 773 28.53 11.04 31.61
C LYS D 773 30.04 11.00 31.75
N ILE D 774 30.70 11.92 31.05
CA ILE D 774 32.13 12.17 31.18
C ILE D 774 32.29 13.66 31.43
N PHE D 775 33.25 14.01 32.29
CA PHE D 775 33.34 15.37 32.80
C PHE D 775 34.74 15.94 32.61
N PHE D 776 34.80 17.26 32.42
CA PHE D 776 36.02 17.97 32.11
C PHE D 776 35.94 19.38 32.67
N ARG D 777 37.11 19.98 32.86
CA ARG D 777 37.22 21.36 33.32
C ARG D 777 36.97 22.30 32.14
N THR D 778 37.29 23.57 32.33
CA THR D 778 37.18 24.55 31.24
C THR D 778 38.40 24.45 30.33
N GLY D 779 38.17 24.72 29.05
CA GLY D 779 39.25 24.80 28.09
C GLY D 779 39.73 23.47 27.57
N VAL D 780 39.77 22.46 28.44
CA VAL D 780 40.25 21.14 28.05
C VAL D 780 39.39 20.56 26.94
N LEU D 781 38.09 20.82 26.97
CA LEU D 781 37.25 20.43 25.84
C LEU D 781 37.44 21.37 24.66
N ALA D 782 37.78 22.63 24.92
CA ALA D 782 37.97 23.60 23.85
C ALA D 782 39.19 23.24 23.01
N HIS D 783 40.37 23.19 23.61
CA HIS D 783 41.54 22.79 22.85
C HIS D 783 41.50 21.32 22.46
N LEU D 784 40.54 20.56 22.97
CA LEU D 784 40.26 19.25 22.37
C LEU D 784 39.62 19.42 21.00
N GLU D 785 38.74 20.42 20.87
CA GLU D 785 38.04 20.62 19.60
C GLU D 785 39.01 21.00 18.49
N GLU D 786 40.02 21.81 18.81
CA GLU D 786 40.95 22.24 17.77
C GLU D 786 41.80 21.09 17.26
N GLU D 787 42.05 20.09 18.11
CA GLU D 787 42.79 18.91 17.65
C GLU D 787 41.98 18.16 16.60
N ARG D 788 40.70 17.93 16.88
CA ARG D 788 39.82 17.32 15.89
C ARG D 788 39.71 18.21 14.65
N ASP D 789 39.78 19.53 14.84
CA ASP D 789 39.72 20.44 13.71
C ASP D 789 40.93 20.27 12.80
N LEU D 790 42.12 20.17 13.39
CA LEU D 790 43.32 19.94 12.59
C LEU D 790 43.27 18.57 11.93
N LYS D 791 42.71 17.58 12.62
CA LYS D 791 42.57 16.26 12.02
C LYS D 791 41.69 16.31 10.78
N ILE D 792 40.48 16.87 10.92
CA ILE D 792 39.60 16.98 9.77
C ILE D 792 40.23 17.88 8.70
N THR D 793 41.09 18.81 9.12
CA THR D 793 41.73 19.71 8.17
C THR D 793 42.71 18.95 7.28
N ASP D 794 43.58 18.14 7.88
CA ASP D 794 44.52 17.38 7.06
C ASP D 794 43.81 16.29 6.28
N VAL D 795 42.70 15.76 6.81
CA VAL D 795 41.89 14.83 6.05
C VAL D 795 41.35 15.51 4.79
N ILE D 796 40.83 16.72 4.94
CA ILE D 796 40.33 17.47 3.78
C ILE D 796 41.48 17.78 2.82
N ILE D 797 42.66 18.06 3.37
CA ILE D 797 43.85 18.29 2.53
C ILE D 797 44.10 17.08 1.64
N ALA D 798 44.15 15.89 2.25
CA ALA D 798 44.39 14.68 1.48
C ALA D 798 43.29 14.44 0.47
N PHE D 799 42.03 14.64 0.88
CA PHE D 799 40.93 14.42 -0.05
C PHE D 799 41.00 15.37 -1.24
N GLN D 800 41.38 16.62 -0.99
CA GLN D 800 41.55 17.58 -2.06
C GLN D 800 42.67 17.15 -3.00
N ALA D 801 43.75 16.61 -2.43
CA ALA D 801 44.84 16.12 -3.26
C ALA D 801 44.37 15.01 -4.20
N GLN D 802 43.64 14.03 -3.66
CA GLN D 802 43.17 12.94 -4.51
C GLN D 802 42.14 13.41 -5.52
N CYS D 803 41.29 14.36 -5.13
CA CYS D 803 40.37 14.95 -6.09
C CYS D 803 41.11 15.62 -7.24
N ARG D 804 42.15 16.38 -6.91
CA ARG D 804 42.96 17.04 -7.94
C ARG D 804 43.59 16.03 -8.87
N GLY D 805 44.14 14.94 -8.31
CA GLY D 805 44.74 13.92 -9.15
C GLY D 805 43.73 13.22 -10.03
N TYR D 806 42.54 12.95 -9.48
CA TYR D 806 41.49 12.31 -10.27
C TYR D 806 41.08 13.20 -11.43
N LEU D 807 40.88 14.49 -11.17
CA LEU D 807 40.49 15.40 -12.24
C LEU D 807 41.62 15.58 -13.24
N ALA D 808 42.87 15.51 -12.78
CA ALA D 808 43.99 15.56 -13.72
C ALA D 808 43.99 14.35 -14.65
N ARG D 809 43.77 13.16 -14.09
CA ARG D 809 43.66 11.97 -14.91
C ARG D 809 42.49 12.07 -15.87
N LYS D 810 41.36 12.62 -15.43
CA LYS D 810 40.21 12.78 -16.30
C LYS D 810 40.51 13.75 -17.44
N ALA D 811 41.19 14.86 -17.13
CA ALA D 811 41.53 15.83 -18.17
C ALA D 811 42.52 15.24 -19.16
N PHE D 812 43.49 14.46 -18.67
CA PHE D 812 44.42 13.79 -19.59
C PHE D 812 43.69 12.81 -20.49
N ALA D 813 42.73 12.07 -19.93
CA ALA D 813 41.95 11.14 -20.73
C ALA D 813 41.14 11.88 -21.79
N LYS D 814 40.51 13.00 -21.42
CA LYS D 814 39.76 13.79 -22.39
C LYS D 814 40.68 14.32 -23.48
N ARG D 815 41.88 14.78 -23.10
CA ARG D 815 42.82 15.32 -24.08
C ARG D 815 43.27 14.26 -25.07
N GLN D 816 43.62 13.07 -24.56
CA GLN D 816 44.05 12.01 -25.47
C GLN D 816 42.89 11.50 -26.32
N GLN D 817 41.67 11.47 -25.78
CA GLN D 817 40.52 11.07 -26.58
C GLN D 817 40.28 12.06 -27.70
N GLN D 818 40.39 13.35 -27.41
CA GLN D 818 40.24 14.35 -28.46
C GLN D 818 41.34 14.23 -29.49
N LEU D 819 42.59 14.02 -29.03
CA LEU D 819 43.70 13.82 -29.96
C LEU D 819 43.41 12.68 -30.91
N THR D 820 42.97 11.53 -30.38
CA THR D 820 42.57 10.43 -31.25
C THR D 820 41.35 10.80 -32.09
N ALA D 821 40.38 11.50 -31.48
CA ALA D 821 39.23 11.96 -32.24
C ALA D 821 39.63 13.01 -33.26
N MET D 822 40.73 13.72 -33.01
CA MET D 822 41.26 14.69 -33.98
C MET D 822 42.13 14.02 -35.03
N LYS D 823 42.19 12.70 -35.07
CA LYS D 823 42.92 11.95 -36.09
C LYS D 823 42.00 11.27 -37.08
N VAL D 824 40.70 11.58 -37.05
CA VAL D 824 39.76 11.05 -38.04
C VAL D 824 39.37 12.21 -38.95
N ILE D 825 39.49 13.43 -38.45
CA ILE D 825 39.22 14.61 -39.26
C ILE D 825 40.29 14.79 -40.33
N GLN D 826 41.51 14.30 -40.05
CA GLN D 826 42.60 14.42 -41.02
C GLN D 826 42.27 13.65 -42.30
N ARG D 827 41.76 12.43 -42.16
CA ARG D 827 41.39 11.64 -43.33
C ARG D 827 40.33 12.35 -44.14
N ASN D 828 39.31 12.89 -43.47
CA ASN D 828 38.22 13.56 -44.19
C ASN D 828 38.72 14.77 -44.95
N CYS D 829 39.49 15.65 -44.28
CA CYS D 829 39.93 16.86 -44.94
C CYS D 829 40.92 16.55 -46.07
N ALA D 830 41.83 15.59 -45.84
CA ALA D 830 42.77 15.22 -46.88
C ALA D 830 42.06 14.63 -48.09
N ALA D 831 41.04 13.80 -47.84
CA ALA D 831 40.28 13.24 -48.94
C ALA D 831 39.56 14.34 -49.73
N TYR D 832 38.89 15.25 -49.02
CA TYR D 832 38.16 16.31 -49.71
C TYR D 832 39.11 17.20 -50.51
N LEU D 833 40.30 17.45 -49.98
CA LEU D 833 41.26 18.28 -50.69
C LEU D 833 41.80 17.56 -51.92
N LYS D 834 42.28 16.32 -51.73
CA LYS D 834 42.90 15.59 -52.83
C LYS D 834 41.89 15.14 -53.88
N LEU D 835 40.59 15.21 -53.57
CA LEU D 835 39.59 14.95 -54.58
C LEU D 835 39.02 16.22 -55.20
N ARG D 836 39.04 17.33 -54.46
CA ARG D 836 38.53 18.59 -54.99
C ARG D 836 39.29 19.00 -56.25
N ASN D 837 40.61 18.87 -56.23
CA ASN D 837 41.38 19.11 -57.44
C ASN D 837 41.27 17.98 -58.45
N TRP D 838 40.97 16.77 -57.99
CA TRP D 838 40.80 15.65 -58.91
C TRP D 838 39.61 15.91 -59.83
N GLN D 839 39.87 15.87 -61.14
CA GLN D 839 38.83 16.17 -62.10
C GLN D 839 37.74 15.10 -62.11
N TRP D 840 38.08 13.86 -61.76
CA TRP D 840 37.08 12.80 -61.76
C TRP D 840 36.08 12.98 -60.61
N TRP D 841 36.57 13.35 -59.43
CA TRP D 841 35.66 13.70 -58.34
C TRP D 841 34.79 14.87 -58.73
N ARG D 842 35.35 15.84 -59.46
CA ARG D 842 34.54 16.96 -59.94
C ARG D 842 33.47 16.48 -60.91
N LEU D 843 33.81 15.54 -61.79
CA LEU D 843 32.82 14.98 -62.70
C LEU D 843 31.70 14.30 -61.94
N PHE D 844 32.07 13.54 -60.90
CA PHE D 844 31.05 12.90 -60.07
C PHE D 844 30.14 13.92 -59.42
N THR D 845 30.74 14.91 -58.74
CA THR D 845 29.98 15.97 -58.10
C THR D 845 29.24 16.85 -59.11
N LYS D 846 29.50 16.68 -60.40
CA LYS D 846 28.71 17.34 -61.43
C LYS D 846 27.51 16.50 -61.86
N VAL D 847 27.74 15.21 -62.14
CA VAL D 847 26.69 14.38 -62.70
C VAL D 847 25.58 14.12 -61.69
N LYS D 848 25.91 14.11 -60.39
CA LYS D 848 24.85 13.87 -59.40
C LYS D 848 23.87 15.03 -59.34
N PRO D 849 24.29 16.29 -59.22
CA PRO D 849 23.32 17.39 -59.33
C PRO D 849 22.77 17.56 -60.74
N LEU D 850 23.46 17.04 -61.76
CA LEU D 850 22.97 17.16 -63.13
C LEU D 850 21.64 16.45 -63.31
N LEU D 851 21.62 15.14 -63.10
CA LEU D 851 20.42 14.35 -63.34
C LEU D 851 20.18 13.28 -62.29
N GLN D 852 20.96 13.26 -61.21
CA GLN D 852 20.88 12.17 -60.24
C GLN D 852 20.33 12.57 -58.88
N VAL D 853 20.40 13.86 -58.52
CA VAL D 853 19.96 14.25 -57.18
C VAL D 853 18.46 14.10 -57.02
N THR D 854 17.70 14.23 -58.11
CA THR D 854 16.25 14.34 -57.98
C THR D 854 15.62 13.17 -57.22
N ARG D 855 15.66 11.96 -57.78
CA ARG D 855 14.90 10.86 -57.20
C ARG D 855 15.39 10.50 -55.81
N GLN D 856 16.67 10.12 -55.71
CA GLN D 856 17.20 9.64 -54.43
C GLN D 856 17.23 10.77 -53.39
N GLU D 857 17.64 11.96 -53.79
CA GLU D 857 17.71 13.08 -52.85
C GLU D 857 16.34 13.44 -52.32
N GLU D 858 15.33 13.52 -53.20
CA GLU D 858 13.99 13.84 -52.73
C GLU D 858 13.42 12.73 -51.86
N GLU D 859 13.72 11.47 -52.20
CA GLU D 859 13.31 10.35 -51.36
C GLU D 859 13.87 10.50 -49.96
N MET D 860 15.20 10.67 -49.85
CA MET D 860 15.84 10.77 -48.54
C MET D 860 15.39 12.02 -47.79
N GLN D 861 15.16 13.12 -48.51
CA GLN D 861 14.69 14.34 -47.86
C GLN D 861 13.30 14.15 -47.27
N ALA D 862 12.39 13.56 -48.03
CA ALA D 862 11.06 13.27 -47.51
C ALA D 862 11.12 12.32 -46.33
N LYS D 863 12.00 11.31 -46.40
CA LYS D 863 12.15 10.38 -45.30
C LYS D 863 12.62 11.11 -44.04
N ASP D 864 13.63 11.96 -44.17
CA ASP D 864 14.15 12.69 -43.02
C ASP D 864 13.11 13.64 -42.45
N GLU D 865 12.36 14.32 -43.33
CA GLU D 865 11.32 15.24 -42.86
C GLU D 865 10.25 14.51 -42.09
N GLU D 866 9.75 13.39 -42.64
CA GLU D 866 8.71 12.63 -41.97
C GLU D 866 9.22 12.03 -40.67
N LEU D 867 10.49 11.60 -40.64
CA LEU D 867 11.06 11.07 -39.41
C LEU D 867 11.16 12.15 -38.34
N GLN D 868 11.61 13.34 -38.72
CA GLN D 868 11.70 14.45 -37.77
C GLN D 868 10.31 14.83 -37.26
N ARG D 869 9.31 14.82 -38.14
CA ARG D 869 7.95 15.14 -37.70
C ARG D 869 7.43 14.10 -36.72
N THR D 870 7.60 12.82 -37.06
CA THR D 870 7.19 11.76 -36.14
C THR D 870 7.90 11.90 -34.80
N LYS D 871 9.19 12.21 -34.82
CA LYS D 871 9.95 12.31 -33.57
C LYS D 871 9.49 13.49 -32.73
N GLU D 872 9.32 14.67 -33.35
CA GLU D 872 8.88 15.83 -32.59
C GLU D 872 7.45 15.65 -32.08
N ARG D 873 6.64 14.86 -32.78
CA ARG D 873 5.31 14.57 -32.28
C ARG D 873 5.34 13.53 -31.15
N GLN D 874 6.31 12.61 -31.19
CA GLN D 874 6.54 11.73 -30.05
C GLN D 874 6.91 12.55 -28.82
N GLN D 875 7.92 13.41 -28.95
CA GLN D 875 8.27 14.31 -27.86
C GLN D 875 7.11 15.24 -27.52
N LYS D 876 6.23 15.51 -28.49
CA LYS D 876 5.00 16.22 -28.18
C LYS D 876 4.01 15.33 -27.44
N ALA D 877 4.22 14.02 -27.46
CA ALA D 877 3.36 13.06 -26.76
C ALA D 877 4.04 12.36 -25.60
N GLU D 878 5.29 11.91 -25.76
CA GLU D 878 5.96 11.22 -24.68
C GLU D 878 6.31 12.18 -23.55
N ALA D 879 6.79 13.38 -23.89
CA ALA D 879 6.95 14.42 -22.88
C ALA D 879 5.61 14.97 -22.43
N GLU D 880 4.53 14.72 -23.19
CA GLU D 880 3.19 15.00 -22.69
C GLU D 880 2.69 13.88 -21.80
N LEU D 881 3.11 12.63 -22.05
CA LEU D 881 2.69 11.52 -21.21
C LEU D 881 3.29 11.63 -19.82
N LYS D 882 4.55 12.05 -19.72
CA LYS D 882 5.12 12.30 -18.40
C LYS D 882 4.42 13.45 -17.69
N GLU D 883 3.96 14.45 -18.45
CA GLU D 883 3.15 15.51 -17.88
C GLU D 883 1.85 14.95 -17.32
N LEU D 884 1.21 14.05 -18.06
CA LEU D 884 0.01 13.39 -17.55
C LEU D 884 0.31 12.64 -16.26
N GLU D 885 1.41 11.90 -16.24
CA GLU D 885 1.77 11.12 -15.05
C GLU D 885 1.98 12.02 -13.84
N GLN D 886 2.77 13.09 -14.00
CA GLN D 886 3.05 13.95 -12.86
C GLN D 886 1.81 14.72 -12.42
N LYS D 887 1.03 15.24 -13.37
CA LYS D 887 -0.18 15.97 -13.01
C LYS D 887 -1.25 15.05 -12.46
N HIS D 888 -1.15 13.74 -12.71
CA HIS D 888 -2.09 12.81 -12.10
C HIS D 888 -1.64 12.41 -10.69
N THR D 889 -0.33 12.33 -10.46
CA THR D 889 0.14 11.97 -9.13
C THR D 889 0.17 13.15 -8.16
N GLN D 890 0.15 14.38 -8.66
CA GLN D 890 0.05 15.54 -7.78
C GLN D 890 -1.16 16.43 -8.10
N LEU D 891 -2.06 15.98 -8.97
CA LEU D 891 -3.28 16.73 -9.26
C LEU D 891 -4.52 15.86 -9.31
N CYS D 892 -4.39 14.54 -9.36
CA CYS D 892 -5.51 13.61 -9.32
C CYS D 892 -5.39 12.60 -8.20
N GLU D 893 -4.18 12.10 -7.93
CA GLU D 893 -3.97 11.21 -6.79
C GLU D 893 -3.78 12.01 -5.50
N GLU D 894 -2.85 12.98 -5.53
CA GLU D 894 -2.77 13.92 -4.41
C GLU D 894 -4.08 14.67 -4.24
N LYS D 895 -4.83 14.87 -5.32
CA LYS D 895 -6.17 15.43 -5.20
C LYS D 895 -7.04 14.54 -4.33
N ASN D 896 -6.97 13.22 -4.52
CA ASN D 896 -7.79 12.31 -3.71
C ASN D 896 -7.31 12.26 -2.27
N LEU D 897 -5.99 12.30 -2.06
CA LEU D 897 -5.47 12.35 -0.69
C LEU D 897 -5.95 13.60 0.03
N LEU D 898 -5.83 14.76 -0.63
CA LEU D 898 -6.34 15.99 -0.05
C LEU D 898 -7.86 15.95 0.12
N GLN D 899 -8.56 15.23 -0.76
CA GLN D 899 -10.01 15.08 -0.58
C GLN D 899 -10.34 14.31 0.69
N GLU D 900 -9.61 13.23 0.95
CA GLU D 900 -9.78 12.51 2.20
C GLU D 900 -9.48 13.40 3.40
N LYS D 901 -8.40 14.17 3.32
CA LYS D 901 -8.06 15.10 4.40
C LYS D 901 -9.18 16.12 4.61
N LEU D 902 -9.74 16.65 3.51
CA LEU D 902 -10.80 17.65 3.62
C LEU D 902 -12.06 17.05 4.22
N GLN D 903 -12.39 15.81 3.85
CA GLN D 903 -13.56 15.16 4.45
C GLN D 903 -13.36 14.94 5.94
N ALA D 904 -12.16 14.51 6.34
CA ALA D 904 -11.86 14.37 7.77
C ALA D 904 -11.99 15.69 8.49
N GLU D 905 -11.47 16.77 7.88
CA GLU D 905 -11.56 18.09 8.50
C GLU D 905 -13.01 18.55 8.62
N THR D 906 -13.82 18.29 7.59
CA THR D 906 -15.21 18.70 7.62
C THR D 906 -15.97 17.96 8.72
N GLU D 907 -15.73 16.65 8.84
CA GLU D 907 -16.43 15.88 9.87
C GLU D 907 -15.99 16.32 11.26
N LEU D 908 -14.68 16.54 11.45
CA LEU D 908 -14.21 16.96 12.76
C LEU D 908 -14.68 18.37 13.11
N TYR D 909 -14.82 19.26 12.12
CA TYR D 909 -15.36 20.58 12.40
C TYR D 909 -16.85 20.52 12.66
N ALA D 910 -17.57 19.62 12.00
CA ALA D 910 -18.99 19.43 12.33
C ALA D 910 -19.14 18.97 13.77
N GLU D 911 -18.31 18.02 14.19
CA GLU D 911 -18.32 17.61 15.59
C GLU D 911 -17.95 18.76 16.51
N ALA D 912 -16.99 19.59 16.10
CA ALA D 912 -16.59 20.74 16.91
C ALA D 912 -17.74 21.73 17.06
N GLU D 913 -18.48 22.00 15.98
CA GLU D 913 -19.60 22.93 16.04
C GLU D 913 -20.74 22.35 16.86
N GLU D 914 -20.97 21.05 16.77
CA GLU D 914 -21.97 20.40 17.60
C GLU D 914 -21.61 20.53 19.07
N MET D 915 -20.34 20.28 19.41
CA MET D 915 -19.89 20.50 20.78
C MET D 915 -20.02 21.97 21.17
N ARG D 916 -19.79 22.88 20.22
CA ARG D 916 -19.95 24.31 20.49
C ARG D 916 -21.36 24.62 20.94
N VAL D 917 -22.36 24.22 20.16
CA VAL D 917 -23.74 24.54 20.49
C VAL D 917 -24.18 23.80 21.75
N ARG D 918 -23.68 22.58 21.94
CA ARG D 918 -24.02 21.82 23.15
C ARG D 918 -23.51 22.53 24.39
N LEU D 919 -22.23 22.91 24.39
CA LEU D 919 -21.66 23.62 25.53
C LEU D 919 -22.28 25.01 25.67
N ALA D 920 -22.70 25.63 24.58
CA ALA D 920 -23.39 26.92 24.68
C ALA D 920 -24.69 26.78 25.44
N ALA D 921 -25.51 25.79 25.07
CA ALA D 921 -26.75 25.53 25.80
C ALA D 921 -26.46 25.16 27.25
N LYS D 922 -25.43 24.34 27.47
CA LYS D 922 -25.08 23.94 28.83
C LYS D 922 -24.69 25.14 29.68
N LYS D 923 -23.93 26.08 29.10
CA LYS D 923 -23.49 27.24 29.86
C LYS D 923 -24.63 28.23 30.07
N GLN D 924 -25.56 28.32 29.12
CA GLN D 924 -26.75 29.13 29.34
C GLN D 924 -27.56 28.58 30.51
N GLU D 925 -27.78 27.27 30.52
CA GLU D 925 -28.49 26.66 31.65
C GLU D 925 -27.72 26.82 32.95
N LEU D 926 -26.40 26.76 32.89
CA LEU D 926 -25.59 26.95 34.10
C LEU D 926 -25.67 28.39 34.60
N GLU D 927 -25.78 29.36 33.71
CA GLU D 927 -25.97 30.74 34.15
C GLU D 927 -27.37 30.95 34.72
N GLU D 928 -28.37 30.27 34.17
CA GLU D 928 -29.69 30.28 34.78
C GLU D 928 -29.63 29.71 36.21
N ILE D 929 -28.95 28.58 36.37
CA ILE D 929 -28.75 27.98 37.69
C ILE D 929 -27.95 28.92 38.59
N LEU D 930 -27.05 29.72 38.01
CA LEU D 930 -26.28 30.67 38.79
C LEU D 930 -27.17 31.80 39.32
N HIS D 931 -28.08 32.29 38.48
CA HIS D 931 -29.05 33.29 38.96
C HIS D 931 -29.97 32.68 40.01
N GLU D 932 -30.32 31.40 39.87
CA GLU D 932 -31.06 30.72 40.92
C GLU D 932 -30.25 30.65 42.21
N MET D 933 -28.93 30.44 42.09
CA MET D 933 -28.07 30.46 43.27
C MET D 933 -28.00 31.85 43.88
N GLU D 934 -28.09 32.89 43.06
CA GLU D 934 -28.17 34.24 43.60
C GLU D 934 -29.47 34.45 44.36
N ALA D 935 -30.58 33.93 43.85
CA ALA D 935 -31.82 33.93 44.61
C ALA D 935 -31.66 33.16 45.92
N ARG D 936 -30.92 32.07 45.89
CA ARG D 936 -30.64 31.33 47.11
C ARG D 936 -29.79 32.15 48.07
N ILE D 937 -28.89 32.99 47.55
CA ILE D 937 -28.12 33.89 48.40
C ILE D 937 -29.04 34.91 49.06
N GLU D 938 -30.00 35.42 48.30
CA GLU D 938 -31.05 36.25 48.89
C GLU D 938 -31.77 35.50 50.00
N GLU D 939 -32.02 34.20 49.80
CA GLU D 939 -32.63 33.40 50.84
C GLU D 939 -31.75 33.30 52.08
N GLU D 940 -30.44 33.16 51.88
CA GLU D 940 -29.53 33.14 53.03
C GLU D 940 -29.56 34.47 53.77
N GLU D 941 -29.67 35.58 53.03
CA GLU D 941 -29.80 36.88 53.68
C GLU D 941 -31.07 36.96 54.51
N GLU D 942 -32.19 36.49 53.95
CA GLU D 942 -33.43 36.45 54.70
C GLU D 942 -33.29 35.58 55.95
N ARG D 943 -32.58 34.46 55.83
CA ARG D 943 -32.40 33.57 56.96
C ARG D 943 -31.54 34.22 58.05
N SER D 944 -30.53 34.98 57.65
CA SER D 944 -29.73 35.71 58.63
C SER D 944 -30.58 36.79 59.32
N GLN D 945 -31.45 37.45 58.56
CA GLN D 945 -32.38 38.40 59.16
C GLN D 945 -33.26 37.72 60.19
N GLN D 946 -33.77 36.52 59.86
CA GLN D 946 -34.61 35.78 60.79
C GLN D 946 -33.82 35.35 62.03
N LEU D 947 -32.55 34.98 61.83
CA LEU D 947 -31.71 34.60 62.96
C LEU D 947 -31.51 35.78 63.91
N GLN D 948 -31.23 36.96 63.36
CA GLN D 948 -31.07 38.14 64.20
C GLN D 948 -32.38 38.51 64.89
N ALA D 949 -33.51 38.36 64.17
CA ALA D 949 -34.81 38.64 64.78
C ALA D 949 -35.10 37.69 65.92
N GLU D 950 -34.71 36.42 65.78
CA GLU D 950 -34.90 35.47 66.86
C GLU D 950 -33.99 35.77 68.05
N LYS D 951 -32.74 36.16 67.76
CA LYS D 951 -31.82 36.50 68.84
C LYS D 951 -32.31 37.72 69.62
N LYS D 952 -32.89 38.69 68.91
CA LYS D 952 -33.37 39.90 69.57
C LYS D 952 -34.76 39.76 70.15
N LYS D 953 -35.52 38.75 69.75
CA LYS D 953 -36.90 38.59 70.19
C LYS D 953 -37.05 37.67 71.39
N MET D 954 -36.17 36.69 71.55
CA MET D 954 -36.25 35.77 72.68
C MET D 954 -35.00 35.86 73.56
N GLU D 1397 -38.25 -10.56 70.97
CA GLU D 1397 -39.39 -11.13 71.68
C GLU D 1397 -40.63 -11.16 70.80
N GLU D 1398 -41.55 -10.22 71.06
CA GLU D 1398 -42.77 -10.15 70.27
C GLU D 1398 -42.46 -9.82 68.81
N GLY D 1399 -41.60 -8.82 68.58
CA GLY D 1399 -41.19 -8.51 67.23
C GLY D 1399 -40.43 -9.65 66.58
N LYS D 1400 -39.56 -10.32 67.36
CA LYS D 1400 -38.87 -11.49 66.86
C LYS D 1400 -39.86 -12.60 66.53
N LYS D 1401 -40.91 -12.76 67.35
CA LYS D 1401 -41.92 -13.76 67.07
C LYS D 1401 -42.67 -13.46 65.78
N LYS D 1402 -43.01 -12.19 65.56
CA LYS D 1402 -43.69 -11.82 64.32
C LYS D 1402 -42.79 -12.02 63.11
N PHE D 1403 -41.50 -11.68 63.25
CA PHE D 1403 -40.57 -11.91 62.15
C PHE D 1403 -40.43 -13.39 61.83
N GLN D 1404 -40.35 -14.22 62.86
CA GLN D 1404 -40.26 -15.67 62.64
C GLN D 1404 -41.54 -16.20 62.01
N ARG D 1405 -42.69 -15.66 62.41
CA ARG D 1405 -43.96 -16.09 61.81
C ARG D 1405 -44.01 -15.71 60.33
N GLU D 1406 -43.57 -14.50 59.99
CA GLU D 1406 -43.55 -14.08 58.60
C GLU D 1406 -42.58 -14.92 57.78
N ILE D 1407 -41.41 -15.22 58.34
CA ILE D 1407 -40.44 -16.05 57.63
C ILE D 1407 -41.00 -17.45 57.42
N GLU D 1408 -41.68 -18.00 58.42
CA GLU D 1408 -42.27 -19.32 58.29
C GLU D 1408 -43.39 -19.33 57.27
N SER D 1409 -44.18 -18.26 57.21
CA SER D 1409 -45.24 -18.17 56.21
C SER D 1409 -44.64 -18.11 54.80
N LEU D 1410 -43.59 -17.31 54.62
CA LEU D 1410 -42.94 -17.24 53.31
C LEU D 1410 -42.35 -18.59 52.92
N THR D 1411 -41.72 -19.29 53.88
CA THR D 1411 -41.16 -20.59 53.58
C THR D 1411 -42.25 -21.60 53.24
N GLN D 1412 -43.39 -21.54 53.93
CA GLN D 1412 -44.50 -22.43 53.62
C GLN D 1412 -45.05 -22.15 52.23
N GLN D 1413 -45.17 -20.88 51.86
CA GLN D 1413 -45.65 -20.54 50.52
C GLN D 1413 -44.69 -21.05 49.45
N PHE D 1414 -43.38 -20.85 49.67
CA PHE D 1414 -42.40 -21.33 48.70
C PHE D 1414 -42.42 -22.85 48.59
N GLU D 1415 -42.57 -23.54 49.73
CA GLU D 1415 -42.61 -25.00 49.71
C GLU D 1415 -43.87 -25.50 49.02
N GLU D 1416 -45.00 -24.84 49.23
CA GLU D 1416 -46.22 -25.22 48.53
C GLU D 1416 -46.08 -25.03 47.03
N LYS D 1417 -45.48 -23.91 46.61
CA LYS D 1417 -45.25 -23.68 45.18
C LYS D 1417 -44.34 -24.76 44.60
N ALA D 1418 -43.26 -25.09 45.31
CA ALA D 1418 -42.34 -26.11 44.83
C ALA D 1418 -43.01 -27.47 44.73
N ALA D 1419 -43.80 -27.84 45.75
CA ALA D 1419 -44.49 -29.12 45.73
C ALA D 1419 -45.52 -29.18 44.61
N SER D 1420 -46.23 -28.08 44.36
CA SER D 1420 -47.19 -28.04 43.27
C SER D 1420 -46.50 -28.18 41.92
N TYR D 1421 -45.38 -27.48 41.73
CA TYR D 1421 -44.64 -27.59 40.48
C TYR D 1421 -44.11 -29.01 40.29
N ASP D 1422 -43.64 -29.64 41.37
CA ASP D 1422 -43.13 -31.00 41.27
C ASP D 1422 -44.25 -31.98 40.93
N LYS D 1423 -45.42 -31.81 41.55
CA LYS D 1423 -46.55 -32.69 41.23
C LYS D 1423 -47.00 -32.50 39.79
N LEU D 1424 -47.00 -31.25 39.31
CA LEU D 1424 -47.35 -31.01 37.91
C LEU D 1424 -46.35 -31.66 36.96
N GLU D 1425 -45.07 -31.50 37.25
CA GLU D 1425 -44.04 -32.14 36.42
C GLU D 1425 -44.19 -33.65 36.45
N LYS D 1426 -44.53 -34.22 37.62
CA LYS D 1426 -44.70 -35.66 37.72
C LYS D 1426 -45.90 -36.14 36.90
N THR D 1427 -47.01 -35.40 36.96
CA THR D 1427 -48.17 -35.76 36.15
C THR D 1427 -47.86 -35.67 34.66
N LYS D 1428 -47.14 -34.62 34.26
CA LYS D 1428 -46.77 -34.48 32.86
C LYS D 1428 -45.86 -35.61 32.41
N ASN D 1429 -44.89 -35.97 33.25
CA ASN D 1429 -43.98 -37.06 32.90
C ASN D 1429 -44.72 -38.40 32.84
N ARG D 1430 -45.70 -38.59 33.72
CA ARG D 1430 -46.48 -39.83 33.69
C ARG D 1430 -47.30 -39.92 32.41
N LEU D 1431 -47.96 -38.82 32.04
CA LEU D 1431 -48.71 -38.81 30.77
C LEU D 1431 -47.77 -39.04 29.60
N GLN D 1432 -46.59 -38.44 29.62
CA GLN D 1432 -45.64 -38.62 28.53
C GLN D 1432 -45.16 -40.06 28.45
N GLN D 1433 -44.92 -40.68 29.61
CA GLN D 1433 -44.48 -42.08 29.61
C GLN D 1433 -45.57 -43.02 29.13
N GLU D 1434 -46.83 -42.72 29.48
CA GLU D 1434 -47.94 -43.52 28.98
C GLU D 1434 -48.04 -43.40 27.46
N LEU D 1435 -47.96 -42.17 26.95
CA LEU D 1435 -47.99 -41.96 25.51
C LEU D 1435 -46.81 -42.66 24.84
N ASP D 1436 -45.64 -42.65 25.48
CA ASP D 1436 -44.47 -43.28 24.91
C ASP D 1436 -44.62 -44.79 24.87
N ASP D 1437 -45.22 -45.38 25.91
CA ASP D 1437 -45.45 -46.82 25.89
C ASP D 1437 -46.46 -47.20 24.81
N LEU D 1438 -47.53 -46.41 24.67
CA LEU D 1438 -48.48 -46.65 23.60
C LEU D 1438 -47.82 -46.55 22.24
N VAL D 1439 -46.99 -45.53 22.04
CA VAL D 1439 -46.30 -45.36 20.77
C VAL D 1439 -45.30 -46.48 20.53
N VAL D 1440 -44.69 -47.00 21.59
CA VAL D 1440 -43.74 -48.10 21.44
C VAL D 1440 -44.47 -49.36 20.99
N ASP D 1441 -45.62 -49.65 21.62
CA ASP D 1441 -46.41 -50.80 21.17
C ASP D 1441 -46.87 -50.64 19.72
N LEU D 1442 -47.32 -49.43 19.38
CA LEU D 1442 -47.78 -49.18 18.00
C LEU D 1442 -46.64 -49.35 17.01
N ASP D 1443 -45.45 -48.83 17.35
CA ASP D 1443 -44.30 -48.95 16.46
C ASP D 1443 -43.84 -50.39 16.34
N ASN D 1444 -43.95 -51.17 17.42
CA ASN D 1444 -43.62 -52.59 17.32
C ASN D 1444 -44.56 -53.30 16.36
N GLN D 1445 -45.86 -53.05 16.50
CA GLN D 1445 -46.82 -53.66 15.59
C GLN D 1445 -46.57 -53.22 14.15
N ARG D 1446 -46.26 -51.94 13.95
CA ARG D 1446 -46.02 -51.43 12.61
C ARG D 1446 -44.77 -52.03 12.00
N GLN D 1447 -43.71 -52.19 12.80
CA GLN D 1447 -42.49 -52.81 12.30
C GLN D 1447 -42.73 -54.27 11.96
N LEU D 1448 -43.56 -54.96 12.75
CA LEU D 1448 -43.90 -56.34 12.42
C LEU D 1448 -44.64 -56.41 11.10
N VAL D 1449 -45.63 -55.53 10.90
CA VAL D 1449 -46.39 -55.54 9.65
C VAL D 1449 -45.48 -55.19 8.48
N SER D 1450 -44.55 -54.25 8.68
CA SER D 1450 -43.64 -53.88 7.62
C SER D 1450 -42.69 -55.02 7.28
N ASN D 1451 -42.22 -55.75 8.29
CA ASN D 1451 -41.37 -56.91 8.04
C ASN D 1451 -42.13 -57.97 7.26
N LEU D 1452 -43.39 -58.20 7.60
CA LEU D 1452 -44.19 -59.18 6.86
C LEU D 1452 -44.36 -58.74 5.40
N GLU D 1453 -44.70 -57.46 5.20
CA GLU D 1453 -44.88 -56.96 3.85
C GLU D 1453 -43.60 -57.06 3.04
N LYS D 1454 -42.46 -56.74 3.66
CA LYS D 1454 -41.18 -56.83 2.97
C LYS D 1454 -40.83 -58.28 2.64
N LYS D 1455 -41.13 -59.20 3.55
CA LYS D 1455 -40.87 -60.61 3.29
C LYS D 1455 -41.70 -61.10 2.11
N GLN D 1456 -42.96 -60.67 2.02
CA GLN D 1456 -43.79 -61.04 0.89
C GLN D 1456 -43.26 -60.43 -0.41
N LYS D 1457 -42.95 -59.13 -0.37
CA LYS D 1457 -42.49 -58.43 -1.56
C LYS D 1457 -41.14 -58.98 -2.04
N LYS D 1458 -40.33 -59.52 -1.13
CA LYS D 1458 -39.07 -60.12 -1.54
C LYS D 1458 -39.30 -61.28 -2.49
N PHE D 1459 -40.13 -62.25 -2.10
CA PHE D 1459 -40.43 -63.37 -2.97
C PHE D 1459 -41.16 -62.90 -4.23
N ASP D 1460 -42.05 -61.92 -4.09
CA ASP D 1460 -42.77 -61.41 -5.26
C ASP D 1460 -41.80 -60.86 -6.31
N GLN D 1461 -40.91 -59.96 -5.89
CA GLN D 1461 -39.97 -59.37 -6.82
C GLN D 1461 -38.95 -60.38 -7.32
N MET D 1462 -38.58 -61.37 -6.49
CA MET D 1462 -37.67 -62.40 -6.96
C MET D 1462 -38.30 -63.21 -8.09
N LEU D 1463 -39.56 -63.62 -7.91
CA LEU D 1463 -40.24 -64.35 -8.98
C LEU D 1463 -40.41 -63.47 -10.22
N ALA D 1464 -40.77 -62.20 -10.03
CA ALA D 1464 -40.95 -61.31 -11.17
C ALA D 1464 -39.65 -61.14 -11.95
N GLU D 1465 -38.52 -60.99 -11.25
CA GLU D 1465 -37.25 -60.80 -11.92
C GLU D 1465 -36.79 -62.08 -12.60
N GLU D 1466 -36.98 -63.23 -11.94
CA GLU D 1466 -36.64 -64.50 -12.59
C GLU D 1466 -37.47 -64.73 -13.84
N LYS D 1467 -38.72 -64.26 -13.84
CA LYS D 1467 -39.55 -64.39 -15.04
C LYS D 1467 -39.07 -63.45 -16.13
N ASN D 1468 -38.92 -62.15 -15.81
CA ASN D 1468 -38.58 -61.17 -16.82
C ASN D 1468 -37.16 -61.33 -17.34
N ILE D 1469 -36.29 -61.99 -16.60
CA ILE D 1469 -34.89 -62.15 -17.02
C ILE D 1469 -34.82 -63.06 -18.24
N SER D 1470 -35.34 -64.28 -18.12
CA SER D 1470 -35.28 -65.22 -19.23
C SER D 1470 -36.06 -64.71 -20.43
N SER D 1471 -37.18 -64.01 -20.19
CA SER D 1471 -37.96 -63.44 -21.28
C SER D 1471 -37.19 -62.38 -22.04
N LYS D 1472 -36.16 -61.79 -21.43
CA LYS D 1472 -35.32 -60.79 -22.08
C LYS D 1472 -33.96 -61.34 -22.47
N TYR D 1473 -33.35 -62.16 -21.62
CA TYR D 1473 -32.02 -62.67 -21.91
C TYR D 1473 -32.01 -63.53 -23.17
N ALA D 1474 -33.01 -64.38 -23.33
CA ALA D 1474 -33.10 -65.22 -24.53
C ALA D 1474 -33.29 -64.35 -25.77
N ASP D 1475 -34.23 -63.39 -25.70
CA ASP D 1475 -34.44 -62.50 -26.83
C ASP D 1475 -33.20 -61.66 -27.12
N GLU D 1476 -32.50 -61.21 -26.06
CA GLU D 1476 -31.30 -60.42 -26.25
C GLU D 1476 -30.21 -61.24 -26.95
N ARG D 1477 -30.02 -62.49 -26.52
CA ARG D 1477 -29.01 -63.34 -27.13
C ARG D 1477 -29.36 -63.64 -28.59
N ASP D 1478 -30.63 -63.92 -28.86
CA ASP D 1478 -31.06 -64.19 -30.23
C ASP D 1478 -30.85 -62.98 -31.13
N ARG D 1479 -31.22 -61.79 -30.64
CA ARG D 1479 -31.03 -60.58 -31.42
C ARG D 1479 -29.55 -60.29 -31.65
N ALA D 1480 -28.73 -60.52 -30.64
CA ALA D 1480 -27.29 -60.29 -30.79
C ALA D 1480 -26.69 -61.24 -31.82
N GLU D 1481 -27.09 -62.51 -31.78
CA GLU D 1481 -26.59 -63.47 -32.75
C GLU D 1481 -27.03 -63.11 -34.16
N ALA D 1482 -28.30 -62.73 -34.32
CA ALA D 1482 -28.80 -62.33 -35.63
C ALA D 1482 -28.05 -61.11 -36.15
N GLU D 1483 -27.79 -60.13 -35.26
CA GLU D 1483 -27.07 -58.93 -35.67
C GLU D 1483 -25.64 -59.26 -36.08
N ALA D 1484 -24.96 -60.11 -35.32
CA ALA D 1484 -23.60 -60.49 -35.66
C ALA D 1484 -23.55 -61.22 -37.00
N ARG D 1485 -24.47 -62.16 -37.22
CA ARG D 1485 -24.52 -62.87 -38.48
C ARG D 1485 -24.78 -61.91 -39.64
N GLU D 1486 -25.74 -60.99 -39.47
CA GLU D 1486 -26.03 -60.03 -40.53
C GLU D 1486 -24.83 -59.16 -40.83
N LYS D 1487 -24.13 -58.69 -39.79
CA LYS D 1487 -22.98 -57.83 -39.99
C LYS D 1487 -21.88 -58.56 -40.75
N GLU D 1488 -21.57 -59.79 -40.32
CA GLU D 1488 -20.52 -60.55 -40.99
C GLU D 1488 -20.89 -60.84 -42.45
N THR D 1489 -22.14 -61.24 -42.69
CA THR D 1489 -22.57 -61.55 -44.05
C THR D 1489 -22.51 -60.31 -44.93
N LYS D 1490 -22.96 -59.16 -44.41
CA LYS D 1490 -22.94 -57.94 -45.21
C LYS D 1490 -21.51 -57.49 -45.50
N ALA D 1491 -20.62 -57.61 -44.51
CA ALA D 1491 -19.23 -57.24 -44.73
C ALA D 1491 -18.59 -58.10 -45.81
N LEU D 1492 -18.77 -59.43 -45.72
CA LEU D 1492 -18.22 -60.31 -46.73
C LEU D 1492 -18.83 -60.03 -48.10
N SER D 1493 -20.15 -59.80 -48.15
CA SER D 1493 -20.82 -59.53 -49.41
C SER D 1493 -20.28 -58.27 -50.07
N LEU D 1494 -20.09 -57.20 -49.29
CA LEU D 1494 -19.61 -55.96 -49.87
C LEU D 1494 -18.14 -56.04 -50.25
N ALA D 1495 -17.34 -56.80 -49.48
CA ALA D 1495 -15.95 -57.03 -49.90
C ALA D 1495 -15.91 -57.74 -51.25
N ARG D 1496 -16.72 -58.80 -51.40
CA ARG D 1496 -16.78 -59.51 -52.67
C ARG D 1496 -17.31 -58.60 -53.78
N ALA D 1497 -18.25 -57.72 -53.45
CA ALA D 1497 -18.80 -56.82 -54.46
C ALA D 1497 -17.78 -55.79 -54.91
N LEU D 1498 -16.94 -55.30 -53.99
CA LEU D 1498 -15.89 -54.36 -54.37
C LEU D 1498 -14.83 -55.06 -55.21
N GLU D 1499 -14.48 -56.30 -54.85
CA GLU D 1499 -13.56 -57.07 -55.69
C GLU D 1499 -14.15 -57.27 -57.08
N GLU D 1500 -15.44 -57.57 -57.15
CA GLU D 1500 -16.11 -57.72 -58.45
C GLU D 1500 -16.13 -56.42 -59.22
N ALA D 1501 -16.27 -55.28 -58.54
CA ALA D 1501 -16.25 -54.00 -59.23
C ALA D 1501 -14.88 -53.71 -59.82
N LEU D 1502 -13.82 -53.98 -59.05
CA LEU D 1502 -12.46 -53.83 -59.60
C LEU D 1502 -12.24 -54.76 -60.77
N GLU D 1503 -12.72 -56.01 -60.67
CA GLU D 1503 -12.57 -56.96 -61.77
C GLU D 1503 -13.36 -56.52 -62.99
N ALA D 1504 -14.53 -55.91 -62.77
CA ALA D 1504 -15.34 -55.44 -63.89
C ALA D 1504 -14.71 -54.24 -64.56
N LYS D 1505 -14.07 -53.37 -63.78
CA LYS D 1505 -13.33 -52.27 -64.38
C LYS D 1505 -12.17 -52.79 -65.23
N GLU D 1506 -11.41 -53.75 -64.69
CA GLU D 1506 -10.33 -54.36 -65.46
C GLU D 1506 -10.87 -55.04 -66.71
N GLU D 1507 -12.04 -55.68 -66.61
CA GLU D 1507 -12.62 -56.37 -67.75
C GLU D 1507 -13.08 -55.37 -68.81
N LEU D 1508 -13.64 -54.24 -68.39
CA LEU D 1508 -14.01 -53.21 -69.35
C LEU D 1508 -12.77 -52.66 -70.06
N GLU D 1509 -11.68 -52.48 -69.31
CA GLU D 1509 -10.43 -52.02 -69.93
C GLU D 1509 -9.92 -53.03 -70.94
N ARG D 1510 -9.91 -54.31 -70.58
CA ARG D 1510 -9.43 -55.34 -71.49
C ARG D 1510 -10.33 -55.45 -72.71
N THR D 1511 -11.64 -55.31 -72.52
CA THR D 1511 -12.57 -55.36 -73.65
C THR D 1511 -12.37 -54.17 -74.57
N ASN D 1512 -12.12 -52.99 -74.01
CA ASN D 1512 -11.83 -51.83 -74.84
C ASN D 1512 -10.55 -52.03 -75.65
N LYS D 1513 -9.51 -52.58 -75.02
CA LYS D 1513 -8.27 -52.86 -75.73
C LYS D 1513 -8.50 -53.88 -76.84
N MET D 1514 -9.28 -54.93 -76.56
CA MET D 1514 -9.56 -55.95 -77.56
C MET D 1514 -10.36 -55.37 -78.72
N LEU D 1515 -11.33 -54.51 -78.42
CA LEU D 1515 -12.12 -53.89 -79.47
C LEU D 1515 -11.27 -52.96 -80.32
N LYS D 1516 -10.33 -52.24 -79.69
CA LYS D 1516 -9.42 -51.39 -80.45
C LYS D 1516 -8.53 -52.22 -81.37
N ALA D 1517 -7.98 -53.33 -80.86
CA ALA D 1517 -7.15 -54.19 -81.68
C ALA D 1517 -7.96 -54.79 -82.83
N GLU D 1518 -9.19 -55.21 -82.56
CA GLU D 1518 -10.02 -55.79 -83.60
C GLU D 1518 -10.39 -54.76 -84.65
N MET D 1519 -10.67 -53.52 -84.23
CA MET D 1519 -10.98 -52.46 -85.18
C MET D 1519 -9.75 -52.15 -86.06
N GLU D 1520 -8.57 -52.11 -85.45
CA GLU D 1520 -7.35 -51.89 -86.23
C GLU D 1520 -7.12 -53.01 -87.23
N ASP D 1521 -7.31 -54.26 -86.81
CA ASP D 1521 -7.14 -55.39 -87.72
C ASP D 1521 -8.15 -55.35 -88.84
N LEU D 1522 -9.40 -55.00 -88.53
CA LEU D 1522 -10.43 -54.92 -89.56
C LEU D 1522 -10.14 -53.79 -90.54
N VAL D 1523 -9.65 -52.66 -90.05
CA VAL D 1523 -9.28 -51.56 -90.93
C VAL D 1523 -8.13 -51.97 -91.84
N SER D 1524 -7.15 -52.69 -91.29
CA SER D 1524 -6.03 -53.15 -92.11
C SER D 1524 -6.49 -54.14 -93.17
N SER D 1525 -7.41 -55.06 -92.80
CA SER D 1525 -7.91 -56.02 -93.76
C SER D 1525 -8.74 -55.33 -94.86
N LYS D 1526 -9.55 -54.35 -94.48
CA LYS D 1526 -10.33 -53.62 -95.47
C LYS D 1526 -9.42 -52.81 -96.39
N ASP D 1527 -8.34 -52.25 -95.86
CA ASP D 1527 -7.38 -51.54 -96.70
C ASP D 1527 -6.69 -52.49 -97.66
N ASP D 1528 -6.29 -53.67 -97.17
CA ASP D 1528 -5.67 -54.65 -98.05
C ASP D 1528 -6.63 -55.12 -99.13
N VAL D 1529 -7.93 -55.22 -98.81
CA VAL D 1529 -8.91 -55.63 -99.80
C VAL D 1529 -9.09 -54.54 -100.85
N GLY D 1530 -9.29 -53.29 -100.40
CA GLY D 1530 -9.47 -52.17 -101.31
C GLY D 1530 -8.22 -51.75 -102.05
N LYS D 1531 -7.06 -52.30 -101.68
CA LYS D 1531 -5.80 -52.01 -102.38
C LYS D 1531 -5.73 -52.67 -103.74
N ASN D 1532 -6.84 -53.21 -104.27
CA ASN D 1532 -6.82 -53.81 -105.60
C ASN D 1532 -6.32 -52.84 -106.66
N VAL D 1533 -6.47 -51.54 -106.43
CA VAL D 1533 -5.92 -50.54 -107.33
C VAL D 1533 -4.63 -50.00 -106.74
N HIS D 1534 -4.73 -49.34 -105.58
CA HIS D 1534 -3.58 -48.82 -104.84
C HIS D 1534 -2.64 -48.04 -105.74
N GLU D 1535 -3.15 -46.95 -106.30
CA GLU D 1535 -2.39 -46.11 -107.22
C GLU D 1535 -1.25 -45.45 -106.46
N LEU D 1536 -0.03 -45.96 -106.65
CA LEU D 1536 1.13 -45.40 -105.95
C LEU D 1536 1.49 -44.02 -106.47
N GLU D 1537 1.25 -43.76 -107.75
CA GLU D 1537 1.49 -42.43 -108.29
C GLU D 1537 0.65 -41.39 -107.57
N LYS D 1538 -0.65 -41.66 -107.41
CA LYS D 1538 -1.48 -40.79 -106.61
C LYS D 1538 -1.12 -40.87 -105.13
N SER D 1539 -0.67 -42.04 -104.66
CA SER D 1539 -0.35 -42.21 -103.25
C SER D 1539 0.85 -41.37 -102.84
N LYS D 1540 1.74 -41.03 -103.79
CA LYS D 1540 2.85 -40.14 -103.48
C LYS D 1540 2.35 -38.78 -103.03
N ARG D 1541 1.55 -38.12 -103.87
CA ARG D 1541 0.95 -36.85 -103.47
C ARG D 1541 0.06 -37.04 -102.24
N THR D 1542 -0.64 -38.17 -102.15
CA THR D 1542 -1.55 -38.44 -101.04
C THR D 1542 -0.79 -38.40 -99.72
N LEU D 1543 0.11 -39.34 -99.50
CA LEU D 1543 0.94 -39.31 -98.29
C LEU D 1543 2.24 -38.56 -98.50
N GLU D 1544 2.15 -37.42 -99.18
CA GLU D 1544 3.08 -36.29 -99.00
C GLU D 1544 2.34 -35.08 -98.47
N GLN D 1545 1.21 -34.72 -99.09
CA GLN D 1545 0.32 -33.75 -98.48
C GLN D 1545 -0.16 -34.23 -97.11
N GLN D 1546 -0.34 -35.54 -96.94
CA GLN D 1546 -0.73 -36.08 -95.65
C GLN D 1546 0.42 -36.03 -94.66
N VAL D 1547 1.65 -36.21 -95.12
CA VAL D 1547 2.80 -36.03 -94.24
C VAL D 1547 2.88 -34.59 -93.75
N GLU D 1548 2.68 -33.65 -94.67
CA GLU D 1548 2.66 -32.24 -94.28
C GLU D 1548 1.52 -31.94 -93.32
N GLU D 1549 0.35 -32.54 -93.56
CA GLU D 1549 -0.80 -32.33 -92.68
C GLU D 1549 -0.56 -32.92 -91.31
N MET D 1550 0.09 -34.09 -91.24
CA MET D 1550 0.41 -34.68 -89.96
C MET D 1550 1.45 -33.86 -89.21
N LYS D 1551 2.41 -33.29 -89.94
CA LYS D 1551 3.36 -32.39 -89.29
C LYS D 1551 2.66 -31.16 -88.73
N THR D 1552 1.74 -30.57 -89.51
CA THR D 1552 1.00 -29.41 -89.03
C THR D 1552 0.12 -29.78 -87.83
N GLN D 1553 -0.46 -30.98 -87.85
CA GLN D 1553 -1.29 -31.41 -86.74
C GLN D 1553 -0.46 -31.63 -85.49
N LEU D 1554 0.72 -32.23 -85.63
CA LEU D 1554 1.61 -32.38 -84.48
C LEU D 1554 2.05 -31.02 -83.94
N GLU D 1555 2.29 -30.06 -84.85
CA GLU D 1555 2.66 -28.72 -84.41
C GLU D 1555 1.52 -28.07 -83.63
N GLU D 1556 0.30 -28.14 -84.16
CA GLU D 1556 -0.85 -27.57 -83.47
C GLU D 1556 -1.09 -28.26 -82.13
N LEU D 1557 -0.88 -29.58 -82.07
CA LEU D 1557 -1.07 -30.30 -80.83
C LEU D 1557 -0.03 -29.90 -79.80
N GLU D 1558 1.23 -29.78 -80.21
CA GLU D 1558 2.27 -29.33 -79.29
C GLU D 1558 2.01 -27.92 -78.80
N ASP D 1559 1.54 -27.04 -79.70
CA ASP D 1559 1.24 -25.67 -79.30
C ASP D 1559 0.09 -25.63 -78.29
N GLU D 1560 -0.98 -26.38 -78.57
CA GLU D 1560 -2.11 -26.42 -77.66
C GLU D 1560 -1.70 -27.03 -76.32
N LEU D 1561 -0.83 -28.05 -76.35
CA LEU D 1561 -0.40 -28.67 -75.10
C LEU D 1561 0.46 -27.73 -74.28
N GLN D 1562 1.35 -26.98 -74.93
CA GLN D 1562 2.16 -26.01 -74.21
C GLN D 1562 1.29 -24.90 -73.62
N ALA D 1563 0.33 -24.41 -74.41
CA ALA D 1563 -0.58 -23.39 -73.91
C ALA D 1563 -1.38 -23.90 -72.72
N ALA D 1564 -1.87 -25.15 -72.82
CA ALA D 1564 -2.66 -25.71 -71.73
C ALA D 1564 -1.81 -25.93 -70.49
N GLU D 1565 -0.55 -26.34 -70.66
CA GLU D 1565 0.33 -26.53 -69.52
C GLU D 1565 0.62 -25.20 -68.83
N ASP D 1566 0.92 -24.16 -69.62
CA ASP D 1566 1.13 -22.84 -69.03
C ASP D 1566 -0.11 -22.34 -68.31
N ALA D 1567 -1.28 -22.51 -68.93
CA ALA D 1567 -2.53 -22.07 -68.31
C ALA D 1567 -2.80 -22.83 -67.02
N LYS D 1568 -2.54 -24.14 -67.02
CA LYS D 1568 -2.80 -24.94 -65.83
C LYS D 1568 -1.84 -24.57 -64.71
N LEU D 1569 -0.57 -24.35 -65.03
CA LEU D 1569 0.38 -23.92 -64.00
C LEU D 1569 -0.02 -22.57 -63.42
N ARG D 1570 -0.35 -21.61 -64.29
CA ARG D 1570 -0.76 -20.29 -63.82
C ARG D 1570 -2.03 -20.38 -63.00
N LEU D 1571 -2.96 -21.25 -63.39
CA LEU D 1571 -4.23 -21.36 -62.68
C LEU D 1571 -4.04 -22.01 -61.31
N GLU D 1572 -3.19 -23.04 -61.23
CA GLU D 1572 -2.89 -23.64 -59.93
C GLU D 1572 -2.21 -22.64 -59.03
N VAL D 1573 -1.25 -21.88 -59.56
CA VAL D 1573 -0.58 -20.85 -58.78
C VAL D 1573 -1.59 -19.83 -58.27
N ASN D 1574 -2.47 -19.37 -59.14
CA ASN D 1574 -3.45 -18.36 -58.76
C ASN D 1574 -4.42 -18.90 -57.72
N MET D 1575 -4.87 -20.14 -57.88
CA MET D 1575 -5.82 -20.72 -56.93
C MET D 1575 -5.17 -20.88 -55.56
N GLN D 1576 -3.95 -21.44 -55.52
CA GLN D 1576 -3.26 -21.60 -54.25
C GLN D 1576 -3.00 -20.24 -53.60
N ALA D 1577 -2.55 -19.27 -54.39
CA ALA D 1577 -2.27 -17.94 -53.86
C ALA D 1577 -3.53 -17.30 -53.29
N MET D 1578 -4.64 -17.36 -54.04
CA MET D 1578 -5.88 -16.76 -53.58
C MET D 1578 -6.38 -17.44 -52.31
N LYS D 1579 -6.34 -18.77 -52.27
CA LYS D 1579 -6.79 -19.47 -51.09
C LYS D 1579 -5.96 -19.09 -49.87
N SER D 1580 -4.63 -19.15 -50.00
CA SER D 1580 -3.76 -18.85 -48.86
C SER D 1580 -3.94 -17.40 -48.43
N GLN D 1581 -4.02 -16.47 -49.39
CA GLN D 1581 -4.15 -15.06 -49.05
C GLN D 1581 -5.48 -14.77 -48.38
N PHE D 1582 -6.57 -15.35 -48.87
CA PHE D 1582 -7.87 -15.12 -48.26
C PHE D 1582 -7.93 -15.72 -46.86
N GLU D 1583 -7.36 -16.91 -46.67
CA GLU D 1583 -7.35 -17.52 -45.35
C GLU D 1583 -6.52 -16.69 -44.37
N ARG D 1584 -5.34 -16.24 -44.81
CA ARG D 1584 -4.51 -15.41 -43.96
C ARG D 1584 -5.17 -14.08 -43.66
N ASP D 1585 -5.91 -13.52 -44.61
CA ASP D 1585 -6.60 -12.26 -44.39
C ASP D 1585 -7.73 -12.44 -43.39
N LEU D 1586 -8.47 -13.55 -43.49
CA LEU D 1586 -9.50 -13.83 -42.50
C LEU D 1586 -8.89 -14.02 -41.11
N GLN D 1587 -7.75 -14.71 -41.03
CA GLN D 1587 -7.10 -14.91 -39.75
C GLN D 1587 -6.62 -13.59 -39.16
N ALA D 1588 -6.00 -12.74 -39.98
CA ALA D 1588 -5.53 -11.44 -39.51
C ALA D 1588 -6.69 -10.55 -39.11
N ARG D 1589 -7.82 -10.64 -39.83
CA ARG D 1589 -8.99 -9.85 -39.46
C ARG D 1589 -9.58 -10.32 -38.14
N ASP D 1590 -9.60 -11.65 -37.92
CA ASP D 1590 -10.06 -12.16 -36.63
C ASP D 1590 -9.12 -11.72 -35.52
N GLU D 1591 -7.82 -11.73 -35.78
CA GLU D 1591 -6.86 -11.27 -34.77
C GLU D 1591 -7.03 -9.79 -34.48
N GLN D 1592 -7.31 -8.98 -35.51
CA GLN D 1592 -7.51 -7.56 -35.30
C GLN D 1592 -8.81 -7.30 -34.54
N ASN D 1593 -9.85 -8.08 -34.83
CA ASN D 1593 -11.08 -7.95 -34.06
C ASN D 1593 -10.86 -8.35 -32.60
N GLU D 1594 -10.03 -9.38 -32.37
CA GLU D 1594 -9.69 -9.77 -31.01
C GLU D 1594 -8.90 -8.67 -30.31
N GLU D 1595 -8.02 -7.99 -31.05
CA GLU D 1595 -7.26 -6.89 -30.47
C GLU D 1595 -8.15 -5.72 -30.12
N LYS D 1596 -9.10 -5.39 -31.00
CA LYS D 1596 -10.05 -4.34 -30.70
C LYS D 1596 -10.92 -4.70 -29.51
N ARG D 1597 -11.31 -5.97 -29.41
CA ARG D 1597 -12.08 -6.43 -28.24
C ARG D 1597 -11.23 -6.34 -26.97
N ARG D 1598 -9.93 -6.62 -27.08
CA ARG D 1598 -9.05 -6.50 -25.92
C ARG D 1598 -8.90 -5.05 -25.49
N GLN D 1599 -8.84 -4.13 -26.47
CA GLN D 1599 -8.78 -2.71 -26.14
C GLN D 1599 -10.06 -2.25 -25.46
N LEU D 1600 -11.21 -2.69 -25.98
CA LEU D 1600 -12.49 -2.36 -25.35
C LEU D 1600 -12.57 -2.95 -23.95
N LEU D 1601 -12.02 -4.15 -23.77
CA LEU D 1601 -12.02 -4.76 -22.45
C LEU D 1601 -11.10 -4.02 -21.49
N LYS D 1602 -9.98 -3.50 -21.99
CA LYS D 1602 -9.09 -2.70 -21.14
C LYS D 1602 -9.78 -1.40 -20.74
N GLN D 1603 -10.50 -0.77 -21.66
CA GLN D 1603 -11.25 0.43 -21.32
C GLN D 1603 -12.34 0.12 -20.30
N LEU D 1604 -13.04 -1.01 -20.47
CA LEU D 1604 -14.08 -1.40 -19.52
C LEU D 1604 -13.49 -1.72 -18.16
N HIS D 1605 -12.30 -2.30 -18.13
CA HIS D 1605 -11.65 -2.60 -16.86
C HIS D 1605 -11.19 -1.33 -16.16
N GLU D 1606 -10.70 -0.35 -16.93
CA GLU D 1606 -10.38 0.94 -16.34
C GLU D 1606 -11.61 1.60 -15.76
N HIS D 1607 -12.73 1.56 -16.49
CA HIS D 1607 -13.98 2.13 -15.99
C HIS D 1607 -14.46 1.39 -14.75
N GLU D 1608 -14.27 0.07 -14.71
CA GLU D 1608 -14.69 -0.70 -13.55
C GLU D 1608 -13.81 -0.41 -12.34
N THR D 1609 -12.52 -0.20 -12.56
CA THR D 1609 -11.65 0.20 -11.47
C THR D 1609 -11.99 1.60 -10.97
N GLU D 1610 -12.40 2.48 -11.88
CA GLU D 1610 -12.82 3.82 -11.47
C GLU D 1610 -14.10 3.76 -10.64
N LEU D 1611 -15.12 3.06 -11.14
CA LEU D 1611 -16.37 2.90 -10.42
C LEU D 1611 -16.25 1.94 -9.24
N GLU D 1612 -15.09 1.32 -9.05
CA GLU D 1612 -14.87 0.37 -7.97
C GLU D 1612 -14.14 0.97 -6.79
N ASP D 1613 -13.73 2.23 -6.88
CA ASP D 1613 -13.08 2.87 -5.74
C ASP D 1613 -14.10 3.40 -4.74
N GLU D 1614 -14.94 4.35 -5.17
CA GLU D 1614 -15.95 4.92 -4.28
C GLU D 1614 -17.28 5.19 -4.95
N ARG D 1615 -17.45 4.83 -6.22
CA ARG D 1615 -18.70 5.07 -6.93
C ARG D 1615 -19.72 4.01 -6.56
N LYS D 1616 -20.81 3.93 -7.32
CA LYS D 1616 -21.81 2.90 -7.09
C LYS D 1616 -21.18 1.52 -7.20
N GLN D 1617 -21.71 0.59 -6.40
CA GLN D 1617 -21.18 -0.76 -6.22
C GLN D 1617 -19.79 -0.78 -5.59
N ARG D 1618 -19.28 0.40 -5.19
CA ARG D 1618 -18.01 0.49 -4.50
C ARG D 1618 -18.15 1.07 -3.10
N ALA D 1619 -18.78 2.24 -2.96
CA ALA D 1619 -19.02 2.84 -1.67
C ALA D 1619 -20.45 3.33 -1.50
N LEU D 1620 -21.29 3.20 -2.52
CA LEU D 1620 -22.71 3.53 -2.36
C LEU D 1620 -23.36 2.61 -1.35
N ALA D 1621 -22.97 1.33 -1.35
CA ALA D 1621 -23.47 0.41 -0.33
C ALA D 1621 -23.00 0.84 1.06
N ALA D 1622 -21.76 1.30 1.17
CA ALA D 1622 -21.27 1.78 2.46
C ALA D 1622 -22.03 3.01 2.92
N ALA D 1623 -22.35 3.92 2.00
CA ALA D 1623 -23.13 5.10 2.35
C ALA D 1623 -24.53 4.71 2.78
N ALA D 1624 -25.15 3.75 2.09
CA ALA D 1624 -26.47 3.28 2.47
C ALA D 1624 -26.44 2.63 3.85
N LYS D 1625 -25.39 1.86 4.14
CA LYS D 1625 -25.27 1.24 5.46
C LYS D 1625 -25.07 2.30 6.54
N LYS D 1626 -24.26 3.32 6.27
CA LYS D 1626 -24.08 4.40 7.23
C LYS D 1626 -25.37 5.14 7.47
N LYS D 1627 -26.15 5.39 6.42
CA LYS D 1627 -27.43 6.06 6.58
C LYS D 1627 -28.41 5.22 7.39
N LEU D 1628 -28.46 3.91 7.11
CA LEU D 1628 -29.37 3.04 7.85
C LEU D 1628 -28.96 2.89 9.31
N GLU D 1629 -27.66 2.96 9.60
CA GLU D 1629 -27.20 2.89 10.97
C GLU D 1629 -27.33 4.21 11.70
N VAL D 1630 -27.35 5.33 10.97
CA VAL D 1630 -27.51 6.63 11.62
C VAL D 1630 -28.98 7.00 11.82
N ASP D 1631 -29.87 6.50 10.97
CA ASP D 1631 -31.29 6.83 11.11
C ASP D 1631 -31.86 6.28 12.43
N VAL D 1632 -31.60 5.00 12.70
CA VAL D 1632 -32.10 4.41 13.94
C VAL D 1632 -31.43 5.03 15.15
N LYS D 1633 -30.15 5.41 15.03
CA LYS D 1633 -29.47 6.07 16.15
C LYS D 1633 -30.10 7.43 16.43
N ASP D 1634 -30.40 8.21 15.37
CA ASP D 1634 -31.05 9.50 15.57
C ASP D 1634 -32.46 9.33 16.13
N LEU D 1635 -33.16 8.27 15.71
CA LEU D 1635 -34.49 8.01 16.25
C LEU D 1635 -34.43 7.69 17.75
N GLU D 1636 -33.49 6.82 18.14
CA GLU D 1636 -33.32 6.51 19.56
C GLU D 1636 -32.90 7.73 20.35
N SER D 1637 -32.06 8.59 19.75
CA SER D 1637 -31.64 9.80 20.44
C SER D 1637 -32.80 10.77 20.62
N GLN D 1638 -33.67 10.88 19.60
CA GLN D 1638 -34.85 11.73 19.73
C GLN D 1638 -35.80 11.17 20.79
N VAL D 1639 -35.93 9.85 20.86
CA VAL D 1639 -36.77 9.23 21.88
C VAL D 1639 -36.21 9.52 23.27
N ASP D 1640 -34.88 9.45 23.41
CA ASP D 1640 -34.25 9.76 24.68
C ASP D 1640 -34.44 11.23 25.06
N SER D 1641 -34.38 12.11 24.06
CA SER D 1641 -34.61 13.53 24.31
C SER D 1641 -36.04 13.78 24.76
N VAL D 1642 -37.00 13.09 24.13
CA VAL D 1642 -38.41 13.23 24.54
C VAL D 1642 -38.60 12.71 25.96
N ASN D 1643 -37.96 11.59 26.29
CA ASN D 1643 -38.06 11.05 27.65
C ASN D 1643 -37.45 12.00 28.67
N LYS D 1644 -36.32 12.61 28.33
CA LYS D 1644 -35.70 13.57 29.24
C LYS D 1644 -36.58 14.81 29.40
N ALA D 1645 -37.22 15.26 28.32
CA ALA D 1645 -38.12 16.39 28.42
C ALA D 1645 -39.33 16.06 29.29
N ARG D 1646 -39.84 14.83 29.18
CA ARG D 1646 -40.95 14.42 30.02
C ARG D 1646 -40.53 14.36 31.49
N GLU D 1647 -39.35 13.82 31.75
CA GLU D 1647 -38.85 13.76 33.13
C GLU D 1647 -38.64 15.17 33.69
N GLU D 1648 -38.18 16.10 32.86
CA GLU D 1648 -38.00 17.48 33.32
C GLU D 1648 -39.34 18.14 33.59
N ALA D 1649 -40.34 17.87 32.74
CA ALA D 1649 -41.68 18.39 33.00
C ALA D 1649 -42.26 17.81 34.28
N ILE D 1650 -41.94 16.56 34.60
CA ILE D 1650 -42.36 15.96 35.87
C ILE D 1650 -41.53 16.42 37.04
N LYS D 1651 -40.45 17.16 36.80
CA LYS D 1651 -39.54 17.61 37.85
C LYS D 1651 -39.85 19.01 38.35
N GLN D 1652 -40.25 19.92 37.45
CA GLN D 1652 -40.59 21.28 37.85
C GLN D 1652 -41.79 21.33 38.77
N LEU D 1653 -42.67 20.33 38.72
CA LEU D 1653 -43.80 20.28 39.63
C LEU D 1653 -43.40 19.79 41.02
N ARG D 1654 -42.38 18.93 41.10
CA ARG D 1654 -41.89 18.48 42.40
C ARG D 1654 -41.35 19.66 43.21
N LYS D 1655 -40.51 20.49 42.58
CA LYS D 1655 -40.01 21.68 43.26
C LYS D 1655 -41.16 22.64 43.58
N LEU D 1656 -42.11 22.78 42.65
CA LEU D 1656 -43.24 23.67 42.89
C LEU D 1656 -44.13 23.16 44.03
N GLN D 1657 -44.41 21.85 44.05
CA GLN D 1657 -45.21 21.28 45.12
C GLN D 1657 -44.49 21.41 46.47
N ALA D 1658 -43.18 21.16 46.48
CA ALA D 1658 -42.42 21.33 47.72
C ALA D 1658 -42.43 22.78 48.19
N GLN D 1659 -42.34 23.72 47.26
CA GLN D 1659 -42.39 25.14 47.62
C GLN D 1659 -43.76 25.52 48.18
N MET D 1660 -44.82 24.99 47.58
CA MET D 1660 -46.16 25.27 48.09
C MET D 1660 -46.36 24.69 49.49
N LYS D 1661 -45.90 23.46 49.70
CA LYS D 1661 -46.00 22.85 51.03
C LYS D 1661 -45.18 23.63 52.06
N ASP D 1662 -43.98 24.09 51.66
CA ASP D 1662 -43.17 24.89 52.57
C ASP D 1662 -43.84 26.22 52.89
N TYR D 1663 -44.47 26.84 51.89
CA TYR D 1663 -45.18 28.09 52.14
C TYR D 1663 -46.35 27.88 53.10
N GLN D 1664 -47.12 26.81 52.90
CA GLN D 1664 -48.24 26.53 53.80
C GLN D 1664 -47.76 26.27 55.22
N ARG D 1665 -46.73 25.43 55.38
CA ARG D 1665 -46.24 25.13 56.71
C ARG D 1665 -45.60 26.35 57.37
N ASP D 1666 -44.94 27.21 56.59
CA ASP D 1666 -44.35 28.41 57.16
C ASP D 1666 -45.42 29.42 57.57
N LEU D 1667 -46.50 29.50 56.80
CA LEU D 1667 -47.62 30.34 57.21
C LEU D 1667 -48.24 29.83 58.50
N ASP D 1668 -48.40 28.51 58.61
CA ASP D 1668 -48.89 27.93 59.87
C ASP D 1668 -47.95 28.24 61.02
N ASP D 1669 -46.64 28.16 60.78
CA ASP D 1669 -45.67 28.46 61.84
C ASP D 1669 -45.73 29.92 62.25
N ALA D 1670 -45.87 30.83 61.27
CA ALA D 1670 -45.98 32.26 61.60
C ALA D 1670 -47.26 32.54 62.37
N ARG D 1671 -48.37 31.88 62.00
CA ARG D 1671 -49.61 32.07 62.74
C ARG D 1671 -49.49 31.56 64.17
N ALA D 1672 -48.84 30.39 64.35
CA ALA D 1672 -48.66 29.85 65.69
C ALA D 1672 -47.76 30.76 66.52
N ALA D 1673 -46.72 31.32 65.90
CA ALA D 1673 -45.83 32.24 66.63
C ALA D 1673 -46.56 33.52 67.02
N ARG D 1674 -47.39 34.05 66.12
CA ARG D 1674 -48.16 35.25 66.44
C ARG D 1674 -49.18 34.97 67.55
N GLU D 1675 -49.78 33.77 67.54
CA GLU D 1675 -50.73 33.42 68.60
C GLU D 1675 -50.02 33.17 69.92
N GLU D 1676 -48.78 32.70 69.90
CA GLU D 1676 -48.03 32.45 71.11
C GLU D 1676 -47.56 33.76 71.75
N PHE E 4 64.10 5.58 -11.33
CA PHE E 4 63.59 4.22 -11.38
C PHE E 4 64.07 3.48 -12.62
N SER E 5 63.11 3.03 -13.43
CA SER E 5 63.41 2.17 -14.57
C SER E 5 62.89 2.78 -15.86
N GLU E 6 63.53 2.40 -16.96
CA GLU E 6 63.05 2.74 -18.29
C GLU E 6 61.79 1.97 -18.67
N GLU E 7 61.30 1.09 -17.79
CA GLU E 7 60.18 0.23 -18.14
C GLU E 7 58.96 1.08 -18.51
N GLN E 8 58.62 2.04 -17.66
CA GLN E 8 57.49 2.94 -17.91
C GLN E 8 57.94 4.32 -18.38
N THR E 9 59.25 4.54 -18.51
CA THR E 9 59.75 5.84 -18.92
C THR E 9 59.34 6.20 -20.34
N ALA E 10 58.97 5.21 -21.16
CA ALA E 10 58.44 5.51 -22.49
C ALA E 10 57.10 6.22 -22.39
N GLU E 11 56.18 5.66 -21.62
CA GLU E 11 54.91 6.33 -21.36
C GLU E 11 55.13 7.66 -20.68
N PHE E 12 56.11 7.71 -19.77
CA PHE E 12 56.45 8.96 -19.10
C PHE E 12 56.86 10.02 -20.13
N LYS E 13 57.70 9.64 -21.09
CA LYS E 13 58.18 10.58 -22.09
C LYS E 13 57.04 11.06 -22.98
N GLU E 14 56.21 10.13 -23.45
CA GLU E 14 55.12 10.53 -24.35
C GLU E 14 54.13 11.43 -23.62
N ALA E 15 53.87 11.17 -22.35
CA ALA E 15 52.99 12.04 -21.58
C ALA E 15 53.63 13.40 -21.34
N PHE E 16 54.94 13.42 -21.05
CA PHE E 16 55.64 14.67 -20.80
C PHE E 16 55.61 15.57 -22.02
N GLN E 17 55.97 15.01 -23.19
CA GLN E 17 55.94 15.79 -24.42
C GLN E 17 54.52 16.01 -24.92
N LEU E 18 53.54 15.27 -24.40
CA LEU E 18 52.16 15.43 -24.86
C LEU E 18 51.59 16.78 -24.46
N PHE E 19 51.96 17.28 -23.28
CA PHE E 19 51.41 18.52 -22.76
C PHE E 19 52.46 19.64 -22.78
N ASP E 20 53.27 19.68 -23.82
CA ASP E 20 54.25 20.74 -24.01
C ASP E 20 53.67 21.81 -24.93
N ARG E 21 53.69 23.06 -24.47
CA ARG E 21 53.25 24.16 -25.30
C ARG E 21 54.30 24.60 -26.31
N THR E 22 55.54 24.17 -26.13
CA THR E 22 56.61 24.43 -27.08
C THR E 22 57.02 23.20 -27.87
N GLY E 23 56.63 22.01 -27.41
CA GLY E 23 56.91 20.79 -28.15
C GLY E 23 58.36 20.36 -28.14
N ASP E 24 59.10 20.64 -27.06
CA ASP E 24 60.49 20.23 -26.97
C ASP E 24 60.85 19.50 -25.69
N GLY E 25 60.08 19.67 -24.61
CA GLY E 25 60.44 19.05 -23.35
C GLY E 25 60.48 20.05 -22.21
N LYS E 26 59.86 21.21 -22.41
CA LYS E 26 59.79 22.25 -21.38
C LYS E 26 58.33 22.52 -21.08
N ILE E 27 57.89 22.14 -19.89
CA ILE E 27 56.50 22.22 -19.49
C ILE E 27 56.42 22.98 -18.17
N LEU E 28 55.46 23.91 -18.08
CA LEU E 28 55.36 24.81 -16.94
C LEU E 28 55.20 24.04 -15.63
N TYR E 29 55.59 24.70 -14.54
CA TYR E 29 55.61 24.04 -13.24
C TYR E 29 54.21 23.62 -12.80
N SER E 30 53.23 24.51 -12.94
CA SER E 30 51.84 24.14 -12.70
C SER E 30 51.45 22.98 -13.60
N GLN E 31 51.80 23.06 -14.88
CA GLN E 31 51.43 22.01 -15.81
C GLN E 31 52.12 20.70 -15.49
N CYS E 32 53.39 20.73 -15.08
CA CYS E 32 54.07 19.47 -14.81
C CYS E 32 53.56 18.84 -13.52
N GLY E 33 53.19 19.67 -12.54
CA GLY E 33 52.50 19.13 -11.37
C GLY E 33 51.17 18.51 -11.73
N ASP E 34 50.43 19.14 -12.65
CA ASP E 34 49.17 18.57 -13.11
C ASP E 34 49.40 17.23 -13.81
N VAL E 35 50.45 17.14 -14.61
CA VAL E 35 50.78 15.86 -15.25
C VAL E 35 51.14 14.81 -14.20
N MET E 36 51.94 15.19 -13.20
CA MET E 36 52.27 14.28 -12.12
C MET E 36 51.01 13.73 -11.47
N ARG E 37 50.08 14.63 -11.12
CA ARG E 37 48.82 14.19 -10.53
C ARG E 37 48.06 13.27 -11.48
N ALA E 38 48.08 13.59 -12.78
CA ALA E 38 47.44 12.73 -13.77
C ALA E 38 48.13 11.37 -13.87
N LEU E 39 49.36 11.25 -13.38
CA LEU E 39 50.11 10.00 -13.41
C LEU E 39 49.89 9.17 -12.17
N GLY E 40 48.74 9.33 -11.50
CA GLY E 40 48.49 8.60 -10.27
C GLY E 40 49.10 9.28 -9.06
N GLN E 41 50.33 9.77 -9.22
CA GLN E 41 51.04 10.42 -8.13
C GLN E 41 50.49 11.82 -7.92
N ASN E 42 49.50 11.97 -7.03
CA ASN E 42 48.80 13.22 -6.82
C ASN E 42 49.01 13.71 -5.39
N PRO E 43 50.13 14.38 -5.13
CA PRO E 43 50.38 14.94 -3.81
C PRO E 43 49.84 16.38 -3.73
N THR E 44 49.83 16.89 -2.50
CA THR E 44 49.42 18.27 -2.29
C THR E 44 50.47 19.21 -2.84
N ASN E 45 50.01 20.36 -3.35
CA ASN E 45 50.92 21.35 -3.91
C ASN E 45 51.97 21.81 -2.90
N ALA E 46 51.73 21.60 -1.61
CA ALA E 46 52.71 21.97 -0.59
C ALA E 46 54.03 21.23 -0.82
N GLU E 47 54.00 19.90 -0.78
CA GLU E 47 55.21 19.13 -1.02
C GLU E 47 55.71 19.31 -2.44
N VAL E 48 54.82 19.62 -3.38
CA VAL E 48 55.25 19.92 -4.74
C VAL E 48 56.21 21.10 -4.75
N MET E 49 55.76 22.23 -4.19
CA MET E 49 56.65 23.39 -4.08
C MET E 49 57.88 23.06 -3.24
N LYS E 50 57.71 22.25 -2.19
CA LYS E 50 58.84 21.85 -1.37
C LYS E 50 59.93 21.19 -2.21
N VAL E 51 59.54 20.29 -3.12
CA VAL E 51 60.50 19.67 -4.03
C VAL E 51 60.68 20.46 -5.32
N LEU E 52 59.91 21.53 -5.52
CA LEU E 52 60.10 22.44 -6.64
C LEU E 52 61.10 23.54 -6.32
N GLY E 53 61.97 23.32 -5.34
CA GLY E 53 62.90 24.35 -4.94
C GLY E 53 62.26 25.50 -4.18
N ASN E 54 61.03 25.30 -3.70
CA ASN E 54 60.29 26.34 -3.00
C ASN E 54 60.20 27.63 -3.81
N PRO E 55 59.57 27.59 -4.99
CA PRO E 55 59.47 28.81 -5.80
C PRO E 55 58.27 29.64 -5.38
N LYS E 56 58.04 30.75 -6.07
CA LYS E 56 56.84 31.55 -5.86
C LYS E 56 55.93 31.41 -7.08
N SER E 57 54.70 31.89 -6.92
CA SER E 57 53.69 31.73 -7.97
C SER E 57 54.18 32.28 -9.31
N ASP E 58 54.89 33.40 -9.28
CA ASP E 58 55.43 33.95 -10.52
C ASP E 58 56.39 32.97 -11.19
N GLU E 59 57.31 32.41 -10.42
CA GLU E 59 58.24 31.44 -10.97
C GLU E 59 57.52 30.18 -11.45
N MET E 60 56.47 29.79 -10.74
CA MET E 60 55.70 28.63 -11.15
C MET E 60 55.01 28.85 -12.49
N ASN E 61 54.55 30.08 -12.76
CA ASN E 61 53.88 30.35 -14.01
C ASN E 61 54.80 30.84 -15.12
N LEU E 62 56.08 31.13 -14.81
CA LEU E 62 57.03 31.52 -15.83
C LEU E 62 58.07 30.45 -16.14
N LYS E 63 58.48 29.66 -15.15
CA LYS E 63 59.58 28.71 -15.32
C LYS E 63 59.02 27.32 -15.57
N THR E 64 59.49 26.70 -16.64
CA THR E 64 59.12 25.34 -17.00
C THR E 64 60.20 24.37 -16.54
N LEU E 65 60.09 23.11 -16.93
CA LEU E 65 61.03 22.09 -16.50
C LEU E 65 61.35 21.15 -17.66
N ASN E 66 62.61 20.71 -17.72
CA ASN E 66 63.02 19.69 -18.67
C ASN E 66 62.57 18.32 -18.20
N PHE E 67 62.71 17.34 -19.09
CA PHE E 67 62.41 15.96 -18.71
C PHE E 67 63.52 15.34 -17.87
N GLU E 68 64.73 15.88 -17.92
CA GLU E 68 65.83 15.34 -17.12
C GLU E 68 65.54 15.49 -15.63
N GLN E 69 65.29 16.72 -15.18
CA GLN E 69 64.95 16.96 -13.78
C GLN E 69 63.59 16.40 -13.42
N PHE E 70 62.79 16.01 -14.40
CA PHE E 70 61.48 15.44 -14.09
C PHE E 70 61.60 14.06 -13.46
N LEU E 71 62.69 13.33 -13.77
CA LEU E 71 62.85 12.01 -13.17
C LEU E 71 63.11 12.09 -11.67
N PRO E 72 64.11 12.83 -11.18
CA PRO E 72 64.26 12.98 -9.73
C PRO E 72 63.04 13.59 -9.08
N MET E 73 62.23 14.33 -9.83
CA MET E 73 61.08 14.99 -9.24
C MET E 73 60.01 13.95 -8.88
N MET E 74 59.64 13.10 -9.84
CA MET E 74 58.77 11.98 -9.54
C MET E 74 59.43 10.98 -8.60
N GLN E 75 60.76 10.97 -8.53
CA GLN E 75 61.44 10.16 -7.53
C GLN E 75 61.10 10.63 -6.13
N THR E 76 61.26 11.94 -5.88
CA THR E 76 60.86 12.51 -4.60
C THR E 76 59.37 12.31 -4.35
N ILE E 77 58.56 12.39 -5.41
CA ILE E 77 57.13 12.14 -5.23
C ILE E 77 56.88 10.72 -4.78
N ALA E 78 57.62 9.76 -5.35
CA ALA E 78 57.49 8.37 -4.94
C ALA E 78 58.01 8.12 -3.53
N LYS E 79 58.76 9.05 -2.96
CA LYS E 79 59.22 8.89 -1.58
C LYS E 79 58.09 9.05 -0.57
N ASN E 80 56.95 9.62 -0.99
CA ASN E 80 55.78 9.62 -0.12
C ASN E 80 55.31 8.20 0.15
N LYS E 81 55.30 7.36 -0.89
CA LYS E 81 55.04 5.92 -0.81
C LYS E 81 53.62 5.61 -0.36
N ASP E 82 52.81 6.62 -0.06
CA ASP E 82 51.43 6.43 0.37
C ASP E 82 50.77 7.79 0.49
N GLN E 83 49.44 7.78 0.46
CA GLN E 83 48.65 8.99 0.62
C GLN E 83 47.52 8.70 1.62
N GLY E 84 46.56 9.62 1.72
CA GLY E 84 45.43 9.40 2.59
C GLY E 84 44.63 8.17 2.20
N CYS E 85 44.27 7.38 3.20
CA CYS E 85 43.65 6.09 2.95
C CYS E 85 42.17 6.24 2.66
N PHE E 86 41.57 5.14 2.16
CA PHE E 86 40.16 5.14 1.81
C PHE E 86 39.27 5.17 3.05
N GLU E 87 39.64 4.42 4.08
CA GLU E 87 38.86 4.40 5.30
C GLU E 87 38.83 5.79 5.94
N ASP E 88 39.94 6.52 5.86
CA ASP E 88 39.95 7.93 6.25
C ASP E 88 38.79 8.69 5.63
N TYR E 89 38.73 8.68 4.30
CA TYR E 89 37.75 9.49 3.60
C TYR E 89 36.34 9.04 3.92
N VAL E 90 36.09 7.73 3.93
CA VAL E 90 34.72 7.28 4.16
C VAL E 90 34.28 7.63 5.58
N GLU E 91 35.14 7.41 6.58
CA GLU E 91 34.71 7.69 7.95
C GLU E 91 34.59 9.19 8.19
N GLY E 92 35.49 9.99 7.62
CA GLY E 92 35.42 11.42 7.80
C GLY E 92 34.20 12.04 7.14
N LEU E 93 33.84 11.55 5.96
CA LEU E 93 32.62 12.03 5.32
C LEU E 93 31.39 11.53 6.05
N ARG E 94 31.44 10.31 6.59
CA ARG E 94 30.31 9.79 7.34
C ARG E 94 30.06 10.60 8.60
N VAL E 95 31.14 10.94 9.33
CA VAL E 95 31.02 11.77 10.52
C VAL E 95 30.86 13.24 10.19
N PHE E 96 31.05 13.62 8.93
CA PHE E 96 30.85 15.01 8.53
C PHE E 96 29.39 15.34 8.29
N ASP E 97 28.57 14.36 7.94
CA ASP E 97 27.14 14.58 7.74
C ASP E 97 26.48 14.93 9.07
N LYS E 98 25.24 15.41 8.99
CA LYS E 98 24.53 15.88 10.16
C LYS E 98 23.76 14.79 10.88
N GLU E 99 23.32 13.75 10.18
CA GLU E 99 22.47 12.74 10.78
C GLU E 99 22.85 11.30 10.46
N GLY E 100 23.93 11.07 9.72
CA GLY E 100 24.31 9.71 9.38
C GLY E 100 23.27 8.99 8.54
N ASN E 101 22.84 9.61 7.44
CA ASN E 101 21.77 9.07 6.61
C ASN E 101 22.33 8.45 5.33
N GLY E 102 23.44 7.74 5.43
CA GLY E 102 24.06 7.10 4.29
C GLY E 102 24.61 8.04 3.24
N THR E 103 24.40 9.34 3.39
CA THR E 103 24.79 10.32 2.37
C THR E 103 25.32 11.56 3.07
N VAL E 104 25.73 12.53 2.27
CA VAL E 104 26.24 13.81 2.75
C VAL E 104 25.66 14.92 1.90
N MET E 105 25.22 16.00 2.54
CA MET E 105 24.64 17.12 1.82
C MET E 105 25.65 17.72 0.85
N GLY E 106 25.15 18.28 -0.25
CA GLY E 106 25.99 18.75 -1.32
C GLY E 106 26.62 20.12 -1.11
N ALA E 107 25.77 21.11 -0.80
CA ALA E 107 26.27 22.48 -0.68
C ALA E 107 27.32 22.60 0.41
N GLU E 108 27.10 21.93 1.55
CA GLU E 108 28.10 21.94 2.61
C GLU E 108 29.41 21.36 2.11
N ILE E 109 29.35 20.28 1.31
CA ILE E 109 30.57 19.68 0.79
C ILE E 109 31.30 20.65 -0.12
N ARG E 110 30.56 21.27 -1.04
CA ARG E 110 31.17 22.25 -1.93
C ARG E 110 31.85 23.36 -1.14
N HIS E 111 31.16 23.88 -0.13
CA HIS E 111 31.71 24.98 0.66
C HIS E 111 32.98 24.56 1.40
N VAL E 112 32.91 23.44 2.12
CA VAL E 112 34.02 23.01 2.96
C VAL E 112 35.14 22.43 2.09
N LEU E 113 34.87 22.29 0.80
CA LEU E 113 35.96 21.89 -0.11
C LEU E 113 36.65 23.09 -0.72
N VAL E 114 35.90 24.11 -1.13
CA VAL E 114 36.54 25.29 -1.70
C VAL E 114 37.08 26.25 -0.64
N THR E 115 36.68 26.07 0.61
CA THR E 115 37.02 27.02 1.67
C THR E 115 37.71 26.32 2.84
N LEU E 116 38.53 25.31 2.56
CA LEU E 116 39.24 24.61 3.62
C LEU E 116 40.56 24.09 3.10
N GLY E 117 41.63 24.27 3.89
CA GLY E 117 42.93 23.75 3.57
C GLY E 117 43.43 24.15 2.20
N GLU E 118 43.56 23.18 1.29
CA GLU E 118 43.91 23.48 -0.08
C GLU E 118 42.71 24.11 -0.78
N LYS E 119 42.94 25.24 -1.43
CA LYS E 119 41.87 25.98 -2.06
C LYS E 119 41.70 25.53 -3.51
N MET E 120 40.45 25.32 -3.91
CA MET E 120 40.12 24.99 -5.28
C MET E 120 38.96 25.88 -5.74
N THR E 121 38.86 26.08 -7.04
CA THR E 121 37.78 26.89 -7.58
C THR E 121 36.46 26.16 -7.44
N GLU E 122 35.36 26.91 -7.63
CA GLU E 122 34.04 26.32 -7.42
C GLU E 122 33.70 25.31 -8.51
N GLU E 123 34.08 25.59 -9.75
CA GLU E 123 33.77 24.67 -10.84
C GLU E 123 34.55 23.38 -10.69
N GLU E 124 35.72 23.40 -10.06
CA GLU E 124 36.47 22.17 -9.81
C GLU E 124 35.60 21.18 -9.04
N VAL E 125 35.19 21.54 -7.82
CA VAL E 125 34.35 20.66 -7.04
C VAL E 125 32.98 20.49 -7.69
N GLU E 126 32.57 21.45 -8.53
CA GLU E 126 31.27 21.35 -9.19
C GLU E 126 31.24 20.19 -10.17
N GLN E 127 32.16 20.20 -11.14
CA GLN E 127 32.28 19.06 -12.04
C GLN E 127 32.76 17.81 -11.32
N LEU E 128 33.34 17.94 -10.12
CA LEU E 128 33.60 16.77 -9.31
C LEU E 128 32.29 16.11 -8.89
N VAL E 129 31.40 16.89 -8.27
CA VAL E 129 30.12 16.35 -7.81
C VAL E 129 29.11 16.24 -8.95
N ALA E 130 29.36 16.87 -10.08
CA ALA E 130 28.40 16.87 -11.18
C ALA E 130 28.06 15.44 -11.60
N GLY E 131 26.80 15.23 -11.94
CA GLY E 131 26.28 13.92 -12.33
C GLY E 131 25.73 13.11 -11.18
N HIS E 132 26.32 13.24 -9.99
CA HIS E 132 25.90 12.50 -8.82
C HIS E 132 24.83 13.22 -8.01
N GLU E 133 24.36 14.37 -8.48
CA GLU E 133 23.41 15.16 -7.71
C GLU E 133 22.08 14.42 -7.57
N ASP E 134 21.32 14.83 -6.55
CA ASP E 134 20.01 14.24 -6.31
C ASP E 134 19.09 15.33 -5.75
N SER E 135 17.78 15.05 -5.80
CA SER E 135 16.79 15.99 -5.29
C SER E 135 16.96 16.21 -3.79
N ASN E 136 17.43 15.20 -3.07
CA ASN E 136 17.69 15.35 -1.64
C ASN E 136 18.92 16.20 -1.35
N GLY E 137 19.76 16.46 -2.35
CA GLY E 137 21.00 17.16 -2.13
C GLY E 137 22.02 16.37 -1.33
N CYS E 138 21.72 15.13 -0.96
CA CYS E 138 22.59 14.29 -0.15
C CYS E 138 23.15 13.19 -1.06
N ILE E 139 24.38 13.32 -1.44
CA ILE E 139 25.06 12.39 -2.34
C ILE E 139 25.65 11.25 -1.52
N ASN E 140 25.63 10.05 -2.09
CA ASN E 140 26.31 8.92 -1.46
C ASN E 140 27.81 9.13 -1.57
N TYR E 141 28.44 9.50 -0.45
CA TYR E 141 29.86 9.78 -0.46
C TYR E 141 30.68 8.56 -0.84
N GLU E 142 30.16 7.36 -0.57
CA GLU E 142 30.94 6.14 -0.76
C GLU E 142 31.27 5.93 -2.24
N GLU E 143 30.25 5.99 -3.10
CA GLU E 143 30.49 5.74 -4.52
C GLU E 143 31.45 6.76 -5.11
N LEU E 144 31.28 8.03 -4.76
CA LEU E 144 32.15 9.06 -5.33
C LEU E 144 33.57 8.94 -4.80
N VAL E 145 33.73 8.61 -3.52
CA VAL E 145 35.08 8.52 -2.97
C VAL E 145 35.80 7.31 -3.53
N ARG E 146 35.09 6.19 -3.73
CA ARG E 146 35.76 5.04 -4.32
C ARG E 146 36.03 5.26 -5.80
N MET E 147 35.19 6.03 -6.49
CA MET E 147 35.47 6.38 -7.87
C MET E 147 36.71 7.26 -7.96
N VAL E 148 36.85 8.22 -7.05
CA VAL E 148 38.01 9.10 -7.06
C VAL E 148 39.27 8.32 -6.69
N LEU E 149 39.18 7.44 -5.70
CA LEU E 149 40.35 6.66 -5.29
C LEU E 149 40.79 5.72 -6.41
N SER E 150 39.86 4.92 -6.93
CA SER E 150 40.20 4.01 -8.02
C SER E 150 40.49 4.77 -9.31
N GLY E 151 39.88 5.94 -9.50
CA GLY E 151 40.10 6.72 -10.69
C GLY E 151 41.06 7.87 -10.49
N PHE F 26 34.14 -0.47 -50.14
CA PHE F 26 32.90 -1.06 -50.63
C PHE F 26 31.73 -0.71 -49.72
N ASP F 27 30.68 -0.14 -50.31
CA ASP F 27 29.47 0.19 -49.57
C ASP F 27 28.29 0.10 -50.51
N GLN F 28 27.20 -0.50 -50.05
CA GLN F 28 26.03 -0.72 -50.91
C GLN F 28 25.52 0.60 -51.48
N SER F 29 25.27 1.58 -50.61
CA SER F 29 24.77 2.86 -51.08
C SER F 29 25.73 3.49 -52.08
N GLN F 30 27.03 3.48 -51.77
CA GLN F 30 27.99 4.12 -52.66
C GLN F 30 28.06 3.41 -54.01
N ILE F 31 28.10 2.08 -54.02
CA ILE F 31 28.23 1.38 -55.30
C ILE F 31 26.96 1.54 -56.11
N GLN F 32 25.80 1.53 -55.44
CA GLN F 32 24.54 1.65 -56.17
C GLN F 32 24.40 3.04 -56.79
N GLU F 33 24.79 4.09 -56.05
CA GLU F 33 24.67 5.42 -56.63
C GLU F 33 25.73 5.65 -57.71
N PHE F 34 26.92 5.06 -57.56
CA PHE F 34 27.93 5.19 -58.61
C PHE F 34 27.45 4.55 -59.91
N LYS F 35 26.96 3.30 -59.83
CA LYS F 35 26.49 2.65 -61.04
C LYS F 35 25.24 3.32 -61.59
N GLU F 36 24.40 3.90 -60.72
CA GLU F 36 23.27 4.68 -61.18
C GLU F 36 23.72 5.85 -62.04
N ALA F 37 24.61 6.68 -61.48
CA ALA F 37 25.10 7.84 -62.22
C ALA F 37 25.83 7.42 -63.49
N PHE F 38 26.48 6.26 -63.47
CA PHE F 38 27.20 5.79 -64.64
C PHE F 38 26.23 5.39 -65.75
N ASN F 39 25.25 4.55 -65.45
CA ASN F 39 24.29 4.15 -66.48
C ASN F 39 23.44 5.32 -66.92
N MET F 40 23.32 6.37 -66.10
CA MET F 40 22.68 7.60 -66.57
C MET F 40 23.59 8.40 -67.49
N ILE F 41 24.91 8.39 -67.25
CA ILE F 41 25.82 9.14 -68.11
C ILE F 41 26.28 8.33 -69.32
N ASP F 42 26.20 7.00 -69.26
CA ASP F 42 26.56 6.16 -70.40
C ASP F 42 25.43 6.23 -71.41
N GLN F 43 25.41 7.35 -72.15
CA GLN F 43 24.34 7.62 -73.12
C GLN F 43 24.29 6.59 -74.24
N ASN F 44 25.30 5.74 -74.37
CA ASN F 44 25.28 4.63 -75.32
C ASN F 44 24.87 3.32 -74.68
N ARG F 45 24.78 3.26 -73.35
CA ARG F 45 24.38 2.06 -72.61
C ARG F 45 25.23 0.85 -72.96
N ASP F 46 26.45 1.08 -73.43
CA ASP F 46 27.36 -0.01 -73.77
C ASP F 46 28.26 -0.41 -72.62
N GLY F 47 28.15 0.28 -71.47
CA GLY F 47 29.09 0.06 -70.40
C GLY F 47 30.45 0.66 -70.63
N PHE F 48 30.69 1.26 -71.78
CA PHE F 48 31.97 1.87 -72.14
C PHE F 48 31.80 3.38 -72.17
N ILE F 49 32.47 4.06 -71.26
CA ILE F 49 32.44 5.52 -71.22
C ILE F 49 33.42 6.06 -72.25
N ASP F 50 32.91 6.87 -73.17
CA ASP F 50 33.70 7.46 -74.22
C ASP F 50 33.56 8.97 -74.19
N LYS F 51 34.32 9.64 -75.06
CA LYS F 51 34.30 11.10 -75.10
C LYS F 51 32.90 11.64 -75.33
N GLU F 52 32.09 10.91 -76.10
CA GLU F 52 30.73 11.36 -76.42
C GLU F 52 29.93 11.64 -75.15
N ASP F 53 29.96 10.71 -74.19
CA ASP F 53 29.07 10.79 -73.04
C ASP F 53 29.34 12.03 -72.21
N LEU F 54 30.54 12.13 -71.62
CA LEU F 54 30.85 13.29 -70.80
C LEU F 54 30.88 14.57 -71.62
N HIS F 55 31.25 14.47 -72.90
CA HIS F 55 31.29 15.67 -73.74
C HIS F 55 29.90 16.29 -73.88
N ASP F 56 28.93 15.48 -74.33
CA ASP F 56 27.58 16.03 -74.51
C ASP F 56 26.94 16.35 -73.16
N MET F 57 27.31 15.63 -72.10
CA MET F 57 26.77 15.95 -70.78
C MET F 57 27.22 17.33 -70.33
N LEU F 58 28.51 17.63 -70.44
CA LEU F 58 28.98 18.96 -70.04
C LEU F 58 28.51 20.02 -71.02
N ALA F 59 28.29 19.66 -72.29
CA ALA F 59 27.72 20.60 -73.24
C ALA F 59 26.32 21.01 -72.83
N SER F 60 25.49 20.03 -72.45
CA SER F 60 24.18 20.33 -71.91
C SER F 60 24.29 21.11 -70.61
N MET F 61 25.34 20.84 -69.81
CA MET F 61 25.56 21.59 -68.59
C MET F 61 26.10 22.99 -68.89
N GLY F 62 27.03 23.10 -69.83
CA GLY F 62 27.61 24.39 -70.18
C GLY F 62 28.71 24.29 -71.20
N LYS F 63 29.83 24.97 -70.94
CA LYS F 63 30.96 24.94 -71.85
C LYS F 63 31.45 23.51 -72.05
N ASN F 64 31.64 23.12 -73.31
CA ASN F 64 32.11 21.78 -73.61
C ASN F 64 33.52 21.59 -73.05
N PRO F 65 33.86 20.38 -72.61
CA PRO F 65 35.20 20.14 -72.05
C PRO F 65 36.23 19.95 -73.15
N THR F 66 37.40 20.53 -72.95
CA THR F 66 38.49 20.38 -73.91
C THR F 66 38.93 18.92 -73.95
N ASP F 67 39.07 18.39 -75.17
CA ASP F 67 39.29 16.96 -75.35
C ASP F 67 40.55 16.46 -74.66
N GLU F 68 41.50 17.34 -74.35
CA GLU F 68 42.66 16.91 -73.57
C GLU F 68 42.25 16.53 -72.15
N TYR F 69 41.29 17.26 -71.57
CA TYR F 69 40.75 16.86 -70.27
C TYR F 69 40.10 15.49 -70.36
N LEU F 70 39.35 15.25 -71.43
CA LEU F 70 38.70 13.95 -71.61
C LEU F 70 39.73 12.84 -71.72
N GLU F 71 40.80 13.08 -72.49
CA GLU F 71 41.84 12.07 -72.63
C GLU F 71 42.55 11.81 -71.31
N GLY F 72 42.84 12.87 -70.55
CA GLY F 72 43.45 12.69 -69.24
C GLY F 72 42.55 11.93 -68.29
N MET F 73 41.23 12.12 -68.41
CA MET F 73 40.30 11.35 -67.59
C MET F 73 40.19 9.90 -68.07
N MET F 74 40.46 9.67 -69.35
CA MET F 74 40.54 8.31 -69.87
C MET F 74 41.92 7.70 -69.72
N SER F 75 42.88 8.47 -69.17
CA SER F 75 44.24 7.96 -68.99
C SER F 75 44.37 7.05 -67.78
N GLU F 76 43.49 7.18 -66.79
CA GLU F 76 43.56 6.34 -65.61
C GLU F 76 43.07 4.92 -65.90
N ALA F 77 41.95 4.79 -66.59
CA ALA F 77 41.43 3.49 -66.96
C ALA F 77 42.29 2.87 -68.06
N PRO F 78 42.30 1.54 -68.19
CA PRO F 78 43.07 0.89 -69.25
C PRO F 78 42.44 0.99 -70.63
N GLY F 79 41.44 1.85 -70.81
CA GLY F 79 40.80 2.04 -72.09
C GLY F 79 39.54 2.84 -71.94
N PRO F 80 38.54 2.58 -72.79
CA PRO F 80 37.21 3.15 -72.57
C PRO F 80 36.70 2.75 -71.19
N ILE F 81 36.44 3.75 -70.35
CA ILE F 81 36.12 3.48 -68.96
C ILE F 81 34.92 2.55 -68.87
N ASN F 82 35.16 1.34 -68.38
CA ASN F 82 34.10 0.38 -68.19
C ASN F 82 33.53 0.53 -66.79
N PHE F 83 32.53 -0.30 -66.47
CA PHE F 83 31.86 -0.21 -65.18
C PHE F 83 32.82 -0.48 -64.03
N THR F 84 33.34 -1.71 -63.95
CA THR F 84 34.29 -2.06 -62.91
C THR F 84 35.55 -1.21 -62.97
N MET F 85 35.88 -0.64 -64.13
CA MET F 85 37.05 0.22 -64.23
C MET F 85 36.95 1.41 -63.28
N PHE F 86 35.95 2.26 -63.49
CA PHE F 86 35.79 3.40 -62.60
C PHE F 86 35.35 2.96 -61.21
N LEU F 87 34.68 1.82 -61.10
CA LEU F 87 34.40 1.26 -59.78
C LEU F 87 35.70 1.14 -58.97
N THR F 88 36.67 0.41 -59.52
CA THR F 88 37.94 0.21 -58.84
C THR F 88 38.70 1.51 -58.68
N MET F 89 38.62 2.41 -59.65
CA MET F 89 39.40 3.64 -59.55
C MET F 89 38.86 4.54 -58.44
N PHE F 90 37.53 4.67 -58.34
CA PHE F 90 36.95 5.47 -57.27
C PHE F 90 37.07 4.75 -55.93
N GLY F 91 37.15 3.41 -55.94
CA GLY F 91 37.44 2.70 -54.72
C GLY F 91 38.82 3.02 -54.19
N GLU F 92 39.84 2.81 -55.03
CA GLU F 92 41.21 3.10 -54.61
C GLU F 92 41.44 4.56 -54.32
N LYS F 93 40.65 5.46 -54.92
CA LYS F 93 40.75 6.88 -54.60
C LYS F 93 39.90 7.26 -53.38
N LEU F 94 38.98 6.41 -52.96
CA LEU F 94 38.03 6.76 -51.92
C LEU F 94 38.03 5.83 -50.71
N ASN F 95 38.35 4.55 -50.90
CA ASN F 95 38.31 3.61 -49.78
C ASN F 95 39.26 4.05 -48.67
N GLY F 96 38.69 4.39 -47.52
CA GLY F 96 39.48 4.88 -46.41
C GLY F 96 38.79 6.02 -45.68
N THR F 97 37.79 6.62 -46.33
CA THR F 97 37.04 7.72 -45.73
C THR F 97 35.96 7.14 -44.81
N ASP F 98 35.05 8.00 -44.37
CA ASP F 98 33.97 7.61 -43.47
C ASP F 98 32.77 8.49 -43.75
N PRO F 99 31.55 7.95 -43.65
CA PRO F 99 30.36 8.76 -43.93
C PRO F 99 30.19 9.89 -42.92
N GLU F 100 29.35 10.85 -43.28
CA GLU F 100 29.15 12.03 -42.44
C GLU F 100 28.59 11.69 -41.07
N ASP F 101 27.93 10.55 -40.92
CA ASP F 101 27.36 10.17 -39.64
C ASP F 101 28.44 10.09 -38.57
N VAL F 102 29.44 9.22 -38.77
CA VAL F 102 30.51 9.09 -37.80
C VAL F 102 31.38 10.34 -37.77
N ILE F 103 31.42 11.12 -38.86
CA ILE F 103 32.15 12.38 -38.85
C ILE F 103 31.55 13.32 -37.81
N ARG F 104 30.25 13.61 -37.93
CA ARG F 104 29.60 14.45 -36.94
C ARG F 104 29.52 13.77 -35.57
N ASN F 105 29.62 12.44 -35.52
CA ASN F 105 29.71 11.78 -34.22
C ASN F 105 31.01 12.14 -33.51
N ALA F 106 32.13 11.99 -34.20
CA ALA F 106 33.42 12.43 -33.65
C ALA F 106 33.40 13.93 -33.38
N PHE F 107 32.65 14.69 -34.17
CA PHE F 107 32.54 16.12 -33.96
C PHE F 107 31.69 16.46 -32.73
N ALA F 108 30.79 15.57 -32.33
CA ALA F 108 29.85 15.88 -31.25
C ALA F 108 30.57 16.02 -29.92
N CYS F 109 31.17 14.94 -29.43
CA CYS F 109 31.93 15.01 -28.19
C CYS F 109 33.10 15.99 -28.29
N PHE F 110 33.52 16.34 -29.50
CA PHE F 110 34.57 17.35 -29.70
C PHE F 110 34.15 18.71 -29.15
N ASP F 111 32.86 18.98 -29.07
CA ASP F 111 32.35 20.25 -28.56
C ASP F 111 31.39 19.98 -27.40
N GLU F 112 31.48 20.81 -26.36
CA GLU F 112 30.61 20.63 -25.21
C GLU F 112 29.22 21.20 -25.46
N GLU F 113 29.12 22.23 -26.30
CA GLU F 113 27.84 22.83 -26.58
C GLU F 113 26.96 21.94 -27.46
N ALA F 114 27.56 20.99 -28.19
CA ALA F 114 26.86 20.02 -29.01
C ALA F 114 25.96 20.66 -30.06
N SER F 115 26.16 21.95 -30.37
CA SER F 115 25.42 22.62 -31.40
C SER F 115 26.15 22.65 -32.74
N GLY F 116 27.41 22.24 -32.77
CA GLY F 116 28.17 22.25 -34.00
C GLY F 116 28.61 23.62 -34.44
N PHE F 117 29.13 24.42 -33.51
CA PHE F 117 29.54 25.79 -33.81
C PHE F 117 30.89 26.10 -33.19
N ILE F 118 31.85 25.19 -33.40
CA ILE F 118 33.21 25.43 -32.92
C ILE F 118 33.86 26.52 -33.77
N HIS F 119 34.91 27.11 -33.22
CA HIS F 119 35.62 28.21 -33.88
C HIS F 119 36.71 27.67 -34.79
N GLU F 120 36.88 28.31 -35.95
CA GLU F 120 37.87 27.85 -36.92
C GLU F 120 39.29 28.11 -36.46
N ASP F 121 39.54 29.23 -35.78
CA ASP F 121 40.88 29.45 -35.25
C ASP F 121 41.18 28.49 -34.11
N HIS F 122 40.15 28.05 -33.39
CA HIS F 122 40.32 26.92 -32.49
C HIS F 122 40.72 25.67 -33.26
N LEU F 123 40.08 25.43 -34.41
CA LEU F 123 40.47 24.32 -35.27
C LEU F 123 41.93 24.45 -35.70
N ARG F 124 42.39 25.69 -35.93
CA ARG F 124 43.77 25.91 -36.31
C ARG F 124 44.71 25.57 -35.17
N GLU F 125 44.45 26.13 -33.98
CA GLU F 125 45.32 25.89 -32.85
C GLU F 125 45.33 24.43 -32.43
N LEU F 126 44.28 23.67 -32.76
CA LEU F 126 44.32 22.25 -32.46
C LEU F 126 44.94 21.40 -33.57
N LEU F 127 44.76 21.81 -34.83
CA LEU F 127 45.26 20.98 -35.94
C LEU F 127 46.77 20.96 -36.00
N THR F 128 47.44 22.01 -35.52
CA THR F 128 48.89 22.10 -35.65
C THR F 128 49.60 20.94 -34.95
N THR F 129 48.98 20.35 -33.93
CA THR F 129 49.63 19.31 -33.16
C THR F 129 48.72 18.15 -32.80
N MET F 130 47.50 18.09 -33.34
CA MET F 130 46.60 16.99 -33.03
C MET F 130 47.16 15.70 -33.63
N GLY F 131 47.56 14.77 -32.77
CA GLY F 131 48.25 13.59 -33.22
C GLY F 131 49.55 13.95 -33.91
N ASP F 132 49.59 13.78 -35.22
CA ASP F 132 50.74 14.23 -35.99
C ASP F 132 50.62 15.73 -36.29
N ARG F 133 51.77 16.35 -36.51
CA ARG F 133 51.82 17.79 -36.73
C ARG F 133 51.26 18.13 -38.10
N PHE F 134 50.47 19.19 -38.18
CA PHE F 134 49.91 19.67 -39.43
C PHE F 134 50.43 21.05 -39.76
N THR F 135 50.47 21.35 -41.05
CA THR F 135 51.05 22.59 -41.55
C THR F 135 49.95 23.65 -41.73
N ASP F 136 50.29 24.72 -42.44
CA ASP F 136 49.45 25.88 -42.65
C ASP F 136 48.58 25.79 -43.90
N GLU F 137 49.00 25.00 -44.90
CA GLU F 137 48.19 24.86 -46.11
C GLU F 137 46.82 24.27 -45.77
N GLU F 138 46.78 23.29 -44.86
CA GLU F 138 45.51 22.69 -44.47
C GLU F 138 44.55 23.74 -43.96
N VAL F 139 44.98 24.55 -42.98
CA VAL F 139 44.08 25.48 -42.34
C VAL F 139 43.68 26.59 -43.31
N ASP F 140 44.61 27.06 -44.15
CA ASP F 140 44.22 28.13 -45.06
C ASP F 140 43.23 27.63 -46.10
N GLU F 141 43.44 26.42 -46.62
CA GLU F 141 42.48 25.86 -47.56
C GLU F 141 41.12 25.62 -46.90
N MET F 142 41.13 25.15 -45.67
CA MET F 142 39.87 24.95 -44.96
C MET F 142 39.11 26.25 -44.80
N TYR F 143 39.79 27.30 -44.31
CA TYR F 143 39.10 28.57 -44.10
C TYR F 143 38.62 29.15 -45.43
N ARG F 144 39.44 29.06 -46.48
CA ARG F 144 39.01 29.58 -47.77
C ARG F 144 37.92 28.72 -48.43
N GLU F 145 37.69 27.51 -47.93
CA GLU F 145 36.65 26.64 -48.48
C GLU F 145 35.76 26.11 -47.37
N ALA F 146 35.28 27.00 -46.50
CA ALA F 146 34.33 26.62 -45.47
C ALA F 146 33.50 27.83 -45.08
N PRO F 147 32.20 27.66 -44.83
CA PRO F 147 31.34 28.78 -44.40
C PRO F 147 31.59 29.19 -42.95
N ILE F 148 32.70 29.85 -42.73
CA ILE F 148 33.05 30.36 -41.41
C ILE F 148 32.35 31.68 -41.19
N ASP F 149 32.03 31.98 -39.94
CA ASP F 149 31.38 33.23 -39.59
C ASP F 149 32.43 34.34 -39.59
N LYS F 150 32.06 35.52 -39.10
CA LYS F 150 32.92 36.69 -39.17
C LYS F 150 33.78 36.87 -37.93
N LYS F 151 33.86 35.87 -37.05
CA LYS F 151 34.79 35.92 -35.93
C LYS F 151 35.58 34.63 -35.75
N GLY F 152 35.21 33.53 -36.41
CA GLY F 152 35.95 32.30 -36.28
C GLY F 152 35.06 31.07 -36.14
N ASN F 153 33.85 31.27 -35.64
CA ASN F 153 32.94 30.16 -35.42
C ASN F 153 32.67 29.43 -36.73
N PHE F 154 32.69 28.10 -36.66
CA PHE F 154 32.53 27.24 -37.83
C PHE F 154 31.44 26.23 -37.55
N ASN F 155 30.56 26.04 -38.53
CA ASN F 155 29.48 25.08 -38.45
C ASN F 155 29.74 23.88 -39.37
N TYR F 156 29.58 22.69 -38.83
CA TYR F 156 29.85 21.47 -39.58
C TYR F 156 28.59 20.65 -39.86
N VAL F 157 27.44 21.02 -39.31
CA VAL F 157 26.21 20.27 -39.55
C VAL F 157 25.93 20.15 -41.04
N GLU F 158 26.25 21.20 -41.82
CA GLU F 158 26.13 21.15 -43.26
C GLU F 158 27.47 21.06 -43.97
N PHE F 159 28.54 21.55 -43.34
CA PHE F 159 29.84 21.51 -43.99
C PHE F 159 30.36 20.08 -44.11
N THR F 160 30.15 19.26 -43.07
CA THR F 160 30.58 17.87 -43.13
C THR F 160 29.75 17.11 -44.17
N ARG F 161 28.47 17.43 -44.30
CA ARG F 161 27.66 16.83 -45.35
C ARG F 161 28.14 17.27 -46.73
N ILE F 162 28.61 18.52 -46.85
CA ILE F 162 29.26 18.96 -48.07
C ILE F 162 30.50 18.12 -48.34
N LEU F 163 31.27 17.81 -47.27
CA LEU F 163 32.43 16.93 -47.42
C LEU F 163 32.02 15.56 -47.91
N LYS F 164 30.83 15.08 -47.53
CA LYS F 164 30.24 13.89 -48.09
C LYS F 164 29.31 14.19 -49.25
N HIS F 165 29.46 15.37 -49.86
CA HIS F 165 28.66 15.81 -50.99
C HIS F 165 27.17 15.84 -50.65
N GLY F 166 26.83 16.71 -49.71
CA GLY F 166 25.43 17.01 -49.45
C GLY F 166 24.95 18.13 -50.34
N ALA F 167 25.77 19.17 -50.47
CA ALA F 167 25.49 20.28 -51.36
C ALA F 167 26.59 20.54 -52.38
N LYS F 168 27.82 20.14 -52.11
CA LYS F 168 28.92 20.33 -53.05
C LYS F 168 29.82 19.09 -53.10
#